data_5WEN
#
_entry.id   5WEN
#
_cell.length_a   1.0
_cell.length_b   1.0
_cell.length_c   1.0
_cell.angle_alpha   90.00
_cell.angle_beta   90.00
_cell.angle_gamma   90.00
#
_symmetry.space_group_name_H-M   'P 1'
#
loop_
_entity.id
_entity.type
_entity.pdbx_description
1 polymer 'Glutamate receptor 2,Germ cell-specific gene 1-like protein'
2 non-polymer Digitonin
#
_entity_poly.entity_id   1
_entity_poly.type   'polypeptide(L)'
_entity_poly.pdbx_seq_one_letter_code
;NSIQIGGLFPRGADQEYSAFRVGMVQFSTSEFRLTPHIDNLEVANSFAVTNAFCSQFSRGVYAIFGFYDKKSVNTITSFC
GTLHVSFITPSFPTDGTHPFVIQMRPDLKGALLSLIEYYQWDKFAYLYDSDRGLSTLQAVLDSAAEKKWQVTAINVGNIN
NDKKDETYRSLFQDLELKKERRVILDCERDKVNDIVDQVITIGKHVKGYHYIIANLGFTDGDLLKIQFGGAEVSGFQIVD
YDDSLVSKFIERWSTLEEKEYPGAHTATIKYTSALTYDAVQVMTEAFRNLRKQRIEISRRGNAGDCLANPAVPWGQGVEI
ERALKQVQVEGLSGNIKFDQNGKRINYTINIMELKTNGPRKIGYWSEVDKMVLTEDDTSGLEQKTVVVTTILESPYVMMK
KNHEMLEGNERYEGYCVDLAAEIAKHCGFKYKLTIVGDGKYGARDADTKIWNGMVGELVYGKADIAIAPLTITLVREEVI
DFSKPFMSLGISIMIKKPQKSKPGVFSFLDPLAYEIWMCIVFAYIGVSVVLFLVSRFSPYEWHTEEFEDGRETQSSESTN
EFGIFNSLWFSLGAFMQQGCDISPRSLSGRIVGGVWWFFTLIIISSYTANLAAFLTVERMVSPIESAEDLSKQTEIAYGT
LDSGSTKEFFRRSKIAVFDKMWTYMRSAEPSVFVRTTAEGVARVRKSKGKYAYLLESTMNEYIEQRKPCDTMKVGGNLDS
KGYGIATPKGSSLGTPVNLAVLKLSEQGVLDKLKNKWWYDKGECGAKDSGSKEKTSALSLSNVAGVFYILVGGLGLAMLV
ALIEFCYKSRAEAKRMKGTGKTSRRGRALLAVALNLLALLFATTAFLTTYWCQGTQRVPKPGCGQGGGANCPNSGANATA
NSTAAPVAASPAGAPYSWEAGDERFQLRRFHTGIWYSCEEELGGPGEKCRSFIDLAPASEKGVLWLSVVSEVLYILLLVV
GFSLMCLELLHSSSVIDGLKLNAFAAVFTVLSGLLGMVAHMMYTQVFQVTVSLGPEDWRPHSWDYGWSFCLAWGSFTCCM
AASVTTLNSYTKTVIEF
;
_entity_poly.pdbx_strand_id   A,B,C,D
#
# COMPACT_ATOMS: atom_id res chain seq x y z
N ASN A 1 77.92 23.90 38.21
CA ASN A 1 77.39 25.12 37.62
C ASN A 1 76.06 25.52 38.27
N SER A 2 76.00 26.74 38.78
CA SER A 2 74.75 27.26 39.31
C SER A 2 73.84 27.65 38.15
N ILE A 3 73.03 26.70 37.69
CA ILE A 3 72.19 26.87 36.51
C ILE A 3 70.90 27.55 36.96
N GLN A 4 70.68 28.76 36.47
CA GLN A 4 69.45 29.48 36.79
C GLN A 4 68.27 28.86 36.08
N ILE A 5 67.26 28.45 36.85
CA ILE A 5 66.03 27.90 36.31
C ILE A 5 64.86 28.74 36.82
N GLY A 6 63.66 28.38 36.37
CA GLY A 6 62.48 29.09 36.81
C GLY A 6 61.88 28.50 38.07
N GLY A 7 61.11 29.34 38.77
CA GLY A 7 60.48 28.93 40.01
C GLY A 7 59.06 29.45 40.16
N LEU A 8 58.34 29.59 39.06
CA LEU A 8 56.92 29.97 39.13
C LEU A 8 56.12 28.83 39.75
N PHE A 9 55.19 29.19 40.65
CA PHE A 9 54.29 28.23 41.25
C PHE A 9 53.01 29.00 41.57
N PRO A 10 51.84 28.44 41.26
CA PRO A 10 50.60 29.00 41.79
C PRO A 10 50.53 28.84 43.29
N ARG A 11 49.85 29.80 43.92
CA ARG A 11 49.77 29.83 45.38
C ARG A 11 48.78 28.77 45.86
N GLY A 12 49.19 28.00 46.87
CA GLY A 12 48.45 26.84 47.30
C GLY A 12 48.95 25.52 46.76
N ALA A 13 49.99 25.54 45.91
CA ALA A 13 50.58 24.34 45.33
C ALA A 13 51.87 23.94 46.04
N ASP A 14 51.92 24.12 47.37
CA ASP A 14 53.14 23.90 48.12
C ASP A 14 53.50 22.43 48.28
N GLN A 15 52.54 21.52 48.17
CA GLN A 15 52.87 20.09 48.15
C GLN A 15 53.64 19.74 46.88
N GLU A 16 53.25 20.36 45.75
CA GLU A 16 54.05 20.25 44.55
C GLU A 16 55.39 20.96 44.71
N TYR A 17 55.40 22.08 45.46
CA TYR A 17 56.66 22.73 45.79
C TYR A 17 57.47 21.92 46.78
N SER A 18 56.80 21.10 47.61
CA SER A 18 57.51 20.19 48.49
C SER A 18 58.23 19.11 47.70
N ALA A 19 57.53 18.47 46.75
CA ALA A 19 58.16 17.47 45.90
C ALA A 19 59.12 18.10 44.90
N PHE A 20 58.96 19.40 44.62
CA PHE A 20 59.97 20.13 43.87
C PHE A 20 61.29 20.18 44.63
N ARG A 21 61.22 20.40 45.94
CA ARG A 21 62.44 20.47 46.74
C ARG A 21 63.04 19.09 46.97
N VAL A 22 62.22 18.04 46.97
CA VAL A 22 62.74 16.67 47.06
C VAL A 22 63.55 16.33 45.82
N GLY A 23 63.08 16.78 44.65
CA GLY A 23 63.90 16.70 43.46
C GLY A 23 65.14 17.56 43.53
N MET A 24 65.06 18.70 44.24
CA MET A 24 66.24 19.53 44.44
C MET A 24 67.19 18.91 45.46
N VAL A 25 66.72 17.95 46.25
CA VAL A 25 67.62 17.20 47.12
C VAL A 25 68.20 16.00 46.38
N GLN A 26 67.34 15.23 45.71
CA GLN A 26 67.78 13.98 45.11
C GLN A 26 68.57 14.21 43.83
N PHE A 27 68.09 15.10 42.96
CA PHE A 27 68.65 15.27 41.63
C PHE A 27 69.57 16.47 41.50
N SER A 28 70.11 16.98 42.61
CA SER A 28 71.15 18.00 42.54
C SER A 28 72.51 17.31 42.55
N THR A 29 73.08 17.10 41.37
CA THR A 29 74.32 16.36 41.23
C THR A 29 75.52 17.26 41.55
N SER A 30 76.70 16.65 41.59
CA SER A 30 77.92 17.40 41.83
C SER A 30 78.37 18.20 40.61
N GLU A 31 77.87 17.85 39.42
CA GLU A 31 78.24 18.57 38.21
C GLU A 31 77.61 19.97 38.19
N PHE A 32 76.39 20.09 38.70
CA PHE A 32 75.66 21.34 38.66
C PHE A 32 74.56 21.31 39.71
N ARG A 33 74.31 22.46 40.33
CA ARG A 33 73.21 22.64 41.26
C ARG A 33 72.30 23.72 40.72
N LEU A 34 71.01 23.40 40.61
CA LEU A 34 70.07 24.27 39.92
C LEU A 34 69.71 25.46 40.80
N THR A 35 69.43 26.59 40.16
CA THR A 35 69.17 27.84 40.87
C THR A 35 67.76 28.31 40.56
N PRO A 36 66.78 28.00 41.42
CA PRO A 36 65.40 28.43 41.14
C PRO A 36 65.14 29.86 41.57
N HIS A 37 64.60 30.64 40.64
CA HIS A 37 64.09 31.98 40.92
C HIS A 37 62.62 31.81 41.29
N ILE A 38 62.38 31.53 42.57
CA ILE A 38 61.06 31.13 43.06
C ILE A 38 60.10 32.30 42.99
N ASP A 39 59.00 32.11 42.25
CA ASP A 39 57.96 33.13 42.10
C ASP A 39 56.62 32.50 42.45
N ASN A 40 56.27 32.52 43.73
CA ASN A 40 55.01 31.95 44.20
C ASN A 40 53.91 32.98 44.01
N LEU A 41 53.50 33.17 42.77
CA LEU A 41 52.54 34.20 42.41
C LEU A 41 51.27 33.57 41.86
N GLU A 42 50.37 34.43 41.40
CA GLU A 42 49.08 33.98 40.88
C GLU A 42 49.24 33.34 39.51
N VAL A 43 48.17 32.68 39.05
CA VAL A 43 48.19 31.98 37.78
C VAL A 43 47.09 32.48 36.84
N ALA A 44 46.01 33.07 37.35
CA ALA A 44 44.94 33.54 36.49
C ALA A 44 45.28 34.86 35.81
N ASN A 45 45.90 35.79 36.54
CA ASN A 45 46.27 37.08 35.98
C ASN A 45 47.56 36.92 35.18
N SER A 46 47.49 37.19 33.87
CA SER A 46 48.69 37.12 33.05
C SER A 46 49.66 38.25 33.35
N PHE A 47 49.17 39.36 33.94
CA PHE A 47 50.05 40.39 34.45
C PHE A 47 50.94 39.85 35.56
N ALA A 48 50.38 39.02 36.45
CA ALA A 48 51.19 38.37 37.47
C ALA A 48 52.08 37.30 36.87
N VAL A 49 51.68 36.72 35.74
CA VAL A 49 52.52 35.74 35.05
C VAL A 49 53.69 36.44 34.37
N THR A 50 53.42 37.57 33.70
CA THR A 50 54.40 38.23 32.85
C THR A 50 55.54 38.85 33.68
N ASN A 51 55.20 39.44 34.83
CA ASN A 51 56.22 40.05 35.67
C ASN A 51 57.13 39.00 36.30
N ALA A 52 56.57 37.84 36.66
CA ALA A 52 57.42 36.73 37.09
C ALA A 52 58.18 36.12 35.92
N PHE A 53 57.59 36.18 34.72
CA PHE A 53 58.28 35.67 33.53
C PHE A 53 59.41 36.60 33.11
N CYS A 54 59.13 37.90 32.97
CA CYS A 54 60.12 38.82 32.44
C CYS A 54 61.19 39.19 33.47
N SER A 55 60.96 38.90 34.75
CA SER A 55 62.05 38.99 35.72
C SER A 55 63.04 37.86 35.51
N GLN A 56 62.54 36.63 35.34
CA GLN A 56 63.42 35.51 35.05
C GLN A 56 63.99 35.59 33.64
N PHE A 57 63.25 36.24 32.73
CA PHE A 57 63.81 36.55 31.42
C PHE A 57 64.91 37.60 31.54
N SER A 58 64.83 38.48 32.55
CA SER A 58 65.93 39.38 32.84
C SER A 58 67.06 38.66 33.55
N ARG A 59 66.76 37.54 34.23
CA ARG A 59 67.82 36.75 34.83
C ARG A 59 68.62 35.99 33.77
N GLY A 60 67.98 35.57 32.70
CA GLY A 60 68.61 34.69 31.74
C GLY A 60 68.52 33.24 32.15
N VAL A 61 67.38 32.83 32.72
CA VAL A 61 67.20 31.45 33.15
C VAL A 61 67.07 30.53 31.95
N TYR A 62 67.22 29.22 32.20
CA TYR A 62 67.31 28.25 31.12
C TYR A 62 66.13 27.30 31.03
N ALA A 63 65.38 27.12 32.12
CA ALA A 63 64.25 26.20 32.11
C ALA A 63 63.24 26.64 33.16
N ILE A 64 62.13 27.22 32.73
CA ILE A 64 61.13 27.77 33.63
C ILE A 64 60.11 26.68 33.94
N PHE A 65 59.75 26.57 35.21
CA PHE A 65 58.83 25.53 35.67
C PHE A 65 57.63 26.16 36.34
N GLY A 66 56.49 25.49 36.24
CA GLY A 66 55.30 25.95 36.93
C GLY A 66 54.05 25.27 36.40
N PHE A 67 52.92 25.91 36.62
CA PHE A 67 51.65 25.54 36.03
C PHE A 67 51.23 26.65 35.06
N TYR A 68 50.05 26.48 34.47
CA TYR A 68 49.39 27.59 33.78
C TYR A 68 47.89 27.38 33.76
N ASP A 69 47.18 28.50 33.84
CA ASP A 69 45.73 28.55 33.73
C ASP A 69 45.33 28.41 32.26
N LYS A 70 44.03 28.23 32.02
CA LYS A 70 43.49 28.37 30.67
C LYS A 70 43.47 29.83 30.21
N LYS A 71 43.67 30.77 31.13
CA LYS A 71 43.95 32.14 30.72
C LYS A 71 45.41 32.27 30.31
N SER A 72 46.31 31.72 31.10
CA SER A 72 47.74 31.82 30.85
C SER A 72 48.29 30.74 29.93
N VAL A 73 47.43 29.96 29.27
CA VAL A 73 47.93 29.03 28.26
C VAL A 73 48.46 29.80 27.04
N ASN A 74 47.82 30.93 26.72
CA ASN A 74 48.23 31.70 25.56
C ASN A 74 49.22 32.79 25.91
N THR A 75 49.54 32.94 27.20
CA THR A 75 50.67 33.76 27.60
C THR A 75 51.97 32.97 27.49
N ILE A 76 51.95 31.72 27.94
CA ILE A 76 53.16 30.91 27.93
C ILE A 76 53.51 30.47 26.51
N THR A 77 52.52 30.01 25.75
CA THR A 77 52.79 29.52 24.40
C THR A 77 53.16 30.64 23.44
N SER A 78 52.81 31.88 23.74
CA SER A 78 53.19 33.00 22.90
C SER A 78 54.62 33.46 23.18
N PHE A 79 54.94 33.70 24.46
CA PHE A 79 56.23 34.29 24.79
C PHE A 79 57.37 33.27 24.72
N CYS A 80 57.15 32.07 25.29
CA CYS A 80 58.21 31.07 25.33
C CYS A 80 58.55 30.55 23.94
N GLY A 81 57.55 30.40 23.07
CA GLY A 81 57.82 30.09 21.67
C GLY A 81 58.53 31.20 20.93
N THR A 82 58.32 32.45 21.35
CA THR A 82 59.02 33.58 20.76
C THR A 82 60.37 33.84 21.42
N LEU A 83 60.41 33.92 22.74
CA LEU A 83 61.63 34.30 23.44
C LEU A 83 62.61 33.14 23.63
N HIS A 84 62.32 31.97 23.05
CA HIS A 84 63.26 30.85 22.90
C HIS A 84 63.75 30.30 24.24
N VAL A 85 62.86 30.31 25.24
CA VAL A 85 63.15 29.75 26.55
C VAL A 85 62.15 28.62 26.79
N SER A 86 62.66 27.43 27.06
CA SER A 86 61.80 26.27 27.24
C SER A 86 61.07 26.34 28.57
N PHE A 87 59.82 25.86 28.59
CA PHE A 87 58.98 25.87 29.77
C PHE A 87 58.52 24.44 30.07
N ILE A 88 58.53 24.07 31.36
CA ILE A 88 58.18 22.73 31.80
C ILE A 88 57.00 22.84 32.75
N THR A 89 55.99 21.99 32.57
CA THR A 89 54.79 22.08 33.38
C THR A 89 54.17 20.70 33.55
N PRO A 90 53.48 20.47 34.67
CA PRO A 90 52.55 19.33 34.77
C PRO A 90 51.12 19.64 34.32
N SER A 91 50.86 20.82 33.75
CA SER A 91 49.51 21.19 33.38
C SER A 91 49.07 20.44 32.11
N PHE A 92 47.82 20.68 31.73
CA PHE A 92 47.20 19.99 30.59
C PHE A 92 47.88 20.42 29.28
N PRO A 93 47.97 19.52 28.30
CA PRO A 93 48.68 19.87 27.06
C PRO A 93 47.91 20.86 26.21
N THR A 94 48.66 21.51 25.32
CA THR A 94 48.09 22.43 24.37
C THR A 94 47.75 21.71 23.07
N ASP A 95 46.65 22.14 22.46
CA ASP A 95 46.26 21.58 21.16
C ASP A 95 47.22 22.04 20.07
N GLY A 96 47.66 23.29 20.13
CA GLY A 96 48.66 23.76 19.19
C GLY A 96 50.05 23.33 19.63
N THR A 97 50.79 22.74 18.68
CA THR A 97 52.14 22.25 18.92
C THR A 97 53.08 23.45 19.00
N HIS A 98 53.21 23.99 20.21
CA HIS A 98 53.97 25.23 20.32
C HIS A 98 55.43 24.93 20.67
N PRO A 99 56.36 25.72 20.13
CA PRO A 99 57.77 25.56 20.48
C PRO A 99 58.04 25.96 21.92
N PHE A 100 59.09 25.32 22.48
CA PHE A 100 59.63 25.60 23.81
C PHE A 100 58.61 25.34 24.91
N VAL A 101 57.70 24.40 24.67
CA VAL A 101 56.66 24.04 25.63
C VAL A 101 56.84 22.55 25.92
N ILE A 102 57.36 22.26 27.10
CA ILE A 102 57.49 20.88 27.59
C ILE A 102 56.45 20.69 28.67
N GLN A 103 55.79 19.53 28.68
CA GLN A 103 54.61 19.36 29.50
C GLN A 103 54.49 17.91 29.99
N MET A 104 54.20 17.76 31.28
CA MET A 104 54.30 16.47 31.96
C MET A 104 53.00 15.70 32.01
N ARG A 105 51.93 16.18 31.39
CA ARG A 105 50.65 15.49 31.52
C ARG A 105 50.40 14.67 30.26
N PRO A 106 50.33 13.34 30.34
CA PRO A 106 50.06 12.55 29.13
C PRO A 106 48.58 12.62 28.76
N ASP A 107 48.31 12.36 27.48
CA ASP A 107 46.96 12.56 26.99
C ASP A 107 46.04 11.44 27.47
N LEU A 108 44.92 11.84 28.09
CA LEU A 108 44.00 10.91 28.73
C LEU A 108 42.80 10.58 27.87
N LYS A 109 42.50 11.39 26.85
CA LYS A 109 41.30 11.18 26.04
C LYS A 109 41.40 9.94 25.17
N GLY A 110 42.60 9.45 24.90
CA GLY A 110 42.74 8.21 24.15
C GLY A 110 42.28 7.01 24.95
N ALA A 111 42.67 6.95 26.22
CA ALA A 111 42.15 5.91 27.10
C ALA A 111 40.69 6.16 27.46
N LEU A 112 40.28 7.43 27.50
CA LEU A 112 38.93 7.77 27.94
C LEU A 112 37.89 7.36 26.90
N LEU A 113 38.15 7.68 25.62
CA LEU A 113 37.24 7.25 24.57
C LEU A 113 37.29 5.74 24.36
N SER A 114 38.42 5.12 24.68
CA SER A 114 38.50 3.66 24.64
C SER A 114 37.76 3.03 25.82
N LEU A 115 37.66 3.75 26.94
CA LEU A 115 36.98 3.20 28.11
C LEU A 115 35.48 3.14 27.90
N ILE A 116 34.92 4.14 27.23
CA ILE A 116 33.48 4.17 26.96
C ILE A 116 33.11 3.06 25.98
N GLU A 117 34.01 2.77 25.04
CA GLU A 117 33.80 1.65 24.13
C GLU A 117 33.91 0.31 24.85
N TYR A 118 34.68 0.25 25.93
CA TYR A 118 34.75 -0.96 26.74
C TYR A 118 33.45 -1.19 27.50
N TYR A 119 32.91 -0.15 28.12
CA TYR A 119 31.63 -0.26 28.80
C TYR A 119 30.45 -0.20 27.84
N GLN A 120 30.70 0.11 26.57
CA GLN A 120 29.72 0.01 25.47
C GLN A 120 28.53 0.94 25.69
N TRP A 121 28.80 2.21 25.95
CA TRP A 121 27.74 3.16 26.24
C TRP A 121 27.20 3.79 24.97
N ASP A 122 26.00 4.35 25.09
CA ASP A 122 25.35 5.05 24.00
C ASP A 122 24.76 6.39 24.40
N LYS A 123 24.52 6.62 25.69
CA LYS A 123 24.02 7.88 26.18
C LYS A 123 24.49 8.07 27.60
N PHE A 124 25.19 9.16 27.87
CA PHE A 124 25.79 9.37 29.18
C PHE A 124 25.85 10.85 29.49
N ALA A 125 25.89 11.16 30.78
CA ALA A 125 26.07 12.53 31.23
C ALA A 125 27.55 12.86 31.36
N TYR A 126 27.92 14.07 30.96
CA TYR A 126 29.31 14.50 30.99
C TYR A 126 29.37 15.89 31.64
N LEU A 127 29.51 15.90 32.96
CA LEU A 127 29.79 17.13 33.68
C LEU A 127 31.29 17.37 33.64
N TYR A 128 31.69 18.63 33.51
CA TYR A 128 33.08 18.95 33.25
C TYR A 128 33.42 20.33 33.78
N ASP A 129 34.65 20.48 34.26
CA ASP A 129 35.23 21.78 34.53
C ASP A 129 35.93 22.27 33.28
N SER A 130 35.57 23.48 32.84
CA SER A 130 36.16 24.05 31.64
C SER A 130 37.54 24.66 31.87
N ASP A 131 38.07 24.58 33.10
CA ASP A 131 39.30 25.27 33.42
C ASP A 131 40.52 24.58 32.82
N ARG A 132 40.44 23.29 32.52
CA ARG A 132 41.50 22.59 31.82
C ARG A 132 41.28 22.56 30.31
N GLY A 133 40.57 23.55 29.77
CA GLY A 133 40.23 23.56 28.36
C GLY A 133 39.04 22.68 28.06
N LEU A 134 38.60 22.75 26.81
CA LEU A 134 37.44 22.01 26.34
C LEU A 134 37.85 20.97 25.31
N SER A 135 39.14 20.62 25.28
CA SER A 135 39.65 19.67 24.30
C SER A 135 39.17 18.26 24.60
N THR A 136 38.99 17.93 25.89
CA THR A 136 38.36 16.67 26.26
C THR A 136 36.89 16.66 25.90
N LEU A 137 36.24 17.82 25.95
CA LEU A 137 34.86 17.93 25.46
C LEU A 137 34.81 17.79 23.95
N GLN A 138 35.81 18.34 23.25
CA GLN A 138 35.88 18.15 21.80
C GLN A 138 36.17 16.70 21.43
N ALA A 139 36.84 15.96 22.30
CA ALA A 139 37.12 14.56 22.02
C ALA A 139 35.86 13.71 22.15
N VAL A 140 35.06 13.95 23.17
CA VAL A 140 33.90 13.10 23.39
C VAL A 140 32.76 13.47 22.45
N LEU A 141 32.76 14.68 21.90
CA LEU A 141 31.74 15.05 20.93
C LEU A 141 32.08 14.59 19.52
N ASP A 142 33.37 14.53 19.18
CA ASP A 142 33.76 13.99 17.89
C ASP A 142 33.59 12.47 17.84
N SER A 143 33.62 11.81 19.01
CA SER A 143 33.28 10.40 19.08
C SER A 143 31.79 10.19 19.36
N ALA A 144 31.06 11.25 19.68
CA ALA A 144 29.61 11.13 19.86
C ALA A 144 28.92 10.86 18.54
N ALA A 145 29.16 11.70 17.53
CA ALA A 145 28.60 11.47 16.21
C ALA A 145 29.28 10.30 15.50
N GLU A 146 30.50 9.95 15.91
CA GLU A 146 31.20 8.83 15.30
C GLU A 146 30.58 7.51 15.70
N LYS A 147 30.47 7.26 17.01
CA LYS A 147 29.95 6.00 17.53
C LYS A 147 28.47 6.08 17.87
N LYS A 148 27.77 7.11 17.39
CA LYS A 148 26.33 7.31 17.57
C LYS A 148 25.95 7.40 19.05
N TRP A 149 26.68 8.26 19.76
CA TRP A 149 26.52 8.46 21.19
C TRP A 149 25.74 9.74 21.47
N GLN A 150 25.06 9.76 22.61
CA GLN A 150 24.26 10.93 23.01
C GLN A 150 24.81 11.49 24.32
N VAL A 151 25.75 12.42 24.18
CA VAL A 151 26.43 13.01 25.32
C VAL A 151 25.52 14.07 25.94
N THR A 152 25.33 13.99 27.25
CA THR A 152 24.66 15.05 28.00
C THR A 152 25.78 15.88 28.64
N ALA A 153 26.25 16.87 27.90
CA ALA A 153 27.41 17.67 28.29
C ALA A 153 26.94 18.99 28.89
N ILE A 154 27.10 19.13 30.20
CA ILE A 154 26.72 20.33 30.92
C ILE A 154 27.94 20.83 31.68
N ASN A 155 28.31 22.09 31.45
CA ASN A 155 29.41 22.69 32.18
C ASN A 155 29.02 22.91 33.64
N VAL A 156 30.00 22.75 34.52
CA VAL A 156 29.79 22.96 35.95
C VAL A 156 30.67 24.07 36.50
N GLY A 157 31.69 24.51 35.77
CA GLY A 157 32.55 25.59 36.22
C GLY A 157 31.90 26.96 36.24
N ASN A 158 30.75 27.12 35.58
CA ASN A 158 30.03 28.38 35.61
C ASN A 158 29.33 28.62 36.94
N ILE A 159 29.17 27.59 37.75
CA ILE A 159 28.48 27.71 39.04
C ILE A 159 29.41 28.39 40.04
N ASN A 160 28.96 29.49 40.61
CA ASN A 160 29.71 30.20 41.63
C ASN A 160 29.75 29.41 42.94
N ASN A 161 30.71 29.77 43.80
CA ASN A 161 30.91 29.07 45.06
C ASN A 161 29.91 29.48 46.13
N ASP A 162 29.09 30.50 45.89
CA ASP A 162 28.17 30.98 46.91
C ASP A 162 26.97 30.05 47.07
N LYS A 163 26.44 29.55 45.97
CA LYS A 163 25.21 28.76 45.97
C LYS A 163 25.40 27.41 45.28
N LYS A 164 26.57 26.79 45.44
CA LYS A 164 26.84 25.50 44.81
C LYS A 164 26.34 24.32 45.65
N ASP A 165 25.11 24.42 46.10
CA ASP A 165 24.39 23.31 46.70
C ASP A 165 22.98 23.19 46.16
N GLU A 166 22.30 24.32 45.91
CA GLU A 166 20.98 24.33 45.33
C GLU A 166 21.02 24.26 43.81
N THR A 167 22.11 24.76 43.21
CA THR A 167 22.28 24.62 41.76
C THR A 167 22.46 23.17 41.34
N TYR A 168 23.11 22.37 42.19
CA TYR A 168 23.24 20.95 41.91
C TYR A 168 21.91 20.23 42.03
N ARG A 169 21.09 20.61 43.01
CA ARG A 169 19.74 20.07 43.10
C ARG A 169 18.90 20.50 41.91
N SER A 170 19.16 21.69 41.38
CA SER A 170 18.58 22.05 40.10
C SER A 170 19.20 21.22 38.97
N LEU A 171 20.49 20.87 39.10
CA LEU A 171 21.18 20.17 38.02
C LEU A 171 20.88 18.67 38.05
N PHE A 172 21.03 18.05 39.22
CA PHE A 172 20.87 16.59 39.31
C PHE A 172 19.43 16.15 39.09
N GLN A 173 18.45 16.97 39.49
CA GLN A 173 17.07 16.64 39.17
C GLN A 173 16.78 16.83 37.69
N ASP A 174 17.52 17.73 37.02
CA ASP A 174 17.46 17.78 35.56
C ASP A 174 18.22 16.63 34.94
N LEU A 175 19.26 16.12 35.63
CA LEU A 175 19.89 14.88 35.19
C LEU A 175 18.98 13.69 35.40
N GLU A 176 18.11 13.75 36.40
CA GLU A 176 17.10 12.72 36.60
C GLU A 176 15.84 12.94 35.78
N LEU A 177 15.84 13.92 34.87
CA LEU A 177 14.79 13.96 33.86
C LEU A 177 15.04 12.92 32.78
N LYS A 178 16.31 12.67 32.45
CA LYS A 178 16.69 11.57 31.59
C LYS A 178 17.22 10.37 32.39
N LYS A 179 17.48 10.56 33.69
CA LYS A 179 17.90 9.52 34.64
C LYS A 179 19.19 8.84 34.18
N GLU A 180 20.27 9.63 34.14
CA GLU A 180 21.55 9.15 33.68
C GLU A 180 22.21 8.30 34.77
N ARG A 181 22.37 7.01 34.50
CA ARG A 181 23.16 6.13 35.34
C ARG A 181 24.61 6.10 34.92
N ARG A 182 25.03 6.99 34.01
CA ARG A 182 26.34 6.96 33.39
C ARG A 182 26.87 8.39 33.40
N VAL A 183 27.69 8.71 34.40
CA VAL A 183 28.18 10.07 34.62
C VAL A 183 29.69 10.07 34.50
N ILE A 184 30.23 10.99 33.69
CA ILE A 184 31.67 11.18 33.56
C ILE A 184 31.99 12.58 34.08
N LEU A 185 32.81 12.65 35.11
CA LEU A 185 33.16 13.91 35.74
C LEU A 185 34.58 14.33 35.35
N ASP A 186 34.71 15.59 34.94
CA ASP A 186 36.00 16.11 34.47
C ASP A 186 36.29 17.39 35.27
N CYS A 187 36.86 17.20 36.45
CA CYS A 187 37.15 18.32 37.34
C CYS A 187 38.43 18.04 38.11
N GLU A 188 38.91 19.06 38.82
CA GLU A 188 40.00 18.86 39.77
C GLU A 188 39.49 18.13 41.01
N ARG A 189 40.42 17.55 41.76
CA ARG A 189 40.08 16.69 42.91
C ARG A 189 39.36 17.43 44.02
N ASP A 190 39.50 18.75 44.11
CA ASP A 190 38.64 19.54 44.98
C ASP A 190 37.24 19.66 44.37
N LYS A 191 37.18 20.04 43.10
CA LYS A 191 35.90 20.20 42.42
C LYS A 191 35.21 18.88 42.13
N VAL A 192 35.97 17.78 41.99
CA VAL A 192 35.36 16.45 41.94
C VAL A 192 34.67 16.15 43.26
N ASN A 193 35.39 16.29 44.37
CA ASN A 193 34.84 15.97 45.69
C ASN A 193 33.75 16.94 46.12
N ASP A 194 33.68 18.13 45.51
CA ASP A 194 32.50 18.98 45.67
C ASP A 194 31.28 18.31 45.04
N ILE A 195 31.43 17.84 43.80
CA ILE A 195 30.32 17.25 43.07
C ILE A 195 30.00 15.85 43.60
N VAL A 196 31.03 15.11 44.04
CA VAL A 196 30.83 13.80 44.65
C VAL A 196 29.98 13.91 45.91
N ASP A 197 30.24 14.94 46.73
CA ASP A 197 29.42 15.16 47.92
C ASP A 197 28.01 15.63 47.55
N GLN A 198 27.84 16.24 46.38
CA GLN A 198 26.49 16.58 45.93
C GLN A 198 25.73 15.34 45.48
N VAL A 199 26.44 14.31 45.00
CA VAL A 199 25.81 13.03 44.73
C VAL A 199 25.42 12.35 46.03
N ILE A 200 26.25 12.49 47.07
CA ILE A 200 25.92 11.94 48.37
C ILE A 200 24.86 12.81 49.04
N THR A 201 24.77 14.09 48.66
CA THR A 201 23.69 14.95 49.13
C THR A 201 22.33 14.47 48.63
N ILE A 202 22.22 14.26 47.31
CA ILE A 202 20.99 13.67 46.77
C ILE A 202 20.91 12.18 47.02
N GLY A 203 22.00 11.54 47.41
CA GLY A 203 21.99 10.14 47.77
C GLY A 203 21.91 9.18 46.61
N LYS A 204 22.06 9.64 45.37
CA LYS A 204 21.92 8.78 44.20
C LYS A 204 23.26 8.18 43.78
N HIS A 205 23.92 7.54 44.74
CA HIS A 205 25.15 6.79 44.50
C HIS A 205 24.94 5.30 44.75
N VAL A 206 23.71 4.83 44.60
CA VAL A 206 23.34 3.43 44.80
C VAL A 206 23.73 2.62 43.56
N LYS A 207 23.60 1.30 43.67
CA LYS A 207 23.89 0.40 42.57
C LYS A 207 22.97 0.65 41.37
N GLY A 208 23.54 0.62 40.18
CA GLY A 208 22.84 0.98 38.96
C GLY A 208 23.53 2.15 38.29
N TYR A 209 23.96 3.11 39.11
CA TYR A 209 24.73 4.24 38.63
C TYR A 209 26.15 3.82 38.28
N HIS A 210 26.79 4.59 37.40
CA HIS A 210 28.19 4.41 37.09
C HIS A 210 28.85 5.78 36.98
N TYR A 211 30.03 5.91 37.57
CA TYR A 211 30.72 7.18 37.65
C TYR A 211 32.14 7.03 37.11
N ILE A 212 32.61 8.04 36.37
CA ILE A 212 33.96 8.07 35.81
C ILE A 212 34.59 9.40 36.15
N ILE A 213 35.75 9.36 36.80
CA ILE A 213 36.54 10.55 37.10
C ILE A 213 37.62 10.66 36.04
N ALA A 214 37.76 11.85 35.45
CA ALA A 214 38.54 12.04 34.23
C ALA A 214 39.80 12.86 34.47
N ASN A 215 40.52 12.56 35.55
CA ASN A 215 41.86 13.10 35.75
C ASN A 215 42.79 11.96 36.15
N LEU A 216 44.07 12.28 36.29
CA LEU A 216 45.04 11.28 36.71
C LEU A 216 45.02 11.05 38.21
N GLY A 217 44.29 11.85 38.97
CA GLY A 217 44.18 11.67 40.41
C GLY A 217 42.97 10.86 40.83
N PHE A 218 42.92 9.59 40.43
CA PHE A 218 41.80 8.75 40.83
C PHE A 218 41.87 8.38 42.31
N THR A 219 43.07 8.06 42.81
CA THR A 219 43.23 7.82 44.24
C THR A 219 43.26 9.11 45.05
N ASP A 220 43.34 10.26 44.39
CA ASP A 220 43.36 11.55 45.07
C ASP A 220 41.97 12.06 45.43
N GLY A 221 40.92 11.32 45.09
CA GLY A 221 39.57 11.70 45.43
C GLY A 221 39.15 11.16 46.79
N ASP A 222 37.84 11.25 47.05
CA ASP A 222 37.24 10.74 48.27
C ASP A 222 36.69 9.36 47.95
N LEU A 223 37.52 8.34 48.12
CA LEU A 223 37.16 6.99 47.71
C LEU A 223 36.37 6.26 48.79
N LEU A 224 36.67 6.53 50.06
CA LEU A 224 36.08 5.77 51.16
C LEU A 224 34.61 6.10 51.35
N LYS A 225 34.19 7.32 51.02
CA LYS A 225 32.84 7.77 51.31
C LYS A 225 31.81 7.13 50.40
N ILE A 226 32.19 6.75 49.18
CA ILE A 226 31.34 5.98 48.29
C ILE A 226 32.01 4.68 47.86
N GLN A 227 32.90 4.13 48.70
CA GLN A 227 33.40 2.79 48.47
C GLN A 227 32.29 1.77 48.68
N PHE A 228 31.41 2.02 49.63
CA PHE A 228 30.33 1.11 49.98
C PHE A 228 28.96 1.70 49.64
N GLY A 229 28.91 2.78 48.86
CA GLY A 229 27.64 3.41 48.54
C GLY A 229 26.79 2.59 47.59
N GLY A 230 27.41 1.85 46.68
CA GLY A 230 26.66 0.98 45.80
C GLY A 230 27.02 1.11 44.33
N ALA A 231 27.30 2.34 43.89
CA ALA A 231 27.56 2.57 42.48
C ALA A 231 28.96 2.09 42.10
N GLU A 232 29.23 2.10 40.79
CA GLU A 232 30.50 1.65 40.25
C GLU A 232 31.31 2.85 39.77
N VAL A 233 32.54 2.96 40.28
CA VAL A 233 33.42 4.09 39.98
C VAL A 233 34.65 3.56 39.26
N SER A 234 34.96 4.14 38.12
CA SER A 234 36.06 3.68 37.28
C SER A 234 36.86 4.88 36.80
N GLY A 235 38.17 4.87 37.04
CA GLY A 235 38.97 6.02 36.69
C GLY A 235 40.39 5.71 36.24
N PHE A 236 41.27 6.71 36.38
CA PHE A 236 42.64 6.60 35.89
C PHE A 236 43.58 7.16 36.94
N GLN A 237 44.49 6.32 37.43
CA GLN A 237 45.55 6.77 38.34
C GLN A 237 46.90 6.44 37.73
N ILE A 238 47.66 7.48 37.39
CA ILE A 238 48.98 7.29 36.82
C ILE A 238 50.02 6.93 37.87
N VAL A 239 49.80 7.30 39.14
CA VAL A 239 50.73 7.00 40.21
C VAL A 239 50.40 5.57 40.65
N ASP A 240 51.11 4.61 40.08
CA ASP A 240 50.94 3.21 40.44
C ASP A 240 51.71 2.96 41.73
N TYR A 241 50.97 2.88 42.85
CA TYR A 241 51.59 2.71 44.16
C TYR A 241 52.16 1.30 44.37
N ASP A 242 51.85 0.34 43.50
CA ASP A 242 52.42 -0.99 43.60
C ASP A 242 53.89 -1.03 43.17
N ASP A 243 54.33 -0.04 42.39
CA ASP A 243 55.71 -0.01 41.93
C ASP A 243 56.66 0.31 43.08
N SER A 244 57.78 -0.42 43.14
CA SER A 244 58.77 -0.22 44.19
C SER A 244 59.47 1.12 44.03
N LEU A 245 59.65 1.60 42.80
CA LEU A 245 60.22 2.93 42.59
C LEU A 245 59.27 4.01 43.09
N VAL A 246 57.96 3.76 42.98
CA VAL A 246 56.98 4.66 43.55
C VAL A 246 56.92 4.49 45.07
N SER A 247 56.97 3.24 45.54
CA SER A 247 56.80 2.97 46.97
C SER A 247 58.00 3.45 47.79
N LYS A 248 59.23 3.27 47.27
CA LYS A 248 60.40 3.78 47.96
C LYS A 248 60.44 5.30 47.95
N PHE A 249 59.79 5.93 46.96
CA PHE A 249 59.60 7.37 47.00
C PHE A 249 58.64 7.76 48.13
N ILE A 250 57.54 7.00 48.26
CA ILE A 250 56.58 7.21 49.35
C ILE A 250 57.22 6.91 50.70
N GLU A 251 58.13 5.94 50.75
CA GLU A 251 58.90 5.68 51.96
C GLU A 251 59.81 6.85 52.32
N ARG A 252 60.21 7.65 51.33
CA ARG A 252 60.86 8.93 51.61
C ARG A 252 59.86 10.06 51.73
N TRP A 253 58.74 10.00 50.99
CA TRP A 253 57.75 11.07 51.01
C TRP A 253 56.96 11.10 52.32
N SER A 254 56.36 9.97 52.69
CA SER A 254 55.49 9.92 53.86
C SER A 254 56.25 10.06 55.17
N THR A 255 57.57 9.90 55.16
CA THR A 255 58.39 10.13 56.33
C THR A 255 58.94 11.55 56.41
N LEU A 256 58.54 12.44 55.49
CA LEU A 256 58.95 13.83 55.61
C LEU A 256 58.16 14.54 56.70
N GLU A 257 58.67 15.69 57.11
CA GLU A 257 57.99 16.53 58.09
C GLU A 257 56.82 17.23 57.42
N GLU A 258 55.63 17.08 58.02
CA GLU A 258 54.45 17.74 57.48
C GLU A 258 54.47 19.24 57.75
N LYS A 259 55.10 19.66 58.85
CA LYS A 259 55.22 21.07 59.15
C LYS A 259 56.19 21.76 58.21
N GLU A 260 57.33 21.11 57.92
CA GLU A 260 58.30 21.66 56.99
C GLU A 260 57.77 21.59 55.56
N TYR A 261 57.49 20.39 55.07
CA TYR A 261 56.92 20.18 53.74
C TYR A 261 55.44 19.90 53.90
N PRO A 262 54.57 20.85 53.56
CA PRO A 262 53.12 20.65 53.78
C PRO A 262 52.54 19.63 52.81
N GLY A 263 51.74 18.72 53.36
CA GLY A 263 51.16 17.64 52.58
C GLY A 263 52.12 16.55 52.19
N ALA A 264 53.19 16.34 52.96
CA ALA A 264 54.20 15.35 52.62
C ALA A 264 54.07 14.07 53.44
N HIS A 265 53.78 14.20 54.74
CA HIS A 265 53.80 13.06 55.65
C HIS A 265 52.69 12.05 55.34
N THR A 266 51.64 12.47 54.64
CA THR A 266 50.62 11.53 54.18
C THR A 266 51.20 10.58 53.15
N ALA A 267 50.75 9.32 53.19
CA ALA A 267 51.27 8.31 52.28
C ALA A 267 50.76 8.53 50.86
N THR A 268 49.56 9.08 50.71
CA THR A 268 49.07 9.44 49.39
C THR A 268 49.77 10.71 48.90
N ILE A 269 49.78 10.88 47.58
CA ILE A 269 50.43 12.03 46.97
C ILE A 269 49.63 12.42 45.74
N LYS A 270 49.52 13.72 45.50
CA LYS A 270 48.94 14.22 44.27
C LYS A 270 49.83 13.86 43.09
N TYR A 271 49.19 13.59 41.95
CA TYR A 271 49.94 13.26 40.74
C TYR A 271 50.71 14.46 40.22
N THR A 272 50.18 15.67 40.45
CA THR A 272 50.91 16.89 40.11
C THR A 272 52.18 17.04 40.92
N SER A 273 52.15 16.57 42.18
CA SER A 273 53.38 16.49 42.96
C SER A 273 54.28 15.39 42.43
N ALA A 274 53.71 14.31 41.91
CA ALA A 274 54.52 13.23 41.34
C ALA A 274 55.12 13.65 40.00
N LEU A 275 54.36 14.39 39.18
CA LEU A 275 54.89 14.88 37.93
C LEU A 275 55.90 16.00 38.15
N THR A 276 55.81 16.70 39.28
CA THR A 276 56.82 17.70 39.63
C THR A 276 58.16 17.03 39.92
N TYR A 277 58.14 15.95 40.70
CA TYR A 277 59.37 15.21 40.99
C TYR A 277 59.90 14.50 39.76
N ASP A 278 59.00 14.10 38.85
CA ASP A 278 59.43 13.52 37.58
C ASP A 278 60.02 14.57 36.67
N ALA A 279 59.59 15.83 36.81
CA ALA A 279 60.12 16.88 35.95
C ALA A 279 61.56 17.25 36.31
N VAL A 280 61.92 17.11 37.59
CA VAL A 280 63.29 17.40 38.01
C VAL A 280 64.25 16.34 37.47
N GLN A 281 63.76 15.10 37.35
CA GLN A 281 64.56 14.03 36.76
C GLN A 281 64.83 14.30 35.28
N VAL A 282 63.86 14.90 34.58
CA VAL A 282 64.06 15.24 33.17
C VAL A 282 64.98 16.45 33.04
N MET A 283 64.81 17.44 33.93
CA MET A 283 65.64 18.64 33.89
C MET A 283 67.09 18.36 34.26
N THR A 284 67.32 17.42 35.19
CA THR A 284 68.70 17.06 35.54
C THR A 284 69.36 16.27 34.42
N GLU A 285 68.62 15.32 33.83
CA GLU A 285 69.14 14.53 32.72
C GLU A 285 69.39 15.39 31.48
N ALA A 286 68.66 16.50 31.35
CA ALA A 286 68.96 17.46 30.30
C ALA A 286 70.33 18.11 30.51
N PHE A 287 70.52 18.78 31.66
CA PHE A 287 71.77 19.48 31.88
C PHE A 287 72.94 18.55 32.20
N ARG A 288 72.69 17.29 32.56
CA ARG A 288 73.77 16.31 32.51
C ARG A 288 74.20 16.05 31.08
N ASN A 289 73.24 15.96 30.14
CA ASN A 289 73.56 15.80 28.74
C ASN A 289 74.12 17.06 28.11
N LEU A 290 73.72 18.25 28.59
CA LEU A 290 74.42 19.46 28.19
C LEU A 290 75.83 19.51 28.75
N ARG A 291 76.07 18.85 29.88
CA ARG A 291 77.44 18.70 30.35
C ARG A 291 78.17 17.61 29.56
N LYS A 292 77.45 16.61 29.06
CA LYS A 292 78.06 15.60 28.20
C LYS A 292 78.32 16.15 26.80
N GLN A 293 77.39 16.93 26.26
CA GLN A 293 77.61 17.53 24.95
C GLN A 293 78.49 18.77 25.03
N ARG A 294 78.69 19.32 26.24
CA ARG A 294 79.58 20.46 26.53
C ARG A 294 79.21 21.71 25.75
N ILE A 295 77.91 21.92 25.50
CA ILE A 295 77.43 23.11 24.84
C ILE A 295 77.33 24.20 25.91
N GLU A 296 78.31 25.10 25.93
CA GLU A 296 78.36 26.13 26.97
C GLU A 296 77.34 27.22 26.68
N ILE A 297 76.43 27.41 27.62
CA ILE A 297 75.27 28.29 27.43
C ILE A 297 75.32 29.45 28.39
N SER A 298 76.52 29.93 28.72
CA SER A 298 76.75 30.88 29.81
C SER A 298 76.15 32.23 29.45
N ARG A 299 74.92 32.46 29.88
CA ARG A 299 74.20 33.69 29.59
C ARG A 299 73.95 34.47 30.87
N ARG A 300 74.33 35.75 30.84
CA ARG A 300 73.93 36.73 31.84
C ARG A 300 72.57 37.29 31.44
N GLY A 301 72.17 38.42 32.02
CA GLY A 301 70.96 39.09 31.59
C GLY A 301 71.06 39.78 30.24
N ASN A 302 71.44 39.05 29.19
CA ASN A 302 71.46 39.56 27.83
C ASN A 302 70.10 39.49 27.19
N ALA A 303 69.27 38.52 27.59
CA ALA A 303 67.87 38.50 27.21
C ALA A 303 67.16 39.73 27.76
N GLY A 304 67.21 39.92 29.08
CA GLY A 304 66.85 41.18 29.72
C GLY A 304 65.40 41.60 29.61
N ASP A 305 65.17 42.66 28.85
CA ASP A 305 63.83 43.19 28.66
C ASP A 305 63.05 42.31 27.70
N CYS A 306 61.85 41.90 28.11
CA CYS A 306 60.96 41.18 27.21
C CYS A 306 60.14 42.12 26.33
N LEU A 307 60.26 43.44 26.53
CA LEU A 307 59.60 44.43 25.71
C LEU A 307 60.49 44.97 24.61
N ALA A 308 61.61 44.31 24.33
CA ALA A 308 62.48 44.73 23.23
C ALA A 308 61.78 44.48 21.90
N ASN A 309 61.86 45.46 21.01
CA ASN A 309 61.07 45.46 19.78
C ASN A 309 62.00 45.56 18.58
N PRO A 310 62.30 44.45 17.89
CA PRO A 310 61.95 43.07 18.24
C PRO A 310 62.93 42.45 19.24
N ALA A 311 62.45 41.59 20.13
CA ALA A 311 63.33 40.88 21.05
C ALA A 311 63.84 39.61 20.38
N VAL A 312 65.07 39.66 19.87
CA VAL A 312 65.71 38.50 19.25
C VAL A 312 66.54 37.79 20.33
N PRO A 313 66.27 36.52 20.60
CA PRO A 313 66.94 35.82 21.70
C PRO A 313 68.20 35.08 21.24
N TRP A 314 68.89 34.54 22.24
CA TRP A 314 70.00 33.63 21.99
C TRP A 314 69.46 32.27 21.55
N GLY A 315 69.99 31.76 20.44
CA GLY A 315 69.45 30.58 19.78
C GLY A 315 69.98 29.25 20.27
N GLN A 316 70.76 29.23 21.35
CA GLN A 316 71.23 27.95 21.88
C GLN A 316 70.16 27.23 22.69
N GLY A 317 69.06 27.91 23.01
CA GLY A 317 67.96 27.27 23.72
C GLY A 317 67.15 26.34 22.85
N VAL A 318 67.31 26.43 21.52
CA VAL A 318 66.64 25.51 20.62
C VAL A 318 67.16 24.09 20.81
N GLU A 319 68.48 23.95 20.97
CA GLU A 319 69.07 22.65 21.30
C GLU A 319 68.71 22.22 22.72
N ILE A 320 68.58 23.18 23.63
CA ILE A 320 68.10 22.89 24.99
C ILE A 320 66.66 22.40 24.95
N GLU A 321 65.86 22.96 24.03
CA GLU A 321 64.54 22.43 23.76
C GLU A 321 64.63 21.02 23.16
N ARG A 322 65.61 20.80 22.29
CA ARG A 322 65.80 19.48 21.69
C ARG A 322 66.31 18.49 22.73
N ALA A 323 67.28 18.90 23.56
CA ALA A 323 67.87 18.01 24.55
C ALA A 323 66.90 17.63 25.65
N LEU A 324 65.90 18.48 25.95
CA LEU A 324 64.81 18.05 26.80
C LEU A 324 64.00 16.95 26.13
N LYS A 325 63.69 17.11 24.84
CA LYS A 325 62.92 16.14 24.08
C LYS A 325 63.69 14.86 23.81
N GLN A 326 65.02 14.88 23.93
CA GLN A 326 65.84 13.69 23.81
C GLN A 326 65.93 12.89 25.09
N VAL A 327 65.48 13.45 26.22
CA VAL A 327 65.53 12.74 27.50
C VAL A 327 64.47 11.64 27.51
N GLN A 328 64.92 10.39 27.69
CA GLN A 328 64.03 9.25 27.88
C GLN A 328 64.38 8.62 29.22
N VAL A 329 63.64 8.98 30.26
CA VAL A 329 63.85 8.45 31.60
C VAL A 329 62.57 7.81 32.10
N GLU A 330 62.71 7.02 33.15
CA GLU A 330 61.57 6.47 33.87
C GLU A 330 61.19 7.42 35.00
N GLY A 331 60.31 6.95 35.88
CA GLY A 331 59.96 7.75 37.03
C GLY A 331 58.68 7.27 37.68
N LEU A 332 58.00 8.22 38.33
CA LEU A 332 56.76 7.90 39.02
C LEU A 332 55.61 7.70 38.04
N SER A 333 55.72 8.25 36.84
CA SER A 333 54.69 8.14 35.80
C SER A 333 55.12 7.24 34.66
N GLY A 334 55.93 6.21 34.94
CA GLY A 334 56.38 5.31 33.90
C GLY A 334 57.47 5.91 33.04
N ASN A 335 57.55 5.45 31.79
CA ASN A 335 58.56 5.94 30.88
C ASN A 335 58.17 7.33 30.38
N ILE A 336 59.14 8.23 30.36
CA ILE A 336 58.92 9.63 29.98
C ILE A 336 59.70 9.85 28.68
N LYS A 337 59.02 9.68 27.56
CA LYS A 337 59.58 9.98 26.25
C LYS A 337 58.80 11.15 25.66
N PHE A 338 59.48 11.99 24.89
CA PHE A 338 58.88 13.18 24.32
C PHE A 338 58.86 13.09 22.80
N ASP A 339 57.90 13.78 22.20
CA ASP A 339 57.85 13.96 20.76
C ASP A 339 58.70 15.18 20.39
N GLN A 340 58.53 15.67 19.16
CA GLN A 340 59.17 16.90 18.72
C GLN A 340 58.44 18.15 19.18
N ASN A 341 57.44 18.02 20.05
CA ASN A 341 56.60 19.15 20.45
C ASN A 341 56.43 19.25 21.95
N GLY A 342 57.08 18.39 22.73
CA GLY A 342 56.95 18.41 24.18
C GLY A 342 55.87 17.53 24.74
N LYS A 343 55.00 16.96 23.91
CA LYS A 343 53.98 16.06 24.38
C LYS A 343 54.60 14.72 24.77
N ARG A 344 54.17 14.19 25.91
CA ARG A 344 54.70 12.92 26.40
C ARG A 344 54.22 11.77 25.53
N ILE A 345 55.15 10.86 25.22
CA ILE A 345 54.88 9.67 24.44
C ILE A 345 55.53 8.49 25.15
N ASN A 346 55.16 7.28 24.69
CA ASN A 346 55.63 6.00 25.24
C ASN A 346 55.34 5.89 26.74
N TYR A 347 54.17 6.34 27.14
CA TYR A 347 53.68 6.23 28.51
C TYR A 347 52.67 5.10 28.61
N THR A 348 52.18 4.86 29.82
CA THR A 348 51.16 3.84 30.05
C THR A 348 50.25 4.30 31.18
N ILE A 349 48.98 4.53 30.86
CA ILE A 349 47.99 4.98 31.83
C ILE A 349 47.29 3.76 32.43
N ASN A 350 47.26 3.68 33.75
CA ASN A 350 46.67 2.55 34.46
C ASN A 350 45.19 2.81 34.70
N ILE A 351 44.34 1.96 34.13
CA ILE A 351 42.90 2.04 34.38
C ILE A 351 42.62 1.49 35.77
N MET A 352 42.04 2.33 36.62
CA MET A 352 41.80 1.99 38.02
C MET A 352 40.31 2.07 38.34
N GLU A 353 39.80 1.03 38.99
CA GLU A 353 38.40 0.96 39.38
C GLU A 353 38.27 0.90 40.89
N LEU A 354 37.45 1.79 41.44
CA LEU A 354 37.07 1.70 42.84
C LEU A 354 36.11 0.54 43.03
N LYS A 355 36.48 -0.39 43.89
CA LYS A 355 35.68 -1.58 44.18
C LYS A 355 35.31 -1.56 45.67
N THR A 356 34.76 -2.68 46.13
CA THR A 356 34.45 -2.83 47.55
C THR A 356 35.72 -2.84 48.40
N ASN A 357 36.77 -3.52 47.93
CA ASN A 357 38.05 -3.54 48.62
C ASN A 357 38.88 -2.29 48.39
N GLY A 358 38.45 -1.40 47.50
CA GLY A 358 39.18 -0.18 47.23
C GLY A 358 39.49 -0.03 45.75
N PRO A 359 40.52 0.75 45.44
CA PRO A 359 40.92 0.92 44.04
C PRO A 359 41.57 -0.35 43.49
N ARG A 360 41.30 -0.62 42.21
CA ARG A 360 41.72 -1.87 41.61
C ARG A 360 41.99 -1.65 40.12
N LYS A 361 43.12 -2.18 39.66
CA LYS A 361 43.49 -2.11 38.25
C LYS A 361 42.83 -3.24 37.47
N ILE A 362 42.19 -2.89 36.35
CA ILE A 362 41.67 -3.89 35.44
C ILE A 362 42.41 -3.90 34.10
N GLY A 363 43.23 -2.90 33.83
CA GLY A 363 43.88 -2.81 32.55
C GLY A 363 44.85 -1.64 32.49
N TYR A 364 45.59 -1.59 31.39
CA TYR A 364 46.57 -0.54 31.16
C TYR A 364 46.40 -0.04 29.73
N TRP A 365 46.71 1.24 29.54
CA TRP A 365 46.60 1.88 28.24
C TRP A 365 47.88 2.65 27.91
N SER A 366 48.57 2.20 26.86
CA SER A 366 49.65 2.96 26.27
C SER A 366 49.12 3.65 25.02
N GLU A 367 49.96 4.49 24.41
CA GLU A 367 49.49 5.35 23.33
C GLU A 367 49.23 4.57 22.04
N VAL A 368 50.04 3.55 21.76
CA VAL A 368 49.88 2.75 20.55
C VAL A 368 49.53 1.34 20.96
N ASP A 369 49.92 0.95 22.18
CA ASP A 369 49.50 -0.30 22.77
C ASP A 369 48.26 0.00 23.61
N LYS A 370 47.10 -0.16 22.99
CA LYS A 370 45.86 0.36 23.54
C LYS A 370 45.36 -0.54 24.67
N MET A 371 44.09 -0.36 25.06
CA MET A 371 43.60 -0.83 26.36
C MET A 371 43.56 -2.35 26.44
N VAL A 372 44.61 -2.91 27.04
CA VAL A 372 44.75 -4.35 27.26
C VAL A 372 44.40 -4.61 28.71
N LEU A 373 43.49 -5.56 28.94
CA LEU A 373 43.03 -5.83 30.30
C LEU A 373 44.11 -6.51 31.13
N THR A 374 44.11 -6.19 32.42
CA THR A 374 45.06 -6.74 33.38
C THR A 374 44.27 -7.56 34.40
N GLU A 375 44.69 -8.77 34.59
CA GLU A 375 43.73 -9.64 35.26
C GLU A 375 44.31 -10.62 36.28
N ASP A 376 45.59 -10.98 36.15
CA ASP A 376 46.02 -12.39 36.21
C ASP A 376 45.42 -13.26 37.32
N ASP A 377 45.90 -13.12 38.56
CA ASP A 377 45.26 -13.58 39.80
C ASP A 377 44.97 -15.08 39.92
N THR A 378 45.07 -15.81 38.82
CA THR A 378 44.88 -17.25 38.73
C THR A 378 45.90 -17.90 37.79
N SER A 379 46.51 -17.10 36.89
CA SER A 379 47.22 -17.57 35.69
C SER A 379 46.33 -18.44 34.81
N GLY A 380 45.05 -18.08 34.72
CA GLY A 380 44.06 -18.71 33.87
C GLY A 380 43.81 -20.18 34.21
N LEU A 381 43.47 -20.93 33.15
CA LEU A 381 43.53 -22.39 33.08
C LEU A 381 42.44 -23.09 33.90
N GLU A 382 41.67 -22.34 34.68
CA GLU A 382 40.69 -22.92 35.58
C GLU A 382 39.43 -23.34 34.81
N GLN A 383 38.41 -23.74 35.57
CA GLN A 383 37.23 -24.36 34.95
C GLN A 383 36.31 -23.34 34.29
N LYS A 384 36.32 -22.08 34.79
CA LYS A 384 35.58 -20.94 34.24
C LYS A 384 34.08 -21.23 34.18
N THR A 385 33.48 -21.31 35.38
CA THR A 385 32.06 -21.56 35.54
C THR A 385 31.22 -20.49 34.84
N VAL A 386 30.36 -20.92 33.94
CA VAL A 386 29.62 -20.00 33.07
C VAL A 386 28.26 -19.71 33.70
N VAL A 387 28.04 -18.43 34.02
CA VAL A 387 26.78 -18.01 34.61
C VAL A 387 25.68 -18.07 33.56
N VAL A 388 24.68 -18.90 33.80
CA VAL A 388 23.55 -19.05 32.90
C VAL A 388 22.38 -18.30 33.53
N THR A 389 22.08 -17.11 33.01
CA THR A 389 20.93 -16.38 33.52
C THR A 389 19.66 -16.88 32.86
N THR A 390 18.56 -16.78 33.60
CA THR A 390 17.26 -17.24 33.14
C THR A 390 16.17 -16.58 33.99
N ILE A 391 14.94 -17.03 33.79
CA ILE A 391 13.77 -16.47 34.47
C ILE A 391 12.81 -17.62 34.76
N LEU A 392 12.08 -17.52 35.87
CA LEU A 392 11.15 -18.57 36.31
C LEU A 392 9.97 -18.63 35.34
N GLU A 393 9.98 -19.64 34.47
CA GLU A 393 8.93 -19.84 33.49
C GLU A 393 8.49 -21.29 33.49
N SER A 394 7.20 -21.51 33.53
CA SER A 394 6.72 -22.87 33.38
C SER A 394 6.46 -23.17 31.90
N PRO A 395 6.94 -24.30 31.38
CA PRO A 395 7.74 -25.34 32.04
C PRO A 395 9.24 -25.20 31.77
N TYR A 396 9.71 -23.98 31.60
CA TYR A 396 11.08 -23.77 31.16
C TYR A 396 12.06 -23.72 32.32
N VAL A 397 11.78 -22.89 33.34
CA VAL A 397 12.50 -22.93 34.62
C VAL A 397 11.45 -22.85 35.72
N MET A 398 11.32 -23.93 36.49
CA MET A 398 10.40 -23.99 37.61
C MET A 398 11.17 -24.32 38.88
N MET A 399 10.55 -24.08 40.01
CA MET A 399 11.15 -24.39 41.31
C MET A 399 10.83 -25.83 41.70
N LYS A 400 11.74 -26.41 42.47
CA LYS A 400 11.51 -27.76 42.99
C LYS A 400 10.50 -27.73 44.12
N LYS A 401 10.03 -28.92 44.49
CA LYS A 401 9.26 -29.04 45.73
C LYS A 401 10.17 -29.17 46.93
N ASN A 402 11.41 -29.60 46.70
CA ASN A 402 12.44 -29.63 47.72
C ASN A 402 13.60 -28.71 47.33
N HIS A 403 13.25 -27.50 46.85
CA HIS A 403 14.27 -26.54 46.44
C HIS A 403 15.05 -26.01 47.63
N GLU A 404 14.45 -26.00 48.83
CA GLU A 404 15.19 -25.68 50.03
C GLU A 404 16.19 -26.78 50.37
N MET A 405 15.86 -28.02 50.04
CA MET A 405 16.75 -29.15 50.28
C MET A 405 17.86 -29.27 49.23
N LEU A 406 17.62 -28.81 48.01
CA LEU A 406 18.58 -28.90 46.93
C LEU A 406 19.45 -27.65 46.90
N GLU A 407 20.49 -27.69 46.07
CA GLU A 407 21.51 -26.65 46.07
C GLU A 407 21.81 -26.19 44.66
N GLY A 408 21.77 -24.88 44.44
CA GLY A 408 22.23 -24.25 43.21
C GLY A 408 21.45 -24.60 41.96
N ASN A 409 22.10 -25.32 41.05
CA ASN A 409 21.46 -25.73 39.80
C ASN A 409 20.40 -26.79 40.02
N GLU A 410 20.51 -27.58 41.09
CA GLU A 410 19.51 -28.60 41.37
C GLU A 410 18.21 -28.01 41.88
N ARG A 411 18.24 -26.78 42.41
CA ARG A 411 17.02 -26.10 42.86
C ARG A 411 16.09 -25.74 41.72
N TYR A 412 16.58 -25.70 40.49
CA TYR A 412 15.83 -25.23 39.35
C TYR A 412 15.55 -26.39 38.41
N GLU A 413 14.26 -26.60 38.12
CA GLU A 413 13.84 -27.63 37.20
C GLU A 413 13.15 -26.98 36.02
N GLY A 414 13.05 -27.70 34.92
CA GLY A 414 12.31 -27.20 33.78
C GLY A 414 12.99 -27.54 32.47
N TYR A 415 12.46 -26.95 31.40
CA TYR A 415 12.92 -27.27 30.05
C TYR A 415 14.31 -26.73 29.80
N CYS A 416 14.59 -25.52 30.28
CA CYS A 416 15.90 -24.91 30.08
C CYS A 416 16.98 -25.58 30.91
N VAL A 417 16.59 -26.28 31.98
CA VAL A 417 17.56 -26.97 32.82
C VAL A 417 18.10 -28.21 32.10
N ASP A 418 17.23 -28.92 31.38
CA ASP A 418 17.65 -30.08 30.62
C ASP A 418 18.50 -29.69 29.42
N LEU A 419 18.26 -28.51 28.85
CA LEU A 419 19.09 -28.02 27.77
C LEU A 419 20.46 -27.59 28.27
N ALA A 420 20.52 -26.93 29.44
CA ALA A 420 21.79 -26.41 29.96
C ALA A 420 22.74 -27.52 30.35
N ALA A 421 22.22 -28.70 30.70
CA ALA A 421 23.09 -29.86 30.85
C ALA A 421 23.65 -30.31 29.51
N GLU A 422 22.83 -30.29 28.45
CA GLU A 422 23.27 -30.72 27.14
C GLU A 422 24.22 -29.72 26.49
N ILE A 423 24.06 -28.42 26.78
CA ILE A 423 25.03 -27.44 26.33
C ILE A 423 26.35 -27.64 27.07
N ALA A 424 26.27 -28.01 28.36
CA ALA A 424 27.45 -28.41 29.10
C ALA A 424 28.02 -29.73 28.59
N LYS A 425 27.17 -30.59 28.03
CA LYS A 425 27.66 -31.79 27.39
C LYS A 425 28.30 -31.50 26.03
N HIS A 426 27.91 -30.39 25.40
CA HIS A 426 28.45 -30.04 24.09
C HIS A 426 29.66 -29.12 24.20
N CYS A 427 29.58 -28.10 25.05
CA CYS A 427 30.65 -27.11 25.15
C CYS A 427 31.62 -27.35 26.30
N GLY A 428 31.27 -28.24 27.25
CA GLY A 428 32.20 -28.62 28.30
C GLY A 428 32.49 -27.55 29.34
N PHE A 429 31.49 -27.20 30.15
CA PHE A 429 31.66 -26.12 31.12
C PHE A 429 30.77 -26.39 32.32
N LYS A 430 31.18 -25.82 33.46
CA LYS A 430 30.30 -25.75 34.62
C LYS A 430 29.33 -24.58 34.44
N TYR A 431 28.07 -24.84 34.77
CA TYR A 431 27.03 -23.85 34.55
C TYR A 431 26.40 -23.46 35.88
N LYS A 432 25.96 -22.21 35.97
CA LYS A 432 25.26 -21.71 37.14
C LYS A 432 23.94 -21.09 36.69
N LEU A 433 22.85 -21.81 36.95
CA LEU A 433 21.51 -21.30 36.63
C LEU A 433 21.14 -20.23 37.64
N THR A 434 20.84 -19.03 37.14
CA THR A 434 20.51 -17.88 37.98
C THR A 434 19.23 -17.22 37.47
N ILE A 435 18.30 -16.99 38.39
CA ILE A 435 17.06 -16.29 38.05
C ILE A 435 17.35 -14.80 37.99
N VAL A 436 16.80 -14.14 36.97
CA VAL A 436 16.92 -12.69 36.85
C VAL A 436 16.11 -12.04 37.97
N GLY A 437 16.59 -10.88 38.45
CA GLY A 437 16.02 -10.29 39.64
C GLY A 437 14.72 -9.55 39.37
N ASP A 438 14.72 -8.67 38.37
CA ASP A 438 13.59 -7.79 38.11
C ASP A 438 12.39 -8.50 37.49
N GLY A 439 12.54 -9.74 37.05
CA GLY A 439 11.47 -10.43 36.38
C GLY A 439 11.24 -10.01 34.95
N LYS A 440 12.15 -9.22 34.38
CA LYS A 440 12.05 -8.79 32.99
C LYS A 440 12.81 -9.74 32.09
N TYR A 441 12.38 -9.80 30.83
CA TYR A 441 13.02 -10.68 29.87
C TYR A 441 14.22 -10.05 29.19
N GLY A 442 14.54 -8.80 29.49
CA GLY A 442 15.58 -8.12 28.77
C GLY A 442 15.03 -7.10 27.80
N ALA A 443 14.04 -6.33 28.24
CA ALA A 443 13.52 -5.25 27.42
C ALA A 443 14.49 -4.06 27.43
N ARG A 444 14.20 -3.09 26.59
CA ARG A 444 14.97 -1.85 26.55
C ARG A 444 14.13 -0.69 27.08
N ASP A 445 14.69 0.08 28.00
CA ASP A 445 14.06 1.29 28.45
C ASP A 445 14.06 2.33 27.34
N ALA A 446 13.03 3.17 27.34
CA ALA A 446 12.93 4.26 26.37
C ALA A 446 13.52 5.57 26.87
N ASP A 447 13.62 5.75 28.18
CA ASP A 447 14.15 6.99 28.75
C ASP A 447 15.64 6.89 29.03
N THR A 448 16.04 5.91 29.85
CA THR A 448 17.45 5.73 30.17
C THR A 448 18.20 5.01 29.08
N LYS A 449 17.48 4.32 28.17
CA LYS A 449 18.04 3.45 27.13
C LYS A 449 18.95 2.38 27.73
N ILE A 450 18.57 1.88 28.90
CA ILE A 450 19.30 0.86 29.62
C ILE A 450 18.50 -0.43 29.56
N TRP A 451 19.12 -1.49 29.05
CA TRP A 451 18.50 -2.80 29.03
C TRP A 451 18.37 -3.33 30.44
N ASN A 452 17.14 -3.61 30.86
CA ASN A 452 16.91 -4.33 32.10
C ASN A 452 16.93 -5.82 31.81
N GLY A 453 16.47 -6.63 32.76
CA GLY A 453 16.25 -8.05 32.56
C GLY A 453 17.52 -8.83 32.30
N MET A 454 17.39 -9.83 31.43
CA MET A 454 18.50 -10.75 31.18
C MET A 454 19.48 -10.20 30.15
N VAL A 455 18.99 -9.35 29.23
CA VAL A 455 19.85 -8.78 28.21
C VAL A 455 20.84 -7.79 28.83
N GLY A 456 20.36 -6.96 29.76
CA GLY A 456 21.25 -6.03 30.45
C GLY A 456 22.24 -6.72 31.36
N GLU A 457 21.91 -7.93 31.83
CA GLU A 457 22.90 -8.74 32.52
C GLU A 457 23.96 -9.28 31.58
N LEU A 458 23.64 -9.39 30.29
CA LEU A 458 24.63 -9.83 29.31
C LEU A 458 25.41 -8.66 28.73
N VAL A 459 24.76 -7.50 28.62
CA VAL A 459 25.45 -6.31 28.11
C VAL A 459 26.46 -5.78 29.12
N TYR A 460 26.04 -5.65 30.38
CA TYR A 460 26.84 -5.04 31.42
C TYR A 460 27.79 -6.02 32.09
N GLY A 461 27.95 -7.23 31.55
CA GLY A 461 28.86 -8.20 32.10
C GLY A 461 28.40 -8.88 33.37
N LYS A 462 27.14 -8.73 33.74
CA LYS A 462 26.64 -9.38 34.95
C LYS A 462 26.47 -10.88 34.75
N ALA A 463 25.99 -11.30 33.59
CA ALA A 463 25.76 -12.71 33.30
C ALA A 463 26.61 -13.13 32.10
N ASP A 464 26.86 -14.43 32.01
CA ASP A 464 27.74 -14.97 30.99
C ASP A 464 27.00 -15.49 29.76
N ILE A 465 25.81 -16.08 29.96
CA ILE A 465 25.01 -16.59 28.85
C ILE A 465 23.57 -16.66 29.34
N ALA A 466 22.62 -16.70 28.41
CA ALA A 466 21.19 -16.75 28.72
C ALA A 466 20.53 -17.93 28.03
N ILE A 467 19.95 -18.82 28.83
CA ILE A 467 19.14 -19.93 28.33
C ILE A 467 17.75 -19.73 28.93
N ALA A 468 16.81 -19.25 28.12
CA ALA A 468 15.56 -18.71 28.62
C ALA A 468 14.58 -18.61 27.47
N PRO A 469 13.26 -18.50 27.75
CA PRO A 469 12.30 -18.22 26.67
C PRO A 469 12.43 -16.81 26.14
N LEU A 470 13.40 -16.57 25.27
CA LEU A 470 13.73 -15.23 24.81
C LEU A 470 13.43 -15.13 23.32
N THR A 471 12.35 -14.43 23.00
CA THR A 471 11.94 -14.27 21.60
C THR A 471 12.89 -13.32 20.89
N ILE A 472 13.40 -13.75 19.74
CA ILE A 472 14.43 -13.01 19.03
C ILE A 472 13.78 -11.82 18.31
N THR A 473 14.19 -10.62 18.66
CA THR A 473 13.85 -9.40 17.93
C THR A 473 15.12 -8.82 17.33
N LEU A 474 14.97 -7.71 16.62
CA LEU A 474 16.14 -7.06 16.02
C LEU A 474 16.96 -6.32 17.06
N VAL A 475 16.30 -5.55 17.92
CA VAL A 475 16.99 -4.70 18.88
C VAL A 475 17.70 -5.49 19.96
N ARG A 476 17.24 -6.72 20.24
CA ARG A 476 17.98 -7.58 21.15
C ARG A 476 19.26 -8.09 20.50
N GLU A 477 19.23 -8.39 19.20
CA GLU A 477 20.44 -8.78 18.49
C GLU A 477 21.39 -7.59 18.29
N GLU A 478 20.90 -6.37 18.41
CA GLU A 478 21.76 -5.20 18.25
C GLU A 478 22.76 -5.02 19.40
N VAL A 479 22.57 -5.72 20.53
CA VAL A 479 23.49 -5.55 21.65
C VAL A 479 24.16 -6.88 22.03
N ILE A 480 23.50 -8.00 21.79
CA ILE A 480 24.02 -9.32 22.14
C ILE A 480 23.78 -10.26 20.96
N ASP A 481 24.27 -11.50 21.09
CA ASP A 481 24.21 -12.47 20.00
C ASP A 481 23.29 -13.63 20.37
N PHE A 482 22.30 -13.91 19.54
CA PHE A 482 21.50 -15.11 19.68
C PHE A 482 22.15 -16.29 18.97
N SER A 483 21.64 -17.48 19.28
CA SER A 483 21.90 -18.67 18.50
C SER A 483 20.78 -18.83 17.48
N LYS A 484 20.70 -19.99 16.82
CA LYS A 484 19.58 -20.25 15.94
C LYS A 484 18.30 -20.47 16.76
N PRO A 485 17.14 -20.15 16.19
CA PRO A 485 15.88 -20.41 16.90
C PRO A 485 15.60 -21.90 17.00
N PHE A 486 15.77 -22.43 18.21
CA PHE A 486 15.48 -23.83 18.49
C PHE A 486 13.99 -24.11 18.63
N MET A 487 13.20 -23.09 18.96
CA MET A 487 11.77 -23.28 19.21
C MET A 487 11.03 -22.18 18.46
N SER A 488 10.54 -22.50 17.26
CA SER A 488 9.75 -21.56 16.50
C SER A 488 8.31 -21.59 16.96
N LEU A 489 7.70 -20.40 17.03
CA LEU A 489 6.36 -20.25 17.60
C LEU A 489 5.77 -18.96 17.04
N GLY A 490 4.65 -18.54 17.64
CA GLY A 490 4.00 -17.32 17.22
C GLY A 490 2.75 -17.11 18.05
N ILE A 491 1.95 -16.13 17.64
CA ILE A 491 0.72 -15.82 18.34
C ILE A 491 -0.31 -16.89 18.03
N SER A 492 -0.70 -17.65 19.05
CA SER A 492 -1.72 -18.68 18.93
C SER A 492 -3.03 -18.16 19.49
N ILE A 493 -4.09 -18.92 19.25
CA ILE A 493 -5.44 -18.52 19.64
C ILE A 493 -5.91 -19.46 20.74
N MET A 494 -5.76 -19.04 21.99
CA MET A 494 -6.29 -19.76 23.13
C MET A 494 -7.76 -19.41 23.33
N ILE A 495 -8.63 -20.37 23.07
CA ILE A 495 -10.06 -20.22 23.37
C ILE A 495 -10.46 -21.37 24.29
N LYS A 496 -11.74 -21.38 24.66
CA LYS A 496 -12.29 -22.47 25.43
C LYS A 496 -12.35 -23.72 24.56
N LYS A 497 -11.76 -24.72 25.20
CA LYS A 497 -12.01 -26.09 24.79
C LYS A 497 -13.51 -26.38 24.90
N PRO A 498 -14.10 -27.07 23.92
CA PRO A 498 -15.56 -27.30 23.93
C PRO A 498 -16.04 -28.08 25.14
N GLN A 499 -17.02 -27.52 25.83
CA GLN A 499 -17.34 -27.91 27.19
C GLN A 499 -18.04 -29.26 27.24
N LYS A 500 -17.86 -29.95 28.37
CA LYS A 500 -18.54 -31.20 28.65
C LYS A 500 -19.75 -30.85 29.52
N SER A 501 -20.77 -30.29 28.87
CA SER A 501 -22.02 -29.91 29.53
C SER A 501 -23.11 -30.79 28.94
N LYS A 502 -23.29 -31.97 29.53
CA LYS A 502 -24.28 -32.93 29.08
C LYS A 502 -25.59 -32.69 29.82
N PRO A 503 -26.67 -32.28 29.15
CA PRO A 503 -27.86 -31.81 29.86
C PRO A 503 -28.83 -32.91 30.25
N GLY A 504 -29.19 -33.00 31.54
CA GLY A 504 -29.88 -34.05 32.27
C GLY A 504 -31.38 -33.92 32.46
N VAL A 505 -31.82 -33.98 33.71
CA VAL A 505 -33.23 -34.22 34.02
C VAL A 505 -34.07 -32.96 33.77
N PHE A 506 -33.77 -31.88 34.47
CA PHE A 506 -34.57 -30.66 34.34
C PHE A 506 -34.33 -29.95 33.01
N SER A 507 -33.24 -30.27 32.33
CA SER A 507 -32.93 -29.68 31.04
C SER A 507 -33.49 -30.47 29.86
N PHE A 508 -34.20 -31.57 30.11
CA PHE A 508 -34.99 -32.20 29.06
C PHE A 508 -36.21 -31.34 28.70
N LEU A 509 -36.67 -30.51 29.64
CA LEU A 509 -37.88 -29.72 29.49
C LEU A 509 -37.62 -28.36 28.81
N ASP A 510 -36.59 -28.27 27.97
CA ASP A 510 -36.22 -26.96 27.39
C ASP A 510 -37.08 -26.50 26.21
N PRO A 511 -37.35 -27.30 25.16
CA PRO A 511 -38.05 -26.71 23.99
C PRO A 511 -39.51 -26.37 24.21
N LEU A 512 -40.09 -26.74 25.35
CA LEU A 512 -41.44 -26.34 25.72
C LEU A 512 -41.35 -25.69 27.09
N ALA A 513 -41.94 -24.50 27.24
CA ALA A 513 -41.70 -23.68 28.42
C ALA A 513 -42.41 -24.24 29.65
N TYR A 514 -41.88 -23.85 30.82
CA TYR A 514 -42.34 -24.40 32.11
C TYR A 514 -43.78 -24.02 32.43
N GLU A 515 -44.21 -22.83 32.03
CA GLU A 515 -45.62 -22.48 32.17
C GLU A 515 -46.49 -23.27 31.20
N ILE A 516 -45.92 -23.72 30.07
CA ILE A 516 -46.67 -24.49 29.11
C ILE A 516 -46.70 -25.97 29.52
N TRP A 517 -45.68 -26.44 30.26
CA TRP A 517 -45.71 -27.80 30.80
C TRP A 517 -46.84 -27.98 31.81
N MET A 518 -47.23 -26.92 32.51
CA MET A 518 -48.38 -27.00 33.40
C MET A 518 -49.68 -26.88 32.63
N CYS A 519 -49.73 -26.01 31.62
CA CYS A 519 -50.94 -25.78 30.87
C CYS A 519 -51.24 -26.87 29.85
N ILE A 520 -50.25 -27.69 29.49
CA ILE A 520 -50.52 -28.85 28.65
C ILE A 520 -51.17 -29.96 29.48
N VAL A 521 -50.99 -29.92 30.80
CA VAL A 521 -51.67 -30.85 31.69
C VAL A 521 -52.99 -30.26 32.19
N PHE A 522 -53.04 -28.93 32.39
CA PHE A 522 -54.25 -28.28 32.87
C PHE A 522 -55.36 -28.33 31.83
N ALA A 523 -55.06 -27.97 30.58
CA ALA A 523 -56.07 -28.02 29.53
C ALA A 523 -56.41 -29.44 29.10
N TYR A 524 -55.59 -30.43 29.48
CA TYR A 524 -55.85 -31.81 29.12
C TYR A 524 -57.04 -32.39 29.89
N ILE A 525 -57.08 -32.16 31.20
CA ILE A 525 -58.10 -32.78 32.04
C ILE A 525 -59.47 -32.12 31.89
N GLY A 526 -59.56 -30.98 31.21
CA GLY A 526 -60.85 -30.39 30.92
C GLY A 526 -61.56 -31.03 29.75
N VAL A 527 -60.86 -31.88 28.99
CA VAL A 527 -61.44 -32.47 27.78
C VAL A 527 -62.28 -33.70 28.12
N SER A 528 -61.82 -34.51 29.08
CA SER A 528 -62.44 -35.80 29.35
C SER A 528 -63.75 -35.69 30.12
N VAL A 529 -64.12 -34.50 30.58
CA VAL A 529 -65.36 -34.35 31.35
C VAL A 529 -66.59 -34.34 30.45
N VAL A 530 -66.43 -34.03 29.16
CA VAL A 530 -67.58 -33.91 28.27
C VAL A 530 -67.98 -35.28 27.73
N LEU A 531 -67.00 -36.11 27.39
CA LEU A 531 -67.25 -37.44 26.83
C LEU A 531 -67.83 -38.43 27.82
N PHE A 532 -67.81 -38.10 29.13
CA PHE A 532 -68.48 -38.94 30.12
C PHE A 532 -70.00 -38.88 29.97
N LEU A 533 -70.54 -37.76 29.46
CA LEU A 533 -71.97 -37.64 29.23
C LEU A 533 -72.45 -38.39 28.00
N VAL A 534 -71.53 -38.90 27.18
CA VAL A 534 -71.92 -39.67 26.00
C VAL A 534 -72.43 -41.04 26.40
N SER A 535 -71.63 -41.79 27.15
CA SER A 535 -72.02 -43.12 27.61
C SER A 535 -72.61 -43.06 29.01
N ILE A 564 -65.08 -38.77 33.17
CA ILE A 564 -65.04 -38.47 34.59
C ILE A 564 -64.37 -39.63 35.34
N PHE A 565 -64.70 -40.85 34.94
CA PHE A 565 -64.14 -42.05 35.55
C PHE A 565 -63.38 -42.92 34.56
N ASN A 566 -63.90 -43.07 33.34
CA ASN A 566 -63.23 -43.84 32.30
C ASN A 566 -62.64 -42.98 31.19
N SER A 567 -63.27 -41.85 30.89
CA SER A 567 -62.93 -41.02 29.73
C SER A 567 -61.58 -40.32 29.84
N LEU A 568 -60.95 -40.32 31.02
CA LEU A 568 -59.59 -39.80 31.12
C LEU A 568 -58.61 -40.71 30.39
N TRP A 569 -58.81 -42.03 30.50
CA TRP A 569 -58.05 -42.97 29.68
C TRP A 569 -58.50 -42.95 28.23
N PHE A 570 -59.76 -42.61 27.97
CA PHE A 570 -60.19 -42.41 26.59
C PHE A 570 -59.83 -41.02 26.07
N SER A 571 -59.38 -40.13 26.95
CA SER A 571 -58.70 -38.93 26.49
C SER A 571 -57.21 -39.20 26.25
N LEU A 572 -56.71 -40.33 26.77
CA LEU A 572 -55.36 -40.76 26.41
C LEU A 572 -55.31 -41.35 25.01
N GLY A 573 -56.45 -41.82 24.49
CA GLY A 573 -56.54 -42.14 23.07
C GLY A 573 -56.52 -40.91 22.20
N ALA A 574 -56.89 -39.76 22.76
CA ALA A 574 -56.74 -38.47 22.10
C ALA A 574 -55.65 -37.62 22.74
N PHE A 575 -54.75 -38.25 23.51
CA PHE A 575 -53.62 -37.54 24.07
C PHE A 575 -52.64 -37.12 22.98
N MET A 576 -52.04 -38.09 22.30
CA MET A 576 -51.42 -37.86 21.00
C MET A 576 -52.01 -38.78 19.94
N GLN A 577 -52.01 -40.09 20.19
CA GLN A 577 -52.33 -41.13 19.23
C GLN A 577 -52.97 -42.31 19.96
N GLN A 578 -52.92 -43.50 19.36
CA GLN A 578 -53.40 -44.76 19.94
C GLN A 578 -54.91 -44.71 20.20
N GLY A 579 -55.66 -44.64 19.10
CA GLY A 579 -57.10 -44.46 19.03
C GLY A 579 -57.99 -45.23 19.99
N CYS A 580 -58.85 -44.50 20.69
CA CYS A 580 -59.66 -45.04 21.77
C CYS A 580 -60.82 -45.87 21.23
N ASP A 581 -61.61 -46.43 22.16
CA ASP A 581 -62.68 -47.33 21.81
C ASP A 581 -64.07 -46.70 21.90
N ILE A 582 -64.26 -45.74 22.81
CA ILE A 582 -65.51 -44.99 22.84
C ILE A 582 -65.56 -44.08 21.62
N SER A 583 -66.61 -44.22 20.81
CA SER A 583 -66.72 -43.56 19.52
C SER A 583 -67.88 -42.59 19.51
N PRO A 584 -67.64 -41.28 19.70
CA PRO A 584 -68.70 -40.29 19.52
C PRO A 584 -68.99 -40.03 18.05
N ARG A 585 -69.89 -40.84 17.48
CA ARG A 585 -70.09 -40.91 16.03
C ARG A 585 -70.60 -39.60 15.41
N SER A 586 -71.82 -39.18 15.76
CA SER A 586 -72.40 -38.03 15.10
C SER A 586 -72.91 -36.96 16.08
N LEU A 587 -72.71 -37.14 17.38
CA LEU A 587 -73.14 -36.15 18.36
C LEU A 587 -71.99 -35.18 18.62
N SER A 588 -72.13 -34.34 19.65
CA SER A 588 -71.20 -33.24 19.89
C SER A 588 -69.84 -33.70 20.38
N GLY A 589 -69.70 -34.95 20.81
CA GLY A 589 -68.41 -35.46 21.26
C GLY A 589 -67.39 -35.62 20.15
N ARG A 590 -67.85 -35.68 18.90
CA ARG A 590 -66.93 -35.71 17.76
C ARG A 590 -66.12 -34.42 17.65
N ILE A 591 -66.75 -33.28 17.96
CA ILE A 591 -66.03 -32.02 18.01
C ILE A 591 -65.11 -31.99 19.23
N VAL A 592 -65.56 -32.59 20.34
CA VAL A 592 -64.77 -32.59 21.57
C VAL A 592 -63.56 -33.50 21.42
N GLY A 593 -63.74 -34.70 20.88
CA GLY A 593 -62.64 -35.60 20.64
C GLY A 593 -61.78 -35.27 19.43
N GLY A 594 -62.21 -34.31 18.61
CA GLY A 594 -61.47 -33.97 17.41
C GLY A 594 -60.62 -32.73 17.53
N VAL A 595 -61.14 -31.68 18.17
CA VAL A 595 -60.44 -30.40 18.23
C VAL A 595 -59.24 -30.47 19.17
N TRP A 596 -59.40 -31.15 20.31
CA TRP A 596 -58.26 -31.36 21.21
C TRP A 596 -57.22 -32.28 20.56
N TRP A 597 -57.67 -33.28 19.80
CA TRP A 597 -56.74 -34.08 19.01
C TRP A 597 -56.12 -33.25 17.90
N PHE A 598 -56.87 -32.31 17.33
CA PHE A 598 -56.28 -31.36 16.39
C PHE A 598 -55.30 -30.42 17.09
N PHE A 599 -55.56 -30.12 18.36
CA PHE A 599 -54.68 -29.24 19.11
C PHE A 599 -53.34 -29.90 19.43
N THR A 600 -53.35 -31.18 19.80
CA THR A 600 -52.14 -31.84 20.27
C THR A 600 -51.18 -32.20 19.14
N LEU A 601 -51.64 -32.20 17.88
CA LEU A 601 -50.74 -32.40 16.77
C LEU A 601 -49.95 -31.16 16.43
N ILE A 602 -50.43 -29.99 16.85
CA ILE A 602 -49.73 -28.73 16.60
C ILE A 602 -48.47 -28.66 17.45
N ILE A 603 -48.53 -29.18 18.68
CA ILE A 603 -47.45 -29.01 19.63
C ILE A 603 -46.25 -29.87 19.26
N ILE A 604 -46.56 -31.17 18.87
CA ILE A 604 -45.52 -32.11 18.46
C ILE A 604 -44.94 -31.82 17.07
N SER A 605 -45.71 -31.19 16.16
CA SER A 605 -45.17 -30.86 14.85
C SER A 605 -44.16 -29.72 14.94
N SER A 606 -44.44 -28.73 15.79
CA SER A 606 -43.49 -27.63 15.98
C SER A 606 -42.35 -28.05 16.89
N TYR A 607 -42.54 -29.11 17.69
CA TYR A 607 -41.49 -29.58 18.58
C TYR A 607 -40.32 -30.18 17.81
N THR A 608 -40.61 -30.87 16.70
CA THR A 608 -39.55 -31.44 15.89
C THR A 608 -38.83 -30.36 15.09
N ALA A 609 -39.59 -29.43 14.50
CA ALA A 609 -38.99 -28.37 13.70
C ALA A 609 -38.22 -27.37 14.55
N ASN A 610 -38.57 -27.25 15.84
CA ASN A 610 -37.72 -26.51 16.76
C ASN A 610 -36.43 -27.27 17.04
N LEU A 611 -36.54 -28.59 17.24
CA LEU A 611 -35.37 -29.40 17.50
C LEU A 611 -34.52 -29.59 16.24
N ALA A 612 -35.16 -29.61 15.07
CA ALA A 612 -34.40 -29.62 13.82
C ALA A 612 -33.67 -28.30 13.63
N ALA A 613 -34.24 -27.20 14.12
CA ALA A 613 -33.51 -25.94 14.17
C ALA A 613 -32.40 -25.96 15.20
N PHE A 614 -32.53 -26.78 16.25
CA PHE A 614 -31.49 -26.86 17.28
C PHE A 614 -30.27 -27.62 16.78
N LEU A 615 -30.47 -28.86 16.33
CA LEU A 615 -29.35 -29.75 16.05
C LEU A 615 -28.62 -29.37 14.76
N THR A 616 -29.26 -28.61 13.89
CA THR A 616 -28.59 -28.14 12.68
C THR A 616 -27.61 -27.02 13.00
N VAL A 617 -28.11 -25.95 13.64
CA VAL A 617 -27.30 -24.77 13.93
C VAL A 617 -26.22 -25.07 14.94
N GLU A 618 -26.47 -26.01 15.87
CA GLU A 618 -25.43 -26.48 16.78
C GLU A 618 -24.30 -27.16 16.02
N ARG A 619 -24.62 -27.84 14.92
CA ARG A 619 -23.60 -28.42 14.06
C ARG A 619 -23.22 -27.50 12.90
N MET A 620 -23.99 -26.43 12.64
CA MET A 620 -23.59 -25.45 11.64
C MET A 620 -22.52 -24.49 12.17
N VAL A 621 -22.51 -24.25 13.48
CA VAL A 621 -21.50 -23.37 14.08
C VAL A 621 -20.16 -24.09 14.08
N SER A 622 -19.20 -23.55 13.34
CA SER A 622 -17.88 -24.15 13.34
C SER A 622 -16.98 -23.45 14.35
N PRO A 623 -16.17 -24.20 15.07
CA PRO A 623 -15.13 -23.57 15.88
C PRO A 623 -14.08 -22.93 14.97
N ILE A 624 -13.73 -21.69 15.29
CA ILE A 624 -12.85 -20.91 14.45
C ILE A 624 -11.42 -21.44 14.56
N GLU A 625 -10.68 -21.35 13.46
CA GLU A 625 -9.26 -21.68 13.47
C GLU A 625 -8.40 -20.50 13.11
N SER A 626 -8.89 -19.66 12.17
CA SER A 626 -8.10 -18.49 11.82
C SER A 626 -8.56 -17.27 12.59
N ALA A 627 -7.64 -16.32 12.74
CA ALA A 627 -7.97 -15.01 13.30
C ALA A 627 -8.67 -14.11 12.28
N GLU A 628 -8.74 -14.52 11.02
CA GLU A 628 -9.55 -13.82 10.04
C GLU A 628 -11.04 -13.97 10.34
N ASP A 629 -11.42 -15.04 11.04
CA ASP A 629 -12.80 -15.20 11.47
C ASP A 629 -13.14 -14.20 12.58
N LEU A 630 -12.15 -13.83 13.40
CA LEU A 630 -12.38 -12.81 14.42
C LEU A 630 -12.51 -11.42 13.80
N SER A 631 -11.90 -11.21 12.62
CA SER A 631 -12.20 -10.03 11.83
C SER A 631 -13.46 -10.20 10.99
N LYS A 632 -14.07 -11.39 11.03
CA LYS A 632 -15.30 -11.70 10.31
C LYS A 632 -16.52 -11.75 11.24
N GLN A 633 -16.40 -12.37 12.41
CA GLN A 633 -17.47 -12.36 13.40
C GLN A 633 -17.16 -11.34 14.48
N THR A 634 -18.17 -11.07 15.31
CA THR A 634 -18.00 -10.14 16.43
C THR A 634 -18.68 -10.61 17.70
N GLU A 635 -19.20 -11.83 17.76
CA GLU A 635 -19.86 -12.31 18.97
C GLU A 635 -18.86 -12.67 20.05
N ILE A 636 -17.74 -13.28 19.67
CA ILE A 636 -16.71 -13.68 20.62
C ILE A 636 -15.67 -12.57 20.71
N ALA A 637 -15.53 -11.97 21.88
CA ALA A 637 -14.53 -10.94 22.10
C ALA A 637 -13.13 -11.55 22.08
N TYR A 638 -12.14 -10.70 21.83
CA TYR A 638 -10.77 -11.16 21.74
C TYR A 638 -9.84 -10.01 22.07
N GLY A 639 -8.79 -10.32 22.82
CA GLY A 639 -7.78 -9.35 23.20
C GLY A 639 -6.49 -10.05 23.57
N THR A 640 -5.47 -9.24 23.84
CA THR A 640 -4.16 -9.71 24.22
C THR A 640 -3.84 -9.20 25.63
N LEU A 641 -2.58 -9.37 26.04
CA LEU A 641 -2.13 -8.74 27.26
C LEU A 641 -2.06 -7.23 27.06
N ASP A 642 -2.31 -6.47 28.14
CA ASP A 642 -2.34 -5.02 28.05
C ASP A 642 -0.96 -4.40 27.84
N SER A 643 0.12 -5.18 27.88
CA SER A 643 1.44 -4.73 27.49
C SER A 643 2.17 -5.91 26.86
N GLY A 644 3.06 -5.62 25.92
CA GLY A 644 3.85 -6.67 25.31
C GLY A 644 3.87 -6.53 23.80
N SER A 645 4.70 -7.36 23.17
CA SER A 645 4.81 -7.35 21.72
C SER A 645 3.61 -7.99 21.03
N THR A 646 2.87 -8.83 21.76
CA THR A 646 1.67 -9.44 21.20
C THR A 646 0.58 -8.40 20.97
N LYS A 647 0.39 -7.50 21.94
CA LYS A 647 -0.44 -6.32 21.73
C LYS A 647 0.15 -5.42 20.65
N GLU A 648 1.49 -5.28 20.65
CA GLU A 648 2.15 -4.37 19.74
C GLU A 648 2.16 -4.91 18.30
N PHE A 649 1.95 -6.22 18.14
CA PHE A 649 1.97 -6.82 16.80
C PHE A 649 0.78 -6.35 15.97
N PHE A 650 -0.42 -6.40 16.54
CA PHE A 650 -1.61 -5.90 15.84
C PHE A 650 -1.55 -4.39 15.66
N ARG A 651 -0.88 -3.69 16.57
CA ARG A 651 -0.60 -2.27 16.41
C ARG A 651 0.35 -2.03 15.24
N ARG A 652 1.25 -2.99 14.97
CA ARG A 652 2.27 -2.83 13.95
C ARG A 652 1.90 -3.46 12.62
N SER A 653 1.16 -4.57 12.62
CA SER A 653 0.90 -5.31 11.39
C SER A 653 -0.03 -4.55 10.46
N LYS A 654 0.47 -4.26 9.26
CA LYS A 654 -0.26 -3.49 8.27
C LYS A 654 -1.19 -4.35 7.41
N ILE A 655 -1.27 -5.65 7.68
CA ILE A 655 -2.24 -6.50 7.00
C ILE A 655 -3.63 -6.13 7.48
N ALA A 656 -4.58 -6.05 6.54
CA ALA A 656 -5.90 -5.46 6.82
C ALA A 656 -6.71 -6.30 7.80
N VAL A 657 -6.45 -7.59 7.91
CA VAL A 657 -7.11 -8.41 8.92
C VAL A 657 -6.56 -8.08 10.30
N PHE A 658 -5.23 -8.04 10.42
CA PHE A 658 -4.59 -7.78 11.72
C PHE A 658 -4.78 -6.34 12.16
N ASP A 659 -5.04 -5.43 11.22
CA ASP A 659 -5.36 -4.06 11.60
C ASP A 659 -6.82 -3.93 12.02
N LYS A 660 -7.71 -4.70 11.38
CA LYS A 660 -9.13 -4.68 11.74
C LYS A 660 -9.36 -5.30 13.11
N MET A 661 -8.58 -6.34 13.45
CA MET A 661 -8.59 -6.85 14.81
C MET A 661 -8.10 -5.80 15.79
N TRP A 662 -7.05 -5.07 15.43
CA TRP A 662 -6.60 -3.95 16.25
C TRP A 662 -7.61 -2.81 16.23
N THR A 663 -8.35 -2.66 15.12
CA THR A 663 -9.43 -1.68 15.09
C THR A 663 -10.58 -2.11 15.99
N TYR A 664 -10.81 -3.42 16.12
CA TYR A 664 -11.86 -3.90 17.00
C TYR A 664 -11.43 -3.83 18.47
N MET A 665 -10.18 -4.21 18.75
CA MET A 665 -9.72 -4.27 20.14
C MET A 665 -9.59 -2.90 20.78
N ARG A 666 -9.30 -1.87 19.99
CA ARG A 666 -9.34 -0.51 20.53
C ARG A 666 -10.77 -0.02 20.71
N SER A 667 -11.74 -0.66 20.06
CA SER A 667 -13.15 -0.36 20.23
C SER A 667 -13.89 -1.41 21.04
N ALA A 668 -13.21 -2.48 21.45
CA ALA A 668 -13.83 -3.53 22.25
C ALA A 668 -14.03 -3.00 23.67
N GLU A 669 -15.29 -2.78 24.04
CA GLU A 669 -15.64 -2.31 25.37
C GLU A 669 -16.52 -3.35 26.05
N PRO A 670 -16.18 -3.84 27.25
CA PRO A 670 -15.06 -3.49 28.14
C PRO A 670 -13.69 -3.99 27.70
N SER A 671 -12.68 -3.74 28.52
CA SER A 671 -11.29 -3.94 28.12
C SER A 671 -10.97 -5.41 27.93
N VAL A 672 -10.78 -5.80 26.67
CA VAL A 672 -10.29 -7.13 26.36
C VAL A 672 -8.81 -7.28 26.67
N PHE A 673 -8.09 -6.17 26.80
CA PHE A 673 -6.70 -6.20 27.20
C PHE A 673 -6.59 -6.43 28.69
N VAL A 674 -6.32 -7.66 29.08
CA VAL A 674 -6.26 -8.04 30.48
C VAL A 674 -4.88 -7.69 31.03
N ARG A 675 -4.78 -7.66 32.36
CA ARG A 675 -3.58 -7.20 33.02
C ARG A 675 -2.52 -8.28 33.17
N THR A 676 -2.93 -9.51 33.50
CA THR A 676 -2.00 -10.63 33.59
C THR A 676 -2.41 -11.73 32.63
N THR A 677 -1.52 -12.69 32.42
CA THR A 677 -1.78 -13.79 31.49
C THR A 677 -2.90 -14.69 32.01
N ALA A 678 -2.88 -14.99 33.31
CA ALA A 678 -3.92 -15.84 33.90
C ALA A 678 -5.25 -15.12 33.99
N GLU A 679 -5.25 -13.79 33.93
CA GLU A 679 -6.51 -13.06 33.83
C GLU A 679 -7.19 -13.31 32.48
N GLY A 680 -6.40 -13.35 31.41
CA GLY A 680 -6.94 -13.71 30.12
C GLY A 680 -7.33 -15.17 30.01
N VAL A 681 -6.65 -16.04 30.75
CA VAL A 681 -7.08 -17.43 30.86
C VAL A 681 -8.41 -17.51 31.60
N ALA A 682 -8.55 -16.73 32.67
CA ALA A 682 -9.81 -16.71 33.42
C ALA A 682 -10.93 -16.05 32.64
N ARG A 683 -10.64 -14.99 31.88
CA ARG A 683 -11.68 -14.28 31.15
C ARG A 683 -12.21 -15.12 29.98
N VAL A 684 -11.38 -16.02 29.44
CA VAL A 684 -11.90 -17.07 28.57
C VAL A 684 -12.83 -17.99 29.35
N ARG A 685 -12.41 -18.41 30.55
CA ARG A 685 -13.18 -19.35 31.33
C ARG A 685 -14.42 -18.70 31.95
N LYS A 686 -14.33 -17.41 32.29
CA LYS A 686 -15.49 -16.74 32.88
C LYS A 686 -16.53 -16.36 31.84
N SER A 687 -16.11 -15.90 30.66
CA SER A 687 -17.07 -15.58 29.61
C SER A 687 -17.55 -16.80 28.85
N LYS A 688 -16.90 -17.96 29.07
CA LYS A 688 -17.33 -19.27 28.59
C LYS A 688 -17.41 -19.33 27.06
N GLY A 689 -16.26 -19.15 26.42
CA GLY A 689 -16.16 -19.24 24.98
C GLY A 689 -16.41 -17.95 24.23
N LYS A 690 -17.09 -16.98 24.84
CA LYS A 690 -17.36 -15.70 24.20
C LYS A 690 -16.22 -14.70 24.37
N TYR A 691 -15.11 -15.12 24.98
CA TYR A 691 -13.88 -14.33 25.01
C TYR A 691 -12.76 -15.20 24.47
N ALA A 692 -12.04 -14.68 23.49
CA ALA A 692 -10.83 -15.32 22.99
C ALA A 692 -9.60 -14.61 23.54
N TYR A 693 -8.50 -15.34 23.61
CA TYR A 693 -7.27 -14.75 24.11
C TYR A 693 -6.10 -15.23 23.26
N LEU A 694 -5.09 -14.38 23.14
CA LEU A 694 -3.97 -14.61 22.23
C LEU A 694 -2.68 -14.68 23.04
N LEU A 695 -2.05 -15.85 23.05
CA LEU A 695 -0.76 -16.03 23.69
C LEU A 695 0.05 -17.01 22.86
N GLU A 696 1.30 -17.24 23.29
CA GLU A 696 2.26 -18.03 22.51
C GLU A 696 1.87 -19.50 22.49
N SER A 697 2.18 -20.17 21.39
CA SER A 697 1.70 -21.54 21.16
C SER A 697 2.28 -22.53 22.14
N THR A 698 3.56 -22.38 22.50
CA THR A 698 4.19 -23.31 23.43
C THR A 698 3.63 -23.14 24.84
N MET A 699 3.22 -21.92 25.19
CA MET A 699 2.50 -21.72 26.45
C MET A 699 1.06 -22.18 26.30
N ASN A 700 0.49 -22.05 25.10
CA ASN A 700 -0.84 -22.57 24.82
C ASN A 700 -0.83 -24.09 24.76
N GLU A 701 0.31 -24.69 24.44
CA GLU A 701 0.50 -26.12 24.67
C GLU A 701 0.43 -26.44 26.15
N TYR A 702 1.10 -25.64 26.97
CA TYR A 702 1.29 -25.99 28.37
C TYR A 702 0.04 -25.79 29.20
N ILE A 703 -0.67 -24.66 28.99
CA ILE A 703 -1.85 -24.37 29.80
C ILE A 703 -3.01 -25.27 29.41
N GLU A 704 -3.05 -25.73 28.16
CA GLU A 704 -3.99 -26.76 27.75
C GLU A 704 -3.72 -28.09 28.47
N GLN A 705 -2.47 -28.33 28.87
CA GLN A 705 -2.17 -29.48 29.72
C GLN A 705 -2.47 -29.19 31.18
N ARG A 706 -2.46 -27.92 31.59
CA ARG A 706 -2.72 -27.57 32.98
C ARG A 706 -4.20 -27.64 33.30
N LYS A 707 -4.53 -28.33 34.39
CA LYS A 707 -5.91 -28.55 34.78
C LYS A 707 -6.54 -27.25 35.28
N PRO A 708 -7.88 -27.10 35.16
CA PRO A 708 -9.00 -27.97 34.71
C PRO A 708 -9.06 -28.33 33.23
N CYS A 709 -8.15 -27.79 32.41
CA CYS A 709 -7.99 -28.10 30.99
C CYS A 709 -9.23 -27.80 30.17
N ASP A 710 -9.98 -26.77 30.55
CA ASP A 710 -11.15 -26.36 29.78
C ASP A 710 -10.82 -25.38 28.65
N THR A 711 -9.53 -25.13 28.41
CA THR A 711 -9.09 -24.30 27.29
C THR A 711 -8.29 -25.15 26.31
N MET A 712 -8.12 -24.62 25.09
CA MET A 712 -7.39 -25.35 24.06
C MET A 712 -6.71 -24.36 23.12
N LYS A 713 -5.96 -24.91 22.17
CA LYS A 713 -5.34 -24.15 21.11
C LYS A 713 -6.01 -24.45 19.78
N VAL A 714 -6.47 -23.41 19.09
CA VAL A 714 -7.07 -23.57 17.77
C VAL A 714 -6.23 -22.81 16.75
N GLY A 715 -6.24 -23.32 15.52
CA GLY A 715 -5.53 -22.69 14.43
C GLY A 715 -4.01 -22.73 14.52
N GLY A 716 -3.33 -22.02 13.63
CA GLY A 716 -1.89 -21.95 13.65
C GLY A 716 -1.40 -20.64 14.24
N ASN A 717 -0.08 -20.45 14.15
CA ASN A 717 0.53 -19.22 14.62
C ASN A 717 0.25 -18.08 13.65
N LEU A 718 0.04 -16.88 14.22
CA LEU A 718 -0.21 -15.71 13.39
C LEU A 718 1.07 -15.10 12.85
N ASP A 719 2.22 -15.44 13.42
CA ASP A 719 3.51 -14.99 12.92
C ASP A 719 4.56 -16.02 13.32
N SER A 720 5.81 -15.70 12.98
CA SER A 720 6.94 -16.59 13.25
C SER A 720 7.83 -15.95 14.30
N LYS A 721 7.79 -16.46 15.52
CA LYS A 721 8.64 -16.02 16.59
C LYS A 721 9.50 -17.18 17.06
N GLY A 722 10.73 -16.89 17.44
CA GLY A 722 11.65 -17.95 17.81
C GLY A 722 12.41 -17.68 19.09
N TYR A 723 12.41 -18.68 19.98
CA TYR A 723 13.27 -18.63 21.15
C TYR A 723 14.71 -18.92 20.75
N GLY A 724 15.63 -18.08 21.18
CA GLY A 724 17.03 -18.25 20.84
C GLY A 724 17.90 -18.13 22.07
N ILE A 725 18.93 -18.97 22.13
CA ILE A 725 19.89 -18.91 23.22
C ILE A 725 20.80 -17.71 23.00
N ALA A 726 20.84 -16.81 23.99
CA ALA A 726 21.51 -15.53 23.85
C ALA A 726 22.85 -15.55 24.59
N THR A 727 23.88 -15.02 23.95
CA THR A 727 25.19 -14.94 24.57
C THR A 727 25.68 -13.48 24.40
N PRO A 728 26.70 -13.22 23.59
CA PRO A 728 27.20 -11.87 23.36
C PRO A 728 27.53 -11.73 21.88
N LYS A 729 27.22 -10.58 21.29
CA LYS A 729 27.50 -10.36 19.88
C LYS A 729 28.98 -10.60 19.62
N GLY A 730 29.32 -11.81 19.17
CA GLY A 730 30.70 -12.17 18.90
C GLY A 730 31.35 -12.73 20.15
N SER A 731 30.67 -13.70 20.78
CA SER A 731 31.17 -14.32 22.00
C SER A 731 31.94 -15.60 21.72
N SER A 732 32.96 -15.86 22.55
CA SER A 732 33.77 -17.07 22.39
C SER A 732 32.86 -18.28 22.45
N LEU A 733 32.13 -18.41 23.56
CA LEU A 733 31.21 -19.53 23.74
C LEU A 733 30.05 -19.50 22.75
N GLY A 734 29.86 -18.40 22.03
CA GLY A 734 28.62 -18.19 21.29
C GLY A 734 28.47 -19.10 20.09
N THR A 735 29.56 -19.41 19.42
CA THR A 735 29.49 -20.28 18.24
C THR A 735 29.29 -21.77 18.58
N PRO A 736 29.98 -22.39 19.56
CA PRO A 736 29.66 -23.80 19.84
C PRO A 736 28.31 -23.99 20.51
N VAL A 737 27.81 -22.98 21.23
CA VAL A 737 26.43 -23.01 21.69
C VAL A 737 25.47 -22.96 20.49
N ASN A 738 25.80 -22.14 19.50
CA ASN A 738 24.97 -22.02 18.31
C ASN A 738 25.00 -23.30 17.48
N LEU A 739 26.15 -23.97 17.42
CA LEU A 739 26.22 -25.25 16.71
C LEU A 739 25.51 -26.35 17.49
N ALA A 740 25.44 -26.22 18.81
CA ALA A 740 24.71 -27.19 19.62
C ALA A 740 23.20 -27.08 19.41
N VAL A 741 22.71 -25.88 19.10
CA VAL A 741 21.32 -25.71 18.72
C VAL A 741 21.03 -26.42 17.41
N LEU A 742 21.96 -26.31 16.45
CA LEU A 742 21.81 -26.99 15.17
C LEU A 742 22.09 -28.48 15.25
N LYS A 743 22.58 -28.97 16.39
CA LYS A 743 22.84 -30.40 16.53
C LYS A 743 21.72 -31.08 17.31
N LEU A 744 21.31 -30.49 18.43
CA LEU A 744 20.30 -31.10 19.29
C LEU A 744 18.91 -31.05 18.67
N SER A 745 18.58 -29.96 17.95
CA SER A 745 17.30 -29.90 17.26
C SER A 745 17.30 -30.78 16.02
N GLU A 746 18.48 -31.08 15.47
CA GLU A 746 18.56 -31.93 14.29
C GLU A 746 18.29 -33.39 14.65
N GLN A 747 18.79 -33.84 15.78
CA GLN A 747 18.64 -35.22 16.23
C GLN A 747 17.26 -35.52 16.80
N GLY A 748 16.43 -34.52 16.99
CA GLY A 748 15.17 -34.72 17.68
C GLY A 748 15.29 -34.83 19.18
N VAL A 749 16.43 -34.44 19.74
CA VAL A 749 16.60 -34.43 21.20
C VAL A 749 15.74 -33.34 21.83
N LEU A 750 15.68 -32.17 21.19
CA LEU A 750 14.81 -31.11 21.69
C LEU A 750 13.34 -31.44 21.47
N ASP A 751 13.05 -32.25 20.45
CA ASP A 751 11.70 -32.77 20.28
C ASP A 751 11.35 -33.78 21.36
N LYS A 752 12.34 -34.57 21.78
CA LYS A 752 12.11 -35.49 22.89
C LYS A 752 11.93 -34.74 24.21
N LEU A 753 12.68 -33.65 24.40
CA LEU A 753 12.49 -32.81 25.57
C LEU A 753 11.20 -32.00 25.47
N LYS A 754 10.71 -31.77 24.25
CA LYS A 754 9.39 -31.17 24.07
C LYS A 754 8.30 -32.13 24.50
N ASN A 755 8.54 -33.44 24.33
CA ASN A 755 7.63 -34.44 24.87
C ASN A 755 7.73 -34.53 26.38
N LYS A 756 8.84 -34.07 26.96
CA LYS A 756 9.02 -34.17 28.40
C LYS A 756 8.21 -33.11 29.14
N TRP A 757 8.50 -31.84 28.90
CA TRP A 757 7.96 -30.78 29.73
C TRP A 757 6.59 -30.29 29.25
N TRP A 758 6.03 -30.90 28.22
CA TRP A 758 4.65 -30.63 27.83
C TRP A 758 3.77 -31.86 27.75
N TYR A 759 4.34 -33.06 27.74
CA TYR A 759 3.49 -34.24 27.63
C TYR A 759 3.82 -35.27 28.71
N ASP A 760 5.10 -35.43 29.03
CA ASP A 760 5.44 -36.21 30.21
C ASP A 760 5.20 -35.44 31.49
N LYS A 761 5.33 -34.11 31.44
CA LYS A 761 4.92 -33.23 32.52
C LYS A 761 3.54 -32.64 32.28
N GLY A 762 2.93 -32.89 31.13
CA GLY A 762 1.59 -32.42 30.88
C GLY A 762 0.58 -33.23 31.67
N GLU A 763 -0.28 -32.54 32.42
CA GLU A 763 -1.22 -33.22 33.30
C GLU A 763 -2.36 -33.86 32.50
N CYS A 764 -2.89 -33.13 31.52
CA CYS A 764 -3.99 -33.64 30.71
C CYS A 764 -3.45 -34.24 29.42
N GLY A 765 -2.45 -35.12 29.60
CA GLY A 765 -2.11 -36.08 28.56
C GLY A 765 -0.66 -36.08 28.10
N ALA A 766 -0.37 -37.05 27.26
CA ALA A 766 0.80 -37.08 26.40
C ALA A 766 0.41 -37.35 24.96
N LYS A 767 -0.66 -38.11 24.75
CA LYS A 767 -1.31 -38.26 23.46
C LYS A 767 -2.81 -38.00 23.56
N ASP A 768 -3.27 -37.47 24.68
CA ASP A 768 -4.71 -37.30 24.96
C ASP A 768 -5.29 -36.03 24.33
N SER A 769 -4.48 -35.25 23.59
CA SER A 769 -5.03 -34.06 22.94
C SER A 769 -5.91 -34.44 21.76
N GLY A 770 -5.65 -35.58 21.13
CA GLY A 770 -6.50 -36.12 20.09
C GLY A 770 -7.48 -37.16 20.55
N SER A 771 -7.70 -37.29 21.86
CA SER A 771 -8.57 -38.32 22.41
C SER A 771 -10.03 -37.89 22.48
N LYS A 772 -10.33 -36.61 22.26
CA LYS A 772 -11.70 -36.13 22.31
C LYS A 772 -12.41 -36.52 21.01
N GLU A 773 -13.74 -36.70 21.10
CA GLU A 773 -14.52 -37.05 19.92
C GLU A 773 -15.00 -35.78 19.22
N LYS A 774 -14.84 -35.75 17.90
CA LYS A 774 -15.08 -34.51 17.14
C LYS A 774 -16.55 -34.34 16.77
N THR A 775 -17.10 -35.27 15.98
CA THR A 775 -18.37 -35.08 15.29
C THR A 775 -19.35 -36.20 15.65
N SER A 776 -19.50 -36.47 16.95
CA SER A 776 -20.27 -37.62 17.39
C SER A 776 -21.78 -37.35 17.34
N ALA A 777 -22.56 -38.28 17.88
CA ALA A 777 -24.00 -38.35 17.72
C ALA A 777 -24.72 -37.84 18.98
N LEU A 778 -26.02 -38.09 19.04
CA LEU A 778 -26.87 -37.67 20.14
C LEU A 778 -26.45 -38.35 21.44
N SER A 779 -26.64 -37.64 22.56
CA SER A 779 -26.16 -38.11 23.85
C SER A 779 -27.26 -38.80 24.64
N LEU A 780 -26.86 -39.81 25.42
CA LEU A 780 -27.80 -40.51 26.29
C LEU A 780 -28.24 -39.65 27.46
N SER A 781 -27.42 -38.67 27.84
CA SER A 781 -27.75 -37.73 28.91
C SER A 781 -28.99 -36.91 28.60
N ASN A 782 -29.19 -36.54 27.32
CA ASN A 782 -30.42 -35.89 26.91
C ASN A 782 -31.62 -36.81 27.06
N VAL A 783 -31.39 -38.12 27.01
CA VAL A 783 -32.43 -39.13 27.15
C VAL A 783 -32.52 -39.59 28.61
N ALA A 784 -31.37 -39.53 29.36
CA ALA A 784 -31.30 -40.07 30.71
C ALA A 784 -32.20 -39.36 31.71
N GLY A 785 -32.64 -38.14 31.41
CA GLY A 785 -33.57 -37.46 32.31
C GLY A 785 -34.97 -38.00 32.24
N VAL A 786 -35.30 -38.73 31.17
CA VAL A 786 -36.63 -39.32 31.02
C VAL A 786 -36.67 -40.71 31.66
N PHE A 787 -35.52 -41.22 32.13
CA PHE A 787 -35.48 -42.56 32.72
C PHE A 787 -36.13 -42.56 34.11
N TYR A 788 -35.97 -41.47 34.86
CA TYR A 788 -36.49 -41.43 36.23
C TYR A 788 -38.01 -41.27 36.26
N ILE A 789 -38.59 -40.73 35.18
CA ILE A 789 -40.05 -40.75 35.06
C ILE A 789 -40.50 -42.03 34.35
N LEU A 790 -39.57 -42.77 33.73
CA LEU A 790 -39.89 -44.08 33.19
C LEU A 790 -39.87 -45.14 34.29
N VAL A 791 -38.76 -45.22 35.02
CA VAL A 791 -38.63 -46.21 36.09
C VAL A 791 -39.50 -45.82 37.28
N GLY A 792 -39.56 -44.53 37.60
CA GLY A 792 -40.44 -44.07 38.66
C GLY A 792 -41.91 -44.18 38.32
N GLY A 793 -42.24 -44.13 37.03
CA GLY A 793 -43.59 -44.42 36.61
C GLY A 793 -43.95 -45.89 36.73
N LEU A 794 -42.96 -46.77 36.59
CA LEU A 794 -43.19 -48.19 36.79
C LEU A 794 -43.30 -48.52 38.27
N GLY A 795 -42.44 -47.93 39.10
CA GLY A 795 -42.47 -48.20 40.52
C GLY A 795 -43.69 -47.64 41.22
N LEU A 796 -44.24 -46.53 40.70
CA LEU A 796 -45.51 -46.03 41.21
C LEU A 796 -46.66 -46.91 40.75
N ALA A 797 -46.53 -47.55 39.59
CA ALA A 797 -47.56 -48.47 39.11
C ALA A 797 -47.56 -49.78 39.88
N MET A 798 -46.44 -50.15 40.50
CA MET A 798 -46.40 -51.36 41.30
C MET A 798 -47.15 -51.20 42.62
N LEU A 799 -47.32 -49.97 43.10
CA LEU A 799 -48.09 -49.75 44.32
C LEU A 799 -49.59 -49.87 44.05
N VAL A 800 -50.03 -49.46 42.85
CA VAL A 800 -51.45 -49.49 42.52
C VAL A 800 -51.93 -50.92 42.31
N ALA A 801 -51.09 -51.75 41.68
CA ALA A 801 -51.48 -53.14 41.40
C ALA A 801 -51.53 -53.98 42.67
N LEU A 802 -50.77 -53.59 43.70
CA LEU A 802 -50.79 -54.33 44.96
C LEU A 802 -51.98 -53.93 45.84
N ILE A 803 -52.39 -52.66 45.80
CA ILE A 803 -53.50 -52.26 46.66
C ILE A 803 -54.85 -52.64 46.05
N GLU A 804 -54.97 -52.66 44.72
CA GLU A 804 -56.23 -53.01 44.08
C GLU A 804 -56.56 -54.49 44.18
N PHE A 805 -55.54 -55.33 44.43
CA PHE A 805 -55.83 -56.72 44.79
C PHE A 805 -56.44 -56.83 46.18
N CYS A 806 -56.22 -55.84 47.05
CA CYS A 806 -56.90 -55.75 48.33
C CYS A 806 -58.23 -55.02 48.26
N TYR A 807 -58.41 -54.10 47.31
CA TYR A 807 -59.71 -53.47 47.13
C TYR A 807 -60.73 -54.41 46.48
N LYS A 808 -60.28 -55.51 45.90
CA LYS A 808 -61.18 -56.54 45.40
C LYS A 808 -61.53 -57.56 46.48
N SER A 809 -61.42 -57.16 47.74
CA SER A 809 -62.46 -57.58 48.68
C SER A 809 -63.76 -56.78 48.55
N ARG A 810 -63.70 -55.51 48.15
CA ARG A 810 -64.93 -54.75 47.88
C ARG A 810 -65.41 -54.96 46.45
N ALA A 811 -64.53 -54.78 45.47
CA ALA A 811 -64.89 -54.95 44.07
C ALA A 811 -64.43 -56.32 43.56
N LYS A 821 -79.32 -41.14 50.84
CA LYS A 821 -79.25 -40.04 49.90
C LYS A 821 -78.02 -39.18 50.13
N THR A 822 -77.09 -39.68 50.95
CA THR A 822 -75.87 -38.95 51.26
C THR A 822 -74.81 -39.09 50.17
N SER A 823 -75.06 -39.89 49.14
CA SER A 823 -74.09 -40.05 48.05
C SER A 823 -74.27 -38.96 47.00
N ARG A 824 -75.47 -38.83 46.44
CA ARG A 824 -75.71 -37.84 45.40
C ARG A 824 -75.88 -36.43 45.92
N ARG A 825 -76.14 -36.26 47.23
CA ARG A 825 -76.27 -34.94 47.82
C ARG A 825 -75.00 -34.48 48.51
N GLY A 826 -74.33 -35.39 49.23
CA GLY A 826 -73.08 -35.06 49.91
C GLY A 826 -71.93 -34.75 48.98
N ARG A 827 -71.98 -35.26 47.74
CA ARG A 827 -70.99 -34.88 46.74
C ARG A 827 -71.42 -33.64 45.97
N ALA A 828 -72.72 -33.40 45.84
CA ALA A 828 -73.19 -32.20 45.15
C ALA A 828 -73.01 -30.95 46.00
N LEU A 829 -73.08 -31.08 47.33
CA LEU A 829 -72.78 -29.94 48.20
C LEU A 829 -71.29 -29.65 48.23
N LEU A 830 -70.46 -30.64 47.94
CA LEU A 830 -69.03 -30.39 47.75
C LEU A 830 -68.77 -29.60 46.46
N ALA A 831 -69.60 -29.82 45.44
CA ALA A 831 -69.49 -29.05 44.20
C ALA A 831 -69.86 -27.59 44.43
N VAL A 832 -70.77 -27.32 45.37
CA VAL A 832 -71.02 -25.94 45.76
C VAL A 832 -69.84 -25.41 46.58
N ALA A 833 -69.26 -26.27 47.43
CA ALA A 833 -68.17 -25.86 48.31
C ALA A 833 -66.88 -25.62 47.54
N LEU A 834 -66.64 -26.37 46.47
CA LEU A 834 -65.44 -26.13 45.66
C LEU A 834 -65.61 -24.90 44.77
N ASN A 835 -66.85 -24.58 44.38
CA ASN A 835 -67.09 -23.35 43.64
C ASN A 835 -66.85 -22.12 44.51
N LEU A 836 -67.06 -22.25 45.81
CA LEU A 836 -66.76 -21.15 46.73
C LEU A 836 -65.27 -20.84 46.78
N LEU A 837 -64.43 -21.87 46.80
CA LEU A 837 -62.99 -21.67 46.71
C LEU A 837 -62.60 -21.18 45.33
N ALA A 838 -63.35 -21.56 44.31
CA ALA A 838 -63.12 -21.06 42.96
C ALA A 838 -63.41 -19.57 42.84
N LEU A 839 -64.32 -19.06 43.68
CA LEU A 839 -64.60 -17.63 43.69
C LEU A 839 -63.55 -16.88 44.51
N LEU A 840 -63.03 -17.51 45.56
CA LEU A 840 -62.08 -16.83 46.45
C LEU A 840 -60.72 -16.63 45.80
N PHE A 841 -60.20 -17.66 45.12
CA PHE A 841 -58.92 -17.51 44.43
C PHE A 841 -59.06 -16.75 43.12
N ALA A 842 -60.29 -16.54 42.63
CA ALA A 842 -60.51 -15.60 41.54
C ALA A 842 -60.22 -14.18 41.97
N THR A 843 -60.61 -13.83 43.21
CA THR A 843 -60.36 -12.50 43.74
C THR A 843 -58.97 -12.36 44.35
N THR A 844 -58.21 -13.46 44.43
CA THR A 844 -56.86 -13.39 44.97
C THR A 844 -55.90 -12.79 43.95
N ALA A 845 -56.02 -13.19 42.69
CA ALA A 845 -55.27 -12.56 41.60
C ALA A 845 -55.95 -11.30 41.08
N PHE A 846 -57.07 -10.90 41.68
CA PHE A 846 -57.68 -9.61 41.36
C PHE A 846 -56.82 -8.46 41.86
N LEU A 847 -56.13 -8.66 42.99
CA LEU A 847 -55.01 -7.82 43.41
C LEU A 847 -53.86 -8.76 43.82
N THR A 848 -52.95 -9.01 42.89
CA THR A 848 -51.73 -9.72 43.23
C THR A 848 -50.83 -8.80 44.05
N THR A 849 -50.28 -9.33 45.15
CA THR A 849 -49.45 -8.52 46.04
C THR A 849 -48.15 -8.11 45.37
N TYR A 850 -47.55 -9.01 44.57
CA TYR A 850 -46.57 -8.64 43.56
C TYR A 850 -46.53 -9.73 42.50
N TRP A 851 -46.79 -9.35 41.24
CA TRP A 851 -46.73 -10.29 40.14
C TRP A 851 -45.29 -10.71 39.87
N CYS A 852 -44.34 -9.78 39.98
CA CYS A 852 -42.94 -10.10 39.79
C CYS A 852 -42.06 -9.28 40.70
N GLN A 853 -40.97 -9.91 41.16
CA GLN A 853 -39.88 -9.21 41.81
C GLN A 853 -39.09 -8.48 40.73
N GLY A 854 -39.52 -7.26 40.40
CA GLY A 854 -38.88 -6.51 39.34
C GLY A 854 -37.51 -6.01 39.77
N THR A 855 -36.46 -6.59 39.21
CA THR A 855 -35.11 -6.31 39.69
C THR A 855 -34.29 -5.64 38.59
N GLN A 856 -33.80 -4.45 38.90
CA GLN A 856 -32.84 -3.70 38.11
C GLN A 856 -31.61 -3.42 38.96
N ARG A 857 -31.09 -4.49 39.57
CA ARG A 857 -30.02 -4.40 40.56
C ARG A 857 -28.71 -4.01 39.90
N VAL A 858 -28.53 -2.71 39.65
CA VAL A 858 -27.26 -2.23 39.10
C VAL A 858 -26.25 -2.10 40.24
N PRO A 859 -25.14 -2.88 40.22
CA PRO A 859 -24.18 -2.85 41.33
C PRO A 859 -23.35 -1.58 41.37
N PHE A 905 -25.18 2.56 39.32
CA PHE A 905 -26.35 2.99 40.10
C PHE A 905 -26.47 2.18 41.39
N GLN A 906 -27.69 1.85 41.76
CA GLN A 906 -27.95 1.16 43.01
C GLN A 906 -28.93 0.03 42.76
N LEU A 907 -29.32 -0.66 43.83
CA LEU A 907 -30.24 -1.78 43.73
C LEU A 907 -31.67 -1.27 43.52
N ARG A 908 -32.40 -1.97 42.66
CA ARG A 908 -33.80 -1.67 42.41
C ARG A 908 -34.60 -2.96 42.53
N ARG A 909 -35.60 -2.96 43.41
CA ARG A 909 -36.42 -4.13 43.70
C ARG A 909 -37.89 -3.75 43.59
N PHE A 910 -38.41 -3.77 42.37
CA PHE A 910 -39.83 -3.53 42.13
C PHE A 910 -40.63 -4.75 42.57
N HIS A 911 -41.74 -4.49 43.26
CA HIS A 911 -42.70 -5.54 43.61
C HIS A 911 -44.02 -5.14 42.95
N THR A 912 -44.13 -5.45 41.67
CA THR A 912 -45.23 -4.96 40.85
C THR A 912 -46.37 -5.97 40.90
N GLY A 913 -47.58 -5.49 41.21
CA GLY A 913 -48.75 -6.35 41.23
C GLY A 913 -49.24 -6.69 39.84
N ILE A 914 -50.42 -7.32 39.79
CA ILE A 914 -51.02 -7.65 38.50
C ILE A 914 -51.56 -6.39 37.82
N TRP A 915 -52.04 -5.43 38.61
CA TRP A 915 -52.51 -4.15 38.10
C TRP A 915 -51.74 -2.99 38.69
N TYR A 916 -51.50 -2.98 40.00
CA TYR A 916 -50.77 -1.91 40.66
C TYR A 916 -49.29 -2.26 40.71
N SER A 917 -48.49 -1.62 39.86
CA SER A 917 -47.04 -1.80 39.85
C SER A 917 -46.47 -1.06 41.05
N CYS A 918 -46.47 -1.73 42.20
CA CYS A 918 -45.87 -1.16 43.39
C CYS A 918 -44.35 -1.24 43.28
N GLU A 919 -43.66 -0.37 44.02
CA GLU A 919 -42.21 -0.34 43.94
C GLU A 919 -41.60 -0.19 45.32
N GLU A 920 -40.52 -0.93 45.56
CA GLU A 920 -39.90 -0.99 46.88
C GLU A 920 -38.39 -1.11 46.77
N GLY A 926 -38.99 3.31 52.16
CA GLY A 926 -38.72 2.17 51.31
C GLY A 926 -39.93 1.66 50.57
N GLU A 927 -41.05 1.58 51.27
CA GLU A 927 -42.29 1.09 50.67
C GLU A 927 -42.96 2.20 49.87
N LYS A 928 -43.51 1.83 48.71
CA LYS A 928 -44.25 2.74 47.86
C LYS A 928 -45.12 1.87 46.96
N CYS A 929 -46.19 2.46 46.41
CA CYS A 929 -46.93 1.75 45.38
C CYS A 929 -47.55 2.72 44.39
N ARG A 930 -47.55 2.31 43.12
CA ARG A 930 -48.15 3.03 42.02
C ARG A 930 -48.98 2.06 41.18
N SER A 931 -49.75 2.59 40.24
CA SER A 931 -50.58 1.74 39.38
C SER A 931 -49.76 1.20 38.21
N PHE A 932 -49.33 2.11 37.31
CA PHE A 932 -48.70 1.78 36.02
C PHE A 932 -49.52 0.76 35.24
N ILE A 933 -50.80 1.06 35.03
CA ILE A 933 -51.70 0.16 34.32
C ILE A 933 -51.82 0.66 32.88
N ASP A 934 -52.28 -0.24 31.99
CA ASP A 934 -52.60 0.03 30.58
C ASP A 934 -51.38 0.54 29.82
N LEU A 935 -50.40 -0.36 29.68
CA LEU A 935 -49.16 -0.03 29.00
C LEU A 935 -49.38 -0.02 27.48
N ALA A 936 -48.33 0.38 26.77
CA ALA A 936 -48.31 0.43 25.31
C ALA A 936 -48.15 -0.99 24.75
N PRO A 937 -48.39 -1.20 23.43
CA PRO A 937 -48.99 -0.44 22.31
C PRO A 937 -50.50 -0.62 22.15
N ALA A 938 -51.07 0.07 21.15
CA ALA A 938 -52.52 0.19 21.03
C ALA A 938 -53.17 -1.11 20.57
N SER A 939 -52.49 -1.89 19.73
CA SER A 939 -53.01 -3.21 19.38
C SER A 939 -52.93 -4.17 20.55
N GLU A 940 -51.91 -3.99 21.40
CA GLU A 940 -51.85 -4.70 22.66
C GLU A 940 -52.84 -4.12 23.67
N LYS A 941 -53.16 -2.83 23.55
CA LYS A 941 -54.24 -2.26 24.35
C LYS A 941 -55.59 -2.84 23.94
N GLY A 942 -55.77 -3.09 22.65
CA GLY A 942 -56.94 -3.83 22.17
C GLY A 942 -57.02 -5.23 22.72
N VAL A 943 -55.88 -5.85 23.02
CA VAL A 943 -55.86 -7.08 23.79
C VAL A 943 -56.23 -6.79 25.25
N LEU A 944 -55.72 -5.68 25.79
CA LEU A 944 -56.00 -5.31 27.19
C LEU A 944 -57.45 -4.90 27.41
N TRP A 945 -58.05 -4.18 26.45
CA TRP A 945 -59.48 -3.90 26.54
C TRP A 945 -60.32 -5.16 26.32
N LEU A 946 -59.73 -6.18 25.69
CA LEU A 946 -60.36 -7.49 25.61
C LEU A 946 -59.99 -8.37 26.79
N SER A 947 -58.87 -8.08 27.45
CA SER A 947 -58.45 -8.89 28.60
C SER A 947 -59.36 -8.66 29.80
N VAL A 948 -59.81 -7.42 30.00
CA VAL A 948 -60.73 -7.11 31.09
C VAL A 948 -62.10 -7.76 30.83
N VAL A 949 -62.47 -7.90 29.56
CA VAL A 949 -63.66 -8.66 29.19
C VAL A 949 -63.49 -10.13 29.58
N SER A 950 -62.29 -10.68 29.38
CA SER A 950 -62.03 -12.06 29.74
C SER A 950 -61.92 -12.28 31.25
N GLU A 951 -61.47 -11.28 32.00
CA GLU A 951 -61.32 -11.44 33.44
C GLU A 951 -62.67 -11.42 34.15
N VAL A 952 -63.56 -10.54 33.73
CA VAL A 952 -64.81 -10.33 34.46
C VAL A 952 -65.84 -11.39 34.09
N LEU A 953 -65.86 -11.82 32.82
CA LEU A 953 -66.78 -12.89 32.40
C LEU A 953 -66.46 -14.24 33.03
N TYR A 954 -65.24 -14.42 33.55
CA TYR A 954 -64.98 -15.54 34.45
C TYR A 954 -65.81 -15.41 35.72
N ILE A 955 -65.71 -14.26 36.39
CA ILE A 955 -66.33 -14.10 37.71
C ILE A 955 -67.84 -13.92 37.58
N LEU A 956 -68.31 -13.28 36.50
CA LEU A 956 -69.76 -13.11 36.31
C LEU A 956 -70.45 -14.45 36.07
N LEU A 957 -69.83 -15.32 35.29
CA LEU A 957 -70.41 -16.64 35.05
C LEU A 957 -70.13 -17.62 36.19
N LEU A 958 -69.30 -17.24 37.16
CA LEU A 958 -69.28 -17.97 38.42
C LEU A 958 -70.57 -17.74 39.21
N VAL A 959 -71.02 -16.49 39.27
CA VAL A 959 -72.21 -16.11 40.02
C VAL A 959 -73.46 -16.75 39.43
N VAL A 960 -73.48 -16.92 38.11
CA VAL A 960 -74.55 -17.67 37.45
C VAL A 960 -74.52 -19.14 37.90
N GLY A 961 -73.32 -19.67 38.10
CA GLY A 961 -73.20 -21.02 38.64
C GLY A 961 -73.62 -21.15 40.08
N PHE A 962 -73.47 -20.08 40.88
CA PHE A 962 -73.91 -20.14 42.27
C PHE A 962 -75.43 -20.06 42.38
N SER A 963 -76.06 -19.27 41.50
CA SER A 963 -77.48 -18.96 41.65
C SER A 963 -78.36 -20.19 41.39
N LEU A 964 -77.99 -21.00 40.40
CA LEU A 964 -78.74 -22.23 40.16
C LEU A 964 -78.42 -23.30 41.19
N MET A 965 -77.23 -23.25 41.78
CA MET A 965 -76.91 -24.17 42.87
C MET A 965 -77.50 -23.72 44.21
N CYS A 966 -77.89 -22.45 44.33
CA CYS A 966 -78.71 -22.04 45.46
C CYS A 966 -80.16 -22.45 45.29
N LEU A 967 -80.61 -22.69 44.05
CA LEU A 967 -81.93 -23.26 43.84
C LEU A 967 -81.94 -24.75 44.19
N GLU A 968 -80.78 -25.40 44.09
CA GLU A 968 -80.65 -26.79 44.53
C GLU A 968 -80.81 -26.91 46.04
N LEU A 969 -80.42 -25.87 46.78
CA LEU A 969 -80.67 -25.83 48.22
C LEU A 969 -82.15 -25.71 48.54
N LEU A 970 -82.92 -25.10 47.65
CA LEU A 970 -84.38 -25.09 47.80
C LEU A 970 -84.96 -26.47 47.52
N HIS A 971 -84.38 -27.20 46.57
CA HIS A 971 -84.76 -28.60 46.37
C HIS A 971 -84.33 -29.47 47.54
N SER A 972 -83.22 -29.13 48.19
CA SER A 972 -82.75 -29.85 49.36
C SER A 972 -83.43 -29.40 50.65
N SER A 973 -84.29 -28.40 50.59
CA SER A 973 -85.01 -27.92 51.76
C SER A 973 -86.28 -28.72 52.00
N ASP A 977 -88.05 -29.17 38.37
CA ASP A 977 -86.83 -29.47 37.61
C ASP A 977 -85.86 -30.31 38.44
N GLY A 978 -84.92 -29.65 39.10
CA GLY A 978 -83.94 -30.34 39.91
C GLY A 978 -82.60 -30.50 39.22
N LEU A 979 -82.33 -31.70 38.71
CA LEU A 979 -81.08 -31.96 38.01
C LEU A 979 -81.05 -31.36 36.61
N LYS A 980 -82.20 -30.96 36.07
CA LYS A 980 -82.23 -30.29 34.78
C LYS A 980 -81.62 -28.90 34.87
N LEU A 981 -81.92 -28.17 35.94
CA LEU A 981 -81.28 -26.87 36.15
C LEU A 981 -79.87 -27.02 36.71
N ASN A 982 -79.58 -28.14 37.38
CA ASN A 982 -78.22 -28.39 37.85
C ASN A 982 -77.28 -28.73 36.70
N ALA A 983 -77.80 -29.41 35.68
CA ALA A 983 -77.02 -29.60 34.46
C ALA A 983 -76.88 -28.30 33.68
N PHE A 984 -77.85 -27.39 33.83
CA PHE A 984 -77.73 -26.07 33.22
C PHE A 984 -76.70 -25.21 33.94
N ALA A 985 -76.50 -25.45 35.24
CA ALA A 985 -75.47 -24.72 35.97
C ALA A 985 -74.07 -25.22 35.64
N ALA A 986 -73.93 -26.52 35.34
CA ALA A 986 -72.64 -27.06 34.97
C ALA A 986 -72.20 -26.61 33.57
N VAL A 987 -73.12 -26.07 32.77
CA VAL A 987 -72.74 -25.44 31.51
C VAL A 987 -71.96 -24.17 31.76
N PHE A 988 -72.48 -23.29 32.62
CA PHE A 988 -71.90 -21.96 32.79
C PHE A 988 -70.68 -21.98 33.70
N THR A 989 -70.54 -22.98 34.58
CA THR A 989 -69.31 -23.09 35.36
C THR A 989 -68.14 -23.51 34.49
N VAL A 990 -68.41 -24.27 33.42
CA VAL A 990 -67.37 -24.56 32.44
C VAL A 990 -67.13 -23.35 31.55
N LEU A 991 -68.21 -22.68 31.11
CA LEU A 991 -68.08 -21.48 30.29
C LEU A 991 -67.52 -20.29 31.08
N SER A 992 -67.55 -20.34 32.41
CA SER A 992 -66.80 -19.37 33.19
C SER A 992 -65.30 -19.60 33.04
N GLY A 993 -64.85 -20.82 33.31
CA GLY A 993 -63.42 -21.08 33.36
C GLY A 993 -62.75 -21.13 32.01
N LEU A 994 -63.51 -21.42 30.94
CA LEU A 994 -62.93 -21.37 29.61
C LEU A 994 -62.66 -19.93 29.19
N LEU A 995 -63.51 -19.00 29.60
CA LEU A 995 -63.19 -17.59 29.46
C LEU A 995 -62.12 -17.16 30.45
N GLY A 996 -61.98 -17.86 31.58
CA GLY A 996 -60.85 -17.63 32.45
C GLY A 996 -59.58 -18.26 31.92
N MET A 997 -59.69 -19.40 31.22
CA MET A 997 -58.55 -19.95 30.51
C MET A 997 -58.14 -19.09 29.33
N VAL A 998 -59.07 -18.29 28.79
CA VAL A 998 -58.66 -17.18 27.95
C VAL A 998 -57.93 -16.15 28.81
N ALA A 999 -58.53 -15.77 29.95
CA ALA A 999 -58.05 -14.66 30.77
C ALA A 999 -56.69 -14.95 31.41
N HIS A 1000 -56.43 -16.20 31.82
CA HIS A 1000 -55.09 -16.53 32.30
C HIS A 1000 -54.06 -16.51 31.19
N MET A 1001 -54.50 -16.70 29.95
CA MET A 1001 -53.60 -16.61 28.81
C MET A 1001 -53.65 -15.24 28.12
N MET A 1002 -54.61 -14.38 28.49
CA MET A 1002 -54.53 -12.99 28.03
C MET A 1002 -53.37 -12.26 28.69
N TYR A 1003 -53.33 -12.27 30.02
CA TYR A 1003 -52.42 -11.42 30.78
C TYR A 1003 -50.97 -11.89 30.69
N THR A 1004 -50.74 -13.21 30.76
CA THR A 1004 -49.37 -13.72 30.69
C THR A 1004 -48.76 -13.58 29.31
N GLN A 1005 -49.58 -13.67 28.26
CA GLN A 1005 -49.11 -13.34 26.92
C GLN A 1005 -48.89 -11.84 26.79
N VAL A 1006 -49.78 -11.04 27.39
CA VAL A 1006 -49.54 -9.60 27.54
C VAL A 1006 -48.27 -9.35 28.33
N PHE A 1007 -48.06 -10.11 29.41
CA PHE A 1007 -46.87 -9.89 30.21
C PHE A 1007 -45.61 -10.39 29.52
N GLN A 1008 -45.75 -11.33 28.58
CA GLN A 1008 -44.63 -11.67 27.71
C GLN A 1008 -44.36 -10.55 26.71
N VAL A 1009 -45.42 -9.89 26.23
CA VAL A 1009 -45.27 -8.80 25.29
C VAL A 1009 -44.66 -7.58 25.95
N THR A 1010 -45.07 -7.26 27.18
CA THR A 1010 -44.53 -6.09 27.87
C THR A 1010 -43.06 -6.27 28.24
N VAL A 1011 -42.61 -7.52 28.47
CA VAL A 1011 -41.19 -7.76 28.62
C VAL A 1011 -40.47 -7.57 27.28
N SER A 1012 -41.13 -7.91 26.18
CA SER A 1012 -40.57 -7.63 24.85
C SER A 1012 -40.58 -6.14 24.52
N LEU A 1013 -41.39 -5.34 25.22
CA LEU A 1013 -41.19 -3.90 25.19
C LEU A 1013 -39.97 -3.46 25.98
N GLY A 1014 -39.45 -4.30 26.88
CA GLY A 1014 -38.43 -3.84 27.79
C GLY A 1014 -39.05 -2.93 28.81
N PRO A 1015 -39.81 -3.53 29.81
CA PRO A 1015 -40.77 -2.79 30.65
C PRO A 1015 -40.26 -1.50 31.28
N GLU A 1016 -40.93 -0.39 30.91
CA GLU A 1016 -40.43 0.98 30.77
C GLU A 1016 -39.38 1.41 31.79
N ASP A 1017 -39.64 1.13 33.07
CA ASP A 1017 -38.64 1.38 34.11
C ASP A 1017 -38.56 0.28 35.16
N TRP A 1018 -39.29 -0.83 34.99
CA TRP A 1018 -39.49 -1.81 36.04
C TRP A 1018 -39.13 -3.21 35.59
N ARG A 1019 -38.11 -3.34 34.72
CA ARG A 1019 -37.85 -4.64 34.07
C ARG A 1019 -37.25 -5.63 35.08
N PRO A 1020 -37.77 -6.86 35.11
CA PRO A 1020 -37.25 -7.85 36.06
C PRO A 1020 -36.13 -8.72 35.50
N HIS A 1021 -35.04 -8.78 36.26
CA HIS A 1021 -34.06 -9.85 36.12
C HIS A 1021 -34.42 -11.06 36.97
N SER A 1022 -35.36 -10.90 37.90
CA SER A 1022 -35.94 -11.96 38.72
C SER A 1022 -37.32 -12.34 38.22
N TRP A 1023 -37.45 -12.45 36.90
CA TRP A 1023 -38.71 -12.55 36.18
C TRP A 1023 -39.45 -13.84 36.54
N ASP A 1024 -40.40 -13.73 37.47
CA ASP A 1024 -41.00 -14.87 38.14
C ASP A 1024 -42.42 -14.50 38.55
N TYR A 1025 -43.39 -15.33 38.14
CA TYR A 1025 -44.80 -14.99 38.30
C TYR A 1025 -45.22 -14.95 39.77
N GLY A 1026 -46.35 -14.28 40.03
CA GLY A 1026 -46.75 -13.93 41.38
C GLY A 1026 -47.25 -15.14 42.16
N TRP A 1027 -47.36 -14.95 43.47
CA TRP A 1027 -47.83 -16.00 44.36
C TRP A 1027 -49.31 -16.27 44.19
N SER A 1028 -50.09 -15.23 43.90
CA SER A 1028 -51.52 -15.39 43.70
C SER A 1028 -51.86 -16.05 42.37
N PHE A 1029 -50.96 -15.99 41.39
CA PHE A 1029 -51.20 -16.63 40.12
C PHE A 1029 -51.07 -18.14 40.20
N CYS A 1030 -50.21 -18.64 41.09
CA CYS A 1030 -50.26 -20.05 41.45
C CYS A 1030 -51.51 -20.36 42.25
N LEU A 1031 -52.00 -19.40 43.03
CA LEU A 1031 -53.27 -19.57 43.73
C LEU A 1031 -54.44 -19.47 42.76
N ALA A 1032 -54.30 -18.66 41.71
CA ALA A 1032 -55.34 -18.55 40.70
C ALA A 1032 -55.40 -19.77 39.79
N TRP A 1033 -54.34 -20.59 39.77
CA TRP A 1033 -54.41 -21.89 39.14
C TRP A 1033 -55.39 -22.80 39.86
N GLY A 1034 -55.45 -22.70 41.19
CA GLY A 1034 -56.39 -23.45 41.98
C GLY A 1034 -57.83 -23.01 41.81
N SER A 1035 -58.05 -21.80 41.29
CA SER A 1035 -59.41 -21.32 41.07
C SER A 1035 -60.09 -22.07 39.93
N PHE A 1036 -59.39 -22.32 38.83
CA PHE A 1036 -59.99 -23.01 37.70
C PHE A 1036 -60.21 -24.49 37.99
N THR A 1037 -59.27 -25.13 38.70
CA THR A 1037 -59.43 -26.56 38.96
C THR A 1037 -60.49 -26.84 40.01
N CYS A 1038 -60.90 -25.82 40.77
CA CYS A 1038 -62.07 -25.96 41.63
C CYS A 1038 -63.37 -25.65 40.88
N CYS A 1039 -63.28 -24.95 39.75
CA CYS A 1039 -64.44 -24.84 38.87
C CYS A 1039 -64.76 -26.17 38.22
N MET A 1040 -63.75 -27.01 38.00
CA MET A 1040 -63.93 -28.25 37.25
C MET A 1040 -64.01 -29.48 38.14
N ALA A 1041 -63.39 -29.46 39.33
CA ALA A 1041 -63.65 -30.53 40.29
C ALA A 1041 -65.07 -30.44 40.84
N ALA A 1042 -65.66 -29.25 40.81
CA ALA A 1042 -67.09 -29.11 41.03
C ALA A 1042 -67.90 -29.67 39.87
N SER A 1043 -67.30 -29.71 38.67
CA SER A 1043 -68.03 -30.13 37.48
C SER A 1043 -68.00 -31.64 37.28
N VAL A 1044 -66.96 -32.31 37.78
CA VAL A 1044 -66.86 -33.76 37.58
C VAL A 1044 -67.77 -34.52 38.54
N THR A 1045 -68.28 -33.87 39.59
CA THR A 1045 -69.13 -34.55 40.55
C THR A 1045 -70.59 -34.08 40.51
N THR A 1046 -70.88 -32.93 39.90
CA THR A 1046 -72.25 -32.52 39.72
C THR A 1046 -72.95 -33.26 38.59
N LEU A 1047 -72.19 -33.91 37.71
CA LEU A 1047 -72.74 -34.84 36.74
C LEU A 1047 -72.71 -36.28 37.24
N ASN A 1048 -72.04 -36.53 38.38
CA ASN A 1048 -72.13 -37.84 39.00
C ASN A 1048 -73.51 -38.05 39.61
N SER A 1049 -74.12 -36.98 40.12
CA SER A 1049 -75.50 -37.03 40.57
C SER A 1049 -76.50 -37.03 39.42
N TYR A 1050 -76.05 -36.67 38.21
CA TYR A 1050 -76.87 -36.73 37.01
C TYR A 1050 -77.09 -38.16 36.53
N THR A 1051 -76.27 -39.11 37.00
CA THR A 1051 -76.44 -40.52 36.64
C THR A 1051 -77.75 -41.09 37.17
N LYS A 1052 -78.19 -40.65 38.34
CA LYS A 1052 -79.40 -41.16 38.95
C LYS A 1052 -80.61 -40.36 38.49
N ASN B 1 41.86 69.04 21.38
CA ASN B 1 42.83 68.22 22.09
C ASN B 1 43.26 67.02 21.25
N SER B 2 44.56 66.88 21.05
CA SER B 2 45.09 65.71 20.37
C SER B 2 45.06 64.52 21.34
N ILE B 3 43.95 63.79 21.34
CA ILE B 3 43.73 62.70 22.28
C ILE B 3 44.37 61.44 21.71
N GLN B 4 45.38 60.94 22.40
CA GLN B 4 46.05 59.71 21.98
C GLN B 4 45.15 58.51 22.21
N ILE B 5 44.87 57.76 21.15
CA ILE B 5 44.08 56.55 21.22
C ILE B 5 44.91 55.41 20.65
N GLY B 6 44.33 54.21 20.69
CA GLY B 6 45.02 53.05 20.16
C GLY B 6 44.75 52.82 18.69
N GLY B 7 45.66 52.11 18.05
CA GLY B 7 45.56 51.81 16.64
C GLY B 7 45.95 50.41 16.26
N LEU B 8 45.73 49.45 17.17
CA LEU B 8 45.97 48.05 16.84
C LEU B 8 44.98 47.57 15.79
N PHE B 9 45.48 46.82 14.81
CA PHE B 9 44.64 46.21 13.79
C PHE B 9 45.34 44.93 13.36
N PRO B 10 44.62 43.83 13.23
CA PRO B 10 45.18 42.65 12.57
C PRO B 10 45.43 42.93 11.10
N ARG B 11 46.44 42.26 10.57
CA ARG B 11 46.86 42.49 9.19
C ARG B 11 45.88 41.80 8.24
N GLY B 12 45.45 42.52 7.21
CA GLY B 12 44.39 42.08 6.34
C GLY B 12 43.02 42.65 6.66
N ALA B 13 42.91 43.46 7.71
CA ALA B 13 41.66 44.10 8.10
C ALA B 13 41.60 45.55 7.65
N ASP B 14 42.12 45.85 6.47
CA ASP B 14 42.24 47.23 6.01
C ASP B 14 40.90 47.84 5.59
N GLN B 15 39.91 47.02 5.24
CA GLN B 15 38.56 47.55 5.00
C GLN B 15 37.97 48.08 6.30
N GLU B 16 38.20 47.38 7.40
CA GLU B 16 37.86 47.92 8.71
C GLU B 16 38.72 49.13 9.05
N TYR B 17 39.98 49.12 8.63
CA TYR B 17 40.81 50.31 8.79
C TYR B 17 40.37 51.43 7.85
N SER B 18 39.75 51.08 6.71
CA SER B 18 39.18 52.10 5.84
C SER B 18 38.00 52.79 6.50
N ALA B 19 37.07 52.01 7.06
CA ALA B 19 35.94 52.60 7.77
C ALA B 19 36.36 53.20 9.10
N PHE B 20 37.52 52.79 9.63
CA PHE B 20 38.11 53.49 10.76
C PHE B 20 38.50 54.92 10.39
N ARG B 21 39.04 55.11 9.18
CA ARG B 21 39.43 56.43 8.74
C ARG B 21 38.23 57.28 8.35
N VAL B 22 37.15 56.65 7.89
CA VAL B 22 35.91 57.37 7.60
C VAL B 22 35.33 57.95 8.89
N GLY B 23 35.40 57.18 9.98
CA GLY B 23 35.08 57.73 11.28
C GLY B 23 36.04 58.81 11.73
N MET B 24 37.31 58.70 11.32
CA MET B 24 38.27 59.76 11.61
C MET B 24 38.05 60.99 10.74
N VAL B 25 37.29 60.86 9.64
CA VAL B 25 36.89 62.02 8.87
C VAL B 25 35.59 62.61 9.42
N GLN B 26 34.60 61.76 9.65
CA GLN B 26 33.27 62.25 10.02
C GLN B 26 33.22 62.70 11.48
N PHE B 27 33.81 61.92 12.39
CA PHE B 27 33.65 62.16 13.82
C PHE B 27 34.86 62.83 14.45
N SER B 28 35.69 63.50 13.67
CA SER B 28 36.75 64.34 14.23
C SER B 28 36.22 65.76 14.38
N THR B 29 35.75 66.08 15.58
CA THR B 29 35.13 67.37 15.84
C THR B 29 36.19 68.45 16.04
N SER B 30 35.72 69.70 16.15
CA SER B 30 36.61 70.82 16.41
C SER B 30 37.09 70.87 17.85
N GLU B 31 36.39 70.19 18.76
CA GLU B 31 36.80 70.17 20.17
C GLU B 31 38.07 69.36 20.37
N PHE B 32 38.20 68.26 19.63
CA PHE B 32 39.32 67.34 19.78
C PHE B 32 39.47 66.51 18.52
N ARG B 33 40.72 66.24 18.16
CA ARG B 33 41.04 65.34 17.05
C ARG B 33 41.84 64.18 17.60
N LEU B 34 41.39 62.96 17.31
CA LEU B 34 41.95 61.78 17.94
C LEU B 34 43.30 61.43 17.31
N THR B 35 44.18 60.85 18.11
CA THR B 35 45.55 60.56 17.69
C THR B 35 45.78 59.06 17.74
N PRO B 36 45.63 58.34 16.63
CA PRO B 36 45.82 56.89 16.66
C PRO B 36 47.29 56.51 16.53
N HIS B 37 47.74 55.67 17.47
CA HIS B 37 49.05 55.03 17.40
C HIS B 37 48.86 53.71 16.65
N ILE B 38 48.90 53.80 15.32
CA ILE B 38 48.53 52.69 14.44
C ILE B 38 49.55 51.56 14.56
N ASP B 39 49.08 50.38 14.94
CA ASP B 39 49.90 49.18 15.08
C ASP B 39 49.26 48.07 14.26
N ASN B 40 49.59 47.99 12.97
CA ASN B 40 49.05 46.97 12.08
C ASN B 40 49.90 45.71 12.24
N LEU B 41 49.70 45.01 13.37
CA LEU B 41 50.51 43.86 13.72
C LEU B 41 49.64 42.61 13.76
N GLU B 42 50.25 41.52 14.18
CA GLU B 42 49.56 40.23 14.25
C GLU B 42 48.58 40.20 15.42
N VAL B 43 47.74 39.17 15.43
CA VAL B 43 46.72 39.02 16.46
C VAL B 43 46.84 37.68 17.20
N ALA B 44 47.44 36.66 16.59
CA ALA B 44 47.57 35.37 17.25
C ALA B 44 48.68 35.35 18.29
N ASN B 45 49.82 35.97 17.98
CA ASN B 45 50.94 36.00 18.91
C ASN B 45 50.69 37.10 19.93
N SER B 46 50.61 36.72 21.21
CA SER B 46 50.41 37.71 22.26
C SER B 46 51.67 38.54 22.49
N PHE B 47 52.84 38.02 22.09
CA PHE B 47 54.06 38.82 22.06
C PHE B 47 53.92 40.01 21.12
N ALA B 48 53.32 39.77 19.95
CA ALA B 48 53.04 40.87 19.02
C ALA B 48 51.93 41.77 19.55
N VAL B 49 51.04 41.23 20.37
CA VAL B 49 50.00 42.05 20.99
C VAL B 49 50.59 42.92 22.09
N THR B 50 51.46 42.34 22.92
CA THR B 50 51.95 43.02 24.11
C THR B 50 52.87 44.18 23.76
N ASN B 51 53.72 44.01 22.75
CA ASN B 51 54.64 45.08 22.35
C ASN B 51 53.88 46.25 21.73
N ALA B 52 52.81 45.97 20.98
CA ALA B 52 51.95 47.04 20.51
C ALA B 52 51.12 47.63 21.65
N PHE B 53 50.80 46.80 22.65
CA PHE B 53 50.06 47.29 23.80
C PHE B 53 50.94 48.15 24.70
N CYS B 54 52.12 47.65 25.07
CA CYS B 54 52.95 48.35 26.04
C CYS B 54 53.67 49.54 25.42
N SER B 55 53.72 49.64 24.09
CA SER B 55 54.17 50.88 23.47
C SER B 55 53.13 51.97 23.64
N GLN B 56 51.86 51.65 23.38
CA GLN B 56 50.78 52.60 23.60
C GLN B 56 50.54 52.84 25.08
N PHE B 57 50.84 51.84 25.91
CA PHE B 57 50.83 52.05 27.36
C PHE B 57 51.98 52.97 27.77
N SER B 58 53.08 52.96 27.01
CA SER B 58 54.13 53.96 27.23
C SER B 58 53.74 55.31 26.65
N ARG B 59 52.82 55.34 25.68
CA ARG B 59 52.32 56.62 25.17
C ARG B 59 51.39 57.28 26.18
N GLY B 60 50.64 56.49 26.94
CA GLY B 60 49.59 57.04 27.78
C GLY B 60 48.30 57.26 27.02
N VAL B 61 47.95 56.34 26.11
CA VAL B 61 46.73 56.47 25.33
C VAL B 61 45.51 56.23 26.21
N TYR B 62 44.34 56.63 25.69
CA TYR B 62 43.13 56.64 26.49
C TYR B 62 42.09 55.62 26.05
N ALA B 63 42.12 55.16 24.81
CA ALA B 63 41.15 54.21 24.32
C ALA B 63 41.76 53.40 23.19
N ILE B 64 42.08 52.14 23.46
CA ILE B 64 42.77 51.27 22.51
C ILE B 64 41.72 50.54 21.71
N PHE B 65 41.91 50.46 20.40
CA PHE B 65 40.96 49.84 19.48
C PHE B 65 41.63 48.72 18.71
N GLY B 66 40.85 47.70 18.37
CA GLY B 66 41.37 46.63 17.54
C GLY B 66 40.46 45.42 17.58
N PHE B 67 41.04 44.28 17.24
CA PHE B 67 40.40 42.97 17.41
C PHE B 67 41.16 42.21 18.46
N TYR B 68 40.73 40.96 18.70
CA TYR B 68 41.54 40.02 19.45
C TYR B 68 41.20 38.59 19.05
N ASP B 69 42.22 37.74 19.07
CA ASP B 69 42.12 36.32 18.84
C ASP B 69 41.54 35.64 20.09
N LYS B 70 41.19 34.36 19.94
CA LYS B 70 40.90 33.53 21.11
C LYS B 70 42.16 33.20 21.90
N LYS B 71 43.34 33.44 21.32
CA LYS B 71 44.57 33.41 22.10
C LYS B 71 44.73 34.71 22.87
N SER B 72 44.48 35.84 22.22
CA SER B 72 44.66 37.14 22.81
C SER B 72 43.42 37.65 23.55
N VAL B 73 42.42 36.80 23.78
CA VAL B 73 41.30 37.21 24.63
C VAL B 73 41.74 37.34 26.08
N ASN B 74 42.68 36.49 26.51
CA ASN B 74 43.15 36.52 27.88
C ASN B 74 44.39 37.37 28.05
N THR B 75 44.91 37.93 26.96
CA THR B 75 45.91 38.98 27.05
C THR B 75 45.25 40.34 27.29
N ILE B 76 44.16 40.60 26.55
CA ILE B 76 43.49 41.90 26.66
C ILE B 76 42.73 42.00 27.98
N THR B 77 41.98 40.95 28.34
CA THR B 77 41.17 41.00 29.55
C THR B 77 42.02 40.98 30.82
N SER B 78 43.27 40.52 30.74
CA SER B 78 44.14 40.54 31.91
C SER B 78 44.79 41.91 32.10
N PHE B 79 45.40 42.46 31.03
CA PHE B 79 46.18 43.69 31.19
C PHE B 79 45.28 44.91 31.27
N CYS B 80 44.28 45.01 30.41
CA CYS B 80 43.42 46.19 30.39
C CYS B 80 42.57 46.31 31.65
N GLY B 81 42.10 45.18 32.19
CA GLY B 81 41.46 45.19 33.49
C GLY B 81 42.39 45.55 34.62
N THR B 82 43.67 45.25 34.48
CA THR B 82 44.67 45.62 35.48
C THR B 82 45.21 47.02 35.26
N LEU B 83 45.66 47.34 34.04
CA LEU B 83 46.32 48.61 33.78
C LEU B 83 45.35 49.76 33.55
N HIS B 84 44.05 49.54 33.74
CA HIS B 84 43.02 50.59 33.85
C HIS B 84 42.91 51.42 32.57
N VAL B 85 43.10 50.78 31.42
CA VAL B 85 42.94 51.43 30.13
C VAL B 85 41.84 50.68 29.39
N SER B 86 40.81 51.41 28.97
CA SER B 86 39.67 50.80 28.30
C SER B 86 40.03 50.37 26.88
N PHE B 87 39.47 49.24 26.46
CA PHE B 87 39.70 48.67 25.14
C PHE B 87 38.37 48.52 24.41
N ILE B 88 38.37 48.85 23.12
CA ILE B 88 37.17 48.82 22.29
C ILE B 88 37.43 47.85 21.14
N THR B 89 36.46 46.98 20.85
CA THR B 89 36.66 45.98 19.83
C THR B 89 35.33 45.63 19.17
N PRO B 90 35.34 45.24 17.90
CA PRO B 90 34.19 44.54 17.31
C PRO B 90 34.24 43.02 17.45
N SER B 91 35.18 42.46 18.21
CA SER B 91 35.31 41.02 18.32
C SER B 91 34.22 40.45 19.22
N PHE B 92 34.22 39.12 19.34
CA PHE B 92 33.20 38.39 20.08
C PHE B 92 33.31 38.70 21.57
N PRO B 93 32.19 38.71 22.31
CA PRO B 93 32.26 39.08 23.73
C PRO B 93 32.92 38.02 24.58
N THR B 94 33.37 38.45 25.76
CA THR B 94 33.94 37.55 26.73
C THR B 94 32.87 37.06 27.69
N ASP B 95 33.02 35.80 28.10
CA ASP B 95 32.10 35.24 29.08
C ASP B 95 32.32 35.86 30.45
N GLY B 96 33.57 36.10 30.81
CA GLY B 96 33.88 36.80 32.05
C GLY B 96 33.70 38.31 31.88
N THR B 97 32.95 38.90 32.81
CA THR B 97 32.67 40.33 32.79
C THR B 97 33.93 41.08 33.24
N HIS B 98 34.79 41.37 32.27
CA HIS B 98 36.07 41.94 32.64
C HIS B 98 36.02 43.47 32.61
N PRO B 99 36.72 44.13 33.53
CA PRO B 99 36.79 45.59 33.50
C PRO B 99 37.58 46.10 32.31
N PHE B 100 37.22 47.32 31.89
CA PHE B 100 37.90 48.09 30.84
C PHE B 100 37.86 47.37 29.49
N VAL B 101 36.81 46.59 29.27
CA VAL B 101 36.61 45.84 28.03
C VAL B 101 35.29 46.31 27.44
N ILE B 102 35.36 47.11 26.38
CA ILE B 102 34.20 47.55 25.64
C ILE B 102 34.21 46.79 24.31
N GLN B 103 33.04 46.34 23.87
CA GLN B 103 32.97 45.40 22.76
C GLN B 103 31.72 45.61 21.94
N MET B 104 31.90 45.64 20.61
CA MET B 104 30.87 46.07 19.68
C MET B 104 30.01 44.94 19.13
N ARG B 105 30.20 43.69 19.57
CA ARG B 105 29.45 42.60 18.97
C ARG B 105 28.31 42.22 19.90
N PRO B 106 27.05 42.38 19.49
CA PRO B 106 25.93 41.97 20.34
C PRO B 106 25.77 40.47 20.36
N ASP B 107 25.15 39.97 21.43
CA ASP B 107 25.09 38.53 21.62
C ASP B 107 24.06 37.91 20.67
N LEU B 108 24.50 36.91 19.91
CA LEU B 108 23.70 36.30 18.86
C LEU B 108 23.03 35.01 19.30
N LYS B 109 23.50 34.38 20.37
CA LYS B 109 22.98 33.07 20.80
C LYS B 109 21.56 33.18 21.34
N GLY B 110 21.13 34.36 21.76
CA GLY B 110 19.75 34.52 22.20
C GLY B 110 18.78 34.44 21.05
N ALA B 111 19.10 35.09 19.93
CA ALA B 111 18.29 34.93 18.72
C ALA B 111 18.49 33.56 18.10
N LEU B 112 19.68 32.98 18.26
CA LEU B 112 20.00 31.72 17.61
C LEU B 112 19.23 30.56 18.23
N LEU B 113 19.21 30.49 19.56
CA LEU B 113 18.43 29.45 20.24
C LEU B 113 16.94 29.69 20.09
N SER B 114 16.53 30.95 19.90
CA SER B 114 15.13 31.23 19.61
C SER B 114 14.78 30.87 18.18
N LEU B 115 15.76 30.90 17.27
CA LEU B 115 15.49 30.58 15.87
C LEU B 115 15.23 29.09 15.68
N ILE B 116 15.95 28.25 16.42
CA ILE B 116 15.77 26.81 16.31
C ILE B 116 14.41 26.41 16.88
N GLU B 117 13.96 27.12 17.91
CA GLU B 117 12.63 26.90 18.45
C GLU B 117 11.55 27.37 17.48
N TYR B 118 11.86 28.35 16.64
CA TYR B 118 10.93 28.77 15.60
C TYR B 118 10.78 27.71 14.53
N TYR B 119 11.90 27.16 14.05
CA TYR B 119 11.85 26.09 13.07
C TYR B 119 11.54 24.73 13.70
N GLN B 120 11.52 24.66 15.04
CA GLN B 120 11.04 23.50 15.80
C GLN B 120 11.87 22.25 15.52
N TRP B 121 13.19 22.38 15.66
CA TRP B 121 14.08 21.26 15.35
C TRP B 121 14.29 20.38 16.57
N ASP B 122 14.74 19.16 16.30
CA ASP B 122 15.06 18.18 17.32
C ASP B 122 16.40 17.50 17.14
N LYS B 123 16.94 17.50 15.92
CA LYS B 123 18.25 16.93 15.64
C LYS B 123 18.84 17.67 14.46
N PHE B 124 20.03 18.23 14.65
CA PHE B 124 20.64 19.05 13.61
C PHE B 124 22.15 18.95 13.70
N ALA B 125 22.80 19.21 12.57
CA ALA B 125 24.25 19.26 12.52
C ALA B 125 24.74 20.68 12.83
N TYR B 126 25.83 20.76 13.59
CA TYR B 126 26.38 22.04 14.02
C TYR B 126 27.89 22.02 13.75
N LEU B 127 28.27 22.44 12.55
CA LEU B 127 29.67 22.68 12.24
C LEU B 127 30.03 24.08 12.69
N TYR B 128 31.24 24.24 13.22
CA TYR B 128 31.60 25.48 13.88
C TYR B 128 33.10 25.71 13.81
N ASP B 129 33.48 26.98 13.69
CA ASP B 129 34.87 27.39 13.88
C ASP B 129 35.06 27.73 15.35
N SER B 130 36.07 27.10 15.97
CA SER B 130 36.35 27.33 17.38
C SER B 130 37.12 28.61 17.64
N ASP B 131 37.42 29.40 16.61
CA ASP B 131 38.29 30.56 16.77
C ASP B 131 37.58 31.71 17.46
N ARG B 132 36.25 31.75 17.41
CA ARG B 132 35.48 32.74 18.16
C ARG B 132 35.03 32.22 19.52
N GLY B 133 35.76 31.27 20.08
CA GLY B 133 35.36 30.65 21.33
C GLY B 133 34.33 29.56 21.12
N LEU B 134 34.03 28.85 22.20
CA LEU B 134 33.07 27.75 22.18
C LEU B 134 31.83 28.09 22.99
N SER B 135 31.61 29.38 23.26
CA SER B 135 30.48 29.81 24.07
C SER B 135 29.17 29.62 23.32
N THR B 136 29.19 29.78 21.99
CA THR B 136 28.02 29.45 21.19
C THR B 136 27.78 27.95 21.16
N LEU B 137 28.84 27.15 21.24
CA LEU B 137 28.68 25.71 21.38
C LEU B 137 28.14 25.35 22.76
N GLN B 138 28.56 26.09 23.79
CA GLN B 138 28.01 25.88 25.13
C GLN B 138 26.55 26.30 25.20
N ALA B 139 26.13 27.26 24.37
CA ALA B 139 24.74 27.68 24.34
C ALA B 139 23.84 26.62 23.72
N VAL B 140 24.28 26.03 22.61
CA VAL B 140 23.42 25.07 21.93
C VAL B 140 23.40 23.73 22.63
N LEU B 141 24.42 23.42 23.44
CA LEU B 141 24.41 22.18 24.19
C LEU B 141 23.62 22.27 25.48
N ASP B 142 23.60 23.46 26.10
CA ASP B 142 22.76 23.64 27.29
C ASP B 142 21.28 23.70 26.91
N SER B 143 20.97 24.08 25.68
CA SER B 143 19.60 23.98 25.18
C SER B 143 19.33 22.64 24.50
N ALA B 144 20.38 21.83 24.28
CA ALA B 144 20.17 20.49 23.72
C ALA B 144 19.49 19.59 24.74
N ALA B 145 20.04 19.49 25.95
CA ALA B 145 19.41 18.70 26.99
C ALA B 145 18.16 19.38 27.53
N GLU B 146 18.05 20.69 27.36
CA GLU B 146 16.88 21.41 27.85
C GLU B 146 15.67 21.10 26.99
N LYS B 147 15.76 21.31 25.68
CA LYS B 147 14.65 21.12 24.77
C LYS B 147 14.69 19.75 24.09
N LYS B 148 15.47 18.81 24.62
CA LYS B 148 15.59 17.43 24.16
C LYS B 148 16.03 17.37 22.69
N TRP B 149 17.12 18.09 22.41
CA TRP B 149 17.68 18.20 21.07
C TRP B 149 18.91 17.32 20.93
N GLN B 150 19.17 16.89 19.70
CA GLN B 150 20.32 16.03 19.41
C GLN B 150 21.27 16.74 18.46
N VAL B 151 22.20 17.48 19.04
CA VAL B 151 23.15 18.28 18.27
C VAL B 151 24.24 17.38 17.72
N THR B 152 24.51 17.49 16.43
CA THR B 152 25.67 16.85 15.81
C THR B 152 26.73 17.93 15.68
N ALA B 153 27.53 18.07 16.73
CA ALA B 153 28.50 19.16 16.85
C ALA B 153 29.88 18.63 16.49
N ILE B 154 30.39 19.03 15.33
CA ILE B 154 31.70 18.64 14.85
C ILE B 154 32.49 19.90 14.56
N ASN B 155 33.68 20.01 15.16
CA ASN B 155 34.55 21.14 14.89
C ASN B 155 35.12 21.03 13.48
N VAL B 156 35.31 22.19 12.85
CA VAL B 156 35.87 22.26 11.51
C VAL B 156 37.17 23.05 11.47
N GLY B 157 37.49 23.82 12.52
CA GLY B 157 38.72 24.58 12.57
C GLY B 157 39.98 23.74 12.71
N ASN B 158 39.84 22.47 13.09
CA ASN B 158 40.99 21.58 13.19
C ASN B 158 41.51 21.15 11.83
N ILE B 159 40.73 21.32 10.77
CA ILE B 159 41.14 20.92 9.43
C ILE B 159 42.14 21.93 8.89
N ASN B 160 43.32 21.44 8.50
CA ASN B 160 44.33 22.27 7.90
C ASN B 160 43.93 22.71 6.48
N ASN B 161 44.59 23.76 6.00
CA ASN B 161 44.29 24.33 4.69
C ASN B 161 44.87 23.53 3.54
N ASP B 162 45.71 22.53 3.82
CA ASP B 162 46.37 21.78 2.75
C ASP B 162 45.41 20.80 2.08
N LYS B 163 44.57 20.13 2.87
CA LYS B 163 43.70 19.07 2.37
C LYS B 163 42.24 19.31 2.75
N LYS B 164 41.80 20.57 2.74
CA LYS B 164 40.42 20.90 3.08
C LYS B 164 39.47 20.77 1.88
N ASP B 165 39.58 19.67 1.18
CA ASP B 165 38.60 19.27 0.18
C ASP B 165 38.22 17.81 0.31
N GLU B 166 39.16 16.94 0.65
CA GLU B 166 38.89 15.54 0.87
C GLU B 166 38.42 15.26 2.30
N THR B 167 38.83 16.11 3.25
CA THR B 167 38.34 15.99 4.62
C THR B 167 36.85 16.29 4.70
N TYR B 168 36.37 17.22 3.87
CA TYR B 168 34.94 17.52 3.83
C TYR B 168 34.16 16.36 3.21
N ARG B 169 34.72 15.72 2.17
CA ARG B 169 34.09 14.52 1.64
C ARG B 169 34.10 13.39 2.65
N SER B 170 35.12 13.33 3.50
CA SER B 170 35.07 12.46 4.66
C SER B 170 34.03 12.95 5.66
N LEU B 171 33.85 14.26 5.77
CA LEU B 171 32.95 14.81 6.78
C LEU B 171 31.49 14.77 6.33
N PHE B 172 31.22 15.25 5.11
CA PHE B 172 29.84 15.34 4.64
C PHE B 172 29.22 13.97 4.38
N GLN B 173 30.03 12.99 3.98
CA GLN B 173 29.49 11.64 3.85
C GLN B 173 29.26 11.01 5.22
N ASP B 174 30.00 11.44 6.24
CA ASP B 174 29.65 11.07 7.61
C ASP B 174 28.45 11.85 8.10
N LEU B 175 28.24 13.07 7.59
CA LEU B 175 27.00 13.78 7.87
C LEU B 175 25.83 13.13 7.14
N GLU B 176 26.07 12.49 6.02
CA GLU B 176 25.05 11.72 5.33
C GLU B 176 24.93 10.29 5.85
N LEU B 177 25.62 9.95 6.93
CA LEU B 177 25.29 8.72 7.64
C LEU B 177 24.01 8.89 8.45
N LYS B 178 23.81 10.09 9.02
CA LYS B 178 22.55 10.45 9.65
C LYS B 178 21.67 11.30 8.74
N LYS B 179 22.23 11.80 7.63
CA LYS B 179 21.53 12.57 6.60
C LYS B 179 20.87 13.83 7.18
N GLU B 180 21.73 14.73 7.66
CA GLU B 180 21.24 15.95 8.30
C GLU B 180 20.80 16.94 7.24
N ARG B 181 19.50 17.24 7.22
CA ARG B 181 18.95 18.31 6.40
C ARG B 181 18.95 19.64 7.15
N ARG B 182 19.60 19.70 8.30
CA ARG B 182 19.52 20.84 9.22
C ARG B 182 20.95 21.14 9.67
N VAL B 183 21.60 22.09 9.02
CA VAL B 183 23.01 22.40 9.26
C VAL B 183 23.11 23.83 9.74
N ILE B 184 23.83 24.04 10.85
CA ILE B 184 24.11 25.37 11.37
C ILE B 184 25.61 25.57 11.30
N LEU B 185 26.04 26.58 10.54
CA LEU B 185 27.45 26.86 10.34
C LEU B 185 27.88 28.08 11.15
N ASP B 186 28.99 27.93 11.89
CA ASP B 186 29.48 28.99 12.77
C ASP B 186 30.94 29.25 12.40
N CYS B 187 31.15 30.07 11.38
CA CYS B 187 32.49 30.37 10.88
C CYS B 187 32.54 31.81 10.40
N GLU B 188 33.75 32.27 10.10
CA GLU B 188 33.91 33.55 9.43
C GLU B 188 33.51 33.43 7.96
N ARG B 189 33.25 34.58 7.33
CA ARG B 189 32.70 34.63 5.98
C ARG B 189 33.64 34.05 4.93
N ASP B 190 34.95 34.00 5.20
CA ASP B 190 35.85 33.23 4.36
C ASP B 190 35.68 31.74 4.63
N LYS B 191 35.69 31.35 5.90
CA LYS B 191 35.55 29.95 6.25
C LYS B 191 34.13 29.43 6.04
N VAL B 192 33.12 30.30 6.09
CA VAL B 192 31.77 29.90 5.67
C VAL B 192 31.77 29.55 4.20
N ASN B 193 32.28 30.47 3.35
CA ASN B 193 32.27 30.27 1.92
C ASN B 193 33.22 29.16 1.47
N ASP B 194 34.19 28.78 2.31
CA ASP B 194 34.93 27.55 2.08
C ASP B 194 34.01 26.34 2.22
N ILE B 195 33.24 26.29 3.30
CA ILE B 195 32.36 25.15 3.57
C ILE B 195 31.14 25.18 2.67
N VAL B 196 30.65 26.38 2.32
CA VAL B 196 29.53 26.51 1.38
C VAL B 196 29.91 25.95 0.01
N ASP B 197 31.14 26.21 -0.45
CA ASP B 197 31.59 25.63 -1.70
C ASP B 197 31.81 24.13 -1.60
N GLN B 198 32.07 23.62 -0.39
CA GLN B 198 32.14 22.17 -0.21
C GLN B 198 30.76 21.53 -0.27
N VAL B 199 29.72 22.27 0.11
CA VAL B 199 28.36 21.80 -0.10
C VAL B 199 28.02 21.81 -1.59
N ILE B 200 28.51 22.80 -2.31
CA ILE B 200 28.31 22.84 -3.76
C ILE B 200 29.22 21.83 -4.45
N THR B 201 30.33 21.46 -3.79
CA THR B 201 31.19 20.39 -4.30
C THR B 201 30.46 19.05 -4.26
N ILE B 202 29.90 18.69 -3.11
CA ILE B 202 29.07 17.49 -3.04
C ILE B 202 27.70 17.68 -3.65
N GLY B 203 27.29 18.93 -3.91
CA GLY B 203 26.05 19.20 -4.59
C GLY B 203 24.80 19.03 -3.75
N LYS B 204 24.93 18.84 -2.45
CA LYS B 204 23.78 18.59 -1.58
C LYS B 204 23.21 19.88 -1.00
N HIS B 205 22.92 20.83 -1.91
CA HIS B 205 22.25 22.07 -1.56
C HIS B 205 20.87 22.16 -2.21
N VAL B 206 20.26 21.00 -2.47
CA VAL B 206 18.95 20.91 -3.08
C VAL B 206 17.87 21.14 -2.02
N LYS B 207 16.62 21.24 -2.48
CA LYS B 207 15.49 21.44 -1.58
C LYS B 207 15.32 20.25 -0.63
N GLY B 208 15.01 20.56 0.62
CA GLY B 208 14.97 19.56 1.68
C GLY B 208 15.97 19.91 2.76
N TYR B 209 17.16 20.34 2.33
CA TYR B 209 18.18 20.82 3.25
C TYR B 209 17.82 22.18 3.81
N HIS B 210 18.38 22.49 4.98
CA HIS B 210 18.25 23.80 5.58
C HIS B 210 19.59 24.21 6.17
N TYR B 211 19.99 25.46 5.94
CA TYR B 211 21.29 25.95 6.34
C TYR B 211 21.14 27.22 7.16
N ILE B 212 21.95 27.36 8.20
CA ILE B 212 21.95 28.54 9.06
C ILE B 212 23.38 29.01 9.23
N ILE B 213 23.62 30.27 8.89
CA ILE B 213 24.91 30.92 9.09
C ILE B 213 24.84 31.72 10.38
N ALA B 214 25.84 31.55 11.25
CA ALA B 214 25.75 32.02 12.63
C ALA B 214 26.72 33.16 12.91
N ASN B 215 26.81 34.12 12.00
CA ASN B 215 27.49 35.38 12.27
C ASN B 215 26.59 36.54 11.85
N LEU B 216 27.06 37.75 12.10
CA LEU B 216 26.31 38.94 11.70
C LEU B 216 26.48 39.27 10.22
N GLY B 217 27.39 38.60 9.53
CA GLY B 217 27.60 38.83 8.12
C GLY B 217 26.83 37.88 7.23
N PHE B 218 25.49 37.94 7.29
CA PHE B 218 24.69 37.07 6.43
C PHE B 218 24.74 37.51 4.98
N THR B 219 24.68 38.82 4.72
CA THR B 219 24.85 39.32 3.36
C THR B 219 26.30 39.31 2.91
N ASP B 220 27.24 39.08 3.83
CA ASP B 220 28.66 39.04 3.51
C ASP B 220 29.11 37.70 2.95
N GLY B 221 28.22 36.73 2.83
CA GLY B 221 28.55 35.44 2.27
C GLY B 221 28.35 35.40 0.77
N ASP B 222 28.40 34.17 0.24
CA ASP B 222 28.17 33.94 -1.19
C ASP B 222 26.72 33.54 -1.35
N LEU B 223 25.87 34.54 -1.56
CA LEU B 223 24.43 34.31 -1.58
C LEU B 223 23.95 33.89 -2.96
N LEU B 224 24.58 34.41 -4.02
CA LEU B 224 24.09 34.19 -5.38
C LEU B 224 24.31 32.76 -5.85
N LYS B 225 25.37 32.11 -5.34
CA LYS B 225 25.75 30.79 -5.83
C LYS B 225 24.79 29.70 -5.39
N ILE B 226 24.14 29.87 -4.24
CA ILE B 226 23.07 28.97 -3.80
C ILE B 226 21.77 29.73 -3.54
N GLN B 227 21.57 30.85 -4.25
CA GLN B 227 20.25 31.49 -4.24
C GLN B 227 19.22 30.62 -4.95
N PHE B 228 19.65 29.93 -6.00
CA PHE B 228 18.77 29.10 -6.80
C PHE B 228 19.11 27.62 -6.68
N GLY B 229 19.93 27.24 -5.69
CA GLY B 229 20.33 25.85 -5.55
C GLY B 229 19.22 24.95 -5.06
N GLY B 230 18.31 25.47 -4.24
CA GLY B 230 17.17 24.71 -3.80
C GLY B 230 16.93 24.71 -2.31
N ALA B 231 18.02 24.71 -1.52
CA ALA B 231 17.88 24.63 -0.08
C ALA B 231 17.45 25.97 0.51
N GLU B 232 17.14 25.95 1.80
CA GLU B 232 16.68 27.13 2.51
C GLU B 232 17.77 27.63 3.44
N VAL B 233 18.13 28.90 3.30
CA VAL B 233 19.22 29.51 4.06
C VAL B 233 18.62 30.63 4.91
N SER B 234 18.90 30.60 6.20
CA SER B 234 18.34 31.55 7.15
C SER B 234 19.44 32.04 8.08
N GLY B 235 19.60 33.36 8.17
CA GLY B 235 20.70 33.88 8.98
C GLY B 235 20.41 35.20 9.66
N PHE B 236 21.47 35.93 10.00
CA PHE B 236 21.38 37.17 10.76
C PHE B 236 22.28 38.21 10.14
N GLN B 237 21.69 39.32 9.70
CA GLN B 237 22.46 40.46 9.21
C GLN B 237 22.11 41.69 10.04
N ILE B 238 23.09 42.19 10.79
CA ILE B 238 22.87 43.38 11.61
C ILE B 238 22.91 44.66 10.78
N VAL B 239 23.59 44.64 9.64
CA VAL B 239 23.68 45.82 8.77
C VAL B 239 22.40 45.82 7.94
N ASP B 240 21.39 46.54 8.42
CA ASP B 240 20.13 46.66 7.70
C ASP B 240 20.29 47.71 6.61
N TYR B 241 20.46 47.25 5.36
CA TYR B 241 20.70 48.15 4.24
C TYR B 241 19.48 48.96 3.84
N ASP B 242 18.30 48.62 4.36
CA ASP B 242 17.10 49.41 4.08
C ASP B 242 17.08 50.72 4.84
N ASP B 243 17.86 50.84 5.91
CA ASP B 243 17.90 52.07 6.69
C ASP B 243 18.60 53.19 5.91
N SER B 244 18.01 54.38 5.96
CA SER B 244 18.58 55.53 5.27
C SER B 244 19.89 55.97 5.91
N LEU B 245 20.04 55.81 7.22
CA LEU B 245 21.30 56.11 7.88
C LEU B 245 22.38 55.13 7.44
N VAL B 246 21.99 53.88 7.16
CA VAL B 246 22.93 52.92 6.60
C VAL B 246 23.16 53.21 5.12
N SER B 247 22.09 53.55 4.38
CA SER B 247 22.20 53.74 2.93
C SER B 247 23.00 54.99 2.58
N LYS B 248 22.79 56.09 3.32
CA LYS B 248 23.59 57.29 3.08
C LYS B 248 25.05 57.09 3.47
N PHE B 249 25.32 56.16 4.39
CA PHE B 249 26.70 55.77 4.65
C PHE B 249 27.28 55.02 3.45
N ILE B 250 26.49 54.10 2.88
CA ILE B 250 26.89 53.37 1.67
C ILE B 250 27.03 54.32 0.49
N GLU B 251 26.19 55.37 0.42
CA GLU B 251 26.35 56.40 -0.59
C GLU B 251 27.65 57.18 -0.41
N ARG B 252 28.19 57.22 0.81
CA ARG B 252 29.54 57.71 1.01
C ARG B 252 30.58 56.59 0.93
N TRP B 253 30.21 55.37 1.32
CA TRP B 253 31.15 54.25 1.33
C TRP B 253 31.45 53.78 -0.08
N SER B 254 30.41 53.44 -0.85
CA SER B 254 30.61 52.86 -2.18
C SER B 254 31.16 53.85 -3.19
N THR B 255 31.13 55.14 -2.89
CA THR B 255 31.75 56.15 -3.74
C THR B 255 33.18 56.47 -3.34
N LEU B 256 33.74 55.76 -2.36
CA LEU B 256 35.15 55.96 -2.02
C LEU B 256 36.05 55.32 -3.07
N GLU B 257 37.31 55.73 -3.06
CA GLU B 257 38.30 55.15 -3.95
C GLU B 257 38.70 53.77 -3.44
N GLU B 258 38.61 52.78 -4.33
CA GLU B 258 38.98 51.42 -3.95
C GLU B 258 40.49 51.27 -3.84
N LYS B 259 41.24 52.05 -4.62
CA LYS B 259 42.70 52.00 -4.52
C LYS B 259 43.19 52.64 -3.23
N GLU B 260 42.60 53.77 -2.85
CA GLU B 260 42.97 54.42 -1.59
C GLU B 260 42.47 53.63 -0.40
N TYR B 261 41.15 53.44 -0.30
CA TYR B 261 40.54 52.64 0.76
C TYR B 261 40.18 51.29 0.17
N PRO B 262 40.92 50.22 0.51
CA PRO B 262 40.65 48.91 -0.09
C PRO B 262 39.35 48.30 0.42
N GLY B 263 38.55 47.78 -0.51
CA GLY B 263 37.26 47.22 -0.17
C GLY B 263 36.19 48.24 0.17
N ALA B 264 36.31 49.47 -0.35
CA ALA B 264 35.35 50.51 -0.02
C ALA B 264 34.34 50.77 -1.12
N HIS B 265 34.79 50.74 -2.39
CA HIS B 265 33.93 51.13 -3.51
C HIS B 265 32.79 50.14 -3.75
N THR B 266 32.89 48.92 -3.23
CA THR B 266 31.78 47.98 -3.27
C THR B 266 30.64 48.47 -2.39
N ALA B 267 29.41 48.23 -2.86
CA ALA B 267 28.24 48.69 -2.11
C ALA B 267 28.02 47.87 -0.85
N THR B 268 28.39 46.60 -0.87
CA THR B 268 28.34 45.79 0.33
C THR B 268 29.48 46.17 1.28
N ILE B 269 29.29 45.87 2.55
CA ILE B 269 30.29 46.19 3.57
C ILE B 269 30.26 45.09 4.62
N LYS B 270 31.44 44.74 5.13
CA LYS B 270 31.53 43.84 6.26
C LYS B 270 30.94 44.51 7.50
N TYR B 271 30.31 43.70 8.36
CA TYR B 271 29.74 44.21 9.60
C TYR B 271 30.83 44.65 10.55
N THR B 272 32.00 44.02 10.50
CA THR B 272 33.14 44.45 11.30
C THR B 272 33.63 45.83 10.88
N SER B 273 33.51 46.14 9.58
CA SER B 273 33.77 47.50 9.14
C SER B 273 32.65 48.44 9.58
N ALA B 274 31.41 47.93 9.67
CA ALA B 274 30.31 48.75 10.15
C ALA B 274 30.40 49.00 11.64
N LEU B 275 30.81 47.98 12.40
CA LEU B 275 31.01 48.15 13.84
C LEU B 275 32.23 48.99 14.15
N THR B 276 33.20 49.04 13.22
CA THR B 276 34.34 49.94 13.39
C THR B 276 33.90 51.39 13.28
N TYR B 277 33.07 51.71 12.29
CA TYR B 277 32.56 53.06 12.14
C TYR B 277 31.60 53.42 13.25
N ASP B 278 30.88 52.43 13.78
CA ASP B 278 30.02 52.67 14.94
C ASP B 278 30.84 52.88 16.21
N ALA B 279 32.05 52.30 16.28
CA ALA B 279 32.88 52.47 17.46
C ALA B 279 33.45 53.87 17.55
N VAL B 280 33.70 54.52 16.42
CA VAL B 280 34.22 55.89 16.42
C VAL B 280 33.15 56.85 16.91
N GLN B 281 31.88 56.56 16.60
CA GLN B 281 30.77 57.36 17.10
C GLN B 281 30.65 57.27 18.61
N VAL B 282 30.95 56.09 19.18
CA VAL B 282 30.91 55.94 20.63
C VAL B 282 32.12 56.61 21.27
N MET B 283 33.30 56.49 20.63
CA MET B 283 34.51 57.09 21.16
C MET B 283 34.47 58.62 21.10
N THR B 284 33.85 59.17 20.07
CA THR B 284 33.73 60.63 19.98
C THR B 284 32.74 61.15 21.01
N GLU B 285 31.59 60.46 21.15
CA GLU B 285 30.58 60.85 22.13
C GLU B 285 31.10 60.70 23.56
N ALA B 286 32.06 59.80 23.77
CA ALA B 286 32.72 59.72 25.07
C ALA B 286 33.53 60.98 25.36
N PHE B 287 34.50 61.31 24.49
CA PHE B 287 35.35 62.46 24.75
C PHE B 287 34.65 63.78 24.52
N ARG B 288 33.52 63.82 23.81
CA ARG B 288 32.67 65.00 23.88
C ARG B 288 32.06 65.15 25.27
N ASN B 289 31.65 64.04 25.89
CA ASN B 289 31.13 64.08 27.26
C ASN B 289 32.23 64.29 28.28
N LEU B 290 33.46 63.82 28.01
CA LEU B 290 34.58 64.23 28.86
C LEU B 290 34.91 65.70 28.69
N ARG B 291 34.60 66.28 27.53
CA ARG B 291 34.71 67.72 27.39
C ARG B 291 33.53 68.43 28.05
N LYS B 292 32.36 67.77 28.10
CA LYS B 292 31.22 68.34 28.81
C LYS B 292 31.39 68.21 30.31
N GLN B 293 31.91 67.08 30.80
CA GLN B 293 32.16 66.91 32.22
C GLN B 293 33.44 67.60 32.66
N ARG B 294 34.32 67.96 31.69
CA ARG B 294 35.56 68.70 31.92
C ARG B 294 36.51 67.99 32.87
N ILE B 295 36.53 66.66 32.83
CA ILE B 295 37.46 65.87 33.62
C ILE B 295 38.78 65.83 32.85
N GLU B 296 39.74 66.64 33.29
CA GLU B 296 41.00 66.75 32.57
C GLU B 296 41.87 65.54 32.87
N ILE B 297 42.23 64.82 31.81
CA ILE B 297 42.91 63.53 31.91
C ILE B 297 44.29 63.61 31.29
N SER B 298 44.95 64.77 31.40
CA SER B 298 46.17 65.06 30.65
C SER B 298 47.32 64.21 31.19
N ARG B 299 47.54 63.07 30.53
CA ARG B 299 48.57 62.12 30.92
C ARG B 299 49.65 62.04 29.85
N ARG B 300 50.90 62.20 30.28
CA ARG B 300 52.06 61.88 29.47
C ARG B 300 52.37 60.39 29.65
N GLY B 301 53.58 59.96 29.28
CA GLY B 301 53.99 58.59 29.55
C GLY B 301 54.30 58.30 31.01
N ASN B 302 53.34 58.56 31.91
CA ASN B 302 53.46 58.22 33.32
C ASN B 302 53.09 56.77 33.57
N ALA B 303 52.19 56.21 32.76
CA ALA B 303 51.95 54.77 32.77
C ALA B 303 53.21 54.02 32.38
N GLY B 304 53.76 54.32 31.19
CA GLY B 304 55.10 53.91 30.81
C GLY B 304 55.33 52.43 30.66
N ASP B 305 56.13 51.88 31.57
CA ASP B 305 56.46 50.46 31.55
C ASP B 305 55.28 49.64 32.05
N CYS B 306 54.88 48.63 31.28
CA CYS B 306 53.87 47.70 31.73
C CYS B 306 54.46 46.57 32.58
N LEU B 307 55.78 46.52 32.73
CA LEU B 307 56.45 45.56 33.58
C LEU B 307 56.76 46.11 34.97
N ALA B 308 56.14 47.23 35.34
CA ALA B 308 56.33 47.78 36.69
C ALA B 308 55.68 46.86 37.71
N ASN B 309 56.38 46.60 38.81
CA ASN B 309 55.97 45.58 39.76
C ASN B 309 55.84 46.20 41.14
N PRO B 310 54.61 46.52 41.60
CA PRO B 310 53.36 46.46 40.84
C PRO B 310 53.13 47.72 40.01
N ALA B 311 52.49 47.57 38.84
CA ALA B 311 52.14 48.72 38.02
C ALA B 311 50.79 49.27 38.47
N VAL B 312 50.82 50.33 39.26
CA VAL B 312 49.61 51.02 39.72
C VAL B 312 49.28 52.14 38.73
N PRO B 313 48.12 52.14 38.11
CA PRO B 313 47.81 53.13 37.08
C PRO B 313 47.09 54.35 37.62
N TRP B 314 46.91 55.32 36.73
CA TRP B 314 46.07 56.48 37.02
C TRP B 314 44.60 56.06 36.97
N GLY B 315 43.86 56.42 38.02
CA GLY B 315 42.50 55.95 38.23
C GLY B 315 41.41 56.76 37.58
N GLN B 316 41.75 57.75 36.74
CA GLN B 316 40.71 58.51 36.05
C GLN B 316 40.14 57.77 34.86
N GLY B 317 40.77 56.66 34.45
CA GLY B 317 40.25 55.85 33.36
C GLY B 317 39.05 55.03 33.75
N VAL B 318 38.80 54.88 35.05
CA VAL B 318 37.60 54.19 35.53
C VAL B 318 36.35 54.96 35.12
N GLU B 319 36.38 56.28 35.26
CA GLU B 319 35.28 57.11 34.79
C GLU B 319 35.21 57.14 33.26
N ILE B 320 36.37 57.06 32.60
CA ILE B 320 36.41 56.94 31.15
C ILE B 320 35.80 55.61 30.72
N GLU B 321 36.02 54.55 31.52
CA GLU B 321 35.30 53.29 31.32
C GLU B 321 33.81 53.47 31.57
N ARG B 322 33.44 54.27 32.58
CA ARG B 322 32.04 54.54 32.85
C ARG B 322 31.41 55.39 31.76
N ALA B 323 32.13 56.44 31.32
CA ALA B 323 31.59 57.37 30.33
C ALA B 323 31.44 56.71 28.96
N LEU B 324 32.23 55.70 28.64
CA LEU B 324 31.95 54.88 27.47
C LEU B 324 30.64 54.12 27.64
N LYS B 325 30.42 53.53 28.82
CA LYS B 325 29.22 52.77 29.10
C LYS B 325 27.98 53.65 29.25
N GLN B 326 28.17 54.96 29.46
CA GLN B 326 27.07 55.92 29.49
C GLN B 326 26.65 56.39 28.10
N VAL B 327 27.44 56.11 27.07
CA VAL B 327 27.12 56.54 25.72
C VAL B 327 25.98 55.68 25.18
N GLN B 328 24.87 56.34 24.83
CA GLN B 328 23.74 55.70 24.15
C GLN B 328 23.53 56.43 22.83
N VAL B 329 24.09 55.87 21.75
CA VAL B 329 23.96 56.44 20.42
C VAL B 329 23.37 55.40 19.48
N GLU B 330 22.90 55.89 18.33
CA GLU B 330 22.47 55.03 17.25
C GLU B 330 23.65 54.75 16.32
N GLY B 331 23.35 54.16 15.17
CA GLY B 331 24.39 53.93 14.19
C GLY B 331 23.99 52.91 13.16
N LEU B 332 25.01 52.25 12.61
CA LEU B 332 24.78 51.25 11.59
C LEU B 332 24.21 49.96 12.17
N SER B 333 24.43 49.73 13.46
CA SER B 333 23.95 48.54 14.15
C SER B 333 22.81 48.85 15.12
N GLY B 334 21.98 49.85 14.81
CA GLY B 334 20.87 50.19 15.67
C GLY B 334 21.33 50.99 16.90
N ASN B 335 20.55 50.86 17.97
CA ASN B 335 20.87 51.57 19.20
C ASN B 335 22.03 50.87 19.90
N ILE B 336 22.98 51.68 20.39
CA ILE B 336 24.19 51.17 21.02
C ILE B 336 24.13 51.60 22.48
N LYS B 337 23.60 50.74 23.34
CA LYS B 337 23.58 50.95 24.77
C LYS B 337 24.48 49.89 25.42
N PHE B 338 25.13 50.26 26.50
CA PHE B 338 26.07 49.38 27.19
C PHE B 338 25.56 49.04 28.58
N ASP B 339 25.97 47.88 29.08
CA ASP B 339 25.76 47.51 30.46
C ASP B 339 26.90 48.07 31.32
N GLN B 340 27.02 47.57 32.55
CA GLN B 340 28.14 47.90 33.41
C GLN B 340 29.40 47.10 33.11
N ASN B 341 29.42 46.34 32.01
CA ASN B 341 30.53 45.44 31.70
C ASN B 341 31.03 45.57 30.27
N GLY B 342 30.46 46.50 29.49
CA GLY B 342 30.86 46.69 28.11
C GLY B 342 30.07 45.89 27.09
N LYS B 343 29.22 44.97 27.54
CA LYS B 343 28.38 44.21 26.61
C LYS B 343 27.26 45.10 26.09
N ARG B 344 27.03 45.02 24.78
CA ARG B 344 25.99 45.82 24.15
C ARG B 344 24.61 45.36 24.57
N ILE B 345 23.75 46.32 24.87
CA ILE B 345 22.36 46.08 25.25
C ILE B 345 21.48 47.04 24.46
N ASN B 346 20.16 46.77 24.50
CA ASN B 346 19.13 47.53 23.79
C ASN B 346 19.40 47.60 22.29
N TYR B 347 19.83 46.47 21.73
CA TYR B 347 20.05 46.31 20.31
C TYR B 347 18.90 45.53 19.69
N THR B 348 18.96 45.35 18.38
CA THR B 348 17.94 44.58 17.67
C THR B 348 18.60 43.87 16.49
N ILE B 349 18.61 42.53 16.53
CA ILE B 349 19.21 41.71 15.48
C ILE B 349 18.14 41.35 14.47
N ASN B 350 18.43 41.62 13.19
CA ASN B 350 17.48 41.36 12.11
C ASN B 350 17.65 39.94 11.59
N ILE B 351 16.61 39.14 11.70
CA ILE B 351 16.61 37.79 11.15
C ILE B 351 16.44 37.90 9.64
N MET B 352 17.41 37.39 8.89
CA MET B 352 17.45 37.50 7.45
C MET B 352 17.47 36.13 6.80
N GLU B 353 16.61 35.93 5.81
CA GLU B 353 16.51 34.67 5.10
C GLU B 353 16.85 34.88 3.63
N LEU B 354 17.78 34.07 3.12
CA LEU B 354 18.04 34.02 1.68
C LEU B 354 16.89 33.31 1.00
N LYS B 355 16.26 33.99 0.05
CA LYS B 355 15.13 33.46 -0.70
C LYS B 355 15.52 33.41 -2.18
N THR B 356 14.50 33.15 -3.02
CA THR B 356 14.72 33.18 -4.46
C THR B 356 15.06 34.59 -4.95
N ASN B 357 14.38 35.60 -4.41
CA ASN B 357 14.66 36.98 -4.76
C ASN B 357 15.88 37.55 -4.03
N GLY B 358 16.45 36.80 -3.09
CA GLY B 358 17.62 37.26 -2.37
C GLY B 358 17.40 37.23 -0.86
N PRO B 359 18.15 38.04 -0.13
CA PRO B 359 17.96 38.09 1.32
C PRO B 359 16.66 38.81 1.68
N ARG B 360 16.04 38.31 2.75
CA ARG B 360 14.71 38.79 3.13
C ARG B 360 14.54 38.70 4.63
N LYS B 361 14.02 39.78 5.22
CA LYS B 361 13.74 39.82 6.65
C LYS B 361 12.39 39.19 6.95
N ILE B 362 12.36 38.28 7.92
CA ILE B 362 11.11 37.74 8.42
C ILE B 362 10.81 38.17 9.84
N GLY B 363 11.77 38.74 10.55
CA GLY B 363 11.56 39.10 11.94
C GLY B 363 12.76 39.84 12.50
N TYR B 364 12.59 40.31 13.74
CA TYR B 364 13.61 41.04 14.45
C TYR B 364 13.70 40.50 15.87
N TRP B 365 14.91 40.57 16.43
CA TRP B 365 15.16 40.09 17.77
C TRP B 365 15.91 41.14 18.58
N SER B 366 15.27 41.64 19.63
CA SER B 366 15.93 42.45 20.64
C SER B 366 16.20 41.57 21.84
N GLU B 367 16.93 42.12 22.82
CA GLU B 367 17.42 41.30 23.93
C GLU B 367 16.30 40.91 24.89
N VAL B 368 15.32 41.78 25.11
CA VAL B 368 14.22 41.49 26.01
C VAL B 368 12.93 41.45 25.20
N ASP B 369 12.93 42.15 24.07
CA ASP B 369 11.85 42.06 23.09
C ASP B 369 12.25 41.00 22.07
N LYS B 370 11.82 39.77 22.34
CA LYS B 370 12.36 38.61 21.63
C LYS B 370 11.75 38.51 20.24
N MET B 371 11.91 37.34 19.60
CA MET B 371 11.77 37.21 18.16
C MET B 371 10.33 37.42 17.70
N VAL B 372 10.05 38.64 17.26
CA VAL B 372 8.75 39.05 16.74
C VAL B 372 8.86 39.06 15.22
N LEU B 373 7.93 38.38 14.56
CA LEU B 373 7.99 38.25 13.11
C LEU B 373 7.66 39.58 12.44
N THR B 374 8.31 39.81 11.30
CA THR B 374 8.13 41.01 10.50
C THR B 374 7.56 40.60 9.15
N GLU B 375 6.62 41.43 8.70
CA GLU B 375 5.61 41.24 7.66
C GLU B 375 6.09 40.50 6.42
N ASP B 376 5.20 39.68 5.86
CA ASP B 376 5.53 38.58 4.96
C ASP B 376 4.77 38.68 3.64
N ASP B 377 4.84 39.83 2.97
CA ASP B 377 4.22 40.00 1.66
C ASP B 377 4.97 39.13 0.66
N THR B 378 4.50 37.90 0.46
CA THR B 378 5.17 36.94 -0.40
C THR B 378 4.73 37.14 -1.85
N SER B 379 5.24 38.22 -2.44
CA SER B 379 5.02 38.45 -3.86
C SER B 379 5.85 37.48 -4.70
N GLY B 380 7.15 37.44 -4.47
CA GLY B 380 7.98 36.40 -5.06
C GLY B 380 7.69 35.07 -4.41
N LEU B 381 7.80 33.99 -5.21
CA LEU B 381 7.35 32.64 -4.89
C LEU B 381 5.90 32.65 -4.42
N GLU B 382 5.03 33.06 -5.34
CA GLU B 382 3.64 33.35 -5.04
C GLU B 382 2.88 32.04 -4.86
N GLN B 383 2.86 31.57 -3.62
CA GLN B 383 2.14 30.37 -3.21
C GLN B 383 1.00 30.66 -2.24
N LYS B 384 1.28 31.50 -1.23
CA LYS B 384 0.34 32.14 -0.29
C LYS B 384 -0.73 31.20 0.27
N THR B 385 -0.28 29.99 0.68
CA THR B 385 -0.93 29.03 1.60
C THR B 385 -2.44 28.91 1.51
N VAL B 386 -2.91 28.37 0.38
CA VAL B 386 -4.30 28.47 -0.13
C VAL B 386 -5.31 28.05 0.93
N VAL B 387 -6.29 28.92 1.20
CA VAL B 387 -7.24 28.73 2.29
C VAL B 387 -8.33 27.77 1.83
N VAL B 388 -8.44 26.63 2.52
CA VAL B 388 -9.44 25.63 2.20
C VAL B 388 -10.53 25.75 3.26
N THR B 389 -11.66 26.37 2.91
CA THR B 389 -12.76 26.45 3.86
C THR B 389 -13.57 25.16 3.84
N THR B 390 -14.15 24.85 4.98
CA THR B 390 -14.93 23.63 5.16
C THR B 390 -15.84 23.80 6.38
N ILE B 391 -16.49 22.72 6.76
CA ILE B 391 -17.44 22.70 7.87
C ILE B 391 -17.30 21.36 8.59
N LEU B 392 -17.51 21.35 9.90
CA LEU B 392 -17.37 20.16 10.73
C LEU B 392 -18.48 19.16 10.37
N GLU B 393 -18.13 18.12 9.62
CA GLU B 393 -19.08 17.10 9.21
C GLU B 393 -18.48 15.73 9.44
N SER B 394 -19.25 14.85 10.05
CA SER B 394 -18.78 13.48 10.16
C SER B 394 -19.28 12.68 8.95
N PRO B 395 -18.40 11.91 8.29
CA PRO B 395 -16.97 11.73 8.55
C PRO B 395 -16.10 12.58 7.65
N TYR B 396 -16.59 13.76 7.26
CA TYR B 396 -15.89 14.55 6.26
C TYR B 396 -14.84 15.47 6.87
N VAL B 397 -15.21 16.26 7.87
CA VAL B 397 -14.26 16.99 8.71
C VAL B 397 -14.68 16.80 10.16
N MET B 398 -13.84 16.10 10.93
CA MET B 398 -14.08 15.88 12.35
C MET B 398 -12.90 16.42 13.14
N MET B 399 -13.12 16.59 14.44
CA MET B 399 -12.07 17.06 15.33
C MET B 399 -11.27 15.89 15.86
N LYS B 400 -10.00 16.14 16.17
CA LYS B 400 -9.16 15.12 16.75
C LYS B 400 -9.50 14.91 18.23
N LYS B 401 -8.98 13.82 18.79
CA LYS B 401 -9.04 13.66 20.24
C LYS B 401 -7.91 14.43 20.91
N ASN B 402 -6.84 14.70 20.17
CA ASN B 402 -5.75 15.55 20.63
C ASN B 402 -5.64 16.79 19.75
N HIS B 403 -6.79 17.41 19.44
CA HIS B 403 -6.81 18.60 18.61
C HIS B 403 -6.19 19.79 19.32
N GLU B 404 -6.23 19.81 20.65
CA GLU B 404 -5.50 20.83 21.40
C GLU B 404 -4.00 20.61 21.29
N MET B 405 -3.57 19.36 21.17
CA MET B 405 -2.15 19.05 21.01
C MET B 405 -1.64 19.26 19.59
N LEU B 406 -2.51 19.12 18.59
CA LEU B 406 -2.13 19.28 17.19
C LEU B 406 -2.32 20.72 16.76
N GLU B 407 -1.82 21.03 15.56
CA GLU B 407 -1.75 22.40 15.08
C GLU B 407 -2.29 22.51 13.67
N GLY B 408 -3.22 23.46 13.47
CA GLY B 408 -3.69 23.84 12.15
C GLY B 408 -4.45 22.78 11.38
N ASN B 409 -3.84 22.30 10.29
CA ASN B 409 -4.46 21.27 9.46
C ASN B 409 -4.47 19.91 10.15
N GLU B 410 -3.55 19.67 11.07
CA GLU B 410 -3.51 18.41 11.80
C GLU B 410 -4.63 18.30 12.81
N ARG B 411 -5.21 19.43 13.25
CA ARG B 411 -6.33 19.42 14.17
C ARG B 411 -7.60 18.85 13.56
N TYR B 412 -7.68 18.80 12.23
CA TYR B 412 -8.90 18.42 11.52
C TYR B 412 -8.68 17.07 10.84
N GLU B 413 -9.55 16.12 11.16
CA GLU B 413 -9.51 14.81 10.53
C GLU B 413 -10.81 14.60 9.77
N GLY B 414 -10.79 13.67 8.83
CA GLY B 414 -12.00 13.32 8.14
C GLY B 414 -11.74 13.04 6.67
N TYR B 415 -12.84 12.89 5.93
CA TYR B 415 -12.78 12.50 4.53
C TYR B 415 -12.21 13.63 3.67
N CYS B 416 -12.61 14.87 3.95
CA CYS B 416 -12.13 16.01 3.18
C CYS B 416 -10.66 16.32 3.47
N VAL B 417 -10.15 15.87 4.61
CA VAL B 417 -8.75 16.11 4.94
C VAL B 417 -7.85 15.23 4.09
N ASP B 418 -8.25 13.99 3.85
CA ASP B 418 -7.48 13.10 3.00
C ASP B 418 -7.53 13.52 1.55
N LEU B 419 -8.63 14.14 1.12
CA LEU B 419 -8.71 14.67 -0.24
C LEU B 419 -7.83 15.91 -0.40
N ALA B 420 -7.82 16.80 0.60
CA ALA B 420 -7.07 18.05 0.50
C ALA B 420 -5.57 17.83 0.46
N ALA B 421 -5.10 16.72 1.02
CA ALA B 421 -3.70 16.34 0.80
C ALA B 421 -3.47 15.90 -0.64
N GLU B 422 -4.42 15.16 -1.22
CA GLU B 422 -4.28 14.69 -2.59
C GLU B 422 -4.44 15.80 -3.60
N ILE B 423 -5.27 16.81 -3.30
CA ILE B 423 -5.34 17.99 -4.16
C ILE B 423 -4.04 18.77 -4.07
N ALA B 424 -3.44 18.81 -2.87
CA ALA B 424 -2.11 19.38 -2.73
C ALA B 424 -1.05 18.51 -3.40
N LYS B 425 -1.30 17.20 -3.51
CA LYS B 425 -0.42 16.34 -4.29
C LYS B 425 -0.61 16.54 -5.78
N HIS B 426 -1.79 17.01 -6.20
CA HIS B 426 -2.06 17.19 -7.62
C HIS B 426 -1.73 18.61 -8.08
N CYS B 427 -2.15 19.61 -7.31
CA CYS B 427 -1.98 21.01 -7.71
C CYS B 427 -0.76 21.68 -7.09
N GLY B 428 -0.14 21.09 -6.08
CA GLY B 428 1.11 21.60 -5.53
C GLY B 428 0.99 22.90 -4.76
N PHE B 429 0.34 22.85 -3.61
CA PHE B 429 0.11 24.07 -2.83
C PHE B 429 0.04 23.73 -1.35
N LYS B 430 0.36 24.72 -0.52
CA LYS B 430 0.07 24.63 0.89
C LYS B 430 -1.39 24.96 1.15
N TYR B 431 -2.02 24.16 2.01
CA TYR B 431 -3.45 24.28 2.25
C TYR B 431 -3.68 24.63 3.71
N LYS B 432 -4.75 25.39 3.96
CA LYS B 432 -5.17 25.74 5.31
C LYS B 432 -6.63 25.36 5.48
N LEU B 433 -6.87 24.27 6.21
CA LEU B 433 -8.22 23.83 6.50
C LEU B 433 -8.83 24.77 7.54
N THR B 434 -9.96 25.39 7.20
CA THR B 434 -10.63 26.35 8.08
C THR B 434 -12.11 26.00 8.18
N ILE B 435 -12.62 25.93 9.39
CA ILE B 435 -14.04 25.70 9.63
C ILE B 435 -14.79 27.01 9.42
N VAL B 436 -15.93 26.92 8.73
CA VAL B 436 -16.79 28.08 8.54
C VAL B 436 -17.39 28.48 9.89
N GLY B 437 -17.61 29.78 10.08
CA GLY B 437 -17.99 30.27 11.39
C GLY B 437 -19.46 30.05 11.70
N ASP B 438 -20.34 30.45 10.79
CA ASP B 438 -21.78 30.43 11.04
C ASP B 438 -22.39 29.03 11.03
N GLY B 439 -21.65 28.03 10.59
CA GLY B 439 -22.20 26.69 10.47
C GLY B 439 -23.10 26.49 9.29
N LYS B 440 -23.14 27.43 8.35
CA LYS B 440 -23.95 27.31 7.16
C LYS B 440 -23.12 26.73 6.02
N TYR B 441 -23.80 26.08 5.08
CA TYR B 441 -23.12 25.45 3.96
C TYR B 441 -22.90 26.41 2.80
N GLY B 442 -23.34 27.66 2.92
CA GLY B 442 -23.27 28.56 1.78
C GLY B 442 -24.63 28.76 1.13
N ALA B 443 -25.66 28.95 1.95
CA ALA B 443 -26.97 29.27 1.42
C ALA B 443 -27.03 30.73 0.99
N ARG B 444 -28.13 31.09 0.33
CA ARG B 444 -28.36 32.47 -0.06
C ARG B 444 -29.51 33.06 0.75
N ASP B 445 -29.27 34.24 1.31
CA ASP B 445 -30.34 34.97 1.98
C ASP B 445 -31.35 35.46 0.95
N ALA B 446 -32.61 35.56 1.38
CA ALA B 446 -33.67 36.06 0.53
C ALA B 446 -33.91 37.55 0.70
N ASP B 447 -33.52 38.14 1.83
CA ASP B 447 -33.73 39.56 2.08
C ASP B 447 -32.52 40.38 1.66
N THR B 448 -31.35 40.08 2.26
CA THR B 448 -30.14 40.81 1.92
C THR B 448 -29.51 40.34 0.62
N LYS B 449 -29.90 39.15 0.14
CA LYS B 449 -29.32 38.47 -1.01
C LYS B 449 -27.80 38.31 -0.87
N ILE B 450 -27.37 38.06 0.37
CA ILE B 450 -25.97 37.87 0.71
C ILE B 450 -25.75 36.41 1.04
N TRP B 451 -24.82 35.78 0.33
CA TRP B 451 -24.45 34.40 0.61
C TRP B 451 -23.74 34.33 1.95
N ASN B 452 -24.30 33.55 2.87
CA ASN B 452 -23.60 33.23 4.11
C ASN B 452 -22.75 31.98 3.87
N GLY B 453 -22.24 31.39 4.94
CA GLY B 453 -21.60 30.09 4.88
C GLY B 453 -20.28 30.10 4.11
N MET B 454 -20.04 29.00 3.40
CA MET B 454 -18.77 28.82 2.71
C MET B 454 -18.76 29.49 1.35
N VAL B 455 -19.94 29.61 0.72
CA VAL B 455 -20.03 30.25 -0.59
C VAL B 455 -19.74 31.74 -0.49
N GLY B 456 -20.29 32.39 0.54
CA GLY B 456 -20.01 33.81 0.75
C GLY B 456 -18.58 34.09 1.14
N GLU B 457 -17.90 33.10 1.73
CA GLU B 457 -16.46 33.22 1.93
C GLU B 457 -15.70 33.10 0.63
N LEU B 458 -16.29 32.46 -0.38
CA LEU B 458 -15.63 32.38 -1.69
C LEU B 458 -16.00 33.56 -2.57
N VAL B 459 -17.22 34.08 -2.42
CA VAL B 459 -17.65 35.23 -3.22
C VAL B 459 -16.94 36.50 -2.76
N TYR B 460 -16.89 36.72 -1.44
CA TYR B 460 -16.36 37.96 -0.88
C TYR B 460 -14.84 37.92 -0.67
N GLY B 461 -14.17 36.91 -1.21
CA GLY B 461 -12.73 36.80 -1.11
C GLY B 461 -12.22 36.39 0.25
N LYS B 462 -13.07 35.91 1.16
CA LYS B 462 -12.61 35.49 2.47
C LYS B 462 -11.86 34.16 2.39
N ALA B 463 -12.33 33.23 1.57
CA ALA B 463 -11.71 31.93 1.44
C ALA B 463 -11.25 31.71 0.00
N ASP B 464 -10.28 30.80 -0.16
CA ASP B 464 -9.67 30.58 -1.46
C ASP B 464 -10.28 29.40 -2.20
N ILE B 465 -10.69 28.35 -1.50
CA ILE B 465 -11.30 27.18 -2.12
C ILE B 465 -12.11 26.47 -1.04
N ALA B 466 -13.07 25.64 -1.47
CA ALA B 466 -13.93 24.91 -0.55
C ALA B 466 -13.88 23.42 -0.85
N ILE B 467 -13.49 22.64 0.14
CA ILE B 467 -13.53 21.17 0.08
C ILE B 467 -14.44 20.74 1.22
N ALA B 468 -15.66 20.36 0.90
CA ALA B 468 -16.73 20.24 1.89
C ALA B 468 -17.87 19.43 1.29
N PRO B 469 -18.77 18.88 2.13
CA PRO B 469 -19.98 18.25 1.58
C PRO B 469 -20.96 19.27 1.01
N LEU B 470 -20.70 19.74 -0.20
CA LEU B 470 -21.46 20.83 -0.79
C LEU B 470 -22.23 20.30 -1.99
N THR B 471 -23.54 20.16 -1.82
CA THR B 471 -24.41 19.66 -2.89
C THR B 471 -24.55 20.71 -3.97
N ILE B 472 -24.31 20.33 -5.22
CA ILE B 472 -24.29 21.27 -6.34
C ILE B 472 -25.72 21.62 -6.72
N THR B 473 -26.07 22.89 -6.61
CA THR B 473 -27.31 23.45 -7.13
C THR B 473 -26.97 24.43 -8.26
N LEU B 474 -28.01 25.01 -8.84
CA LEU B 474 -27.80 25.98 -9.92
C LEU B 474 -27.32 27.31 -9.36
N VAL B 475 -27.99 27.80 -8.32
CA VAL B 475 -27.72 29.14 -7.79
C VAL B 475 -26.36 29.22 -7.11
N ARG B 476 -25.82 28.09 -6.62
CA ARG B 476 -24.46 28.08 -6.12
C ARG B 476 -23.45 28.21 -7.26
N GLU B 477 -23.71 27.58 -8.40
CA GLU B 477 -22.86 27.73 -9.57
C GLU B 477 -22.98 29.13 -10.19
N GLU B 478 -24.06 29.85 -9.90
CA GLU B 478 -24.24 31.19 -10.44
C GLU B 478 -23.27 32.21 -9.86
N VAL B 479 -22.59 31.90 -8.76
CA VAL B 479 -21.66 32.86 -8.15
C VAL B 479 -20.23 32.31 -8.08
N ILE B 480 -20.07 30.99 -7.97
CA ILE B 480 -18.77 30.35 -7.86
C ILE B 480 -18.74 29.14 -8.79
N ASP B 481 -17.58 28.48 -8.87
CA ASP B 481 -17.39 27.37 -9.79
C ASP B 481 -17.18 26.08 -9.03
N PHE B 482 -17.98 25.07 -9.34
CA PHE B 482 -17.76 23.72 -8.83
C PHE B 482 -16.80 22.96 -9.72
N SER B 483 -16.31 21.84 -9.19
CA SER B 483 -15.64 20.82 -10.00
C SER B 483 -16.68 19.78 -10.41
N LYS B 484 -16.23 18.65 -10.94
CA LYS B 484 -17.15 17.56 -11.22
C LYS B 484 -17.65 16.92 -9.93
N PRO B 485 -18.86 16.37 -9.92
CA PRO B 485 -19.34 15.68 -8.73
C PRO B 485 -18.58 14.38 -8.48
N PHE B 486 -17.73 14.41 -7.46
CA PHE B 486 -16.97 13.24 -7.05
C PHE B 486 -17.80 12.24 -6.26
N MET B 487 -18.87 12.69 -5.63
CA MET B 487 -19.68 11.83 -4.78
C MET B 487 -21.15 12.06 -5.14
N SER B 488 -21.69 11.20 -5.99
CA SER B 488 -23.09 11.28 -6.35
C SER B 488 -23.95 10.58 -5.30
N LEU B 489 -25.08 11.19 -4.98
CA LEU B 489 -25.94 10.74 -3.90
C LEU B 489 -27.35 11.26 -4.16
N GLY B 490 -28.20 11.15 -3.14
CA GLY B 490 -29.56 11.61 -3.25
C GLY B 490 -30.30 11.32 -1.96
N ILE B 491 -31.61 11.52 -2.01
CA ILE B 491 -32.44 11.29 -0.83
C ILE B 491 -32.61 9.79 -0.63
N SER B 492 -32.07 9.29 0.48
CA SER B 492 -32.18 7.88 0.84
C SER B 492 -33.25 7.73 1.91
N ILE B 493 -33.61 6.48 2.18
CA ILE B 493 -34.68 6.16 3.12
C ILE B 493 -34.05 5.49 4.33
N MET B 494 -33.80 6.27 5.38
CA MET B 494 -33.33 5.73 6.65
C MET B 494 -34.52 5.27 7.47
N ILE B 495 -34.64 3.95 7.64
CA ILE B 495 -35.62 3.37 8.54
C ILE B 495 -34.89 2.53 9.57
N LYS B 496 -35.67 1.91 10.46
CA LYS B 496 -35.12 0.97 11.42
C LYS B 496 -34.67 -0.28 10.68
N LYS B 497 -33.66 -0.95 11.27
CA LYS B 497 -33.45 -2.31 10.81
C LYS B 497 -34.53 -3.19 11.42
N PRO B 498 -35.22 -4.02 10.63
CA PRO B 498 -36.30 -4.83 11.18
C PRO B 498 -35.77 -6.00 11.98
N GLN B 499 -36.39 -6.20 13.15
CA GLN B 499 -35.92 -7.23 14.07
C GLN B 499 -37.12 -7.91 14.75
N LYS B 500 -37.57 -9.01 14.15
CA LYS B 500 -38.48 -9.99 14.75
C LYS B 500 -39.80 -9.36 15.18
N SER B 501 -40.57 -8.93 14.18
CA SER B 501 -41.88 -8.34 14.41
C SER B 501 -42.83 -9.36 15.06
N LYS B 502 -43.81 -8.83 15.78
CA LYS B 502 -44.62 -9.64 16.69
C LYS B 502 -45.55 -10.60 15.95
N PRO B 503 -45.39 -11.91 16.12
CA PRO B 503 -46.26 -12.88 15.45
C PRO B 503 -47.55 -13.09 16.23
N GLY B 504 -48.08 -14.12 15.69
CA GLY B 504 -49.39 -14.43 16.24
C GLY B 504 -50.33 -15.26 15.38
N VAL B 505 -51.54 -14.74 15.17
CA VAL B 505 -52.65 -15.56 14.67
C VAL B 505 -52.48 -15.87 13.19
N PHE B 506 -52.47 -14.83 12.34
CA PHE B 506 -52.38 -15.04 10.90
C PHE B 506 -51.00 -15.52 10.45
N SER B 507 -49.99 -15.36 11.29
CA SER B 507 -48.64 -15.81 11.00
C SER B 507 -48.37 -17.23 11.47
N PHE B 508 -49.35 -17.91 12.07
CA PHE B 508 -49.22 -19.35 12.27
C PHE B 508 -49.34 -20.11 10.96
N LEU B 509 -50.00 -19.52 9.96
CA LEU B 509 -50.29 -20.15 8.69
C LEU B 509 -49.17 -19.97 7.66
N ASP B 510 -47.92 -19.82 8.12
CA ASP B 510 -46.82 -19.51 7.19
C ASP B 510 -46.26 -20.72 6.42
N PRO B 511 -45.91 -21.87 7.04
CA PRO B 511 -45.22 -22.90 6.25
C PRO B 511 -46.10 -23.62 5.22
N LEU B 512 -47.41 -23.38 5.21
CA LEU B 512 -48.30 -23.90 4.18
C LEU B 512 -49.04 -22.70 3.60
N ALA B 513 -49.06 -22.60 2.26
CA ALA B 513 -49.52 -21.38 1.61
C ALA B 513 -51.03 -21.22 1.70
N TYR B 514 -51.47 -19.96 1.56
CA TYR B 514 -52.87 -19.59 1.76
C TYR B 514 -53.80 -20.21 0.71
N GLU B 515 -53.32 -20.37 -0.52
CA GLU B 515 -54.10 -21.09 -1.52
C GLU B 515 -54.16 -22.58 -1.20
N ILE B 516 -53.14 -23.09 -0.49
CA ILE B 516 -53.13 -24.51 -0.14
C ILE B 516 -53.97 -24.74 1.13
N TRP B 517 -54.11 -23.73 2.00
CA TRP B 517 -55.02 -23.85 3.15
C TRP B 517 -56.47 -23.99 2.70
N MET B 518 -56.83 -23.44 1.55
CA MET B 518 -58.17 -23.63 1.03
C MET B 518 -58.30 -24.97 0.32
N CYS B 519 -57.25 -25.38 -0.42
CA CYS B 519 -57.30 -26.61 -1.18
C CYS B 519 -57.09 -27.86 -0.32
N ILE B 520 -56.56 -27.71 0.90
CA ILE B 520 -56.50 -28.85 1.81
C ILE B 520 -57.87 -29.10 2.44
N VAL B 521 -58.75 -28.09 2.42
CA VAL B 521 -60.13 -28.26 2.85
C VAL B 521 -61.03 -28.61 1.68
N PHE B 522 -60.74 -28.06 0.49
CA PHE B 522 -61.54 -28.33 -0.69
C PHE B 522 -61.43 -29.78 -1.14
N ALA B 523 -60.19 -30.29 -1.26
CA ALA B 523 -59.99 -31.68 -1.65
C ALA B 523 -60.36 -32.67 -0.55
N TYR B 524 -60.54 -32.20 0.69
CA TYR B 524 -60.91 -33.09 1.79
C TYR B 524 -62.36 -33.56 1.66
N ILE B 525 -63.27 -32.63 1.39
CA ILE B 525 -64.69 -32.97 1.40
C ILE B 525 -65.12 -33.75 0.16
N GLY B 526 -64.26 -33.88 -0.85
CA GLY B 526 -64.57 -34.74 -1.98
C GLY B 526 -64.31 -36.21 -1.72
N VAL B 527 -63.66 -36.53 -0.60
CA VAL B 527 -63.29 -37.92 -0.31
C VAL B 527 -64.45 -38.66 0.34
N SER B 528 -65.20 -37.99 1.22
CA SER B 528 -66.21 -38.67 2.03
C SER B 528 -67.49 -38.99 1.27
N VAL B 529 -67.62 -38.53 0.02
CA VAL B 529 -68.85 -38.79 -0.74
C VAL B 529 -68.86 -40.21 -1.31
N VAL B 530 -67.69 -40.85 -1.45
CA VAL B 530 -67.64 -42.17 -2.06
C VAL B 530 -67.95 -43.26 -1.04
N LEU B 531 -67.43 -43.10 0.18
CA LEU B 531 -67.62 -44.10 1.23
C LEU B 531 -69.05 -44.15 1.77
N PHE B 532 -69.89 -43.17 1.43
CA PHE B 532 -71.30 -43.24 1.79
C PHE B 532 -72.02 -44.34 1.01
N LEU B 533 -71.56 -44.64 -0.20
CA LEU B 533 -72.15 -45.71 -1.01
C LEU B 533 -71.77 -47.11 -0.52
N VAL B 534 -70.82 -47.21 0.40
CA VAL B 534 -70.43 -48.51 0.95
C VAL B 534 -71.51 -49.06 1.88
N SER B 535 -71.88 -48.27 2.88
CA SER B 535 -72.91 -48.67 3.83
C SER B 535 -74.27 -48.11 3.43
N ILE B 564 -71.59 -38.89 3.15
CA ILE B 564 -72.53 -37.81 2.87
C ILE B 564 -73.12 -37.26 4.15
N PHE B 565 -73.44 -38.16 5.08
CA PHE B 565 -74.01 -37.78 6.37
C PHE B 565 -73.15 -38.24 7.55
N ASN B 566 -72.58 -39.43 7.48
CA ASN B 566 -71.71 -39.95 8.53
C ASN B 566 -70.24 -40.00 8.11
N SER B 567 -69.97 -40.24 6.82
CA SER B 567 -68.62 -40.50 6.33
C SER B 567 -67.70 -39.29 6.38
N LEU B 568 -68.22 -38.09 6.62
CA LEU B 568 -67.34 -36.94 6.83
C LEU B 568 -66.57 -37.07 8.14
N TRP B 569 -67.23 -37.58 9.18
CA TRP B 569 -66.52 -37.94 10.41
C TRP B 569 -65.68 -39.19 10.24
N PHE B 570 -66.08 -40.10 9.34
CA PHE B 570 -65.23 -41.23 9.02
C PHE B 570 -64.14 -40.87 8.01
N SER B 571 -64.23 -39.68 7.41
CA SER B 571 -63.06 -39.13 6.72
C SER B 571 -62.16 -38.39 7.69
N LEU B 572 -62.65 -38.09 8.90
CA LEU B 572 -61.78 -37.57 9.94
C LEU B 572 -60.92 -38.67 10.54
N GLY B 573 -61.34 -39.93 10.43
CA GLY B 573 -60.45 -41.03 10.73
C GLY B 573 -59.34 -41.19 9.70
N ALA B 574 -59.56 -40.67 8.50
CA ALA B 574 -58.54 -40.58 7.47
C ALA B 574 -58.09 -39.14 7.24
N PHE B 575 -58.38 -38.24 8.19
CA PHE B 575 -57.91 -36.87 8.10
C PHE B 575 -56.40 -36.81 8.25
N MET B 576 -55.90 -37.19 9.42
CA MET B 576 -54.50 -37.57 9.57
C MET B 576 -54.36 -38.97 10.15
N GLN B 577 -55.02 -39.25 11.28
CA GLN B 577 -54.86 -40.46 12.08
C GLN B 577 -56.17 -40.79 12.76
N GLN B 578 -56.12 -41.56 13.85
CA GLN B 578 -57.27 -41.93 14.69
C GLN B 578 -58.30 -42.72 13.89
N GLY B 579 -57.87 -43.94 13.52
CA GLY B 579 -58.58 -44.89 12.66
C GLY B 579 -60.07 -45.10 12.86
N CYS B 580 -60.81 -44.96 11.76
CA CYS B 580 -62.26 -44.97 11.78
C CYS B 580 -62.81 -46.38 11.98
N ASP B 581 -64.15 -46.47 12.04
CA ASP B 581 -64.82 -47.74 12.33
C ASP B 581 -65.44 -48.38 11.09
N ILE B 582 -65.88 -47.58 10.12
CA ILE B 582 -66.35 -48.14 8.85
C ILE B 582 -65.14 -48.69 8.10
N SER B 583 -65.18 -49.97 7.74
CA SER B 583 -64.04 -50.67 7.17
C SER B 583 -64.35 -51.12 5.75
N PRO B 584 -63.89 -50.40 4.74
CA PRO B 584 -64.00 -50.89 3.35
C PRO B 584 -62.98 -51.97 3.05
N ARG B 585 -63.34 -53.23 3.35
CA ARG B 585 -62.40 -54.35 3.37
C ARG B 585 -61.77 -54.65 2.01
N SER B 586 -62.58 -55.09 1.04
CA SER B 586 -62.00 -55.53 -0.22
C SER B 586 -62.63 -54.86 -1.44
N LEU B 587 -63.55 -53.92 -1.25
CA LEU B 587 -64.17 -53.23 -2.36
C LEU B 587 -63.38 -51.95 -2.66
N SER B 588 -63.93 -51.08 -3.51
CA SER B 588 -63.19 -49.93 -4.03
C SER B 588 -62.95 -48.85 -2.99
N GLY B 589 -63.64 -48.89 -1.85
CA GLY B 589 -63.43 -47.91 -0.80
C GLY B 589 -62.08 -48.02 -0.11
N ARG B 590 -61.42 -49.18 -0.22
CA ARG B 590 -60.07 -49.33 0.31
C ARG B 590 -59.08 -48.44 -0.42
N ILE B 591 -59.27 -48.26 -1.73
CA ILE B 591 -58.44 -47.32 -2.48
C ILE B 591 -58.83 -45.89 -2.12
N VAL B 592 -60.11 -45.64 -1.87
CA VAL B 592 -60.59 -44.31 -1.54
C VAL B 592 -60.11 -43.90 -0.15
N GLY B 593 -60.23 -44.80 0.83
CA GLY B 593 -59.75 -44.52 2.17
C GLY B 593 -58.26 -44.64 2.35
N GLY B 594 -57.55 -45.15 1.34
CA GLY B 594 -56.12 -45.34 1.46
C GLY B 594 -55.27 -44.27 0.79
N VAL B 595 -55.68 -43.84 -0.41
CA VAL B 595 -54.87 -42.90 -1.19
C VAL B 595 -54.92 -41.50 -0.58
N TRP B 596 -56.10 -41.07 -0.12
CA TRP B 596 -56.20 -39.80 0.58
C TRP B 596 -55.47 -39.83 1.91
N TRP B 597 -55.51 -40.98 2.59
CA TRP B 597 -54.68 -41.16 3.79
C TRP B 597 -53.20 -41.21 3.43
N PHE B 598 -52.86 -41.77 2.26
CA PHE B 598 -51.50 -41.68 1.76
C PHE B 598 -51.14 -40.26 1.38
N PHE B 599 -52.13 -39.47 0.95
CA PHE B 599 -51.87 -38.08 0.57
C PHE B 599 -51.58 -37.21 1.78
N THR B 600 -52.32 -37.41 2.88
CA THR B 600 -52.22 -36.51 4.01
C THR B 600 -50.96 -36.74 4.85
N LEU B 601 -50.29 -37.87 4.68
CA LEU B 601 -49.01 -38.09 5.36
C LEU B 601 -47.87 -37.36 4.67
N ILE B 602 -48.06 -37.00 3.39
CA ILE B 602 -47.03 -36.28 2.65
C ILE B 602 -46.92 -34.86 3.16
N ILE B 603 -48.06 -34.26 3.53
CA ILE B 603 -48.10 -32.84 3.86
C ILE B 603 -47.45 -32.58 5.22
N ILE B 604 -47.94 -33.18 6.20
CA ILE B 604 -47.44 -33.00 7.57
C ILE B 604 -45.92 -33.23 7.69
N SER B 605 -45.32 -34.01 6.80
CA SER B 605 -43.86 -34.05 6.73
C SER B 605 -43.32 -32.79 6.04
N SER B 606 -44.01 -32.34 4.99
CA SER B 606 -43.57 -31.14 4.26
C SER B 606 -43.86 -29.88 5.06
N TYR B 607 -44.96 -29.86 5.83
CA TYR B 607 -45.29 -28.70 6.66
C TYR B 607 -44.27 -28.54 7.79
N THR B 608 -43.77 -29.66 8.32
CA THR B 608 -42.73 -29.60 9.33
C THR B 608 -41.40 -29.21 8.72
N ALA B 609 -41.12 -29.71 7.51
CA ALA B 609 -39.87 -29.38 6.84
C ALA B 609 -39.83 -27.93 6.38
N ASN B 610 -41.01 -27.35 6.09
CA ASN B 610 -41.06 -25.92 5.78
C ASN B 610 -41.01 -25.09 7.05
N LEU B 611 -41.63 -25.58 8.14
CA LEU B 611 -41.57 -24.87 9.42
C LEU B 611 -40.16 -24.84 9.97
N ALA B 612 -39.40 -25.91 9.76
CA ALA B 612 -37.99 -25.91 10.10
C ALA B 612 -37.19 -24.94 9.23
N ALA B 613 -37.65 -24.69 8.00
CA ALA B 613 -36.99 -23.72 7.15
C ALA B 613 -37.25 -22.28 7.63
N PHE B 614 -38.43 -22.04 8.23
CA PHE B 614 -38.67 -20.72 8.80
C PHE B 614 -38.03 -20.56 10.17
N LEU B 615 -37.97 -21.63 10.96
CA LEU B 615 -37.40 -21.55 12.31
C LEU B 615 -35.88 -21.65 12.32
N THR B 616 -35.24 -21.74 11.18
CA THR B 616 -33.78 -21.77 11.11
C THR B 616 -33.21 -20.60 10.31
N VAL B 617 -33.74 -20.34 9.12
CA VAL B 617 -33.18 -19.31 8.25
C VAL B 617 -33.50 -17.92 8.78
N GLU B 618 -34.80 -17.61 8.91
CA GLU B 618 -35.33 -16.41 9.57
C GLU B 618 -34.83 -15.13 8.87
N ARG B 619 -35.29 -14.97 7.63
CA ARG B 619 -35.00 -13.77 6.86
C ARG B 619 -36.02 -12.70 7.23
N MET B 620 -35.67 -11.89 8.24
CA MET B 620 -36.52 -10.77 8.66
C MET B 620 -36.44 -9.69 7.59
N VAL B 621 -37.43 -9.66 6.71
CA VAL B 621 -37.37 -8.80 5.52
C VAL B 621 -37.77 -7.38 5.91
N SER B 622 -37.14 -6.41 5.24
CA SER B 622 -37.62 -5.04 5.30
C SER B 622 -38.93 -4.95 4.53
N PRO B 623 -39.92 -4.21 5.06
CA PRO B 623 -41.22 -4.17 4.38
C PRO B 623 -41.21 -3.34 3.11
N ILE B 624 -40.41 -2.28 3.06
CA ILE B 624 -40.43 -1.35 1.94
C ILE B 624 -39.02 -1.22 1.37
N GLU B 625 -38.95 -0.97 0.06
CA GLU B 625 -37.74 -0.51 -0.59
C GLU B 625 -37.91 0.89 -1.16
N SER B 626 -38.88 1.18 -2.03
CA SER B 626 -39.17 2.42 -2.73
C SER B 626 -40.00 3.36 -1.85
N ALA B 627 -39.90 4.65 -2.14
CA ALA B 627 -40.76 5.65 -1.53
C ALA B 627 -42.16 5.68 -2.15
N GLU B 628 -42.37 4.94 -3.24
CA GLU B 628 -43.71 4.76 -3.78
C GLU B 628 -44.57 3.91 -2.85
N ASP B 629 -43.93 3.07 -2.04
CA ASP B 629 -44.67 2.31 -1.03
C ASP B 629 -45.15 3.23 0.10
N LEU B 630 -44.42 4.30 0.39
CA LEU B 630 -44.89 5.27 1.37
C LEU B 630 -46.05 6.10 0.84
N SER B 631 -46.15 6.25 -0.47
CA SER B 631 -47.36 6.78 -1.08
C SER B 631 -48.41 5.70 -1.28
N LYS B 632 -48.09 4.45 -0.95
CA LYS B 632 -49.01 3.32 -1.03
C LYS B 632 -49.53 2.88 0.33
N GLN B 633 -48.67 2.80 1.34
CA GLN B 633 -49.10 2.51 2.70
C GLN B 633 -49.17 3.79 3.52
N THR B 634 -49.76 3.68 4.70
CA THR B 634 -49.85 4.82 5.60
C THR B 634 -49.62 4.46 7.06
N GLU B 635 -49.20 3.22 7.36
CA GLU B 635 -48.96 2.84 8.74
C GLU B 635 -47.67 3.43 9.29
N ILE B 636 -46.63 3.47 8.47
CA ILE B 636 -45.33 3.99 8.87
C ILE B 636 -45.26 5.46 8.46
N ALA B 637 -45.14 6.34 9.45
CA ALA B 637 -45.01 7.76 9.17
C ALA B 637 -43.65 8.06 8.55
N TYR B 638 -43.57 9.20 7.87
CA TYR B 638 -42.33 9.56 7.20
C TYR B 638 -42.29 11.08 7.05
N GLY B 639 -41.10 11.64 7.27
CA GLY B 639 -40.87 13.06 7.14
C GLY B 639 -39.40 13.34 6.92
N THR B 640 -39.10 14.61 6.69
CA THR B 640 -37.74 15.08 6.47
C THR B 640 -37.37 16.06 7.57
N LEU B 641 -36.24 16.74 7.39
CA LEU B 641 -35.90 17.85 8.27
C LEU B 641 -36.87 19.00 8.03
N ASP B 642 -37.15 19.77 9.09
CA ASP B 642 -38.11 20.86 8.98
C ASP B 642 -37.60 22.05 8.18
N SER B 643 -36.33 22.05 7.77
CA SER B 643 -35.81 23.02 6.81
C SER B 643 -34.77 22.30 5.95
N GLY B 644 -34.63 22.77 4.71
CA GLY B 644 -33.63 22.20 3.83
C GLY B 644 -34.21 21.88 2.48
N SER B 645 -33.31 21.51 1.56
CA SER B 645 -33.71 21.15 0.20
C SER B 645 -34.39 19.80 0.14
N THR B 646 -34.15 18.94 1.13
CA THR B 646 -34.80 17.63 1.17
C THR B 646 -36.30 17.78 1.43
N LYS B 647 -36.66 18.66 2.36
CA LYS B 647 -38.06 19.06 2.51
C LYS B 647 -38.56 19.77 1.27
N GLU B 648 -37.70 20.62 0.67
CA GLU B 648 -38.12 21.44 -0.46
C GLU B 648 -38.25 20.60 -1.73
N PHE B 649 -37.64 19.42 -1.76
CA PHE B 649 -37.69 18.57 -2.95
C PHE B 649 -39.10 18.03 -3.19
N PHE B 650 -39.74 17.50 -2.15
CA PHE B 650 -41.12 17.03 -2.26
C PHE B 650 -42.08 18.19 -2.49
N ARG B 651 -41.74 19.37 -1.96
CA ARG B 651 -42.48 20.58 -2.27
C ARG B 651 -42.34 20.96 -3.75
N ARG B 652 -41.20 20.64 -4.37
CA ARG B 652 -40.91 21.02 -5.74
C ARG B 652 -41.23 19.93 -6.76
N SER B 653 -41.06 18.66 -6.41
CA SER B 653 -41.18 17.58 -7.38
C SER B 653 -42.64 17.39 -7.81
N LYS B 654 -42.87 17.54 -9.11
CA LYS B 654 -44.19 17.44 -9.70
C LYS B 654 -44.60 16.01 -10.03
N ILE B 655 -43.75 15.03 -9.74
CA ILE B 655 -44.12 13.63 -9.89
C ILE B 655 -45.19 13.29 -8.85
N ALA B 656 -46.22 12.55 -9.28
CA ALA B 656 -47.42 12.36 -8.46
C ALA B 656 -47.16 11.56 -7.20
N VAL B 657 -46.12 10.71 -7.20
CA VAL B 657 -45.74 10.01 -5.98
C VAL B 657 -45.10 10.98 -4.99
N PHE B 658 -44.14 11.78 -5.47
CA PHE B 658 -43.43 12.71 -4.60
C PHE B 658 -44.31 13.87 -4.15
N ASP B 659 -45.38 14.15 -4.88
CA ASP B 659 -46.33 15.15 -4.44
C ASP B 659 -47.30 14.57 -3.42
N LYS B 660 -47.66 13.29 -3.59
CA LYS B 660 -48.56 12.63 -2.64
C LYS B 660 -47.88 12.41 -1.29
N MET B 661 -46.56 12.14 -1.32
CA MET B 661 -45.79 12.12 -0.08
C MET B 661 -45.77 13.49 0.57
N TRP B 662 -45.60 14.55 -0.24
CA TRP B 662 -45.72 15.91 0.26
C TRP B 662 -47.15 16.24 0.67
N THR B 663 -48.14 15.62 0.01
CA THR B 663 -49.53 15.77 0.43
C THR B 663 -49.76 15.07 1.76
N TYR B 664 -49.07 13.96 2.00
CA TYR B 664 -49.22 13.25 3.27
C TYR B 664 -48.46 13.97 4.39
N MET B 665 -47.25 14.46 4.10
CA MET B 665 -46.42 15.06 5.14
C MET B 665 -46.98 16.39 5.63
N ARG B 666 -47.69 17.13 4.78
CA ARG B 666 -48.38 18.32 5.25
C ARG B 666 -49.64 17.97 6.03
N SER B 667 -50.13 16.74 5.89
CA SER B 667 -51.27 16.25 6.65
C SER B 667 -50.86 15.25 7.73
N ALA B 668 -49.58 14.91 7.81
CA ALA B 668 -49.09 13.99 8.84
C ALA B 668 -49.09 14.70 10.19
N GLU B 669 -49.99 14.29 11.08
CA GLU B 669 -50.08 14.85 12.42
C GLU B 669 -49.84 13.75 13.43
N PRO B 670 -48.89 13.90 14.38
CA PRO B 670 -48.03 15.06 14.68
C PRO B 670 -46.90 15.28 13.68
N SER B 671 -46.06 16.28 13.97
CA SER B 671 -45.08 16.78 13.00
C SER B 671 -44.00 15.75 12.71
N VAL B 672 -44.04 15.19 11.50
CA VAL B 672 -42.98 14.32 11.04
C VAL B 672 -41.73 15.12 10.66
N PHE B 673 -41.88 16.43 10.44
CA PHE B 673 -40.74 17.29 10.17
C PHE B 673 -40.02 17.61 11.48
N VAL B 674 -38.93 16.90 11.74
CA VAL B 674 -38.18 17.04 12.97
C VAL B 674 -37.24 18.24 12.84
N ARG B 675 -36.76 18.70 14.00
CA ARG B 675 -35.97 19.93 14.06
C ARG B 675 -34.49 19.71 13.73
N THR B 676 -33.91 18.62 14.23
CA THR B 676 -32.52 18.28 13.94
C THR B 676 -32.46 16.91 13.28
N THR B 677 -31.28 16.61 12.71
CA THR B 677 -31.10 15.33 12.02
C THR B 677 -31.15 14.16 13.00
N ALA B 678 -30.51 14.31 14.17
CA ALA B 678 -30.51 13.25 15.17
C ALA B 678 -31.88 13.10 15.83
N GLU B 679 -32.74 14.12 15.74
CA GLU B 679 -34.11 13.96 16.20
C GLU B 679 -34.88 13.00 15.29
N GLY B 680 -34.66 13.10 13.98
CA GLY B 680 -35.25 12.13 13.07
C GLY B 680 -34.65 10.75 13.18
N VAL B 681 -33.37 10.67 13.56
CA VAL B 681 -32.77 9.38 13.87
C VAL B 681 -33.42 8.79 15.12
N ALA B 682 -33.65 9.63 16.13
CA ALA B 682 -34.29 9.18 17.36
C ALA B 682 -35.77 8.84 17.14
N ARG B 683 -36.47 9.61 16.31
CA ARG B 683 -37.89 9.37 16.09
C ARG B 683 -38.13 8.09 15.31
N VAL B 684 -37.17 7.68 14.48
CA VAL B 684 -37.18 6.32 13.94
C VAL B 684 -36.99 5.31 15.08
N ARG B 685 -36.04 5.58 15.97
CA ARG B 685 -35.73 4.63 17.04
C ARG B 685 -36.81 4.64 18.12
N LYS B 686 -37.44 5.80 18.36
CA LYS B 686 -38.47 5.86 19.39
C LYS B 686 -39.79 5.27 18.91
N SER B 687 -40.18 5.52 17.66
CA SER B 687 -41.40 4.94 17.13
C SER B 687 -41.22 3.49 16.69
N LYS B 688 -39.98 3.01 16.62
CA LYS B 688 -39.62 1.61 16.41
C LYS B 688 -40.16 1.07 15.08
N GLY B 689 -39.67 1.66 13.99
CA GLY B 689 -40.02 1.23 12.65
C GLY B 689 -41.26 1.89 12.07
N LYS B 690 -42.14 2.43 12.89
CA LYS B 690 -43.34 3.10 12.41
C LYS B 690 -43.10 4.55 12.04
N TYR B 691 -41.85 5.02 12.10
CA TYR B 691 -41.47 6.32 11.57
C TYR B 691 -40.31 6.12 10.61
N ALA B 692 -40.45 6.64 9.40
CA ALA B 692 -39.36 6.66 8.43
C ALA B 692 -38.76 8.05 8.37
N TYR B 693 -37.50 8.11 7.96
CA TYR B 693 -36.84 9.40 7.85
C TYR B 693 -35.99 9.41 6.58
N LEU B 694 -35.85 10.60 6.00
CA LEU B 694 -35.21 10.78 4.70
C LEU B 694 -33.99 11.68 4.87
N LEU B 695 -32.82 11.11 4.62
CA LEU B 695 -31.57 11.87 4.62
C LEU B 695 -30.66 11.31 3.54
N GLU B 696 -29.50 11.93 3.38
CA GLU B 696 -28.59 11.64 2.28
C GLU B 696 -27.95 10.28 2.46
N SER B 697 -27.68 9.59 1.35
CA SER B 697 -27.25 8.19 1.39
C SER B 697 -25.88 8.02 2.03
N THR B 698 -24.95 8.95 1.78
CA THR B 698 -23.62 8.84 2.36
C THR B 698 -23.66 9.08 3.87
N MET B 699 -24.59 9.92 4.34
CA MET B 699 -24.80 10.03 5.77
C MET B 699 -25.58 8.83 6.30
N ASN B 700 -26.46 8.28 5.46
CA ASN B 700 -27.17 7.06 5.81
C ASN B 700 -26.23 5.85 5.79
N GLU B 701 -25.16 5.92 5.00
CA GLU B 701 -24.05 4.97 5.15
C GLU B 701 -23.41 5.12 6.53
N TYR B 702 -23.17 6.35 6.95
CA TYR B 702 -22.33 6.59 8.12
C TYR B 702 -23.09 6.30 9.42
N ILE B 703 -24.34 6.72 9.53
CA ILE B 703 -25.10 6.55 10.77
C ILE B 703 -25.48 5.07 10.96
N GLU B 704 -25.64 4.33 9.85
CA GLU B 704 -25.80 2.88 9.93
C GLU B 704 -24.55 2.21 10.48
N GLN B 705 -23.38 2.84 10.29
CA GLN B 705 -22.17 2.35 10.94
C GLN B 705 -22.07 2.83 12.38
N ARG B 706 -22.72 3.94 12.71
CA ARG B 706 -22.66 4.49 14.07
C ARG B 706 -23.55 3.70 15.01
N LYS B 707 -22.99 3.30 16.15
CA LYS B 707 -23.70 2.48 17.12
C LYS B 707 -24.79 3.29 17.82
N PRO B 708 -25.87 2.63 18.30
CA PRO B 708 -26.27 1.21 18.42
C PRO B 708 -26.58 0.45 17.11
N CYS B 709 -26.54 1.15 15.97
CA CYS B 709 -26.70 0.58 14.63
C CYS B 709 -28.06 -0.11 14.43
N ASP B 710 -29.10 0.39 15.09
CA ASP B 710 -30.43 -0.16 14.90
C ASP B 710 -31.18 0.45 13.73
N THR B 711 -30.53 1.29 12.93
CA THR B 711 -31.10 1.85 11.72
C THR B 711 -30.32 1.35 10.49
N MET B 712 -30.94 1.50 9.32
CA MET B 712 -30.32 1.04 8.09
C MET B 712 -30.76 1.91 6.93
N LYS B 713 -30.21 1.61 5.76
CA LYS B 713 -30.59 2.25 4.50
C LYS B 713 -31.33 1.25 3.62
N VAL B 714 -32.53 1.61 3.18
CA VAL B 714 -33.30 0.77 2.27
C VAL B 714 -33.52 1.53 0.96
N GLY B 715 -33.62 0.77 -0.13
CA GLY B 715 -33.87 1.34 -1.44
C GLY B 715 -32.74 2.17 -2.01
N GLY B 716 -33.00 2.84 -3.13
CA GLY B 716 -32.02 3.71 -3.76
C GLY B 716 -32.30 5.17 -3.47
N ASN B 717 -31.50 6.02 -4.13
CA ASN B 717 -31.69 7.46 -4.01
C ASN B 717 -32.92 7.91 -4.78
N LEU B 718 -33.63 8.88 -4.20
CA LEU B 718 -34.81 9.43 -4.86
C LEU B 718 -34.48 10.45 -5.93
N ASP B 719 -33.25 10.98 -5.92
CA ASP B 719 -32.80 11.90 -6.94
C ASP B 719 -31.28 11.80 -7.04
N SER B 720 -30.70 12.64 -7.89
CA SER B 720 -29.27 12.65 -8.12
C SER B 720 -28.68 13.95 -7.60
N LYS B 721 -28.00 13.87 -6.47
CA LYS B 721 -27.30 15.02 -5.89
C LYS B 721 -25.81 14.71 -5.82
N GLY B 722 -25.00 15.73 -6.05
CA GLY B 722 -23.57 15.52 -6.09
C GLY B 722 -22.77 16.52 -5.29
N TYR B 723 -21.85 16.01 -4.47
CA TYR B 723 -20.89 16.86 -3.80
C TYR B 723 -19.83 17.30 -4.80
N GLY B 724 -19.55 18.60 -4.83
CA GLY B 724 -18.57 19.14 -5.75
C GLY B 724 -17.63 20.08 -5.04
N ILE B 725 -16.36 20.00 -5.42
CA ILE B 725 -15.35 20.90 -4.86
C ILE B 725 -15.53 22.27 -5.49
N ALA B 726 -15.73 23.28 -4.64
CA ALA B 726 -16.10 24.62 -5.09
C ALA B 726 -14.90 25.56 -5.02
N THR B 727 -14.72 26.33 -6.08
CA THR B 727 -13.74 27.40 -6.17
C THR B 727 -14.47 28.67 -6.59
N PRO B 728 -13.94 29.86 -6.26
CA PRO B 728 -14.55 31.09 -6.78
C PRO B 728 -14.45 31.18 -8.29
N LYS B 729 -15.40 31.90 -8.88
CA LYS B 729 -15.51 31.96 -10.33
C LYS B 729 -14.40 32.81 -10.92
N GLY B 730 -13.61 32.21 -11.81
CA GLY B 730 -12.47 32.87 -12.39
C GLY B 730 -11.15 32.55 -11.74
N SER B 731 -11.11 31.57 -10.84
CA SER B 731 -9.87 31.20 -10.18
C SER B 731 -9.00 30.34 -11.10
N SER B 732 -7.68 30.56 -11.01
CA SER B 732 -6.74 29.78 -11.80
C SER B 732 -6.61 28.36 -11.27
N LEU B 733 -6.89 28.14 -9.98
CA LEU B 733 -6.79 26.82 -9.40
C LEU B 733 -7.96 25.91 -9.77
N GLY B 734 -9.02 26.47 -10.35
CA GLY B 734 -10.27 25.73 -10.47
C GLY B 734 -10.21 24.58 -11.45
N THR B 735 -9.46 24.75 -12.54
CA THR B 735 -9.36 23.69 -13.54
C THR B 735 -8.46 22.52 -13.11
N PRO B 736 -7.25 22.70 -12.54
CA PRO B 736 -6.52 21.49 -12.10
C PRO B 736 -7.12 20.80 -10.90
N VAL B 737 -7.87 21.52 -10.07
CA VAL B 737 -8.67 20.86 -9.04
C VAL B 737 -9.78 20.03 -9.68
N ASN B 738 -10.40 20.56 -10.75
CA ASN B 738 -11.45 19.85 -11.45
C ASN B 738 -10.91 18.62 -12.17
N LEU B 739 -9.70 18.71 -12.73
CA LEU B 739 -9.08 17.54 -13.36
C LEU B 739 -8.64 16.53 -12.32
N ALA B 740 -8.33 16.98 -11.11
CA ALA B 740 -7.97 16.05 -10.04
C ALA B 740 -9.17 15.24 -9.56
N VAL B 741 -10.38 15.82 -9.66
CA VAL B 741 -11.59 15.07 -9.38
C VAL B 741 -11.78 13.97 -10.42
N LEU B 742 -11.52 14.29 -11.68
CA LEU B 742 -11.63 13.31 -12.76
C LEU B 742 -10.47 12.33 -12.78
N LYS B 743 -9.44 12.54 -11.96
CA LYS B 743 -8.32 11.60 -11.91
C LYS B 743 -8.41 10.69 -10.71
N LEU B 744 -8.70 11.25 -9.53
CA LEU B 744 -8.76 10.46 -8.30
C LEU B 744 -9.99 9.55 -8.25
N SER B 745 -11.12 10.02 -8.77
CA SER B 745 -12.30 9.15 -8.83
C SER B 745 -12.15 8.10 -9.92
N GLU B 746 -11.32 8.36 -10.93
CA GLU B 746 -11.12 7.40 -12.00
C GLU B 746 -10.29 6.21 -11.54
N GLN B 747 -9.28 6.47 -10.72
CA GLN B 747 -8.37 5.44 -10.23
C GLN B 747 -8.96 4.60 -9.10
N GLY B 748 -10.12 4.98 -8.57
CA GLY B 748 -10.65 4.33 -7.40
C GLY B 748 -10.00 4.75 -6.10
N VAL B 749 -9.25 5.86 -6.11
CA VAL B 749 -8.65 6.37 -4.89
C VAL B 749 -9.73 6.93 -3.97
N LEU B 750 -10.72 7.63 -4.53
CA LEU B 750 -11.83 8.13 -3.73
C LEU B 750 -12.72 6.99 -3.27
N ASP B 751 -12.77 5.90 -4.04
CA ASP B 751 -13.46 4.70 -3.58
C ASP B 751 -12.72 4.03 -2.44
N LYS B 752 -11.38 4.08 -2.47
CA LYS B 752 -10.59 3.55 -1.36
C LYS B 752 -10.75 4.43 -0.12
N LEU B 753 -10.84 5.74 -0.30
CA LEU B 753 -11.11 6.64 0.82
C LEU B 753 -12.56 6.53 1.28
N LYS B 754 -13.46 6.09 0.39
CA LYS B 754 -14.82 5.78 0.81
C LYS B 754 -14.85 4.54 1.69
N ASN B 755 -13.92 3.61 1.46
CA ASN B 755 -13.76 2.48 2.37
C ASN B 755 -13.12 2.90 3.69
N LYS B 756 -12.44 4.05 3.71
CA LYS B 756 -11.77 4.48 4.92
C LYS B 756 -12.75 5.08 5.92
N TRP B 757 -13.42 6.17 5.54
CA TRP B 757 -14.20 6.94 6.50
C TRP B 757 -15.62 6.42 6.68
N TRP B 758 -15.99 5.33 6.01
CA TRP B 758 -17.26 4.67 6.26
C TRP B 758 -17.14 3.20 6.61
N TYR B 759 -15.99 2.57 6.37
CA TYR B 759 -15.88 1.15 6.67
C TYR B 759 -14.65 0.83 7.51
N ASP B 760 -13.54 1.52 7.24
CA ASP B 760 -12.41 1.44 8.17
C ASP B 760 -12.65 2.29 9.41
N LYS B 761 -13.39 3.38 9.27
CA LYS B 761 -13.88 4.15 10.40
C LYS B 761 -15.31 3.78 10.79
N GLY B 762 -15.96 2.91 10.03
CA GLY B 762 -17.29 2.47 10.39
C GLY B 762 -17.23 1.51 11.55
N GLU B 763 -18.01 1.79 12.59
CA GLU B 763 -17.96 0.99 13.81
C GLU B 763 -18.64 -0.36 13.62
N CYS B 764 -19.79 -0.38 12.96
CA CYS B 764 -20.53 -1.63 12.73
C CYS B 764 -20.20 -2.17 11.34
N GLY B 765 -19.05 -2.90 11.19
CA GLY B 765 -18.66 -3.60 9.98
C GLY B 765 -19.75 -4.49 9.42
N ALA B 766 -20.16 -4.23 8.18
CA ALA B 766 -21.46 -4.65 7.68
C ALA B 766 -21.56 -6.17 7.55
N LYS B 767 -20.52 -6.79 6.99
CA LYS B 767 -20.46 -8.24 7.00
C LYS B 767 -20.04 -8.79 8.36
N ASP B 768 -19.48 -7.95 9.23
CA ASP B 768 -19.11 -8.39 10.56
C ASP B 768 -20.27 -8.27 11.54
N SER B 769 -21.17 -7.30 11.31
CA SER B 769 -22.34 -7.11 12.16
C SER B 769 -23.62 -7.70 11.57
N GLY B 770 -23.66 -7.88 10.24
CA GLY B 770 -24.84 -8.49 9.63
C GLY B 770 -24.85 -10.01 9.75
N SER B 771 -23.72 -10.60 10.15
CA SER B 771 -23.61 -12.03 10.34
C SER B 771 -23.71 -12.42 11.81
N LYS B 772 -24.54 -11.72 12.58
CA LYS B 772 -24.64 -11.91 14.02
C LYS B 772 -26.09 -12.24 14.37
N GLU B 773 -26.43 -13.53 14.27
CA GLU B 773 -27.71 -14.05 14.76
C GLU B 773 -27.54 -15.54 14.98
N LYS B 774 -27.52 -15.96 16.25
CA LYS B 774 -27.40 -17.37 16.63
C LYS B 774 -28.40 -17.68 17.74
N THR B 775 -29.67 -17.36 17.48
CA THR B 775 -30.73 -17.33 18.48
C THR B 775 -31.20 -18.74 18.83
N SER B 776 -32.38 -18.82 19.46
CA SER B 776 -32.73 -19.96 20.31
C SER B 776 -34.20 -20.33 20.22
N ALA B 777 -34.70 -20.99 21.27
CA ALA B 777 -35.94 -21.79 21.30
C ALA B 777 -37.23 -21.08 20.91
N LEU B 778 -38.29 -21.88 20.81
CA LEU B 778 -39.57 -21.49 20.21
C LEU B 778 -40.23 -20.33 20.95
N SER B 779 -40.96 -19.53 20.20
CA SER B 779 -41.78 -18.46 20.76
C SER B 779 -43.11 -19.04 21.26
N LEU B 780 -44.06 -18.16 21.56
CA LEU B 780 -45.36 -18.57 22.07
C LEU B 780 -46.54 -17.88 21.42
N SER B 781 -46.35 -16.71 20.81
CA SER B 781 -47.41 -16.08 20.02
C SER B 781 -47.75 -16.92 18.80
N ASN B 782 -46.78 -17.69 18.29
CA ASN B 782 -47.05 -18.67 17.24
C ASN B 782 -47.97 -19.78 17.76
N VAL B 783 -47.83 -20.14 19.04
CA VAL B 783 -48.73 -21.11 19.65
C VAL B 783 -50.05 -20.45 20.05
N ALA B 784 -50.01 -19.21 20.41
CA ALA B 784 -51.16 -18.44 20.87
C ALA B 784 -52.16 -18.14 19.76
N GLY B 785 -51.76 -18.22 18.50
CA GLY B 785 -52.70 -18.02 17.42
C GLY B 785 -53.65 -19.18 17.21
N VAL B 786 -53.29 -20.35 17.73
CA VAL B 786 -54.14 -21.54 17.61
C VAL B 786 -55.13 -21.61 18.77
N PHE B 787 -55.02 -20.71 19.75
CA PHE B 787 -55.91 -20.73 20.90
C PHE B 787 -57.31 -20.24 20.54
N TYR B 788 -57.40 -19.27 19.62
CA TYR B 788 -58.70 -18.70 19.28
C TYR B 788 -59.51 -19.63 18.39
N ILE B 789 -58.85 -20.56 17.69
CA ILE B 789 -59.58 -21.62 17.00
C ILE B 789 -59.76 -22.82 17.93
N LEU B 790 -59.04 -22.86 19.05
CA LEU B 790 -59.28 -23.88 20.06
C LEU B 790 -60.46 -23.49 20.95
N VAL B 791 -60.42 -22.29 21.53
CA VAL B 791 -61.49 -21.83 22.40
C VAL B 791 -62.73 -21.49 21.58
N GLY B 792 -62.55 -20.87 20.42
CA GLY B 792 -63.67 -20.60 19.53
C GLY B 792 -64.28 -21.85 18.94
N GLY B 793 -63.48 -22.91 18.79
CA GLY B 793 -64.04 -24.19 18.40
C GLY B 793 -64.86 -24.84 19.50
N LEU B 794 -64.51 -24.57 20.76
CA LEU B 794 -65.29 -25.07 21.89
C LEU B 794 -66.57 -24.27 22.05
N GLY B 795 -66.49 -22.94 21.92
CA GLY B 795 -67.67 -22.11 22.06
C GLY B 795 -68.68 -22.28 20.95
N LEU B 796 -68.21 -22.61 19.74
CA LEU B 796 -69.13 -22.94 18.67
C LEU B 796 -69.74 -24.32 18.88
N ALA B 797 -69.04 -25.22 19.57
CA ALA B 797 -69.58 -26.52 19.88
C ALA B 797 -70.61 -26.46 20.99
N MET B 798 -70.57 -25.43 21.83
CA MET B 798 -71.58 -25.28 22.87
C MET B 798 -72.93 -24.84 22.31
N LEU B 799 -72.96 -24.23 21.12
CA LEU B 799 -74.22 -23.85 20.50
C LEU B 799 -74.90 -25.07 19.89
N VAL B 800 -74.12 -26.02 19.38
CA VAL B 800 -74.69 -27.20 18.72
C VAL B 800 -75.30 -28.14 19.74
N ALA B 801 -74.66 -28.28 20.92
CA ALA B 801 -75.16 -29.20 21.94
C ALA B 801 -76.43 -28.66 22.60
N LEU B 802 -76.63 -27.34 22.58
CA LEU B 802 -77.85 -26.78 23.14
C LEU B 802 -79.03 -26.83 22.19
N ILE B 803 -78.78 -26.72 20.87
CA ILE B 803 -79.91 -26.75 19.95
C ILE B 803 -80.35 -28.19 19.65
N GLU B 804 -79.43 -29.15 19.67
CA GLU B 804 -79.78 -30.53 19.38
C GLU B 804 -80.57 -31.18 20.52
N PHE B 805 -80.49 -30.62 21.74
CA PHE B 805 -81.41 -31.05 22.79
C PHE B 805 -82.83 -30.58 22.51
N CYS B 806 -83.00 -29.51 21.72
CA CYS B 806 -84.31 -29.08 21.26
C CYS B 806 -84.74 -29.77 19.98
N TYR B 807 -83.81 -30.21 19.13
CA TYR B 807 -84.19 -30.99 17.95
C TYR B 807 -84.62 -32.41 18.31
N LYS B 808 -84.32 -32.87 19.52
CA LYS B 808 -84.82 -34.16 20.01
C LYS B 808 -86.19 -34.01 20.67
N ASN C 1 20.62 59.60 -64.55
CA ASN C 1 21.88 58.99 -64.16
C ASN C 1 21.91 57.50 -64.46
N SER C 2 22.91 57.07 -65.23
CA SER C 2 23.09 55.64 -65.47
C SER C 2 23.69 55.00 -64.22
N ILE C 3 22.83 54.53 -63.33
CA ILE C 3 23.23 53.99 -62.04
C ILE C 3 23.58 52.53 -62.25
N GLN C 4 24.85 52.18 -62.02
CA GLN C 4 25.28 50.80 -62.15
C GLN C 4 24.76 49.99 -60.98
N ILE C 5 24.02 48.91 -61.28
CA ILE C 5 23.51 47.99 -60.29
C ILE C 5 24.00 46.59 -60.64
N GLY C 6 23.64 45.64 -59.78
CA GLY C 6 24.05 44.27 -60.01
C GLY C 6 23.04 43.50 -60.85
N GLY C 7 23.53 42.43 -61.47
CA GLY C 7 22.71 41.61 -62.33
C GLY C 7 22.97 40.12 -62.19
N LEU C 8 23.34 39.68 -60.98
CA LEU C 8 23.51 38.25 -60.73
C LEU C 8 22.15 37.56 -60.79
N PHE C 9 22.10 36.39 -61.43
CA PHE C 9 20.91 35.57 -61.49
C PHE C 9 21.38 34.13 -61.60
N PRO C 10 20.80 33.21 -60.82
CA PRO C 10 21.03 31.79 -61.08
C PRO C 10 20.42 31.39 -62.41
N ARG C 11 21.06 30.39 -63.03
CA ARG C 11 20.64 29.95 -64.36
C ARG C 11 19.38 29.11 -64.24
N GLY C 12 18.40 29.40 -65.11
CA GLY C 12 17.08 28.82 -65.00
C GLY C 12 16.06 29.70 -64.32
N ALA C 13 16.45 30.89 -63.85
CA ALA C 13 15.56 31.83 -63.18
C ALA C 13 15.13 32.95 -64.13
N ASP C 14 14.91 32.64 -65.40
CA ASP C 14 14.64 33.66 -66.40
C ASP C 14 13.24 34.25 -66.30
N GLN C 15 12.29 33.56 -65.68
CA GLN C 15 10.99 34.16 -65.40
C GLN C 15 11.13 35.27 -64.36
N GLU C 16 11.99 35.06 -63.37
CA GLU C 16 12.35 36.14 -62.46
C GLU C 16 13.14 37.22 -63.19
N TYR C 17 13.98 36.82 -64.16
CA TYR C 17 14.65 37.81 -64.99
C TYR C 17 13.68 38.49 -65.95
N SER C 18 12.58 37.82 -66.30
CA SER C 18 11.55 38.45 -67.10
C SER C 18 10.85 39.55 -66.32
N ALA C 19 10.44 39.25 -65.08
CA ALA C 19 9.82 40.26 -64.23
C ALA C 19 10.83 41.28 -63.74
N PHE C 20 12.12 40.94 -63.77
CA PHE C 20 13.16 41.94 -63.55
C PHE C 20 13.16 42.98 -64.65
N ARG C 21 12.95 42.55 -65.90
CA ARG C 21 12.93 43.50 -67.01
C ARG C 21 11.63 44.29 -67.06
N VAL C 22 10.54 43.72 -66.56
CA VAL C 22 9.28 44.46 -66.45
C VAL C 22 9.43 45.61 -65.46
N GLY C 23 10.14 45.37 -64.36
CA GLY C 23 10.52 46.45 -63.47
C GLY C 23 11.48 47.44 -64.12
N MET C 24 12.33 46.95 -65.03
CA MET C 24 13.19 47.86 -65.77
C MET C 24 12.43 48.63 -66.84
N VAL C 25 11.23 48.18 -67.19
CA VAL C 25 10.37 48.97 -68.07
C VAL C 25 9.52 49.95 -67.26
N GLN C 26 8.88 49.45 -66.20
CA GLN C 26 7.93 50.28 -65.46
C GLN C 26 8.63 51.29 -64.57
N PHE C 27 9.67 50.87 -63.85
CA PHE C 27 10.28 51.70 -62.82
C PHE C 27 11.58 52.36 -63.28
N SER C 28 11.81 52.49 -64.58
CA SER C 28 12.92 53.30 -65.08
C SER C 28 12.43 54.71 -65.33
N THR C 29 12.64 55.59 -64.35
CA THR C 29 12.15 56.95 -64.40
C THR C 29 13.05 57.81 -65.28
N SER C 30 12.61 59.05 -65.50
CA SER C 30 13.40 60.01 -66.27
C SER C 30 14.57 60.58 -65.47
N GLU C 31 14.53 60.47 -64.14
CA GLU C 31 15.62 60.96 -63.32
C GLU C 31 16.86 60.10 -63.46
N PHE C 32 16.68 58.80 -63.61
CA PHE C 32 17.79 57.85 -63.66
C PHE C 32 17.31 56.56 -64.30
N ARG C 33 18.19 55.94 -65.08
CA ARG C 33 17.94 54.63 -65.66
C ARG C 33 19.01 53.68 -65.16
N LEU C 34 18.59 52.56 -64.61
CA LEU C 34 19.49 51.66 -63.91
C LEU C 34 20.32 50.86 -64.91
N THR C 35 21.54 50.53 -64.53
CA THR C 35 22.49 49.85 -65.42
C THR C 35 22.85 48.50 -64.83
N PRO C 36 22.19 47.42 -65.25
CA PRO C 36 22.50 46.10 -64.70
C PRO C 36 23.70 45.45 -65.37
N HIS C 37 24.65 45.02 -64.55
CA HIS C 37 25.77 44.19 -65.00
C HIS C 37 25.31 42.75 -64.86
N ILE C 38 24.63 42.25 -65.90
CA ILE C 38 23.95 40.96 -65.86
C ILE C 38 24.97 39.83 -65.80
N ASP C 39 24.88 39.01 -64.76
CA ASP C 39 25.76 37.87 -64.56
C ASP C 39 24.88 36.63 -64.33
N ASN C 40 24.48 35.98 -65.42
CA ASN C 40 23.64 34.78 -65.34
C ASN C 40 24.55 33.59 -65.10
N LEU C 41 25.04 33.46 -63.88
CA LEU C 41 26.01 32.44 -63.52
C LEU C 41 25.41 31.48 -62.49
N GLU C 42 26.25 30.58 -62.00
CA GLU C 42 25.82 29.58 -61.04
C GLU C 42 25.63 30.20 -59.66
N VAL C 43 25.01 29.43 -58.77
CA VAL C 43 24.73 29.90 -57.41
C VAL C 43 25.35 29.00 -56.34
N ALA C 44 25.62 27.73 -56.65
CA ALA C 44 26.19 26.83 -55.66
C ALA C 44 27.68 27.06 -55.46
N ASN C 45 28.42 27.28 -56.54
CA ASN C 45 29.85 27.51 -56.47
C ASN C 45 30.10 28.96 -56.07
N SER C 46 30.74 29.16 -54.91
CA SER C 46 31.06 30.52 -54.48
C SER C 46 32.17 31.14 -55.33
N PHE C 47 32.97 30.31 -55.99
CA PHE C 47 33.92 30.80 -56.99
C PHE C 47 33.18 31.48 -58.14
N ALA C 48 32.07 30.90 -58.59
CA ALA C 48 31.25 31.54 -59.61
C ALA C 48 30.52 32.75 -59.05
N VAL C 49 30.25 32.77 -57.74
CA VAL C 49 29.64 33.93 -57.11
C VAL C 49 30.65 35.07 -57.00
N THR C 50 31.88 34.74 -56.58
CA THR C 50 32.87 35.77 -56.26
C THR C 50 33.36 36.50 -57.50
N ASN C 51 33.54 35.78 -58.60
CA ASN C 51 33.99 36.42 -59.85
C ASN C 51 32.92 37.34 -60.43
N ALA C 52 31.65 36.95 -60.31
CA ALA C 52 30.58 37.86 -60.68
C ALA C 52 30.45 39.00 -59.67
N PHE C 53 30.77 38.74 -58.40
CA PHE C 53 30.73 39.77 -57.38
C PHE C 53 31.87 40.77 -57.57
N CYS C 54 33.11 40.27 -57.68
CA CYS C 54 34.26 41.16 -57.71
C CYS C 54 34.44 41.84 -59.06
N SER C 55 33.75 41.37 -60.10
CA SER C 55 33.69 42.14 -61.34
C SER C 55 32.81 43.36 -61.16
N GLN C 56 31.64 43.18 -60.56
CA GLN C 56 30.76 44.31 -60.26
C GLN C 56 31.33 45.18 -59.15
N PHE C 57 32.12 44.58 -58.25
CA PHE C 57 32.87 45.38 -57.29
C PHE C 57 33.97 46.17 -57.98
N SER C 58 34.49 45.66 -59.10
CA SER C 58 35.39 46.45 -59.92
C SER C 58 34.64 47.49 -60.74
N ARG C 59 33.35 47.28 -60.99
CA ARG C 59 32.54 48.29 -61.66
C ARG C 59 32.23 49.46 -60.74
N GLY C 60 32.09 49.20 -59.45
CA GLY C 60 31.61 50.22 -58.53
C GLY C 60 30.10 50.32 -58.52
N VAL C 61 29.40 49.18 -58.60
CA VAL C 61 27.94 49.18 -58.61
C VAL C 61 27.41 49.53 -57.22
N TYR C 62 26.12 49.88 -57.18
CA TYR C 62 25.52 50.43 -55.97
C TYR C 62 24.50 49.52 -55.31
N ALA C 63 23.91 48.58 -56.04
CA ALA C 63 22.92 47.69 -55.47
C ALA C 63 22.90 46.39 -56.26
N ILE C 64 23.43 45.33 -55.67
CA ILE C 64 23.57 44.05 -56.34
C ILE C 64 22.32 43.22 -56.06
N PHE C 65 21.79 42.58 -57.10
CA PHE C 65 20.55 41.81 -57.00
C PHE C 65 20.81 40.38 -57.42
N GLY C 66 20.06 39.45 -56.83
CA GLY C 66 20.14 38.06 -57.23
C GLY C 66 19.50 37.15 -56.20
N PHE C 67 19.91 35.89 -56.23
CA PHE C 67 19.57 34.91 -55.21
C PHE C 67 20.85 34.54 -54.48
N TYR C 68 20.73 33.60 -53.54
CA TYR C 68 21.89 32.92 -52.99
C TYR C 68 21.51 31.55 -52.48
N ASP C 69 22.46 30.62 -52.61
CA ASP C 69 22.38 29.27 -52.10
C ASP C 69 22.62 29.28 -50.59
N LYS C 70 22.37 28.14 -49.95
CA LYS C 70 22.83 27.94 -48.58
C LYS C 70 24.34 27.74 -48.51
N LYS C 71 24.99 27.51 -49.65
CA LYS C 71 26.44 27.61 -49.69
C LYS C 71 26.88 29.06 -49.78
N SER C 72 26.22 29.84 -50.63
CA SER C 72 26.58 31.23 -50.86
C SER C 72 25.88 32.19 -49.90
N VAL C 73 25.23 31.70 -48.83
CA VAL C 73 24.71 32.61 -47.81
C VAL C 73 25.86 33.26 -47.04
N ASN C 74 26.95 32.51 -46.84
CA ASN C 74 28.07 33.03 -46.08
C ASN C 74 29.13 33.66 -46.98
N THR C 75 28.93 33.62 -48.29
CA THR C 75 29.74 34.42 -49.19
C THR C 75 29.18 35.84 -49.29
N ILE C 76 27.85 35.96 -49.38
CA ILE C 76 27.23 37.28 -49.52
C ILE C 76 27.29 38.04 -48.21
N THR C 77 26.95 37.39 -47.10
CA THR C 77 26.91 38.08 -45.81
C THR C 77 28.30 38.45 -45.31
N SER C 78 29.35 37.78 -45.81
CA SER C 78 30.71 38.14 -45.41
C SER C 78 31.23 39.32 -46.21
N PHE C 79 31.13 39.26 -47.54
CA PHE C 79 31.75 40.29 -48.37
C PHE C 79 30.94 41.57 -48.39
N CYS C 80 29.61 41.47 -48.56
CA CYS C 80 28.78 42.68 -48.64
C CYS C 80 28.74 43.45 -47.33
N GLY C 81 28.73 42.75 -46.20
CA GLY C 81 28.88 43.40 -44.92
C GLY C 81 30.24 44.04 -44.71
N THR C 82 31.28 43.49 -45.35
CA THR C 82 32.61 44.07 -45.30
C THR C 82 32.83 45.13 -46.37
N LEU C 83 32.52 44.82 -47.62
CA LEU C 83 32.82 45.74 -48.72
C LEU C 83 31.78 46.84 -48.90
N HIS C 84 30.82 46.95 -47.98
CA HIS C 84 29.91 48.10 -47.84
C HIS C 84 29.07 48.34 -49.09
N VAL C 85 28.67 47.26 -49.75
CA VAL C 85 27.78 47.32 -50.90
C VAL C 85 26.52 46.53 -50.55
N SER C 86 25.37 47.19 -50.66
CA SER C 86 24.11 46.57 -50.28
C SER C 86 23.69 45.52 -51.31
N PHE C 87 23.08 44.44 -50.84
CA PHE C 87 22.64 43.35 -51.68
C PHE C 87 21.15 43.13 -51.46
N ILE C 88 20.41 42.89 -52.56
CA ILE C 88 18.97 42.71 -52.53
C ILE C 88 18.65 41.33 -53.09
N THR C 89 17.76 40.60 -52.42
CA THR C 89 17.46 39.24 -52.83
C THR C 89 16.03 38.88 -52.47
N PRO C 90 15.40 38.01 -53.24
CA PRO C 90 14.18 37.32 -52.77
C PRO C 90 14.42 36.03 -52.02
N SER C 91 15.67 35.68 -51.70
CA SER C 91 15.97 34.41 -51.05
C SER C 91 15.58 34.46 -49.57
N PHE C 92 15.77 33.33 -48.91
CA PHE C 92 15.38 33.16 -47.51
C PHE C 92 16.24 34.03 -46.60
N PRO C 93 15.69 34.55 -45.51
CA PRO C 93 16.48 35.45 -44.65
C PRO C 93 17.59 34.75 -43.89
N THR C 94 18.54 35.55 -43.45
CA THR C 94 19.64 35.06 -42.64
C THR C 94 19.29 35.20 -41.16
N ASP C 95 19.74 34.22 -40.37
CA ASP C 95 19.54 34.29 -38.93
C ASP C 95 20.42 35.37 -38.32
N GLY C 96 21.65 35.52 -38.81
CA GLY C 96 22.50 36.61 -38.36
C GLY C 96 22.13 37.91 -39.06
N THR C 97 21.94 38.96 -38.26
CA THR C 97 21.57 40.28 -38.75
C THR C 97 22.80 40.91 -39.41
N HIS C 98 22.97 40.62 -40.69
CA HIS C 98 24.21 41.07 -41.33
C HIS C 98 24.01 42.43 -42.00
N PRO C 99 25.03 43.28 -41.98
CA PRO C 99 24.93 44.57 -42.68
C PRO C 99 24.92 44.38 -44.19
N PHE C 100 24.29 45.36 -44.85
CA PHE C 100 24.22 45.49 -46.30
C PHE C 100 23.53 44.31 -46.96
N VAL C 101 22.60 43.69 -46.23
CA VAL C 101 21.84 42.55 -46.72
C VAL C 101 20.37 42.93 -46.67
N ILE C 102 19.80 43.20 -47.84
CA ILE C 102 18.38 43.48 -47.99
C ILE C 102 17.74 42.25 -48.62
N GLN C 103 16.56 41.87 -48.16
CA GLN C 103 16.00 40.58 -48.52
C GLN C 103 14.48 40.63 -48.57
N MET C 104 13.92 40.08 -49.65
CA MET C 104 12.52 40.25 -49.98
C MET C 104 11.60 39.16 -49.45
N ARG C 105 12.11 38.20 -48.68
CA ARG C 105 11.26 37.10 -48.25
C ARG C 105 10.82 37.34 -46.81
N PRO C 106 9.54 37.52 -46.54
CA PRO C 106 9.10 37.72 -45.16
C PRO C 106 9.10 36.41 -44.39
N ASP C 107 9.21 36.51 -43.07
CA ASP C 107 9.37 35.31 -42.26
C ASP C 107 8.05 34.55 -42.16
N LEU C 108 8.11 33.26 -42.50
CA LEU C 108 6.93 32.41 -42.58
C LEU C 108 6.71 31.56 -41.35
N LYS C 109 7.75 31.36 -40.52
CA LYS C 109 7.65 30.47 -39.38
C LYS C 109 6.74 31.02 -38.29
N GLY C 110 6.49 32.33 -38.28
CA GLY C 110 5.56 32.89 -37.31
C GLY C 110 4.13 32.51 -37.61
N ALA C 111 3.74 32.57 -38.89
CA ALA C 111 2.43 32.07 -39.30
C ALA C 111 2.39 30.55 -39.25
N LEU C 112 3.53 29.89 -39.49
CA LEU C 112 3.55 28.44 -39.58
C LEU C 112 3.35 27.79 -38.21
N LEU C 113 4.05 28.28 -37.19
CA LEU C 113 3.85 27.78 -35.84
C LEU C 113 2.49 28.18 -35.29
N SER C 114 1.94 29.29 -35.76
CA SER C 114 0.58 29.67 -35.39
C SER C 114 -0.45 28.81 -36.10
N LEU C 115 -0.12 28.29 -37.28
CA LEU C 115 -1.06 27.47 -38.03
C LEU C 115 -1.25 26.10 -37.38
N ILE C 116 -0.17 25.53 -36.84
CA ILE C 116 -0.25 24.23 -36.18
C ILE C 116 -1.05 24.35 -34.89
N GLU C 117 -0.94 25.49 -34.21
CA GLU C 117 -1.76 25.75 -33.03
C GLU C 117 -3.22 25.95 -33.39
N TYR C 118 -3.51 26.42 -34.61
CA TYR C 118 -4.88 26.53 -35.07
C TYR C 118 -5.48 25.15 -35.33
N TYR C 119 -4.75 24.28 -36.01
CA TYR C 119 -5.21 22.92 -36.23
C TYR C 119 -5.02 22.02 -35.01
N GLN C 120 -4.31 22.51 -33.98
CA GLN C 120 -4.21 21.88 -32.66
C GLN C 120 -3.55 20.51 -32.74
N TRP C 121 -2.38 20.44 -33.38
CA TRP C 121 -1.71 19.18 -33.57
C TRP C 121 -0.80 18.85 -32.40
N ASP C 122 -0.44 17.57 -32.29
CA ASP C 122 0.46 17.08 -31.26
C ASP C 122 1.55 16.16 -31.80
N LYS C 123 1.35 15.56 -32.97
CA LYS C 123 2.35 14.71 -33.59
C LYS C 123 2.15 14.77 -35.09
N PHE C 124 3.19 15.15 -35.82
CA PHE C 124 3.08 15.35 -37.25
C PHE C 124 4.40 15.04 -37.93
N ALA C 125 4.32 14.69 -39.21
CA ALA C 125 5.51 14.46 -40.02
C ALA C 125 5.95 15.77 -40.66
N TYR C 126 7.27 15.98 -40.70
CA TYR C 126 7.85 17.21 -41.24
C TYR C 126 8.97 16.82 -42.20
N LEU C 127 8.61 16.63 -43.46
CA LEU C 127 9.60 16.47 -44.52
C LEU C 127 10.02 17.85 -44.98
N TYR C 128 11.30 18.01 -45.30
CA TYR C 128 11.85 19.34 -45.55
C TYR C 128 13.05 19.25 -46.47
N ASP C 129 13.19 20.26 -47.32
CA ASP C 129 14.42 20.47 -48.07
C ASP C 129 15.35 21.35 -47.24
N SER C 130 16.57 20.88 -47.03
CA SER C 130 17.55 21.62 -46.23
C SER C 130 18.22 22.74 -47.00
N ASP C 131 17.86 22.96 -48.27
CA ASP C 131 18.56 23.92 -49.12
C ASP C 131 18.24 25.35 -48.74
N ARG C 132 17.09 25.61 -48.12
CA ARG C 132 16.76 26.93 -47.60
C ARG C 132 17.16 27.11 -46.14
N GLY C 133 18.16 26.36 -45.68
CA GLY C 133 18.55 26.40 -44.29
C GLY C 133 17.66 25.51 -43.44
N LEU C 134 18.05 25.39 -42.17
CA LEU C 134 17.33 24.56 -41.22
C LEU C 134 16.71 25.41 -40.12
N SER C 135 16.54 26.72 -40.39
CA SER C 135 15.99 27.62 -39.39
C SER C 135 14.50 27.38 -39.19
N THR C 136 13.79 26.96 -40.24
CA THR C 136 12.41 26.53 -40.09
C THR C 136 12.33 25.22 -39.32
N LEU C 137 13.34 24.35 -39.46
CA LEU C 137 13.40 23.15 -38.63
C LEU C 137 13.72 23.51 -37.18
N GLN C 138 14.56 24.51 -36.96
CA GLN C 138 14.82 24.98 -35.60
C GLN C 138 13.60 25.63 -34.98
N ALA C 139 12.72 26.21 -35.80
CA ALA C 139 11.50 26.83 -35.28
C ALA C 139 10.51 25.78 -34.81
N VAL C 140 10.34 24.71 -35.59
CA VAL C 140 9.33 23.72 -35.24
C VAL C 140 9.81 22.81 -34.12
N LEU C 141 11.13 22.70 -33.91
CA LEU C 141 11.64 21.89 -32.81
C LEU C 141 11.66 22.66 -31.50
N ASP C 142 11.86 23.98 -31.55
CA ASP C 142 11.77 24.78 -30.33
C ASP C 142 10.34 24.94 -29.86
N SER C 143 9.37 24.81 -30.78
CA SER C 143 7.97 24.74 -30.40
C SER C 143 7.49 23.31 -30.16
N ALA C 144 8.32 22.33 -30.51
CA ALA C 144 7.97 20.93 -30.22
C ALA C 144 8.02 20.66 -28.73
N ALA C 145 9.15 20.97 -28.08
CA ALA C 145 9.24 20.81 -26.64
C ALA C 145 8.43 21.86 -25.90
N GLU C 146 8.13 22.98 -26.54
CA GLU C 146 7.34 24.03 -25.91
C GLU C 146 5.89 23.60 -25.77
N LYS C 147 5.25 23.23 -26.88
CA LYS C 147 3.84 22.87 -26.89
C LYS C 147 3.62 21.36 -26.80
N LYS C 148 4.66 20.61 -26.39
CA LYS C 148 4.63 19.16 -26.19
C LYS C 148 4.22 18.42 -27.47
N TRP C 149 4.92 18.75 -28.55
CA TRP C 149 4.66 18.21 -29.87
C TRP C 149 5.70 17.15 -30.22
N GLN C 150 5.30 16.21 -31.07
CA GLN C 150 6.19 15.13 -31.50
C GLN C 150 6.41 15.20 -33.01
N VAL C 151 7.44 15.95 -33.39
CA VAL C 151 7.74 16.17 -34.79
C VAL C 151 8.46 14.96 -35.35
N THR C 152 7.97 14.47 -36.49
CA THR C 152 8.67 13.44 -37.25
C THR C 152 9.40 14.17 -38.38
N ALA C 153 10.62 14.60 -38.08
CA ALA C 153 11.40 15.45 -38.98
C ALA C 153 12.42 14.59 -39.72
N ILE C 154 12.18 14.38 -41.02
CA ILE C 154 13.07 13.60 -41.87
C ILE C 154 13.47 14.47 -43.05
N ASN C 155 14.77 14.63 -43.26
CA ASN C 155 15.26 15.37 -44.41
C ASN C 155 14.99 14.59 -45.69
N VAL C 156 14.71 15.33 -46.75
CA VAL C 156 14.45 14.74 -48.07
C VAL C 156 15.45 15.20 -49.11
N GLY C 157 16.21 16.27 -48.85
CA GLY C 157 17.21 16.76 -49.78
C GLY C 157 18.42 15.86 -49.95
N ASN C 158 18.62 14.90 -49.05
CA ASN C 158 19.72 13.95 -49.17
C ASN C 158 19.47 12.91 -50.25
N ILE C 159 18.22 12.76 -50.70
CA ILE C 159 17.88 11.77 -51.72
C ILE C 159 18.34 12.28 -53.08
N ASN C 160 19.17 11.48 -53.75
CA ASN C 160 19.63 11.80 -55.09
C ASN C 160 18.49 11.67 -56.11
N ASN C 161 18.70 12.29 -57.27
CA ASN C 161 17.69 12.31 -58.32
C ASN C 161 17.64 11.02 -59.12
N ASP C 162 18.58 10.09 -58.92
CA ASP C 162 18.62 8.87 -59.70
C ASP C 162 17.54 7.88 -59.26
N LYS C 163 17.32 7.75 -57.96
CA LYS C 163 16.42 6.75 -57.41
C LYS C 163 15.36 7.37 -56.49
N LYS C 164 14.89 8.56 -56.83
CA LYS C 164 13.88 9.23 -56.01
C LYS C 164 12.46 8.78 -56.34
N ASP C 165 12.26 7.49 -56.42
CA ASP C 165 10.94 6.89 -56.48
C ASP C 165 10.81 5.70 -55.54
N GLU C 166 11.87 4.90 -55.40
CA GLU C 166 11.88 3.78 -54.47
C GLU C 166 12.28 4.22 -53.06
N THR C 167 13.06 5.30 -52.95
CA THR C 167 13.39 5.84 -51.63
C THR C 167 12.15 6.40 -50.95
N TYR C 168 11.22 6.97 -51.71
CA TYR C 168 9.98 7.46 -51.13
C TYR C 168 9.09 6.31 -50.68
N ARG C 169 9.07 5.21 -51.45
CA ARG C 169 8.35 4.02 -50.99
C ARG C 169 9.01 3.42 -49.76
N SER C 170 10.33 3.57 -49.63
CA SER C 170 10.98 3.27 -48.36
C SER C 170 10.60 4.29 -47.30
N LEU C 171 10.39 5.56 -47.71
CA LEU C 171 10.13 6.62 -46.74
C LEU C 171 8.67 6.63 -46.32
N PHE C 172 7.75 6.61 -47.28
CA PHE C 172 6.32 6.72 -46.95
C PHE C 172 5.79 5.51 -46.22
N GLN C 173 6.33 4.32 -46.50
CA GLN C 173 5.94 3.15 -45.72
C GLN C 173 6.53 3.20 -44.32
N ASP C 174 7.66 3.89 -44.15
CA ASP C 174 8.13 4.18 -42.79
C ASP C 174 7.32 5.30 -42.15
N LEU C 175 6.76 6.20 -42.97
CA LEU C 175 5.80 7.17 -42.43
C LEU C 175 4.49 6.49 -42.07
N GLU C 176 4.15 5.40 -42.74
CA GLU C 176 2.99 4.60 -42.38
C GLU C 176 3.30 3.57 -41.30
N LEU C 177 4.50 3.59 -40.71
CA LEU C 177 4.70 2.85 -39.48
C LEU C 177 4.05 3.56 -38.31
N LYS C 178 4.07 4.89 -38.31
CA LYS C 178 3.32 5.69 -37.35
C LYS C 178 2.03 6.23 -37.94
N LYS C 179 1.86 6.12 -39.26
CA LYS C 179 0.64 6.49 -40.01
C LYS C 179 0.30 7.97 -39.80
N GLU C 180 1.18 8.83 -40.27
CA GLU C 180 1.01 10.26 -40.10
C GLU C 180 -0.02 10.79 -41.09
N ARG C 181 -1.15 11.26 -40.56
CA ARG C 181 -2.14 11.98 -41.36
C ARG C 181 -1.86 13.47 -41.39
N ARG C 182 -0.70 13.90 -40.90
CA ARG C 182 -0.37 15.32 -40.70
C ARG C 182 1.04 15.52 -41.23
N VAL C 183 1.16 15.99 -42.47
CA VAL C 183 2.44 16.13 -43.14
C VAL C 183 2.66 17.59 -43.48
N ILE C 184 3.83 18.11 -43.12
CA ILE C 184 4.23 19.47 -43.49
C ILE C 184 5.44 19.36 -44.40
N LEU C 185 5.31 19.87 -45.61
CA LEU C 185 6.36 19.80 -46.62
C LEU C 185 7.04 21.16 -46.78
N ASP C 186 8.38 21.13 -46.75
CA ASP C 186 9.17 22.37 -46.83
C ASP C 186 10.18 22.19 -47.96
N CYS C 187 9.73 22.47 -49.18
CA CYS C 187 10.56 22.30 -50.36
C CYS C 187 10.22 23.38 -51.38
N GLU C 188 11.03 23.45 -52.43
CA GLU C 188 10.69 24.28 -53.58
C GLU C 188 9.58 23.63 -54.38
N ARG C 189 8.92 24.45 -55.21
CA ARG C 189 7.74 24.02 -55.95
C ARG C 189 8.02 22.90 -56.95
N ASP C 190 9.26 22.76 -57.41
CA ASP C 190 9.64 21.56 -58.15
C ASP C 190 9.76 20.37 -57.21
N LYS C 191 10.49 20.55 -56.10
CA LYS C 191 10.69 19.47 -55.15
C LYS C 191 9.42 19.16 -54.35
N VAL C 192 8.52 20.13 -54.17
CA VAL C 192 7.21 19.84 -53.62
C VAL C 192 6.44 18.91 -54.55
N ASN C 193 6.34 19.29 -55.82
CA ASN C 193 5.58 18.51 -56.80
C ASN C 193 6.24 17.17 -57.12
N ASP C 194 7.54 17.02 -56.83
CA ASP C 194 8.14 15.70 -56.84
C ASP C 194 7.55 14.83 -55.73
N ILE C 195 7.49 15.37 -54.51
CA ILE C 195 7.00 14.61 -53.37
C ILE C 195 5.48 14.47 -53.41
N VAL C 196 4.78 15.47 -53.95
CA VAL C 196 3.33 15.40 -54.12
C VAL C 196 2.96 14.26 -55.07
N ASP C 197 3.73 14.10 -56.15
CA ASP C 197 3.49 12.98 -57.06
C ASP C 197 3.85 11.65 -56.43
N GLN C 198 4.77 11.64 -55.44
CA GLN C 198 5.05 10.42 -54.72
C GLN C 198 3.92 10.05 -53.76
N VAL C 199 3.18 11.05 -53.28
CA VAL C 199 1.96 10.79 -52.52
C VAL C 199 0.88 10.22 -53.43
N ILE C 200 0.82 10.72 -54.66
CA ILE C 200 -0.13 10.20 -55.64
C ILE C 200 0.36 8.85 -56.17
N THR C 201 1.67 8.60 -56.10
CA THR C 201 2.22 7.29 -56.44
C THR C 201 1.74 6.23 -55.46
N ILE C 202 1.92 6.49 -54.16
CA ILE C 202 1.37 5.58 -53.15
C ILE C 202 -0.13 5.74 -52.98
N GLY C 203 -0.72 6.80 -53.51
CA GLY C 203 -2.15 6.98 -53.48
C GLY C 203 -2.73 7.39 -52.14
N LYS C 204 -1.90 7.74 -51.17
CA LYS C 204 -2.38 8.08 -49.83
C LYS C 204 -2.68 9.57 -49.68
N HIS C 205 -3.48 10.09 -50.61
CA HIS C 205 -3.97 11.46 -50.56
C HIS C 205 -5.47 11.50 -50.37
N VAL C 206 -6.03 10.46 -49.74
CA VAL C 206 -7.45 10.35 -49.47
C VAL C 206 -7.81 11.18 -48.24
N LYS C 207 -9.12 11.30 -47.97
CA LYS C 207 -9.60 12.05 -46.82
C LYS C 207 -9.13 11.40 -45.51
N GLY C 208 -8.74 12.25 -44.56
CA GLY C 208 -8.11 11.81 -43.33
C GLY C 208 -6.73 12.40 -43.21
N TYR C 209 -6.01 12.40 -44.32
CA TYR C 209 -4.69 13.04 -44.39
C TYR C 209 -4.82 14.55 -44.38
N HIS C 210 -3.75 15.21 -43.95
CA HIS C 210 -3.66 16.66 -44.03
C HIS C 210 -2.25 17.04 -44.46
N TYR C 211 -2.16 17.99 -45.38
CA TYR C 211 -0.88 18.38 -45.98
C TYR C 211 -0.69 19.87 -45.85
N ILE C 212 0.55 20.29 -45.57
CA ILE C 212 0.90 21.70 -45.46
C ILE C 212 2.15 21.95 -46.29
N ILE C 213 2.05 22.91 -47.21
CA ILE C 213 3.19 23.33 -48.02
C ILE C 213 3.74 24.60 -47.39
N ALA C 214 5.07 24.64 -47.18
CA ALA C 214 5.69 25.65 -46.34
C ALA C 214 6.56 26.62 -47.13
N ASN C 215 6.05 27.08 -48.27
CA ASN C 215 6.66 28.20 -48.98
C ASN C 215 5.58 29.21 -49.33
N LEU C 216 6.00 30.33 -49.93
CA LEU C 216 5.05 31.34 -50.35
C LEU C 216 4.38 31.00 -51.67
N GLY C 217 4.84 29.96 -52.36
CA GLY C 217 4.22 29.54 -53.60
C GLY C 217 3.18 28.45 -53.44
N PHE C 218 2.08 28.75 -52.74
CA PHE C 218 1.03 27.77 -52.57
C PHE C 218 0.26 27.54 -53.86
N THR C 219 -0.05 28.61 -54.59
CA THR C 219 -0.68 28.46 -55.90
C THR C 219 0.31 28.02 -56.97
N ASP C 220 1.60 28.04 -56.68
CA ASP C 220 2.63 27.63 -57.63
C ASP C 220 2.82 26.12 -57.69
N GLY C 221 2.09 25.36 -56.88
CA GLY C 221 2.20 23.91 -56.90
C GLY C 221 1.23 23.28 -57.88
N ASP C 222 1.09 21.96 -57.75
CA ASP C 222 0.15 21.19 -58.59
C ASP C 222 -1.12 21.02 -57.77
N LEU C 223 -2.04 21.97 -57.93
CA LEU C 223 -3.24 22.01 -57.11
C LEU C 223 -4.34 21.14 -57.68
N LEU C 224 -4.43 21.06 -59.02
CA LEU C 224 -5.54 20.38 -59.66
C LEU C 224 -5.48 18.86 -59.49
N LYS C 225 -4.27 18.31 -59.38
CA LYS C 225 -4.10 16.87 -59.36
C LYS C 225 -4.57 16.24 -58.05
N ILE C 226 -4.51 16.98 -56.94
CA ILE C 226 -5.09 16.55 -55.69
C ILE C 226 -6.10 17.56 -55.15
N GLN C 227 -6.76 18.30 -56.05
CA GLN C 227 -7.91 19.10 -55.66
C GLN C 227 -9.07 18.20 -55.26
N PHE C 228 -9.23 17.07 -55.95
CA PHE C 228 -10.32 16.15 -55.72
C PHE C 228 -9.84 14.82 -55.17
N GLY C 229 -8.59 14.75 -54.69
CA GLY C 229 -8.05 13.51 -54.18
C GLY C 229 -8.65 13.09 -52.85
N GLY C 230 -9.01 14.05 -52.01
CA GLY C 230 -9.67 13.74 -50.76
C GLY C 230 -9.07 14.42 -49.54
N ALA C 231 -7.74 14.55 -49.52
CA ALA C 231 -7.07 15.10 -48.36
C ALA C 231 -7.24 16.62 -48.30
N GLU C 232 -6.81 17.19 -47.17
CA GLU C 232 -6.91 18.63 -46.93
C GLU C 232 -5.54 19.27 -47.04
N VAL C 233 -5.44 20.28 -47.89
CA VAL C 233 -4.17 20.96 -48.16
C VAL C 233 -4.31 22.41 -47.72
N SER C 234 -3.38 22.88 -46.90
CA SER C 234 -3.42 24.22 -46.33
C SER C 234 -2.05 24.86 -46.43
N GLY C 235 -1.97 26.04 -47.03
CA GLY C 235 -0.68 26.66 -47.23
C GLY C 235 -0.67 28.17 -47.16
N PHE C 236 0.35 28.78 -47.79
CA PHE C 236 0.56 30.21 -47.72
C PHE C 236 0.89 30.74 -49.11
N GLN C 237 0.06 31.65 -49.62
CA GLN C 237 0.35 32.32 -50.87
C GLN C 237 0.39 33.82 -50.62
N ILE C 238 1.57 34.42 -50.80
CA ILE C 238 1.72 35.86 -50.61
C ILE C 238 1.20 36.65 -51.80
N VAL C 239 1.15 36.05 -52.99
CA VAL C 239 0.66 36.72 -54.19
C VAL C 239 -0.86 36.60 -54.15
N ASP C 240 -1.52 37.60 -53.58
CA ASP C 240 -2.97 37.64 -53.51
C ASP C 240 -3.51 38.08 -54.87
N TYR C 241 -3.99 37.13 -55.66
CA TYR C 241 -4.47 37.43 -57.01
C TYR C 241 -5.79 38.20 -57.03
N ASP C 242 -6.48 38.31 -55.89
CA ASP C 242 -7.70 39.09 -55.82
C ASP C 242 -7.43 40.59 -55.84
N ASP C 243 -6.21 41.01 -55.50
CA ASP C 243 -5.88 42.43 -55.50
C ASP C 243 -5.79 42.98 -56.92
N SER C 244 -6.37 44.17 -57.11
CA SER C 244 -6.36 44.81 -58.42
C SER C 244 -4.95 45.25 -58.83
N LEU C 245 -4.11 45.63 -57.86
CA LEU C 245 -2.73 45.94 -58.16
C LEU C 245 -1.96 44.70 -58.60
N VAL C 246 -2.34 43.54 -58.06
CA VAL C 246 -1.77 42.28 -58.52
C VAL C 246 -2.39 41.89 -59.87
N SER C 247 -3.71 42.08 -60.01
CA SER C 247 -4.40 41.61 -61.20
C SER C 247 -4.04 42.45 -62.43
N LYS C 248 -3.91 43.77 -62.27
CA LYS C 248 -3.48 44.61 -63.39
C LYS C 248 -2.03 44.35 -63.76
N PHE C 249 -1.23 43.86 -62.82
CA PHE C 249 0.10 43.37 -63.16
C PHE C 249 0.01 42.11 -64.00
N ILE C 250 -0.87 41.19 -63.62
CA ILE C 250 -1.11 39.96 -64.39
C ILE C 250 -1.72 40.30 -65.75
N GLU C 251 -2.55 41.34 -65.82
CA GLU C 251 -3.05 41.82 -67.11
C GLU C 251 -1.93 42.37 -67.99
N ARG C 252 -0.83 42.82 -67.39
CA ARG C 252 0.37 43.11 -68.16
C ARG C 252 1.30 41.90 -68.26
N TRP C 253 1.30 41.04 -67.23
CA TRP C 253 2.20 39.88 -67.23
C TRP C 253 1.74 38.81 -68.21
N SER C 254 0.48 38.37 -68.09
CA SER C 254 -0.02 37.26 -68.91
C SER C 254 -0.18 37.63 -70.38
N THR C 255 -0.16 38.92 -70.71
CA THR C 255 -0.19 39.36 -72.10
C THR C 255 1.20 39.57 -72.68
N LEU C 256 2.27 39.24 -71.95
CA LEU C 256 3.60 39.32 -72.51
C LEU C 256 3.86 38.16 -73.46
N GLU C 257 4.89 38.33 -74.28
CA GLU C 257 5.30 37.26 -75.18
C GLU C 257 6.02 36.17 -74.41
N GLU C 258 5.55 34.93 -74.57
CA GLU C 258 6.19 33.81 -73.89
C GLU C 258 7.54 33.47 -74.52
N LYS C 259 7.69 33.71 -75.82
CA LYS C 259 8.96 33.45 -76.49
C LYS C 259 10.01 34.48 -76.07
N GLU C 260 9.62 35.75 -75.99
CA GLU C 260 10.54 36.79 -75.55
C GLU C 260 10.82 36.66 -74.05
N TYR C 261 9.79 36.77 -73.23
CA TYR C 261 9.92 36.59 -71.77
C TYR C 261 9.42 35.20 -71.42
N PRO C 262 10.32 34.27 -71.08
CA PRO C 262 9.88 32.89 -70.82
C PRO C 262 9.13 32.78 -69.50
N GLY C 263 8.00 32.07 -69.53
CA GLY C 263 7.15 31.93 -68.37
C GLY C 263 6.34 33.15 -68.04
N ALA C 264 6.06 34.02 -69.00
CA ALA C 264 5.33 35.25 -68.73
C ALA C 264 3.87 35.19 -69.13
N HIS C 265 3.57 34.57 -70.28
CA HIS C 265 2.22 34.59 -70.84
C HIS C 265 1.22 33.81 -69.98
N THR C 266 1.70 32.91 -69.12
CA THR C 266 0.82 32.25 -68.17
C THR C 266 0.29 33.25 -67.15
N ALA C 267 -0.97 33.06 -66.74
CA ALA C 267 -1.60 33.97 -65.80
C ALA C 267 -1.03 33.81 -64.40
N THR C 268 -0.62 32.60 -64.04
CA THR C 268 0.05 32.39 -62.77
C THR C 268 1.48 32.92 -62.84
N ILE C 269 2.04 33.21 -61.68
CA ILE C 269 3.39 33.76 -61.59
C ILE C 269 4.03 33.22 -60.31
N LYS C 270 5.32 32.92 -60.39
CA LYS C 270 6.09 32.57 -59.21
C LYS C 270 6.19 33.78 -58.28
N TYR C 271 6.20 33.51 -56.97
CA TYR C 271 6.33 34.58 -56.00
C TYR C 271 7.72 35.21 -56.05
N THR C 272 8.74 34.41 -56.41
CA THR C 272 10.08 34.94 -56.60
C THR C 272 10.13 35.90 -57.77
N SER C 273 9.32 35.66 -58.80
CA SER C 273 9.17 36.65 -59.86
C SER C 273 8.39 37.87 -59.37
N ALA C 274 7.45 37.66 -58.45
CA ALA C 274 6.70 38.79 -57.89
C ALA C 274 7.57 39.60 -56.95
N LEU C 275 8.40 38.94 -56.14
CA LEU C 275 9.32 39.66 -55.27
C LEU C 275 10.44 40.33 -56.05
N THR C 276 10.75 39.83 -57.24
CA THR C 276 11.72 40.50 -58.10
C THR C 276 11.17 41.82 -58.60
N TYR C 277 9.91 41.84 -59.05
CA TYR C 277 9.28 43.07 -59.49
C TYR C 277 9.03 44.02 -58.33
N ASP C 278 8.80 43.48 -57.13
CA ASP C 278 8.69 44.32 -55.95
C ASP C 278 10.03 44.89 -55.53
N ALA C 279 11.13 44.20 -55.85
CA ALA C 279 12.45 44.70 -55.48
C ALA C 279 12.85 45.89 -56.32
N VAL C 280 12.39 45.96 -57.57
CA VAL C 280 12.71 47.08 -58.44
C VAL C 280 11.99 48.34 -57.96
N GLN C 281 10.79 48.17 -57.40
CA GLN C 281 10.05 49.28 -56.81
C GLN C 281 10.77 49.85 -55.60
N VAL C 282 11.43 48.98 -54.83
CA VAL C 282 12.19 49.45 -53.67
C VAL C 282 13.49 50.11 -54.12
N MET C 283 14.14 49.54 -55.14
CA MET C 283 15.39 50.09 -55.64
C MET C 283 15.19 51.43 -56.34
N THR C 284 14.07 51.61 -57.03
CA THR C 284 13.80 52.89 -57.67
C THR C 284 13.46 53.95 -56.63
N GLU C 285 12.64 53.60 -55.64
CA GLU C 285 12.28 54.52 -54.57
C GLU C 285 13.49 54.90 -53.72
N ALA C 286 14.49 54.02 -53.65
CA ALA C 286 15.76 54.37 -53.01
C ALA C 286 16.46 55.48 -53.77
N PHE C 287 16.79 55.24 -55.04
CA PHE C 287 17.54 56.23 -55.81
C PHE C 287 16.71 57.44 -56.20
N ARG C 288 15.38 57.37 -56.15
CA ARG C 288 14.60 58.59 -56.18
C ARG C 288 14.83 59.41 -54.92
N ASN C 289 14.90 58.76 -53.76
CA ASN C 289 15.21 59.44 -52.51
C ASN C 289 16.65 59.87 -52.41
N LEU C 290 17.58 59.14 -53.04
CA LEU C 290 18.95 59.65 -53.17
C LEU C 290 19.00 60.84 -54.11
N ARG C 291 18.07 60.93 -55.05
CA ARG C 291 17.95 62.14 -55.86
C ARG C 291 17.26 63.24 -55.07
N LYS C 292 16.36 62.89 -54.15
CA LYS C 292 15.73 63.88 -53.29
C LYS C 292 16.69 64.37 -52.21
N GLN C 293 17.48 63.46 -51.63
CA GLN C 293 18.47 63.87 -50.64
C GLN C 293 19.73 64.44 -51.28
N ARG C 294 19.91 64.22 -52.60
CA ARG C 294 21.01 64.77 -53.40
C ARG C 294 22.39 64.35 -52.88
N ILE C 295 22.49 63.14 -52.33
CA ILE C 295 23.76 62.60 -51.88
C ILE C 295 24.46 62.03 -53.11
N GLU C 296 25.44 62.77 -53.64
CA GLU C 296 26.10 62.36 -54.87
C GLU C 296 27.10 61.25 -54.56
N ILE C 297 26.89 60.10 -55.21
CA ILE C 297 27.64 58.87 -54.92
C ILE C 297 28.46 58.45 -56.12
N SER C 298 28.96 59.41 -56.88
CA SER C 298 29.56 59.16 -58.19
C SER C 298 30.88 58.43 -58.03
N ARG C 299 30.82 57.09 -58.11
CA ARG C 299 31.99 56.23 -57.94
C ARG C 299 32.32 55.54 -59.24
N ARG C 300 33.58 55.64 -59.64
CA ARG C 300 34.16 54.83 -60.70
C ARG C 300 34.65 53.51 -60.07
N GLY C 301 35.49 52.77 -60.77
CA GLY C 301 36.11 51.59 -60.18
C GLY C 301 37.18 51.88 -59.13
N ASN C 302 36.83 52.65 -58.10
CA ASN C 302 37.72 52.91 -56.98
C ASN C 302 37.67 51.78 -55.96
N ALA C 303 36.54 51.10 -55.85
CA ALA C 303 36.46 49.86 -55.08
C ALA C 303 37.38 48.81 -55.68
N GLY C 304 37.17 48.49 -56.96
CA GLY C 304 38.12 47.74 -57.76
C GLY C 304 38.38 46.31 -57.33
N ASP C 305 39.60 46.06 -56.83
CA ASP C 305 39.97 44.73 -56.40
C ASP C 305 39.32 44.42 -55.06
N CYS C 306 38.66 43.26 -54.97
CA CYS C 306 38.14 42.78 -53.71
C CYS C 306 39.19 42.03 -52.90
N LEU C 307 40.39 41.82 -53.45
CA LEU C 307 41.49 41.21 -52.74
C LEU C 307 42.45 42.23 -52.11
N ALA C 308 42.04 43.49 -52.03
CA ALA C 308 42.86 44.49 -51.38
C ALA C 308 42.94 44.21 -49.88
N ASN C 309 44.14 44.32 -49.33
CA ASN C 309 44.41 43.87 -47.96
C ASN C 309 44.97 45.03 -47.15
N PRO C 310 44.16 45.71 -46.33
CA PRO C 310 42.70 45.57 -46.21
C PRO C 310 41.95 46.37 -47.26
N ALA C 311 40.81 45.87 -47.72
CA ALA C 311 39.97 46.61 -48.65
C ALA C 311 39.03 47.52 -47.87
N VAL C 312 39.38 48.80 -47.77
CA VAL C 312 38.54 49.80 -47.11
C VAL C 312 37.65 50.45 -48.16
N PRO C 313 36.33 50.39 -48.02
CA PRO C 313 35.44 50.89 -49.06
C PRO C 313 35.02 52.35 -48.82
N TRP C 314 34.30 52.86 -49.81
CA TRP C 314 33.65 54.16 -49.68
C TRP C 314 32.43 54.02 -48.77
N GLY C 315 32.33 54.91 -47.77
CA GLY C 315 31.35 54.80 -46.72
C GLY C 315 30.01 55.45 -47.00
N GLN C 316 29.76 55.92 -48.22
CA GLN C 316 28.45 56.50 -48.52
C GLN C 316 27.40 55.43 -48.78
N GLY C 317 27.81 54.17 -48.92
CA GLY C 317 26.86 53.07 -49.08
C GLY C 317 26.13 52.71 -47.82
N VAL C 318 26.63 53.17 -46.66
CA VAL C 318 25.94 52.95 -45.40
C VAL C 318 24.61 53.68 -45.38
N GLU C 319 24.59 54.92 -45.89
CA GLU C 319 23.34 55.65 -46.02
C GLU C 319 22.46 55.04 -47.12
N ILE C 320 23.09 54.50 -48.18
CA ILE C 320 22.35 53.78 -49.21
C ILE C 320 21.74 52.52 -48.63
N GLU C 321 22.43 51.87 -47.69
CA GLU C 321 21.84 50.79 -46.91
C GLU C 321 20.70 51.31 -46.04
N ARG C 322 20.87 52.51 -45.46
CA ARG C 322 19.81 53.10 -44.66
C ARG C 322 18.63 53.52 -45.51
N ALA C 323 18.89 54.15 -46.65
CA ALA C 323 17.83 54.64 -47.52
C ALA C 323 17.02 53.53 -48.16
N LEU C 324 17.62 52.34 -48.35
CA LEU C 324 16.82 51.17 -48.70
C LEU C 324 15.87 50.79 -47.57
N LYS C 325 16.38 50.79 -46.34
CA LYS C 325 15.59 50.44 -45.17
C LYS C 325 14.55 51.50 -44.82
N GLN C 326 14.70 52.72 -45.33
CA GLN C 326 13.71 53.78 -45.16
C GLN C 326 12.58 53.70 -46.18
N VAL C 327 12.71 52.88 -47.22
CA VAL C 327 11.67 52.75 -48.25
C VAL C 327 10.50 51.97 -47.67
N GLN C 328 9.32 52.60 -47.65
CA GLN C 328 8.07 51.94 -47.28
C GLN C 328 7.13 52.06 -48.47
N VAL C 329 7.07 51.03 -49.30
CA VAL C 329 6.20 51.01 -50.46
C VAL C 329 5.28 49.79 -50.39
N GLU C 330 4.24 49.83 -51.20
CA GLU C 330 3.37 48.68 -51.40
C GLU C 330 3.89 47.84 -52.57
N GLY C 331 3.08 46.89 -53.00
CA GLY C 331 3.44 46.11 -54.15
C GLY C 331 2.65 44.83 -54.25
N LEU C 332 3.27 43.84 -54.89
CA LEU C 332 2.61 42.55 -55.08
C LEU C 332 2.56 41.74 -53.79
N SER C 333 3.46 42.04 -52.85
CA SER C 333 3.54 41.34 -51.57
C SER C 333 3.07 42.22 -50.41
N GLY C 334 2.11 43.12 -50.66
CA GLY C 334 1.62 43.97 -49.60
C GLY C 334 2.58 45.12 -49.28
N ASN C 335 2.51 45.59 -48.04
CA ASN C 335 3.38 46.67 -47.61
C ASN C 335 4.80 46.15 -47.38
N ILE C 336 5.78 46.90 -47.88
CA ILE C 336 7.18 46.51 -47.81
C ILE C 336 7.88 47.51 -46.90
N LYS C 337 7.95 47.19 -45.61
CA LYS C 337 8.70 47.98 -44.64
C LYS C 337 9.88 47.15 -44.17
N PHE C 338 10.99 47.82 -43.87
CA PHE C 338 12.22 47.15 -43.46
C PHE C 338 12.57 47.52 -42.03
N ASP C 339 13.29 46.62 -41.37
CA ASP C 339 13.89 46.90 -40.07
C ASP C 339 15.25 47.56 -40.28
N GLN C 340 16.05 47.60 -39.21
CA GLN C 340 17.43 48.07 -39.31
C GLN C 340 18.39 47.01 -39.83
N ASN C 341 17.88 45.87 -40.30
CA ASN C 341 18.72 44.76 -40.70
C ASN C 341 18.37 44.19 -42.07
N GLY C 342 17.40 44.79 -42.76
CA GLY C 342 16.98 44.32 -44.06
C GLY C 342 15.84 43.31 -44.05
N LYS C 343 15.44 42.82 -42.89
CA LYS C 343 14.31 41.91 -42.79
C LYS C 343 13.01 42.68 -43.00
N ARG C 344 12.12 42.10 -43.79
CA ARG C 344 10.84 42.72 -44.09
C ARG C 344 9.95 42.73 -42.86
N ILE C 345 9.30 43.86 -42.62
CA ILE C 345 8.36 44.03 -41.52
C ILE C 345 7.11 44.72 -42.07
N ASN C 346 6.05 44.72 -41.24
CA ASN C 346 4.74 45.29 -41.56
C ASN C 346 4.15 44.66 -42.84
N TYR C 347 4.31 43.36 -42.96
CA TYR C 347 3.75 42.59 -44.06
C TYR C 347 2.52 41.82 -43.57
N THR C 348 1.88 41.11 -44.50
CA THR C 348 0.72 40.29 -44.15
C THR C 348 0.71 39.05 -45.03
N ILE C 349 0.86 37.88 -44.42
CA ILE C 349 0.87 36.61 -45.15
C ILE C 349 -0.54 36.05 -45.18
N ASN C 350 -1.01 35.70 -46.38
CA ASN C 350 -2.36 35.20 -46.58
C ASN C 350 -2.36 33.68 -46.43
N ILE C 351 -3.12 33.19 -45.44
CA ILE C 351 -3.29 31.76 -45.26
C ILE C 351 -4.25 31.25 -46.33
N MET C 352 -3.78 30.31 -47.15
CA MET C 352 -4.54 29.81 -48.28
C MET C 352 -4.74 28.31 -48.16
N GLU C 353 -5.98 27.87 -48.36
CA GLU C 353 -6.34 26.46 -48.28
C GLU C 353 -6.86 25.98 -49.62
N LEU C 354 -6.28 24.89 -50.11
CA LEU C 354 -6.82 24.20 -51.28
C LEU C 354 -8.10 23.47 -50.87
N LYS C 355 -9.19 23.80 -51.54
CA LYS C 355 -10.49 23.21 -51.28
C LYS C 355 -10.96 22.49 -52.55
N THR C 356 -12.23 22.07 -52.53
CA THR C 356 -12.84 21.46 -53.72
C THR C 356 -12.93 22.45 -54.86
N ASN C 357 -13.31 23.70 -54.57
CA ASN C 357 -13.38 24.74 -55.59
C ASN C 357 -12.02 25.34 -55.92
N GLY C 358 -10.97 24.97 -55.21
CA GLY C 358 -9.64 25.48 -55.47
C GLY C 358 -9.01 26.11 -54.24
N PRO C 359 -8.06 27.02 -54.44
CA PRO C 359 -7.44 27.71 -53.31
C PRO C 359 -8.41 28.70 -52.68
N ARG C 360 -8.31 28.83 -51.37
CA ARG C 360 -9.27 29.63 -50.62
C ARG C 360 -8.60 30.20 -49.37
N LYS C 361 -8.82 31.50 -49.15
CA LYS C 361 -8.28 32.18 -47.97
C LYS C 361 -9.21 31.97 -46.79
N ILE C 362 -8.63 31.57 -45.65
CA ILE C 362 -9.37 31.51 -44.40
C ILE C 362 -8.89 32.54 -43.39
N GLY C 363 -7.76 33.18 -43.62
CA GLY C 363 -7.22 34.11 -42.64
C GLY C 363 -5.98 34.80 -43.17
N TYR C 364 -5.50 35.77 -42.39
CA TYR C 364 -4.33 36.55 -42.72
C TYR C 364 -3.44 36.63 -41.48
N TRP C 365 -2.13 36.71 -41.72
CA TRP C 365 -1.16 36.80 -40.65
C TRP C 365 -0.19 37.95 -40.91
N SER C 366 -0.22 38.95 -40.04
CA SER C 366 0.82 39.97 -39.99
C SER C 366 1.76 39.64 -38.85
N GLU C 367 2.86 40.42 -38.76
CA GLU C 367 3.93 40.07 -37.83
C GLU C 367 3.54 40.30 -36.37
N VAL C 368 2.75 41.34 -36.10
CA VAL C 368 2.34 41.65 -34.73
C VAL C 368 0.82 41.50 -34.65
N ASP C 369 0.16 41.65 -35.80
CA ASP C 369 -1.27 41.36 -35.92
C ASP C 369 -1.38 39.91 -36.40
N LYS C 370 -1.49 39.00 -35.44
CA LYS C 370 -1.32 37.58 -35.72
C LYS C 370 -2.55 37.00 -36.39
N MET C 371 -2.66 35.68 -36.42
CA MET C 371 -3.55 34.98 -37.35
C MET C 371 -5.02 35.22 -37.04
N VAL C 372 -5.60 36.18 -37.77
CA VAL C 372 -7.00 36.55 -37.65
C VAL C 372 -7.73 35.91 -38.82
N LEU C 373 -8.80 35.19 -38.53
CA LEU C 373 -9.52 34.46 -39.57
C LEU C 373 -10.28 35.41 -40.49
N THR C 374 -10.36 35.03 -41.77
CA THR C 374 -11.03 35.81 -42.79
C THR C 374 -12.21 34.98 -43.30
N GLU C 375 -13.43 35.50 -43.14
CA GLU C 375 -14.58 34.61 -43.25
C GLU C 375 -15.73 35.13 -44.11
N ASP C 376 -15.87 36.44 -44.28
CA ASP C 376 -17.16 37.12 -44.10
C ASP C 376 -18.39 36.49 -44.74
N ASP C 377 -18.56 36.60 -46.06
CA ASP C 377 -19.44 35.79 -46.91
C ASP C 377 -20.94 35.80 -46.57
N THR C 378 -21.30 36.31 -45.39
CA THR C 378 -22.66 36.46 -44.89
C THR C 378 -22.85 37.78 -44.15
N SER C 379 -21.75 38.41 -43.69
CA SER C 379 -21.73 39.47 -42.68
C SER C 379 -22.43 39.02 -41.39
N GLY C 380 -22.23 37.75 -41.03
CA GLY C 380 -22.69 37.15 -39.80
C GLY C 380 -24.22 37.13 -39.68
N LEU C 381 -24.66 37.23 -38.41
CA LEU C 381 -26.01 37.60 -37.99
C LEU C 381 -27.06 36.52 -38.27
N GLU C 382 -26.68 35.44 -38.95
CA GLU C 382 -27.63 34.41 -39.34
C GLU C 382 -27.96 33.49 -38.17
N GLN C 383 -28.70 32.42 -38.47
CA GLN C 383 -29.27 31.58 -37.41
C GLN C 383 -28.22 30.65 -36.81
N LYS C 384 -27.18 30.29 -37.57
CA LYS C 384 -26.04 29.48 -37.13
C LYS C 384 -26.49 28.12 -36.57
N THR C 385 -27.00 27.29 -37.49
CA THR C 385 -27.48 25.95 -37.17
C THR C 385 -26.36 25.11 -36.56
N VAL C 386 -26.62 24.60 -35.36
CA VAL C 386 -25.59 23.91 -34.58
C VAL C 386 -25.67 22.41 -34.84
N VAL C 387 -24.55 21.79 -35.17
CA VAL C 387 -24.48 20.37 -35.47
C VAL C 387 -24.35 19.60 -34.16
N VAL C 388 -25.32 18.74 -33.89
CA VAL C 388 -25.32 17.92 -32.69
C VAL C 388 -24.94 16.51 -33.13
N THR C 389 -23.70 16.12 -32.87
CA THR C 389 -23.29 14.76 -33.20
C THR C 389 -23.72 13.80 -32.10
N THR C 390 -23.98 12.56 -32.49
CA THR C 390 -24.43 11.52 -31.58
C THR C 390 -24.18 10.17 -32.22
N ILE C 391 -24.69 9.12 -31.57
CA ILE C 391 -24.51 7.74 -32.00
C ILE C 391 -25.80 6.98 -31.70
N LEU C 392 -26.13 6.00 -32.54
CA LEU C 392 -27.35 5.22 -32.40
C LEU C 392 -27.26 4.35 -31.15
N GLU C 393 -27.95 4.76 -30.10
CA GLU C 393 -27.96 4.02 -28.83
C GLU C 393 -29.39 3.90 -28.33
N SER C 394 -29.76 2.70 -27.94
CA SER C 394 -31.06 2.54 -27.31
C SER C 394 -30.92 2.72 -25.79
N PRO C 395 -31.78 3.52 -25.15
CA PRO C 395 -32.87 4.32 -25.73
C PRO C 395 -32.48 5.79 -25.94
N TYR C 396 -31.20 6.03 -26.24
CA TYR C 396 -30.71 7.40 -26.28
C TYR C 396 -30.91 8.04 -27.65
N VAL C 397 -30.46 7.38 -28.72
CA VAL C 397 -30.81 7.75 -30.08
C VAL C 397 -31.19 6.48 -30.83
N MET C 398 -32.46 6.38 -31.22
CA MET C 398 -32.96 5.25 -31.97
C MET C 398 -33.57 5.75 -33.28
N MET C 399 -33.76 4.82 -34.21
CA MET C 399 -34.38 5.14 -35.48
C MET C 399 -35.90 5.03 -35.39
N LYS C 400 -36.59 5.83 -36.20
CA LYS C 400 -38.03 5.75 -36.26
C LYS C 400 -38.47 4.50 -37.03
N LYS C 401 -39.77 4.19 -36.92
CA LYS C 401 -40.34 3.19 -37.80
C LYS C 401 -40.73 3.80 -39.14
N ASN C 402 -40.92 5.12 -39.17
CA ASN C 402 -41.13 5.86 -40.41
C ASN C 402 -40.01 6.87 -40.62
N HIS C 403 -38.77 6.43 -40.39
CA HIS C 403 -37.61 7.29 -40.56
C HIS C 403 -37.38 7.66 -42.02
N GLU C 404 -37.80 6.80 -42.94
CA GLU C 404 -37.79 7.15 -44.36
C GLU C 404 -38.81 8.23 -44.66
N MET C 405 -39.93 8.24 -43.94
CA MET C 405 -40.97 9.25 -44.12
C MET C 405 -40.62 10.57 -43.44
N LEU C 406 -39.85 10.55 -42.36
CA LEU C 406 -39.49 11.75 -41.62
C LEU C 406 -38.19 12.33 -42.16
N GLU C 407 -37.86 13.52 -41.70
CA GLU C 407 -36.76 14.29 -42.26
C GLU C 407 -35.86 14.83 -41.16
N GLY C 408 -34.56 14.59 -41.29
CA GLY C 408 -33.54 15.21 -40.46
C GLY C 408 -33.57 14.82 -38.99
N ASN C 409 -33.90 15.80 -38.14
CA ASN C 409 -33.97 15.57 -36.71
C ASN C 409 -35.18 14.71 -36.32
N GLU C 410 -36.23 14.72 -37.14
CA GLU C 410 -37.40 13.90 -36.85
C GLU C 410 -37.16 12.42 -37.10
N ARG C 411 -36.15 12.09 -37.91
CA ARG C 411 -35.79 10.70 -38.16
C ARG C 411 -35.20 10.01 -36.93
N TYR C 412 -34.73 10.77 -35.96
CA TYR C 412 -34.03 10.23 -34.80
C TYR C 412 -34.89 10.42 -33.55
N GLU C 413 -35.14 9.30 -32.87
CA GLU C 413 -35.89 9.32 -31.62
C GLU C 413 -34.98 8.83 -30.51
N GLY C 414 -35.34 9.15 -29.28
CA GLY C 414 -34.61 8.61 -28.15
C GLY C 414 -34.46 9.63 -27.06
N TYR C 415 -33.65 9.27 -26.05
CA TYR C 415 -33.48 10.10 -24.86
C TYR C 415 -32.72 11.38 -25.17
N CYS C 416 -31.68 11.29 -26.01
CA CYS C 416 -30.90 12.47 -26.36
C CYS C 416 -31.66 13.42 -27.27
N VAL C 417 -32.70 12.93 -27.95
CA VAL C 417 -33.49 13.80 -28.83
C VAL C 417 -34.37 14.71 -28.00
N ASP C 418 -34.94 14.20 -26.90
CA ASP C 418 -35.75 15.02 -26.02
C ASP C 418 -34.91 16.03 -25.25
N LEU C 419 -33.65 15.70 -24.97
CA LEU C 419 -32.76 16.66 -24.34
C LEU C 419 -32.36 17.77 -25.31
N ALA C 420 -32.07 17.41 -26.56
CA ALA C 420 -31.60 18.38 -27.55
C ALA C 420 -32.65 19.42 -27.90
N ALA C 421 -33.93 19.08 -27.76
CA ALA C 421 -34.98 20.09 -27.84
C ALA C 421 -34.93 21.03 -26.65
N GLU C 422 -34.69 20.49 -25.46
CA GLU C 422 -34.64 21.31 -24.24
C GLU C 422 -33.38 22.18 -24.19
N ILE C 423 -32.26 21.70 -24.74
CA ILE C 423 -31.09 22.55 -24.87
C ILE C 423 -31.35 23.65 -25.88
N ALA C 424 -32.10 23.34 -26.95
CA ALA C 424 -32.55 24.38 -27.87
C ALA C 424 -33.59 25.28 -27.22
N LYS C 425 -34.32 24.78 -26.22
CA LYS C 425 -35.22 25.64 -25.45
C LYS C 425 -34.44 26.52 -24.47
N HIS C 426 -33.25 26.08 -24.07
CA HIS C 426 -32.46 26.84 -23.10
C HIS C 426 -31.48 27.78 -23.79
N CYS C 427 -30.78 27.31 -24.82
CA CYS C 427 -29.76 28.10 -25.48
C CYS C 427 -30.23 28.79 -26.75
N GLY C 428 -31.38 28.41 -27.30
CA GLY C 428 -31.96 29.11 -28.43
C GLY C 428 -31.23 28.93 -29.75
N PHE C 429 -31.26 27.73 -30.30
CA PHE C 429 -30.52 27.44 -31.52
C PHE C 429 -31.23 26.35 -32.31
N LYS C 430 -31.00 26.36 -33.62
CA LYS C 430 -31.38 25.23 -34.45
C LYS C 430 -30.35 24.12 -34.32
N TYR C 431 -30.84 22.90 -34.19
CA TYR C 431 -29.95 21.76 -33.96
C TYR C 431 -30.07 20.77 -35.10
N LYS C 432 -28.97 20.09 -35.38
CA LYS C 432 -28.92 19.04 -36.39
C LYS C 432 -28.36 17.78 -35.76
N LEU C 433 -29.24 16.81 -35.49
CA LEU C 433 -28.84 15.53 -34.95
C LEU C 433 -28.15 14.72 -36.05
N THR C 434 -26.91 14.32 -35.82
CA THR C 434 -26.12 13.58 -36.80
C THR C 434 -25.50 12.36 -36.14
N ILE C 435 -25.66 11.20 -36.78
CA ILE C 435 -25.04 9.98 -36.30
C ILE C 435 -23.58 9.97 -36.71
N VAL C 436 -22.71 9.56 -35.78
CA VAL C 436 -21.29 9.42 -36.09
C VAL C 436 -21.10 8.26 -37.06
N GLY C 437 -20.11 8.37 -37.94
CA GLY C 437 -19.98 7.42 -39.03
C GLY C 437 -19.34 6.11 -38.60
N ASP C 438 -18.21 6.18 -37.91
CA ASP C 438 -17.43 4.99 -37.57
C ASP C 438 -18.06 4.14 -36.47
N GLY C 439 -19.08 4.64 -35.79
CA GLY C 439 -19.65 3.91 -34.68
C GLY C 439 -18.85 3.96 -33.41
N LYS C 440 -17.82 4.80 -33.35
CA LYS C 440 -17.00 4.96 -32.16
C LYS C 440 -17.53 6.08 -31.29
N TYR C 441 -17.26 5.98 -29.99
CA TYR C 441 -17.72 6.99 -29.05
C TYR C 441 -16.78 8.18 -28.94
N GLY C 442 -15.66 8.17 -29.65
CA GLY C 442 -14.67 9.20 -29.45
C GLY C 442 -13.47 8.71 -28.66
N ALA C 443 -13.00 7.52 -28.99
CA ALA C 443 -11.79 7.01 -28.37
C ALA C 443 -10.56 7.69 -28.97
N ARG C 444 -9.40 7.42 -28.36
CA ARG C 444 -8.14 7.93 -28.87
C ARG C 444 -7.31 6.77 -29.40
N ASP C 445 -6.79 6.94 -30.62
CA ASP C 445 -5.86 5.98 -31.18
C ASP C 445 -4.53 6.06 -30.42
N ALA C 446 -3.85 4.91 -30.35
CA ALA C 446 -2.55 4.84 -29.71
C ALA C 446 -1.39 5.03 -30.68
N ASP C 447 -1.60 4.77 -31.97
CA ASP C 447 -0.55 4.88 -32.97
C ASP C 447 -0.56 6.26 -33.62
N THR C 448 -1.68 6.63 -34.25
CA THR C 448 -1.79 7.93 -34.90
C THR C 448 -2.05 9.05 -33.92
N LYS C 449 -2.50 8.71 -32.69
CA LYS C 449 -2.94 9.66 -31.66
C LYS C 449 -4.03 10.59 -32.19
N ILE C 450 -4.90 10.04 -33.03
CA ILE C 450 -6.00 10.79 -33.64
C ILE C 450 -7.30 10.29 -33.03
N TRP C 451 -8.07 11.21 -32.46
CA TRP C 451 -9.36 10.88 -31.91
C TRP C 451 -10.33 10.51 -33.04
N ASN C 452 -10.86 9.30 -33.00
CA ASN C 452 -11.93 8.92 -33.90
C ASN C 452 -13.26 9.29 -33.23
N GLY C 453 -14.37 8.80 -33.78
CA GLY C 453 -15.66 8.91 -33.15
C GLY C 453 -16.19 10.33 -33.08
N MET C 454 -16.88 10.62 -31.98
CA MET C 454 -17.55 11.90 -31.83
C MET C 454 -16.60 12.98 -31.29
N VAL C 455 -15.58 12.58 -30.53
CA VAL C 455 -14.62 13.53 -29.98
C VAL C 455 -13.77 14.12 -31.10
N GLY C 456 -13.31 13.27 -32.04
CA GLY C 456 -12.55 13.77 -33.16
C GLY C 456 -13.35 14.63 -34.12
N GLU C 457 -14.68 14.44 -34.14
CA GLU C 457 -15.54 15.38 -34.85
C GLU C 457 -15.63 16.71 -34.13
N LEU C 458 -15.40 16.74 -32.83
CA LEU C 458 -15.40 18.00 -32.10
C LEU C 458 -14.02 18.66 -32.09
N VAL C 459 -12.96 17.85 -32.11
CA VAL C 459 -11.60 18.40 -32.14
C VAL C 459 -11.29 19.00 -33.50
N TYR C 460 -11.61 18.27 -34.57
CA TYR C 460 -11.24 18.67 -35.93
C TYR C 460 -12.27 19.60 -36.57
N GLY C 461 -13.21 20.12 -35.79
CA GLY C 461 -14.20 21.04 -36.31
C GLY C 461 -15.28 20.43 -37.16
N LYS C 462 -15.41 19.11 -37.19
CA LYS C 462 -16.45 18.47 -37.99
C LYS C 462 -17.82 18.65 -37.37
N ALA C 463 -17.92 18.56 -36.05
CA ALA C 463 -19.19 18.69 -35.34
C ALA C 463 -19.13 19.86 -34.37
N ASP C 464 -20.31 20.38 -34.02
CA ASP C 464 -20.39 21.57 -33.19
C ASP C 464 -20.60 21.26 -31.72
N ILE C 465 -21.35 20.20 -31.41
CA ILE C 465 -21.59 19.79 -30.01
C ILE C 465 -21.98 18.32 -30.04
N ALA C 466 -21.85 17.65 -28.89
CA ALA C 466 -22.16 16.23 -28.76
C ALA C 466 -23.15 16.01 -27.63
N ILE C 467 -24.30 15.43 -27.96
CA ILE C 467 -25.29 15.00 -26.98
C ILE C 467 -25.44 13.49 -27.19
N ALA C 468 -24.85 12.70 -26.30
CA ALA C 468 -24.63 11.29 -26.55
C ALA C 468 -24.31 10.61 -25.22
N PRO C 469 -24.44 9.26 -25.14
CA PRO C 469 -23.96 8.55 -23.94
C PRO C 469 -22.45 8.53 -23.86
N LEU C 470 -21.85 9.62 -23.39
CA LEU C 470 -20.40 9.78 -23.42
C LEU C 470 -19.90 9.83 -21.99
N THR C 471 -19.26 8.75 -21.55
CA THR C 471 -18.73 8.65 -20.20
C THR C 471 -17.51 9.56 -20.06
N ILE C 472 -17.50 10.39 -19.03
CA ILE C 472 -16.46 11.40 -18.86
C ILE C 472 -15.20 10.72 -18.32
N THR C 473 -14.12 10.79 -19.09
CA THR C 473 -12.78 10.41 -18.63
C THR C 473 -11.91 11.65 -18.59
N LEU C 474 -10.65 11.46 -18.19
CA LEU C 474 -9.73 12.58 -18.13
C LEU C 474 -9.25 12.97 -19.52
N VAL C 475 -8.85 11.99 -20.32
CA VAL C 475 -8.26 12.25 -21.63
C VAL C 475 -9.26 12.82 -22.62
N ARG C 476 -10.55 12.55 -22.43
CA ARG C 476 -11.56 13.21 -23.25
C ARG C 476 -11.69 14.68 -22.90
N GLU C 477 -11.59 15.02 -21.61
CA GLU C 477 -11.59 16.42 -21.20
C GLU C 477 -10.31 17.15 -21.59
N GLU C 478 -9.23 16.40 -21.88
CA GLU C 478 -7.98 17.03 -22.29
C GLU C 478 -8.05 17.67 -23.67
N VAL C 479 -9.07 17.37 -24.48
CA VAL C 479 -9.16 17.93 -25.82
C VAL C 479 -10.44 18.74 -26.02
N ILE C 480 -11.52 18.39 -25.32
CA ILE C 480 -12.81 19.05 -25.45
C ILE C 480 -13.36 19.29 -24.04
N ASP C 481 -14.51 19.96 -23.97
CA ASP C 481 -15.10 20.36 -22.70
C ASP C 481 -16.43 19.62 -22.49
N PHE C 482 -16.54 18.94 -21.35
CA PHE C 482 -17.81 18.38 -20.95
C PHE C 482 -18.64 19.40 -20.18
N SER C 483 -19.92 19.08 -20.00
CA SER C 483 -20.77 19.74 -19.04
C SER C 483 -20.74 18.95 -17.74
N LYS C 484 -21.65 19.26 -16.82
CA LYS C 484 -21.77 18.46 -15.60
C LYS C 484 -22.36 17.09 -15.93
N PRO C 485 -22.02 16.06 -15.16
CA PRO C 485 -22.64 14.75 -15.39
C PRO C 485 -24.11 14.74 -15.01
N PHE C 486 -24.97 14.71 -16.03
CA PHE C 486 -26.41 14.65 -15.85
C PHE C 486 -26.88 13.25 -15.47
N MET C 487 -26.12 12.21 -15.82
CA MET C 487 -26.54 10.83 -15.58
C MET C 487 -25.36 10.09 -14.97
N SER C 488 -25.36 9.99 -13.65
CA SER C 488 -24.32 9.23 -12.97
C SER C 488 -24.66 7.75 -12.95
N LEU C 489 -23.63 6.93 -13.16
CA LEU C 489 -23.81 5.49 -13.34
C LEU C 489 -22.50 4.80 -13.00
N GLY C 490 -22.41 3.53 -13.34
CA GLY C 490 -21.21 2.76 -13.08
C GLY C 490 -21.41 1.33 -13.54
N ILE C 491 -20.45 0.49 -13.18
CA ILE C 491 -20.52 -0.91 -13.56
C ILE C 491 -21.55 -1.62 -12.70
N SER C 492 -22.63 -2.08 -13.33
CA SER C 492 -23.69 -2.82 -12.66
C SER C 492 -23.52 -4.31 -12.94
N ILE C 493 -24.29 -5.11 -12.22
CA ILE C 493 -24.19 -6.56 -12.29
C ILE C 493 -25.47 -7.09 -12.93
N MET C 494 -25.42 -7.32 -14.24
CA MET C 494 -26.53 -7.97 -14.94
C MET C 494 -26.42 -9.48 -14.80
N ILE C 495 -27.35 -10.06 -14.05
CA ILE C 495 -27.48 -11.51 -13.96
C ILE C 495 -28.88 -11.89 -14.41
N LYS C 496 -29.15 -13.19 -14.36
CA LYS C 496 -30.49 -13.70 -14.63
C LYS C 496 -31.41 -13.29 -13.49
N LYS C 497 -32.77 -13.49 -13.60
CA LYS C 497 -33.94 -13.35 -12.73
C LYS C 497 -34.39 -14.74 -12.27
N PRO C 498 -34.75 -14.90 -10.99
CA PRO C 498 -35.10 -16.24 -10.46
C PRO C 498 -36.31 -16.85 -11.17
N GLN C 499 -36.11 -18.08 -11.65
CA GLN C 499 -36.98 -18.67 -12.65
C GLN C 499 -38.32 -19.07 -12.06
N LYS C 500 -39.33 -19.07 -12.92
CA LYS C 500 -40.68 -19.54 -12.58
C LYS C 500 -40.76 -20.98 -13.09
N SER C 501 -40.12 -21.88 -12.35
CA SER C 501 -40.10 -23.31 -12.65
C SER C 501 -40.85 -24.01 -11.52
N LYS C 502 -42.16 -24.10 -11.65
CA LYS C 502 -42.99 -24.72 -10.63
C LYS C 502 -43.16 -26.20 -10.96
N PRO C 503 -42.65 -27.11 -10.12
CA PRO C 503 -42.57 -28.52 -10.51
C PRO C 503 -43.83 -29.33 -10.23
N GLY C 504 -43.88 -30.32 -11.15
CA GLY C 504 -45.17 -30.98 -11.31
C GLY C 504 -45.25 -32.46 -11.03
N VAL C 505 -45.74 -33.22 -12.00
CA VAL C 505 -46.20 -34.59 -11.76
C VAL C 505 -45.02 -35.54 -11.58
N PHE C 506 -44.18 -35.67 -12.61
CA PHE C 506 -43.07 -36.62 -12.55
C PHE C 506 -41.96 -36.14 -11.61
N SER C 507 -41.94 -34.87 -11.27
CA SER C 507 -40.95 -34.31 -10.34
C SER C 507 -41.39 -34.36 -8.88
N PHE C 508 -42.58 -34.90 -8.59
CA PHE C 508 -42.92 -35.22 -7.21
C PHE C 508 -42.11 -36.42 -6.72
N LEU C 509 -41.67 -37.27 -7.63
CA LEU C 509 -40.99 -38.52 -7.31
C LEU C 509 -39.48 -38.35 -7.14
N ASP C 510 -39.01 -37.16 -6.74
CA ASP C 510 -37.58 -36.90 -6.68
C ASP C 510 -36.86 -37.45 -5.45
N PRO C 511 -37.31 -37.26 -4.20
CA PRO C 511 -36.46 -37.69 -3.06
C PRO C 511 -36.35 -39.20 -2.87
N LEU C 512 -37.11 -40.00 -3.61
CA LEU C 512 -36.97 -41.44 -3.62
C LEU C 512 -36.77 -41.87 -5.06
N ALA C 513 -35.75 -42.70 -5.31
CA ALA C 513 -35.32 -42.96 -6.68
C ALA C 513 -36.31 -43.87 -7.42
N TYR C 514 -36.25 -43.79 -8.76
CA TYR C 514 -37.21 -44.47 -9.63
C TYR C 514 -37.09 -45.98 -9.55
N GLU C 515 -35.88 -46.51 -9.35
CA GLU C 515 -35.73 -47.93 -9.12
C GLU C 515 -36.27 -48.33 -7.75
N ILE C 516 -36.28 -47.39 -6.80
CA ILE C 516 -36.80 -47.68 -5.47
C ILE C 516 -38.31 -47.53 -5.44
N TRP C 517 -38.90 -46.70 -6.33
CA TRP C 517 -40.36 -46.63 -6.45
C TRP C 517 -40.94 -47.94 -6.94
N MET C 518 -40.18 -48.71 -7.73
CA MET C 518 -40.66 -50.02 -8.14
C MET C 518 -40.42 -51.05 -7.05
N CYS C 519 -39.29 -50.97 -6.35
CA CYS C 519 -38.97 -51.95 -5.32
C CYS C 519 -39.71 -51.72 -4.01
N ILE C 520 -40.28 -50.53 -3.80
CA ILE C 520 -41.14 -50.33 -2.64
C ILE C 520 -42.51 -50.95 -2.89
N VAL C 521 -42.86 -51.18 -4.15
CA VAL C 521 -44.08 -51.90 -4.50
C VAL C 521 -43.81 -53.39 -4.67
N PHE C 522 -42.62 -53.74 -5.19
CA PHE C 522 -42.28 -55.14 -5.40
C PHE C 522 -42.11 -55.89 -4.08
N ALA C 523 -41.35 -55.32 -3.14
CA ALA C 523 -41.17 -55.96 -1.84
C ALA C 523 -42.41 -55.88 -0.96
N TYR C 524 -43.38 -55.04 -1.32
CA TYR C 524 -44.61 -54.92 -0.53
C TYR C 524 -45.51 -56.14 -0.70
N ILE C 525 -45.70 -56.60 -1.94
CA ILE C 525 -46.64 -57.67 -2.20
C ILE C 525 -46.11 -59.05 -1.79
N GLY C 526 -44.83 -59.15 -1.44
CA GLY C 526 -44.30 -60.39 -0.91
C GLY C 526 -44.61 -60.60 0.56
N VAL C 527 -45.11 -59.58 1.24
CA VAL C 527 -45.36 -59.66 2.68
C VAL C 527 -46.71 -60.32 2.97
N SER C 528 -47.72 -60.00 2.17
CA SER C 528 -49.08 -60.41 2.46
C SER C 528 -49.35 -61.88 2.16
N VAL C 529 -48.40 -62.59 1.55
CA VAL C 529 -48.63 -64.00 1.22
C VAL C 529 -48.46 -64.90 2.44
N VAL C 530 -47.74 -64.44 3.46
CA VAL C 530 -47.46 -65.30 4.62
C VAL C 530 -48.63 -65.26 5.61
N LEU C 531 -49.22 -64.08 5.82
CA LEU C 531 -50.31 -63.91 6.76
C LEU C 531 -51.62 -64.55 6.29
N PHE C 532 -51.72 -64.96 5.04
CA PHE C 532 -52.87 -65.72 4.58
C PHE C 532 -52.92 -67.11 5.19
N LEU C 533 -51.77 -67.69 5.53
CA LEU C 533 -51.71 -68.99 6.18
C LEU C 533 -52.10 -68.94 7.65
N VAL C 534 -52.22 -67.75 8.23
CA VAL C 534 -52.62 -67.64 9.63
C VAL C 534 -54.10 -67.97 9.79
N SER C 535 -54.97 -67.28 9.05
CA SER C 535 -56.40 -67.53 9.10
C SER C 535 -56.83 -68.50 8.01
N ILE C 564 -53.33 -63.42 0.65
CA ILE C 564 -53.50 -63.83 -0.74
C ILE C 564 -54.76 -63.21 -1.33
N PHE C 565 -55.82 -63.17 -0.53
CA PHE C 565 -57.09 -62.58 -0.95
C PHE C 565 -57.53 -61.43 -0.07
N ASN C 566 -57.34 -61.53 1.24
CA ASN C 566 -57.68 -60.47 2.18
C ASN C 566 -56.47 -59.76 2.76
N SER C 567 -55.35 -60.48 2.93
CA SER C 567 -54.19 -59.99 3.65
C SER C 567 -53.43 -58.89 2.93
N LEU C 568 -53.73 -58.63 1.65
CA LEU C 568 -53.14 -57.47 0.98
C LEU C 568 -53.68 -56.18 1.56
N TRP C 569 -54.98 -56.15 1.88
CA TRP C 569 -55.54 -55.02 2.62
C TRP C 569 -55.12 -55.04 4.08
N PHE C 570 -54.83 -56.21 4.64
CA PHE C 570 -54.26 -56.26 5.98
C PHE C 570 -52.76 -56.04 5.96
N SER C 571 -52.13 -56.04 4.78
CA SER C 571 -50.79 -55.49 4.66
C SER C 571 -50.84 -53.98 4.46
N LEU C 572 -52.01 -53.43 4.12
CA LEU C 572 -52.19 -51.99 4.11
C LEU C 572 -52.29 -51.43 5.53
N GLY C 573 -52.69 -52.26 6.50
CA GLY C 573 -52.56 -51.87 7.89
C GLY C 573 -51.13 -51.85 8.37
N ALA C 574 -50.24 -52.57 7.66
CA ALA C 574 -48.81 -52.50 7.88
C ALA C 574 -48.10 -51.80 6.71
N PHE C 575 -48.84 -51.06 5.89
CA PHE C 575 -48.23 -50.29 4.81
C PHE C 575 -47.40 -49.14 5.37
N MET C 576 -48.05 -48.20 6.05
CA MET C 576 -47.37 -47.30 6.97
C MET C 576 -47.97 -47.37 8.37
N GLN C 577 -49.29 -47.20 8.49
CA GLN C 577 -50.01 -47.03 9.75
C GLN C 577 -51.40 -47.61 9.60
N GLN C 578 -52.34 -47.16 10.44
CA GLN C 578 -53.76 -47.54 10.41
C GLN C 578 -53.94 -49.05 10.65
N GLY C 579 -53.60 -49.45 11.88
CA GLY C 579 -53.55 -50.82 12.36
C GLY C 579 -54.67 -51.78 11.98
N CYS C 580 -54.27 -52.93 11.43
CA CYS C 580 -55.19 -53.90 10.87
C CYS C 580 -55.94 -54.67 11.95
N ASP C 581 -56.82 -55.57 11.51
CA ASP C 581 -57.68 -56.32 12.43
C ASP C 581 -57.24 -57.76 12.63
N ILE C 582 -56.64 -58.37 11.62
CA ILE C 582 -56.05 -59.71 11.80
C ILE C 582 -54.82 -59.57 12.69
N SER C 583 -54.81 -60.32 13.80
CA SER C 583 -53.79 -60.17 14.84
C SER C 583 -52.97 -61.45 14.96
N PRO C 584 -51.79 -61.51 14.36
CA PRO C 584 -50.88 -62.65 14.62
C PRO C 584 -50.21 -62.56 15.98
N ARG C 585 -50.89 -63.08 17.01
CA ARG C 585 -50.53 -62.85 18.40
C ARG C 585 -49.15 -63.41 18.78
N SER C 586 -48.98 -64.73 18.76
CA SER C 586 -47.74 -65.31 19.24
C SER C 586 -47.09 -66.26 18.24
N LEU C 587 -47.64 -66.41 17.05
CA LEU C 587 -47.05 -67.28 16.03
C LEU C 587 -46.09 -66.46 15.16
N SER C 588 -45.64 -67.05 14.04
CA SER C 588 -44.58 -66.44 13.24
C SER C 588 -45.03 -65.21 12.47
N GLY C 589 -46.34 -64.97 12.36
CA GLY C 589 -46.83 -63.79 11.67
C GLY C 589 -46.55 -62.49 12.39
N ARG C 590 -46.25 -62.55 13.68
CA ARG C 590 -45.85 -61.36 14.42
C ARG C 590 -44.51 -60.82 13.93
N ILE C 591 -43.60 -61.71 13.54
CA ILE C 591 -42.35 -61.28 12.93
C ILE C 591 -42.60 -60.77 11.51
N VAL C 592 -43.55 -61.40 10.81
CA VAL C 592 -43.86 -61.00 9.43
C VAL C 592 -44.56 -59.65 9.41
N GLY C 593 -45.54 -59.44 10.28
CA GLY C 593 -46.22 -58.16 10.38
C GLY C 593 -45.44 -57.08 11.10
N GLY C 594 -44.32 -57.43 11.73
CA GLY C 594 -43.55 -56.46 12.49
C GLY C 594 -42.34 -55.92 11.78
N VAL C 595 -41.60 -56.80 11.09
CA VAL C 595 -40.34 -56.40 10.47
C VAL C 595 -40.58 -55.52 9.25
N TRP C 596 -41.59 -55.87 8.44
CA TRP C 596 -41.95 -55.01 7.31
C TRP C 596 -42.52 -53.68 7.79
N TRP C 597 -43.28 -53.70 8.89
CA TRP C 597 -43.70 -52.45 9.52
C TRP C 597 -42.51 -51.69 10.11
N PHE C 598 -41.51 -52.43 10.62
CA PHE C 598 -40.28 -51.78 11.03
C PHE C 598 -39.51 -51.25 9.84
N PHE C 599 -39.65 -51.90 8.67
CA PHE C 599 -38.96 -51.45 7.47
C PHE C 599 -39.54 -50.16 6.93
N THR C 600 -40.87 -50.04 6.94
CA THR C 600 -41.52 -48.91 6.29
C THR C 600 -41.41 -47.61 7.09
N LEU C 601 -41.07 -47.70 8.38
CA LEU C 601 -40.84 -46.48 9.15
C LEU C 601 -39.47 -45.88 8.87
N ILE C 602 -38.55 -46.68 8.33
CA ILE C 602 -37.22 -46.19 8.01
C ILE C 602 -37.28 -45.26 6.80
N ILE C 603 -38.16 -45.57 5.84
CA ILE C 603 -38.19 -44.85 4.58
C ILE C 603 -38.77 -43.46 4.75
N ILE C 604 -40.00 -43.33 5.14
CA ILE C 604 -40.63 -42.05 5.46
C ILE C 604 -39.83 -41.19 6.44
N SER C 605 -39.00 -41.79 7.30
CA SER C 605 -38.19 -40.99 8.21
C SER C 605 -37.06 -40.30 7.47
N SER C 606 -36.45 -40.98 6.50
CA SER C 606 -35.41 -40.37 5.70
C SER C 606 -36.00 -39.44 4.64
N TYR C 607 -37.27 -39.63 4.29
CA TYR C 607 -37.93 -38.78 3.30
C TYR C 607 -38.11 -37.36 3.80
N THR C 608 -38.39 -37.20 5.10
CA THR C 608 -38.54 -35.86 5.66
C THR C 608 -37.19 -35.18 5.83
N ALA C 609 -36.19 -35.92 6.31
CA ALA C 609 -34.86 -35.36 6.53
C ALA C 609 -34.15 -35.06 5.22
N ASN C 610 -34.51 -35.76 4.13
CA ASN C 610 -34.06 -35.35 2.81
C ASN C 610 -34.75 -34.06 2.38
N LEU C 611 -36.04 -33.95 2.63
CA LEU C 611 -36.78 -32.76 2.27
C LEU C 611 -36.45 -31.59 3.18
N ALA C 612 -36.12 -31.87 4.45
CA ALA C 612 -35.62 -30.82 5.32
C ALA C 612 -34.25 -30.33 4.87
N ALA C 613 -33.44 -31.22 4.29
CA ALA C 613 -32.21 -30.80 3.63
C ALA C 613 -32.48 -30.02 2.35
N PHE C 614 -33.63 -30.27 1.70
CA PHE C 614 -33.97 -29.55 0.47
C PHE C 614 -34.38 -28.11 0.76
N LEU C 615 -35.40 -27.93 1.59
CA LEU C 615 -36.01 -26.62 1.76
C LEU C 615 -35.15 -25.67 2.56
N THR C 616 -34.20 -26.19 3.33
CA THR C 616 -33.28 -25.33 4.06
C THR C 616 -32.26 -24.71 3.11
N VAL C 617 -31.52 -25.57 2.38
CA VAL C 617 -30.44 -25.12 1.51
C VAL C 617 -30.97 -24.30 0.35
N GLU C 618 -32.18 -24.60 -0.12
CA GLU C 618 -32.83 -23.78 -1.13
C GLU C 618 -33.10 -22.36 -0.61
N ARG C 619 -33.38 -22.24 0.68
CA ARG C 619 -33.51 -20.93 1.31
C ARG C 619 -32.23 -20.44 1.95
N MET C 620 -31.23 -21.32 2.12
CA MET C 620 -29.92 -20.86 2.59
C MET C 620 -29.11 -20.20 1.48
N VAL C 621 -29.33 -20.58 0.22
CA VAL C 621 -28.61 -19.96 -0.89
C VAL C 621 -29.16 -18.56 -1.11
N SER C 622 -28.30 -17.57 -0.90
CA SER C 622 -28.74 -16.20 -1.14
C SER C 622 -28.34 -15.76 -2.55
N PRO C 623 -29.22 -15.04 -3.24
CA PRO C 623 -28.80 -14.39 -4.48
C PRO C 623 -27.79 -13.30 -4.20
N ILE C 624 -26.72 -13.30 -4.98
CA ILE C 624 -25.61 -12.39 -4.73
C ILE C 624 -26.00 -10.97 -5.12
N GLU C 625 -25.46 -10.00 -4.40
CA GLU C 625 -25.64 -8.60 -4.77
C GLU C 625 -24.32 -7.92 -5.07
N SER C 626 -23.41 -7.82 -4.12
CA SER C 626 -22.10 -7.20 -4.32
C SER C 626 -21.23 -8.08 -5.23
N ALA C 627 -20.27 -7.42 -5.88
CA ALA C 627 -19.24 -8.13 -6.64
C ALA C 627 -18.16 -8.73 -5.74
N GLU C 628 -18.18 -8.40 -4.44
CA GLU C 628 -17.30 -9.08 -3.49
C GLU C 628 -17.71 -10.53 -3.30
N ASP C 629 -18.98 -10.86 -3.56
CA ASP C 629 -19.42 -12.25 -3.52
C ASP C 629 -18.87 -13.03 -4.71
N LEU C 630 -18.64 -12.36 -5.84
CA LEU C 630 -18.01 -13.02 -6.97
C LEU C 630 -16.52 -13.26 -6.72
N SER C 631 -15.90 -12.45 -5.87
CA SER C 631 -14.58 -12.78 -5.37
C SER C 631 -14.64 -13.73 -4.18
N LYS C 632 -15.84 -14.08 -3.74
CA LYS C 632 -16.07 -15.03 -2.65
C LYS C 632 -16.53 -16.39 -3.14
N GLN C 633 -17.46 -16.44 -4.09
CA GLN C 633 -17.88 -17.70 -4.69
C GLN C 633 -17.20 -17.87 -6.05
N THR C 634 -17.32 -19.08 -6.60
CA THR C 634 -16.76 -19.36 -7.91
C THR C 634 -17.67 -20.23 -8.78
N GLU C 635 -18.90 -20.50 -8.35
CA GLU C 635 -19.81 -21.32 -9.15
C GLU C 635 -20.36 -20.56 -10.35
N ILE C 636 -20.69 -19.28 -10.16
CA ILE C 636 -21.23 -18.45 -11.22
C ILE C 636 -20.08 -17.70 -11.89
N ALA C 637 -19.87 -17.98 -13.17
CA ALA C 637 -18.84 -17.28 -13.93
C ALA C 637 -19.24 -15.82 -14.15
N TYR C 638 -18.25 -14.99 -14.42
CA TYR C 638 -18.49 -13.57 -14.62
C TYR C 638 -17.40 -12.99 -15.50
N GLY C 639 -17.80 -12.10 -16.40
CA GLY C 639 -16.88 -11.43 -17.30
C GLY C 639 -17.49 -10.16 -17.82
N THR C 640 -16.69 -9.41 -18.58
CA THR C 640 -17.10 -8.16 -19.19
C THR C 640 -17.01 -8.30 -20.70
N LEU C 641 -17.15 -7.17 -21.39
CA LEU C 641 -16.87 -7.15 -22.82
C LEU C 641 -15.38 -7.34 -23.05
N ASP C 642 -15.02 -7.98 -24.17
CA ASP C 642 -13.61 -8.27 -24.45
C ASP C 642 -12.80 -7.03 -24.82
N SER C 643 -13.43 -5.86 -24.97
CA SER C 643 -12.73 -4.59 -25.10
C SER C 643 -13.57 -3.53 -24.42
N GLY C 644 -12.91 -2.51 -23.89
CA GLY C 644 -13.61 -1.40 -23.27
C GLY C 644 -13.02 -1.05 -21.92
N SER C 645 -13.53 0.04 -21.36
CA SER C 645 -13.06 0.51 -20.07
C SER C 645 -13.59 -0.35 -18.93
N THR C 646 -14.70 -1.06 -19.16
CA THR C 646 -15.25 -1.95 -18.14
C THR C 646 -14.32 -3.14 -17.88
N LYS C 647 -13.79 -3.71 -18.97
CA LYS C 647 -12.70 -4.68 -18.83
C LYS C 647 -11.46 -4.04 -18.25
N GLU C 648 -11.17 -2.80 -18.66
CA GLU C 648 -9.95 -2.13 -18.24
C GLU C 648 -10.02 -1.67 -16.80
N PHE C 649 -11.24 -1.57 -16.24
CA PHE C 649 -11.40 -1.12 -14.86
C PHE C 649 -10.83 -2.14 -13.87
N PHE C 650 -11.20 -3.41 -14.03
CA PHE C 650 -10.65 -4.47 -13.18
C PHE C 650 -9.16 -4.67 -13.42
N ARG C 651 -8.70 -4.38 -14.65
CA ARG C 651 -7.28 -4.35 -14.94
C ARG C 651 -6.59 -3.21 -14.20
N ARG C 652 -7.30 -2.12 -13.96
CA ARG C 652 -6.72 -0.92 -13.36
C ARG C 652 -6.95 -0.83 -11.86
N SER C 653 -8.09 -1.31 -11.35
CA SER C 653 -8.45 -1.13 -9.95
C SER C 653 -7.55 -1.94 -9.03
N LYS C 654 -6.85 -1.23 -8.14
CA LYS C 654 -5.92 -1.84 -7.21
C LYS C 654 -6.58 -2.35 -5.94
N ILE C 655 -7.89 -2.24 -5.82
CA ILE C 655 -8.61 -2.83 -4.69
C ILE C 655 -8.57 -4.33 -4.84
N ALA C 656 -8.32 -5.03 -3.73
CA ALA C 656 -8.01 -6.46 -3.75
C ALA C 656 -9.18 -7.31 -4.20
N VAL C 657 -10.41 -6.83 -4.03
CA VAL C 657 -11.57 -7.54 -4.57
C VAL C 657 -11.60 -7.43 -6.09
N PHE C 658 -11.45 -6.19 -6.60
CA PHE C 658 -11.52 -5.95 -8.03
C PHE C 658 -10.32 -6.51 -8.77
N ASP C 659 -9.21 -6.72 -8.07
CA ASP C 659 -8.06 -7.38 -8.68
C ASP C 659 -8.24 -8.89 -8.68
N LYS C 660 -8.89 -9.43 -7.63
CA LYS C 660 -9.13 -10.88 -7.56
C LYS C 660 -10.17 -11.30 -8.60
N MET C 661 -11.15 -10.44 -8.87
CA MET C 661 -12.07 -10.67 -9.98
C MET C 661 -11.31 -10.65 -11.31
N TRP C 662 -10.39 -9.70 -11.46
CA TRP C 662 -9.51 -9.70 -12.63
C TRP C 662 -8.54 -10.87 -12.62
N THR C 663 -8.16 -11.34 -11.43
CA THR C 663 -7.36 -12.55 -11.34
C THR C 663 -8.17 -13.77 -11.75
N TYR C 664 -9.47 -13.77 -11.44
CA TYR C 664 -10.32 -14.88 -11.83
C TYR C 664 -10.64 -14.84 -13.32
N MET C 665 -10.94 -13.64 -13.85
CA MET C 665 -11.37 -13.53 -15.24
C MET C 665 -10.26 -13.83 -16.23
N ARG C 666 -9.00 -13.57 -15.85
CA ARG C 666 -7.90 -14.01 -16.69
C ARG C 666 -7.65 -15.50 -16.58
N SER C 667 -8.17 -16.14 -15.53
CA SER C 667 -8.10 -17.58 -15.36
C SER C 667 -9.43 -18.27 -15.62
N ALA C 668 -10.49 -17.51 -15.91
CA ALA C 668 -11.79 -18.09 -16.20
C ALA C 668 -11.76 -18.73 -17.60
N GLU C 669 -11.81 -20.05 -17.64
CA GLU C 669 -11.81 -20.81 -18.89
C GLU C 669 -13.09 -21.60 -18.98
N PRO C 670 -13.89 -21.48 -20.06
CA PRO C 670 -13.69 -20.70 -21.29
C PRO C 670 -13.87 -19.18 -21.14
N SER C 671 -13.77 -18.47 -22.26
CA SER C 671 -13.67 -17.01 -22.25
C SER C 671 -14.97 -16.37 -21.77
N VAL C 672 -14.92 -15.81 -20.55
CA VAL C 672 -16.04 -15.02 -20.06
C VAL C 672 -16.09 -13.65 -20.74
N PHE C 673 -14.99 -13.21 -21.35
CA PHE C 673 -14.98 -11.97 -22.10
C PHE C 673 -15.64 -12.20 -23.46
N VAL C 674 -16.90 -11.79 -23.57
CA VAL C 674 -17.68 -11.99 -24.78
C VAL C 674 -17.35 -10.88 -25.78
N ARG C 675 -17.72 -11.13 -27.04
CA ARG C 675 -17.34 -10.22 -28.13
C ARG C 675 -18.29 -9.03 -28.26
N THR C 676 -19.59 -9.26 -28.14
CA THR C 676 -20.57 -8.19 -28.20
C THR C 676 -21.36 -8.14 -26.89
N THR C 677 -22.10 -7.05 -26.72
CA THR C 677 -22.89 -6.86 -25.50
C THR C 677 -24.03 -7.86 -25.42
N ALA C 678 -24.71 -8.10 -26.54
CA ALA C 678 -25.81 -9.05 -26.57
C ALA C 678 -25.32 -10.50 -26.46
N GLU C 679 -24.04 -10.75 -26.75
CA GLU C 679 -23.47 -12.06 -26.49
C GLU C 679 -23.38 -12.33 -25.00
N GLY C 680 -22.99 -11.31 -24.22
CA GLY C 680 -23.00 -11.44 -22.77
C GLY C 680 -24.39 -11.51 -22.19
N VAL C 681 -25.37 -10.87 -22.83
CA VAL C 681 -26.77 -11.03 -22.45
C VAL C 681 -27.22 -12.46 -22.72
N ALA C 682 -26.82 -13.01 -23.87
CA ALA C 682 -27.18 -14.37 -24.21
C ALA C 682 -26.45 -15.39 -23.35
N ARG C 683 -25.18 -15.12 -23.01
CA ARG C 683 -24.41 -16.09 -22.22
C ARG C 683 -24.92 -16.14 -20.77
N VAL C 684 -25.50 -15.05 -20.27
CA VAL C 684 -26.29 -15.14 -19.04
C VAL C 684 -27.51 -16.02 -19.26
N ARG C 685 -28.22 -15.83 -20.38
CA ARG C 685 -29.44 -16.57 -20.63
C ARG C 685 -29.16 -18.02 -21.01
N LYS C 686 -28.03 -18.27 -21.69
CA LYS C 686 -27.70 -19.64 -22.08
C LYS C 686 -27.16 -20.46 -20.92
N SER C 687 -26.31 -19.87 -20.08
CA SER C 687 -25.80 -20.59 -18.91
C SER C 687 -26.79 -20.62 -17.76
N LYS C 688 -27.87 -19.84 -17.84
CA LYS C 688 -29.02 -19.86 -16.92
C LYS C 688 -28.60 -19.58 -15.48
N GLY C 689 -28.12 -18.35 -15.27
CA GLY C 689 -27.75 -17.90 -13.95
C GLY C 689 -26.33 -18.21 -13.53
N LYS C 690 -25.68 -19.19 -14.15
CA LYS C 690 -24.31 -19.54 -13.81
C LYS C 690 -23.29 -18.69 -14.55
N TYR C 691 -23.73 -17.70 -15.32
CA TYR C 691 -22.86 -16.71 -15.91
C TYR C 691 -23.38 -15.33 -15.51
N ALA C 692 -22.50 -14.51 -14.95
CA ALA C 692 -22.82 -13.11 -14.67
C ALA C 692 -22.17 -12.22 -15.72
N TYR C 693 -22.75 -11.04 -15.91
CA TYR C 693 -22.19 -10.11 -16.86
C TYR C 693 -22.27 -8.70 -16.29
N LEU C 694 -21.30 -7.88 -16.69
CA LEU C 694 -21.11 -6.56 -16.12
C LEU C 694 -21.27 -5.51 -17.22
N LEU C 695 -22.31 -4.68 -17.11
CA LEU C 695 -22.52 -3.57 -18.02
C LEU C 695 -23.10 -2.40 -17.23
N GLU C 696 -23.30 -1.28 -17.91
CA GLU C 696 -23.69 -0.02 -17.27
C GLU C 696 -25.12 -0.10 -16.76
N SER C 697 -25.39 0.59 -15.65
CA SER C 697 -26.66 0.44 -14.95
C SER C 697 -27.84 0.96 -15.77
N THR C 698 -27.65 2.07 -16.49
CA THR C 698 -28.74 2.61 -17.30
C THR C 698 -29.07 1.71 -18.48
N MET C 699 -28.07 1.00 -19.00
CA MET C 699 -28.35 -0.02 -20.00
C MET C 699 -28.91 -1.27 -19.34
N ASN C 700 -28.49 -1.54 -18.10
CA ASN C 700 -29.05 -2.64 -17.33
C ASN C 700 -30.48 -2.32 -16.88
N GLU C 701 -30.80 -1.04 -16.75
CA GLU C 701 -32.20 -0.63 -16.64
C GLU C 701 -32.97 -1.00 -17.91
N TYR C 702 -32.38 -0.71 -19.07
CA TYR C 702 -33.12 -0.80 -20.32
C TYR C 702 -33.32 -2.24 -20.78
N ILE C 703 -32.28 -3.06 -20.68
CA ILE C 703 -32.38 -4.45 -21.16
C ILE C 703 -33.26 -5.28 -20.23
N GLU C 704 -33.32 -4.93 -18.95
CA GLU C 704 -34.28 -5.52 -18.03
C GLU C 704 -35.72 -5.19 -18.43
N GLN C 705 -35.92 -4.05 -19.09
CA GLN C 705 -37.22 -3.73 -19.65
C GLN C 705 -37.44 -4.43 -21.00
N ARG C 706 -36.37 -4.77 -21.70
CA ARG C 706 -36.48 -5.42 -23.00
C ARG C 706 -36.82 -6.89 -22.86
N LYS C 707 -37.84 -7.33 -23.59
CA LYS C 707 -38.33 -8.69 -23.50
C LYS C 707 -37.32 -9.67 -24.11
N PRO C 708 -37.30 -10.94 -23.66
CA PRO C 708 -38.12 -11.73 -22.71
C PRO C 708 -38.02 -11.36 -21.22
N CYS C 709 -37.15 -10.40 -20.87
CA CYS C 709 -37.00 -9.84 -19.52
C CYS C 709 -36.61 -10.88 -18.48
N ASP C 710 -35.84 -11.89 -18.89
CA ASP C 710 -35.35 -12.90 -17.96
C ASP C 710 -34.05 -12.50 -17.27
N THR C 711 -33.57 -11.28 -17.47
CA THR C 711 -32.42 -10.74 -16.78
C THR C 711 -32.81 -9.58 -15.89
N MET C 712 -31.93 -9.23 -14.96
CA MET C 712 -32.22 -8.15 -14.03
C MET C 712 -30.92 -7.47 -13.61
N LYS C 713 -31.06 -6.42 -12.80
CA LYS C 713 -29.94 -5.72 -12.20
C LYS C 713 -29.91 -5.98 -10.70
N VAL C 714 -28.76 -6.45 -10.20
CA VAL C 714 -28.58 -6.67 -8.79
C VAL C 714 -27.45 -5.78 -8.28
N GLY C 715 -27.57 -5.39 -7.01
CA GLY C 715 -26.54 -4.57 -6.37
C GLY C 715 -26.45 -3.15 -6.89
N GLY C 716 -25.43 -2.43 -6.44
CA GLY C 716 -25.19 -1.08 -6.89
C GLY C 716 -24.07 -1.00 -7.91
N ASN C 717 -23.72 0.23 -8.27
CA ASN C 717 -22.62 0.46 -9.19
C ASN C 717 -21.28 0.20 -8.53
N LEU C 718 -20.36 -0.37 -9.29
CA LEU C 718 -19.02 -0.63 -8.76
C LEU C 718 -18.13 0.59 -8.79
N ASP C 719 -18.49 1.61 -9.56
CA ASP C 719 -17.76 2.88 -9.59
C ASP C 719 -18.73 3.98 -9.98
N SER C 720 -18.19 5.19 -10.11
CA SER C 720 -18.98 6.37 -10.45
C SER C 720 -18.58 6.85 -11.84
N LYS C 721 -19.44 6.60 -12.82
CA LYS C 721 -19.25 7.08 -14.18
C LYS C 721 -20.39 8.00 -14.55
N GLY C 722 -20.07 9.02 -15.32
CA GLY C 722 -21.09 10.02 -15.66
C GLY C 722 -21.14 10.39 -17.12
N TYR C 723 -22.34 10.37 -17.68
CA TYR C 723 -22.56 10.89 -19.03
C TYR C 723 -22.54 12.41 -18.98
N GLY C 724 -21.77 13.02 -19.86
CA GLY C 724 -21.67 14.47 -19.91
C GLY C 724 -21.82 14.97 -21.32
N ILE C 725 -22.51 16.10 -21.45
CA ILE C 725 -22.67 16.73 -22.76
C ILE C 725 -21.37 17.42 -23.12
N ALA C 726 -20.81 17.04 -24.27
CA ALA C 726 -19.49 17.48 -24.68
C ALA C 726 -19.57 18.56 -25.74
N THR C 727 -18.75 19.59 -25.55
CA THR C 727 -18.67 20.72 -26.47
C THR C 727 -17.20 21.11 -26.69
N PRO C 728 -16.96 21.96 -27.69
CA PRO C 728 -15.60 22.41 -27.98
C PRO C 728 -14.99 23.03 -26.74
N LYS C 729 -13.90 22.44 -26.25
CA LYS C 729 -13.21 22.94 -25.06
C LYS C 729 -12.90 24.42 -25.20
N GLY C 730 -13.80 25.27 -24.70
CA GLY C 730 -13.62 26.71 -24.78
C GLY C 730 -14.79 27.40 -25.46
N SER C 731 -15.57 26.64 -26.21
CA SER C 731 -16.73 27.20 -26.91
C SER C 731 -17.65 27.92 -25.93
N SER C 732 -18.03 29.14 -26.29
CA SER C 732 -18.91 29.95 -25.46
C SER C 732 -20.19 29.20 -25.12
N LEU C 733 -20.82 28.64 -26.14
CA LEU C 733 -22.06 27.89 -25.96
C LEU C 733 -21.90 26.79 -24.91
N GLY C 734 -20.65 26.41 -24.64
CA GLY C 734 -20.39 25.36 -23.67
C GLY C 734 -20.90 25.68 -22.27
N THR C 735 -20.86 26.95 -21.89
CA THR C 735 -21.33 27.33 -20.56
C THR C 735 -22.87 27.34 -20.43
N PRO C 736 -23.67 27.90 -21.36
CA PRO C 736 -25.13 27.80 -21.16
C PRO C 736 -25.67 26.39 -21.35
N VAL C 737 -24.99 25.54 -22.12
CA VAL C 737 -25.32 24.12 -22.14
C VAL C 737 -25.01 23.49 -20.79
N ASN C 738 -23.89 23.89 -20.17
CA ASN C 738 -23.52 23.36 -18.86
C ASN C 738 -24.48 23.83 -17.77
N LEU C 739 -24.96 25.07 -17.87
CA LEU C 739 -25.94 25.56 -16.92
C LEU C 739 -27.31 24.91 -17.14
N ALA C 740 -27.59 24.50 -18.38
CA ALA C 740 -28.85 23.80 -18.65
C ALA C 740 -28.85 22.40 -18.06
N VAL C 741 -27.68 21.78 -17.95
CA VAL C 741 -27.56 20.50 -17.25
C VAL C 741 -27.87 20.69 -15.77
N LEU C 742 -27.37 21.77 -15.17
CA LEU C 742 -27.63 22.08 -13.77
C LEU C 742 -29.04 22.62 -13.54
N LYS C 743 -29.80 22.90 -14.60
CA LYS C 743 -31.16 23.39 -14.43
C LYS C 743 -32.18 22.28 -14.66
N LEU C 744 -32.00 21.50 -15.73
CA LEU C 744 -32.95 20.45 -16.07
C LEU C 744 -32.88 19.27 -15.10
N SER C 745 -31.67 18.92 -14.64
CA SER C 745 -31.56 17.86 -13.65
C SER C 745 -32.02 18.32 -12.27
N GLU C 746 -31.99 19.64 -12.03
CA GLU C 746 -32.43 20.17 -10.75
C GLU C 746 -33.94 20.11 -10.61
N GLN C 747 -34.66 20.39 -11.69
CA GLN C 747 -36.11 20.42 -11.69
C GLN C 747 -36.74 19.03 -11.74
N GLY C 748 -35.95 17.99 -11.95
CA GLY C 748 -36.50 16.67 -12.17
C GLY C 748 -37.04 16.44 -13.56
N VAL C 749 -36.70 17.31 -14.50
CA VAL C 749 -37.12 17.13 -15.89
C VAL C 749 -36.38 15.94 -16.52
N LEU C 750 -35.09 15.80 -16.21
CA LEU C 750 -34.34 14.66 -16.71
C LEU C 750 -34.76 13.39 -15.99
N ASP C 751 -35.24 13.51 -14.76
CA ASP C 751 -35.83 12.36 -14.08
C ASP C 751 -37.16 11.97 -14.71
N LYS C 752 -37.93 12.96 -15.18
CA LYS C 752 -39.16 12.66 -15.89
C LYS C 752 -38.87 12.03 -17.25
N LEU C 753 -37.82 12.48 -17.92
CA LEU C 753 -37.40 11.85 -19.17
C LEU C 753 -36.75 10.49 -18.91
N LYS C 754 -36.22 10.28 -17.71
CA LYS C 754 -35.75 8.95 -17.34
C LYS C 754 -36.93 7.99 -17.16
N ASN C 755 -38.08 8.51 -16.73
CA ASN C 755 -39.29 7.71 -16.70
C ASN C 755 -39.83 7.46 -18.10
N LYS C 756 -39.44 8.29 -19.08
CA LYS C 756 -39.95 8.13 -20.43
C LYS C 756 -39.28 6.97 -21.15
N TRP C 757 -37.96 7.07 -21.35
CA TRP C 757 -37.27 6.15 -22.23
C TRP C 757 -36.83 4.87 -21.53
N TRP C 758 -37.16 4.69 -20.25
CA TRP C 758 -36.94 3.43 -19.57
C TRP C 758 -38.18 2.85 -18.93
N TYR C 759 -39.25 3.63 -18.76
CA TYR C 759 -40.44 3.08 -18.11
C TYR C 759 -41.69 3.34 -18.93
N ASP C 760 -41.80 4.51 -19.56
CA ASP C 760 -42.86 4.71 -20.54
C ASP C 760 -42.53 4.01 -21.85
N LYS C 761 -41.25 3.90 -22.18
CA LYS C 761 -40.80 3.06 -23.29
C LYS C 761 -40.33 1.69 -22.84
N GLY C 762 -40.29 1.45 -21.53
CA GLY C 762 -39.92 0.13 -21.03
C GLY C 762 -41.04 -0.86 -21.26
N GLU C 763 -40.72 -1.99 -21.89
CA GLU C 763 -41.75 -2.95 -22.25
C GLU C 763 -42.24 -3.73 -21.02
N CYS C 764 -41.31 -4.15 -20.16
CA CYS C 764 -41.68 -4.90 -18.95
C CYS C 764 -41.79 -3.96 -17.77
N GLY C 765 -43.09 -3.85 -17.40
CA GLY C 765 -43.58 -3.06 -16.30
C GLY C 765 -43.29 -1.57 -16.34
N ALA C 766 -43.88 -0.88 -15.39
CA ALA C 766 -43.49 0.47 -14.97
C ALA C 766 -43.28 0.54 -13.47
N LYS C 767 -44.03 -0.26 -12.72
CA LYS C 767 -43.78 -0.51 -11.30
C LYS C 767 -43.72 -2.00 -10.99
N ASP C 768 -43.66 -2.85 -12.02
CA ASP C 768 -43.72 -4.29 -11.86
C ASP C 768 -42.39 -4.92 -11.49
N SER C 769 -41.34 -4.13 -11.32
CA SER C 769 -40.05 -4.69 -10.92
C SER C 769 -40.07 -5.14 -9.46
N GLY C 770 -40.91 -4.50 -8.64
CA GLY C 770 -41.13 -4.91 -7.27
C GLY C 770 -42.36 -5.75 -7.06
N SER C 771 -42.96 -6.28 -8.13
CA SER C 771 -44.19 -7.05 -8.04
C SER C 771 -43.95 -8.54 -7.76
N LYS C 772 -42.72 -9.01 -7.84
CA LYS C 772 -42.40 -10.41 -7.59
C LYS C 772 -42.40 -10.67 -6.09
N GLU C 773 -42.72 -11.89 -5.70
CA GLU C 773 -42.71 -12.24 -4.28
C GLU C 773 -41.34 -12.76 -3.87
N LYS C 774 -40.84 -12.26 -2.74
CA LYS C 774 -39.45 -12.52 -2.35
C LYS C 774 -39.31 -13.85 -1.61
N THR C 775 -39.96 -13.96 -0.44
CA THR C 775 -39.66 -15.02 0.53
C THR C 775 -40.92 -15.82 0.85
N SER C 776 -41.65 -16.25 -0.18
CA SER C 776 -42.95 -16.88 0.01
C SER C 776 -42.81 -18.33 0.45
N ALA C 777 -43.95 -19.02 0.50
CA ALA C 777 -44.10 -20.33 1.11
C ALA C 777 -44.12 -21.44 0.06
N LEU C 778 -44.51 -22.64 0.51
CA LEU C 778 -44.58 -23.82 -0.35
C LEU C 778 -45.63 -23.64 -1.45
N SER C 779 -45.37 -24.26 -2.60
CA SER C 779 -46.21 -24.05 -3.77
C SER C 779 -47.23 -25.17 -3.93
N LEU C 780 -48.40 -24.81 -4.46
CA LEU C 780 -49.45 -25.78 -4.72
C LEU C 780 -49.09 -26.69 -5.89
N SER C 781 -48.23 -26.20 -6.80
CA SER C 781 -47.76 -26.99 -7.93
C SER C 781 -47.00 -28.24 -7.50
N ASN C 782 -46.25 -28.16 -6.40
CA ASN C 782 -45.61 -29.34 -5.83
C ASN C 782 -46.64 -30.32 -5.31
N VAL C 783 -47.82 -29.83 -4.95
CA VAL C 783 -48.91 -30.66 -4.43
C VAL C 783 -49.84 -31.05 -5.58
N ALA C 784 -49.60 -30.51 -6.74
CA ALA C 784 -50.52 -30.72 -7.84
C ALA C 784 -50.25 -31.99 -8.64
N GLY C 785 -49.04 -32.55 -8.55
CA GLY C 785 -48.77 -33.80 -9.24
C GLY C 785 -49.39 -35.01 -8.57
N VAL C 786 -49.78 -34.88 -7.30
CA VAL C 786 -50.43 -35.96 -6.57
C VAL C 786 -51.94 -35.91 -6.78
N PHE C 787 -52.46 -34.87 -7.44
CA PHE C 787 -53.91 -34.76 -7.65
C PHE C 787 -54.40 -35.75 -8.69
N TYR C 788 -53.59 -36.03 -9.72
CA TYR C 788 -54.03 -36.91 -10.79
C TYR C 788 -54.03 -38.37 -10.36
N ILE C 789 -53.25 -38.73 -9.34
CA ILE C 789 -53.36 -40.04 -8.74
C ILE C 789 -54.40 -40.03 -7.62
N LEU C 790 -54.81 -38.84 -7.16
CA LEU C 790 -55.92 -38.74 -6.22
C LEU C 790 -57.26 -38.83 -6.94
N VAL C 791 -57.45 -37.98 -7.96
CA VAL C 791 -58.71 -37.98 -8.70
C VAL C 791 -58.79 -39.21 -9.60
N GLY C 792 -57.67 -39.60 -10.21
CA GLY C 792 -57.65 -40.81 -11.01
C GLY C 792 -57.80 -42.07 -10.18
N GLY C 793 -57.38 -42.03 -8.92
CA GLY C 793 -57.66 -43.13 -8.01
C GLY C 793 -59.12 -43.22 -7.62
N LEU C 794 -59.82 -42.08 -7.59
CA LEU C 794 -61.25 -42.08 -7.32
C LEU C 794 -62.04 -42.54 -8.54
N GLY C 795 -61.64 -42.08 -9.73
CA GLY C 795 -62.34 -42.46 -10.95
C GLY C 795 -62.14 -43.92 -11.31
N LEU C 796 -60.99 -44.49 -10.96
CA LEU C 796 -60.79 -45.93 -11.14
C LEU C 796 -61.60 -46.72 -10.12
N ALA C 797 -61.83 -46.14 -8.94
CA ALA C 797 -62.64 -46.80 -7.92
C ALA C 797 -64.13 -46.77 -8.27
N MET C 798 -64.55 -45.82 -9.11
CA MET C 798 -65.95 -45.78 -9.52
C MET C 798 -66.28 -46.88 -10.52
N LEU C 799 -65.28 -47.42 -11.22
CA LEU C 799 -65.53 -48.53 -12.13
C LEU C 799 -65.70 -49.84 -11.37
N VAL C 800 -64.99 -49.99 -10.24
CA VAL C 800 -65.05 -51.23 -9.47
C VAL C 800 -66.39 -51.34 -8.74
N ALA C 801 -66.90 -50.22 -8.23
CA ALA C 801 -68.15 -50.25 -7.49
C ALA C 801 -69.36 -50.49 -8.40
N LEU C 802 -69.23 -50.14 -9.68
CA LEU C 802 -70.32 -50.38 -10.62
C LEU C 802 -70.33 -51.82 -11.14
N ILE C 803 -69.16 -52.45 -11.29
CA ILE C 803 -69.16 -53.81 -11.83
C ILE C 803 -69.46 -54.83 -10.73
N GLU C 804 -69.07 -54.55 -9.48
CA GLU C 804 -69.33 -55.50 -8.39
C GLU C 804 -70.79 -55.55 -7.98
N PHE C 805 -71.57 -54.52 -8.32
CA PHE C 805 -73.02 -54.62 -8.19
C PHE C 805 -73.61 -55.58 -9.21
N CYS C 806 -72.92 -55.79 -10.34
CA CYS C 806 -73.31 -56.81 -11.30
C CYS C 806 -72.72 -58.18 -10.99
N TYR C 807 -71.56 -58.25 -10.32
CA TYR C 807 -71.05 -59.55 -9.89
C TYR C 807 -71.83 -60.14 -8.73
N LYS C 808 -72.66 -59.34 -8.06
CA LYS C 808 -73.56 -59.85 -7.03
C LYS C 808 -74.89 -60.29 -7.64
N SER C 809 -75.05 -60.06 -8.94
CA SER C 809 -76.33 -60.00 -9.65
C SER C 809 -76.32 -60.73 -10.99
N ARG C 810 -75.18 -60.81 -11.69
CA ARG C 810 -75.09 -61.63 -12.90
C ARG C 810 -74.76 -63.07 -12.58
N ALA C 811 -73.70 -63.30 -11.80
CA ALA C 811 -73.28 -64.64 -11.43
C ALA C 811 -73.78 -64.99 -10.05
N LYS C 821 -65.16 -77.01 -11.92
CA LYS C 821 -63.78 -77.04 -11.43
C LYS C 821 -62.89 -76.07 -12.22
N THR C 822 -63.52 -75.22 -13.04
CA THR C 822 -62.78 -74.25 -13.84
C THR C 822 -62.35 -73.03 -13.05
N SER C 823 -62.74 -72.91 -11.78
CA SER C 823 -62.34 -71.77 -10.97
C SER C 823 -60.98 -72.00 -10.32
N ARG C 824 -60.84 -73.09 -9.57
CA ARG C 824 -59.59 -73.36 -8.88
C ARG C 824 -58.50 -73.93 -9.79
N ARG C 825 -58.87 -74.43 -10.97
CA ARG C 825 -57.89 -74.96 -11.90
C ARG C 825 -57.54 -73.96 -13.00
N GLY C 826 -58.54 -73.23 -13.51
CA GLY C 826 -58.29 -72.23 -14.53
C GLY C 826 -57.49 -71.03 -14.05
N ARG C 827 -57.51 -70.77 -12.75
CA ARG C 827 -56.65 -69.73 -12.20
C ARG C 827 -55.29 -70.28 -11.80
N ALA C 828 -55.22 -71.57 -11.43
CA ALA C 828 -53.94 -72.18 -11.09
C ALA C 828 -53.07 -72.42 -12.33
N LEU C 829 -53.69 -72.68 -13.48
CA LEU C 829 -52.93 -72.80 -14.71
C LEU C 829 -52.43 -71.45 -15.20
N LEU C 830 -53.11 -70.37 -14.79
CA LEU C 830 -52.60 -69.03 -15.06
C LEU C 830 -51.37 -68.74 -14.19
N ALA C 831 -51.32 -69.31 -12.99
CA ALA C 831 -50.13 -69.17 -12.14
C ALA C 831 -48.93 -69.90 -12.73
N VAL C 832 -49.16 -71.00 -13.46
CA VAL C 832 -48.08 -71.60 -14.21
C VAL C 832 -47.73 -70.73 -15.41
N ALA C 833 -48.74 -70.12 -16.05
CA ALA C 833 -48.52 -69.32 -17.24
C ALA C 833 -47.82 -68.00 -16.93
N LEU C 834 -48.08 -67.41 -15.76
CA LEU C 834 -47.38 -66.20 -15.39
C LEU C 834 -45.95 -66.47 -14.93
N ASN C 835 -45.70 -67.67 -14.37
CA ASN C 835 -44.33 -68.05 -14.05
C ASN C 835 -43.49 -68.25 -15.29
N LEU C 836 -44.12 -68.64 -16.41
CA LEU C 836 -43.40 -68.77 -17.68
C LEU C 836 -42.91 -67.41 -18.17
N LEU C 837 -43.75 -66.38 -18.05
CA LEU C 837 -43.30 -65.02 -18.38
C LEU C 837 -42.28 -64.52 -17.38
N ALA C 838 -42.37 -64.99 -16.13
CA ALA C 838 -41.39 -64.64 -15.11
C ALA C 838 -40.02 -65.25 -15.44
N LEU C 839 -40.00 -66.38 -16.14
CA LEU C 839 -38.73 -66.98 -16.56
C LEU C 839 -38.18 -66.27 -17.80
N LEU C 840 -39.06 -65.80 -18.69
CA LEU C 840 -38.63 -65.20 -19.94
C LEU C 840 -38.01 -63.83 -19.73
N PHE C 841 -38.62 -62.98 -18.89
CA PHE C 841 -38.03 -61.68 -18.63
C PHE C 841 -36.87 -61.75 -17.63
N ALA C 842 -36.70 -62.90 -16.96
CA ALA C 842 -35.47 -63.14 -16.22
C ALA C 842 -34.27 -63.26 -17.15
N THR C 843 -34.46 -63.91 -18.29
CA THR C 843 -33.40 -64.06 -19.28
C THR C 843 -33.29 -62.86 -20.21
N THR C 844 -34.20 -61.90 -20.11
CA THR C 844 -34.13 -60.71 -20.95
C THR C 844 -33.05 -59.75 -20.44
N ALA C 845 -32.99 -59.56 -19.13
CA ALA C 845 -31.90 -58.81 -18.51
C ALA C 845 -30.66 -59.65 -18.29
N PHE C 846 -30.68 -60.92 -18.70
CA PHE C 846 -29.47 -61.74 -18.68
C PHE C 846 -28.47 -61.25 -19.73
N LEU C 847 -28.96 -60.74 -20.85
CA LEU C 847 -28.18 -59.92 -21.78
C LEU C 847 -29.01 -58.69 -22.11
N THR C 848 -28.77 -57.59 -21.40
CA THR C 848 -29.36 -56.32 -21.77
C THR C 848 -28.67 -55.80 -23.04
N THR C 849 -29.49 -55.34 -23.99
CA THR C 849 -28.95 -54.88 -25.27
C THR C 849 -28.12 -53.60 -25.10
N TYR C 850 -28.56 -52.70 -24.21
CA TYR C 850 -27.70 -51.66 -23.64
C TYR C 850 -28.31 -51.20 -22.33
N TRP C 851 -27.54 -51.34 -21.25
CA TRP C 851 -27.99 -50.87 -19.94
C TRP C 851 -28.05 -49.35 -19.90
N CYS C 852 -27.10 -48.67 -20.52
CA CYS C 852 -27.11 -47.21 -20.58
C CYS C 852 -26.56 -46.70 -21.90
N GLN C 853 -27.15 -45.61 -22.36
CA GLN C 853 -26.58 -44.83 -23.44
C GLN C 853 -25.39 -44.05 -22.89
N GLY C 854 -24.22 -44.68 -22.88
CA GLY C 854 -23.04 -44.05 -22.30
C GLY C 854 -22.53 -42.93 -23.19
N THR C 855 -22.70 -41.70 -22.75
CA THR C 855 -22.41 -40.54 -23.58
C THR C 855 -21.27 -39.73 -22.99
N GLN C 856 -20.22 -39.57 -23.78
CA GLN C 856 -19.10 -38.69 -23.53
C GLN C 856 -18.97 -37.71 -24.69
N ARG C 857 -20.09 -37.08 -25.02
CA ARG C 857 -20.20 -36.24 -26.21
C ARG C 857 -19.41 -34.96 -26.05
N VAL C 858 -18.11 -35.02 -26.28
CA VAL C 858 -17.27 -33.82 -26.24
C VAL C 858 -17.42 -33.08 -27.56
N PRO C 859 -17.95 -31.84 -27.55
CA PRO C 859 -18.19 -31.12 -28.79
C PRO C 859 -16.92 -30.61 -29.45
N PHE C 905 -12.63 -32.96 -28.50
CA PHE C 905 -12.71 -34.30 -29.07
C PHE C 905 -13.93 -34.45 -29.96
N GLN C 906 -14.56 -35.62 -29.91
CA GLN C 906 -15.70 -35.91 -30.77
C GLN C 906 -16.79 -36.56 -29.92
N LEU C 907 -17.87 -36.96 -30.59
CA LEU C 907 -19.00 -37.57 -29.92
C LEU C 907 -18.68 -39.02 -29.55
N ARG C 908 -19.11 -39.42 -28.36
CA ARG C 908 -18.95 -40.79 -27.89
C ARG C 908 -20.31 -41.29 -27.40
N ARG C 909 -20.78 -42.40 -27.96
CA ARG C 909 -22.08 -42.96 -27.64
C ARG C 909 -21.90 -44.45 -27.33
N PHE C 910 -21.56 -44.74 -26.09
CA PHE C 910 -21.47 -46.11 -25.61
C PHE C 910 -22.87 -46.68 -25.43
N HIS C 911 -23.06 -47.92 -25.88
CA HIS C 911 -24.30 -48.66 -25.62
C HIS C 911 -23.88 -49.90 -24.84
N THR C 912 -23.72 -49.73 -23.54
CA THR C 912 -23.14 -50.76 -22.69
C THR C 912 -24.25 -51.64 -22.13
N GLY C 913 -24.10 -52.95 -22.28
CA GLY C 913 -25.07 -53.88 -21.75
C GLY C 913 -24.94 -54.05 -20.24
N ILE C 914 -25.69 -55.02 -19.71
CA ILE C 914 -25.61 -55.31 -18.28
C ILE C 914 -24.30 -55.99 -17.95
N TRP C 915 -23.76 -56.80 -18.87
CA TRP C 915 -22.48 -57.46 -18.71
C TRP C 915 -21.51 -57.08 -19.81
N TYR C 916 -21.95 -57.08 -21.06
CA TYR C 916 -21.10 -56.72 -22.19
C TYR C 916 -21.21 -55.23 -22.49
N SER C 917 -20.20 -54.47 -22.09
CA SER C 917 -20.14 -53.04 -22.37
C SER C 917 -19.81 -52.86 -23.85
N CYS C 918 -20.85 -52.90 -24.69
CA CYS C 918 -20.67 -52.65 -26.10
C CYS C 918 -20.48 -51.16 -26.33
N GLU C 919 -19.85 -50.81 -27.45
CA GLU C 919 -19.56 -49.42 -27.74
C GLU C 919 -19.85 -49.10 -29.20
N GLU C 920 -20.45 -47.94 -29.43
CA GLU C 920 -20.90 -47.55 -30.77
C GLU C 920 -20.73 -46.05 -30.99
N GLY C 926 -18.75 -48.53 -37.22
CA GLY C 926 -19.43 -47.86 -36.13
C GLY C 926 -19.82 -48.80 -35.00
N GLU C 927 -20.32 -49.97 -35.35
CA GLU C 927 -20.74 -50.95 -34.35
C GLU C 927 -19.53 -51.70 -33.82
N LYS C 928 -19.52 -51.95 -32.51
CA LYS C 928 -18.49 -52.72 -31.85
C LYS C 928 -19.08 -53.23 -30.54
N CYS C 929 -18.49 -54.28 -29.97
CA CYS C 929 -18.89 -54.67 -28.62
C CYS C 929 -17.73 -55.31 -27.88
N ARG C 930 -17.65 -55.00 -26.59
CA ARG C 930 -16.67 -55.56 -25.67
C ARG C 930 -17.37 -55.99 -24.40
N SER C 931 -16.66 -56.69 -23.52
CA SER C 931 -17.24 -57.15 -22.26
C SER C 931 -17.19 -56.04 -21.21
N PHE C 932 -15.96 -55.68 -20.79
CA PHE C 932 -15.70 -54.79 -19.64
C PHE C 932 -16.48 -55.23 -18.40
N ILE C 933 -16.31 -56.48 -18.02
CA ILE C 933 -17.01 -57.01 -16.85
C ILE C 933 -16.04 -57.01 -15.68
N ASP C 934 -16.61 -57.09 -14.46
CA ASP C 934 -15.89 -57.24 -13.18
C ASP C 934 -14.96 -56.04 -12.93
N LEU C 935 -15.59 -54.87 -12.76
CA LEU C 935 -14.85 -53.65 -12.51
C LEU C 935 -14.32 -53.60 -11.09
N ALA C 936 -13.53 -52.55 -10.82
CA ALA C 936 -12.95 -52.31 -9.50
C ALA C 936 -14.02 -51.74 -8.56
N PRO C 937 -13.76 -51.71 -7.22
CA PRO C 937 -12.75 -52.27 -6.32
C PRO C 937 -13.09 -53.65 -5.76
N ALA C 938 -12.17 -54.18 -4.92
CA ALA C 938 -12.24 -55.57 -4.51
C ALA C 938 -13.36 -55.84 -3.52
N SER C 939 -13.67 -54.86 -2.65
CA SER C 939 -14.82 -55.01 -1.77
C SER C 939 -16.11 -54.91 -2.55
N GLU C 940 -16.11 -54.10 -3.62
CA GLU C 940 -17.22 -54.10 -4.56
C GLU C 940 -17.20 -55.36 -5.44
N LYS C 941 -16.02 -55.93 -5.68
CA LYS C 941 -15.95 -57.24 -6.34
C LYS C 941 -16.54 -58.32 -5.46
N GLY C 942 -16.33 -58.23 -4.14
CA GLY C 942 -17.00 -59.10 -3.19
C GLY C 942 -18.51 -58.96 -3.21
N VAL C 943 -19.01 -57.78 -3.56
CA VAL C 943 -20.42 -57.61 -3.87
C VAL C 943 -20.75 -58.27 -5.21
N LEU C 944 -19.85 -58.13 -6.19
CA LEU C 944 -20.07 -58.71 -7.52
C LEU C 944 -19.99 -60.23 -7.50
N TRP C 945 -19.06 -60.81 -6.73
CA TRP C 945 -19.05 -62.27 -6.57
C TRP C 945 -20.26 -62.74 -5.75
N LEU C 946 -20.87 -61.85 -4.98
CA LEU C 946 -22.14 -62.15 -4.32
C LEU C 946 -23.33 -61.79 -5.22
N SER C 947 -23.14 -60.88 -6.18
CA SER C 947 -24.24 -60.50 -7.06
C SER C 947 -24.61 -61.62 -8.02
N VAL C 948 -23.62 -62.37 -8.49
CA VAL C 948 -23.87 -63.50 -9.39
C VAL C 948 -24.57 -64.62 -8.62
N VAL C 949 -24.29 -64.74 -7.31
CA VAL C 949 -25.03 -65.65 -6.45
C VAL C 949 -26.50 -65.22 -6.37
N SER C 950 -26.75 -63.92 -6.29
CA SER C 950 -28.12 -63.41 -6.21
C SER C 950 -28.84 -63.51 -7.55
N GLU C 951 -28.13 -63.42 -8.67
CA GLU C 951 -28.79 -63.49 -9.97
C GLU C 951 -29.23 -64.90 -10.31
N VAL C 952 -28.41 -65.90 -10.01
CA VAL C 952 -28.67 -67.26 -10.45
C VAL C 952 -29.66 -67.95 -9.51
N LEU C 953 -29.61 -67.66 -8.21
CA LEU C 953 -30.56 -68.23 -7.26
C LEU C 953 -31.99 -67.71 -7.46
N TYR C 954 -32.16 -66.61 -8.17
CA TYR C 954 -33.48 -66.25 -8.69
C TYR C 954 -33.95 -67.29 -9.70
N ILE C 955 -33.13 -67.56 -10.71
CA ILE C 955 -33.55 -68.41 -11.82
C ILE C 955 -33.57 -69.89 -11.41
N LEU C 956 -32.66 -70.31 -10.52
CA LEU C 956 -32.66 -71.70 -10.06
C LEU C 956 -33.88 -72.02 -9.23
N LEU C 957 -34.32 -71.09 -8.38
CA LEU C 957 -35.52 -71.32 -7.60
C LEU C 957 -36.80 -71.01 -8.39
N LEU C 958 -36.69 -70.47 -9.60
CA LEU C 958 -37.81 -70.49 -10.52
C LEU C 958 -38.09 -71.91 -11.00
N VAL C 959 -37.02 -72.64 -11.37
CA VAL C 959 -37.14 -74.00 -11.90
C VAL C 959 -37.69 -74.95 -10.84
N VAL C 960 -37.38 -74.71 -9.56
CA VAL C 960 -37.98 -75.46 -8.48
C VAL C 960 -39.48 -75.17 -8.40
N GLY C 961 -39.88 -73.93 -8.71
CA GLY C 961 -41.29 -73.60 -8.78
C GLY C 961 -42.00 -74.22 -9.96
N PHE C 962 -41.28 -74.46 -11.08
CA PHE C 962 -41.91 -75.10 -12.22
C PHE C 962 -42.11 -76.59 -11.99
N SER C 963 -41.17 -77.23 -11.30
CA SER C 963 -41.15 -78.69 -11.20
C SER C 963 -42.30 -79.20 -10.35
N LEU C 964 -42.65 -78.50 -9.27
CA LEU C 964 -43.79 -78.91 -8.47
C LEU C 964 -45.11 -78.54 -9.14
N MET C 965 -45.10 -77.51 -9.98
CA MET C 965 -46.29 -77.17 -10.76
C MET C 965 -46.46 -78.06 -11.98
N CYS C 966 -45.40 -78.74 -12.41
CA CYS C 966 -45.55 -79.81 -13.39
C CYS C 966 -46.10 -81.08 -12.75
N LEU C 967 -45.92 -81.26 -11.44
CA LEU C 967 -46.57 -82.36 -10.74
C LEU C 967 -48.06 -82.09 -10.58
N GLU C 968 -48.45 -80.81 -10.55
CA GLU C 968 -49.87 -80.46 -10.52
C GLU C 968 -50.56 -80.83 -11.83
N LEU C 969 -49.81 -80.81 -12.95
CA LEU C 969 -50.35 -81.29 -14.21
C LEU C 969 -50.59 -82.80 -14.19
N LEU C 970 -49.80 -83.54 -13.40
CA LEU C 970 -50.08 -84.96 -13.19
C LEU C 970 -51.32 -85.16 -12.34
N HIS C 971 -51.56 -84.28 -11.37
CA HIS C 971 -52.83 -84.31 -10.64
C HIS C 971 -53.99 -83.88 -11.53
N SER C 972 -53.75 -82.99 -12.50
CA SER C 972 -54.77 -82.58 -13.45
C SER C 972 -54.94 -83.55 -14.61
N SER C 973 -54.12 -84.60 -14.68
CA SER C 973 -54.22 -85.59 -15.75
C SER C 973 -55.23 -86.68 -15.39
N ASP C 977 -50.92 -85.98 -2.36
CA ASP C 977 -50.73 -84.62 -1.86
C ASP C 977 -51.66 -83.64 -2.57
N GLY C 978 -51.15 -82.98 -3.62
CA GLY C 978 -51.93 -82.03 -4.36
C GLY C 978 -51.62 -80.59 -3.99
N LEU C 979 -52.50 -79.98 -3.19
CA LEU C 979 -52.29 -78.60 -2.76
C LEU C 979 -51.21 -78.48 -1.69
N LYS C 980 -50.83 -79.58 -1.05
CA LYS C 980 -49.75 -79.54 -0.09
C LYS C 980 -48.41 -79.28 -0.76
N LEU C 981 -48.17 -79.91 -1.91
CA LEU C 981 -46.96 -79.63 -2.69
C LEU C 981 -47.10 -78.34 -3.48
N ASN C 982 -48.32 -77.92 -3.80
CA ASN C 982 -48.52 -76.64 -4.47
C ASN C 982 -48.27 -75.47 -3.53
N ALA C 983 -48.60 -75.63 -2.24
CA ALA C 983 -48.21 -74.64 -1.25
C ALA C 983 -46.71 -74.67 -1.00
N PHE C 984 -46.07 -75.82 -1.21
CA PHE C 984 -44.62 -75.91 -1.10
C PHE C 984 -43.94 -75.23 -2.29
N ALA C 985 -44.61 -75.19 -3.45
CA ALA C 985 -44.05 -74.50 -4.60
C ALA C 985 -44.17 -73.00 -4.47
N ALA C 986 -45.23 -72.53 -3.79
CA ALA C 986 -45.39 -71.08 -3.58
C ALA C 986 -44.40 -70.54 -2.56
N VAL C 987 -43.75 -71.40 -1.79
CA VAL C 987 -42.66 -70.97 -0.93
C VAL C 987 -41.47 -70.55 -1.76
N PHE C 988 -41.05 -71.40 -2.70
CA PHE C 988 -39.82 -71.16 -3.44
C PHE C 988 -39.97 -70.14 -4.56
N THR C 989 -41.19 -69.94 -5.07
CA THR C 989 -41.40 -68.86 -6.04
C THR C 989 -41.29 -67.49 -5.38
N VAL C 990 -41.63 -67.40 -4.09
CA VAL C 990 -41.37 -66.17 -3.35
C VAL C 990 -39.90 -66.07 -2.98
N LEU C 991 -39.30 -67.18 -2.54
CA LEU C 991 -37.88 -67.18 -2.22
C LEU C 991 -36.99 -67.06 -3.44
N SER C 992 -37.53 -67.29 -4.64
CA SER C 992 -36.81 -66.92 -5.86
C SER C 992 -36.73 -65.41 -6.00
N GLY C 993 -37.88 -64.74 -5.96
CA GLY C 993 -37.93 -63.32 -6.26
C GLY C 993 -37.37 -62.43 -5.16
N LEU C 994 -37.37 -62.92 -3.91
CA LEU C 994 -36.74 -62.15 -2.84
C LEU C 994 -35.23 -62.15 -2.99
N LEU C 995 -34.65 -63.24 -3.48
CA LEU C 995 -33.26 -63.23 -3.88
C LEU C 995 -33.05 -62.46 -5.18
N GLY C 996 -34.10 -62.36 -6.02
CA GLY C 996 -34.05 -61.48 -7.16
C GLY C 996 -34.22 -60.02 -6.77
N MET C 997 -35.03 -59.76 -5.74
CA MET C 997 -35.11 -58.42 -5.17
C MET C 997 -33.82 -58.03 -4.47
N VAL C 998 -33.03 -59.01 -4.01
CA VAL C 998 -31.64 -58.72 -3.71
C VAL C 998 -30.89 -58.39 -5.01
N ALA C 999 -31.06 -59.25 -6.02
CA ALA C 999 -30.27 -59.17 -7.26
C ALA C 999 -30.56 -57.92 -8.07
N HIS C 1000 -31.82 -57.45 -8.09
CA HIS C 1000 -32.10 -56.18 -8.75
C HIS C 1000 -31.53 -55.01 -7.98
N MET C 1001 -31.30 -55.18 -6.68
CA MET C 1001 -30.66 -54.15 -5.87
C MET C 1001 -29.17 -54.38 -5.69
N MET C 1002 -28.66 -55.55 -6.08
CA MET C 1002 -27.21 -55.72 -6.14
C MET C 1002 -26.60 -54.88 -7.25
N TYR C 1003 -27.09 -55.07 -8.48
CA TYR C 1003 -26.45 -54.50 -9.66
C TYR C 1003 -26.63 -52.99 -9.77
N THR C 1004 -27.83 -52.48 -9.45
CA THR C 1004 -28.07 -51.05 -9.55
C THR C 1004 -27.34 -50.26 -8.47
N GLN C 1005 -27.17 -50.84 -7.29
CA GLN C 1005 -26.29 -50.25 -6.29
C GLN C 1005 -24.83 -50.35 -6.71
N VAL C 1006 -24.46 -51.49 -7.30
CA VAL C 1006 -23.16 -51.61 -7.97
C VAL C 1006 -23.03 -50.57 -9.08
N PHE C 1007 -24.08 -50.38 -9.87
CA PHE C 1007 -24.01 -49.43 -10.96
C PHE C 1007 -24.02 -47.99 -10.45
N GLN C 1008 -24.55 -47.76 -9.26
CA GLN C 1008 -24.38 -46.46 -8.62
C GLN C 1008 -22.94 -46.29 -8.13
N VAL C 1009 -22.33 -47.37 -7.65
CA VAL C 1009 -20.94 -47.32 -7.18
C VAL C 1009 -19.97 -47.11 -8.34
N THR C 1010 -20.21 -47.78 -9.47
CA THR C 1010 -19.29 -47.64 -10.61
C THR C 1010 -19.38 -46.26 -11.23
N VAL C 1011 -20.53 -45.59 -11.15
CA VAL C 1011 -20.60 -44.18 -11.54
C VAL C 1011 -19.82 -43.33 -10.55
N SER C 1012 -19.84 -43.68 -9.27
CA SER C 1012 -19.01 -43.00 -8.28
C SER C 1012 -17.52 -43.29 -8.46
N LEU C 1013 -17.16 -44.35 -9.18
CA LEU C 1013 -15.80 -44.48 -9.67
C LEU C 1013 -15.50 -43.54 -10.82
N GLY C 1014 -16.52 -43.01 -11.48
CA GLY C 1014 -16.29 -42.29 -12.71
C GLY C 1014 -15.90 -43.26 -13.80
N PRO C 1015 -16.94 -44.01 -14.33
CA PRO C 1015 -16.72 -45.25 -15.13
C PRO C 1015 -15.69 -45.16 -16.24
N GLU C 1016 -14.64 -45.99 -16.10
CA GLU C 1016 -13.25 -45.79 -16.54
C GLU C 1016 -13.07 -45.05 -17.87
N ASP C 1017 -13.85 -45.45 -18.89
CA ASP C 1017 -13.84 -44.73 -20.16
C ASP C 1017 -15.23 -44.58 -20.76
N TRP C 1018 -16.29 -45.00 -20.07
CA TRP C 1018 -17.61 -45.14 -20.69
C TRP C 1018 -18.68 -44.41 -19.90
N ARG C 1019 -18.32 -43.25 -19.28
CA ARG C 1019 -19.24 -42.61 -18.35
C ARG C 1019 -20.43 -41.99 -19.08
N PRO C 1020 -21.64 -42.21 -18.58
CA PRO C 1020 -22.83 -41.64 -19.25
C PRO C 1020 -23.24 -40.27 -18.72
N HIS C 1021 -23.41 -39.34 -19.66
CA HIS C 1021 -24.19 -38.15 -19.40
C HIS C 1021 -25.67 -38.35 -19.71
N SER C 1022 -26.00 -39.46 -20.39
CA SER C 1022 -27.37 -39.90 -20.66
C SER C 1022 -27.75 -41.05 -19.75
N TRP C 1023 -27.38 -40.93 -18.47
CA TRP C 1023 -27.39 -42.00 -17.48
C TRP C 1023 -28.83 -42.48 -17.22
N ASP C 1024 -29.21 -43.58 -17.87
CA ASP C 1024 -30.60 -44.01 -17.97
C ASP C 1024 -30.63 -45.52 -18.13
N TYR C 1025 -31.37 -46.21 -17.26
CA TYR C 1025 -31.34 -47.66 -17.17
C TYR C 1025 -31.90 -48.31 -18.44
N GLY C 1026 -31.56 -49.59 -18.63
CA GLY C 1026 -31.79 -50.27 -19.89
C GLY C 1026 -33.26 -50.62 -20.08
N TRP C 1027 -33.58 -50.99 -21.31
CA TRP C 1027 -34.94 -51.35 -21.68
C TRP C 1027 -35.35 -52.69 -21.08
N SER C 1028 -34.41 -53.62 -20.97
CA SER C 1028 -34.70 -54.93 -20.40
C SER C 1028 -34.87 -54.88 -18.89
N PHE C 1029 -34.31 -53.86 -18.22
CA PHE C 1029 -34.48 -53.73 -16.78
C PHE C 1029 -35.88 -53.28 -16.41
N CYS C 1030 -36.54 -52.49 -17.27
CA CYS C 1030 -37.97 -52.28 -17.11
C CYS C 1030 -38.73 -53.55 -17.45
N LEU C 1031 -38.21 -54.36 -18.36
CA LEU C 1031 -38.82 -55.66 -18.64
C LEU C 1031 -38.54 -56.65 -17.52
N ALA C 1032 -37.39 -56.52 -16.86
CA ALA C 1032 -37.07 -57.37 -15.71
C ALA C 1032 -37.88 -56.99 -14.47
N TRP C 1033 -38.45 -55.79 -14.43
CA TRP C 1033 -39.43 -55.46 -13.41
C TRP C 1033 -40.68 -56.33 -13.54
N GLY C 1034 -41.07 -56.62 -14.78
CA GLY C 1034 -42.20 -57.49 -15.03
C GLY C 1034 -41.95 -58.94 -14.69
N SER C 1035 -40.68 -59.34 -14.55
CA SER C 1035 -40.37 -60.71 -14.18
C SER C 1035 -40.75 -61.01 -12.73
N PHE C 1036 -40.46 -60.09 -11.81
CA PHE C 1036 -40.78 -60.33 -10.41
C PHE C 1036 -42.27 -60.26 -10.14
N THR C 1037 -42.98 -59.33 -10.79
CA THR C 1037 -44.41 -59.19 -10.53
C THR C 1037 -45.21 -60.34 -11.15
N CYS C 1038 -44.62 -61.09 -12.08
CA CYS C 1038 -45.24 -62.32 -12.54
C CYS C 1038 -44.87 -63.51 -11.66
N CYS C 1039 -43.80 -63.39 -10.88
CA CYS C 1039 -43.55 -64.37 -9.83
C CYS C 1039 -44.58 -64.28 -8.71
N MET C 1040 -45.12 -63.09 -8.49
CA MET C 1040 -46.01 -62.85 -7.36
C MET C 1040 -47.48 -62.80 -7.74
N ALA C 1041 -47.80 -62.41 -8.98
CA ALA C 1041 -49.18 -62.59 -9.45
C ALA C 1041 -49.51 -64.05 -9.65
N ALA C 1042 -48.50 -64.89 -9.87
CA ALA C 1042 -48.67 -66.32 -9.78
C ALA C 1042 -48.88 -66.77 -8.34
N SER C 1043 -48.39 -65.99 -7.37
CA SER C 1043 -48.44 -66.40 -5.97
C SER C 1043 -49.75 -66.00 -5.31
N VAL C 1044 -50.39 -64.93 -5.79
CA VAL C 1044 -51.63 -64.48 -5.16
C VAL C 1044 -52.83 -65.34 -5.57
N THR C 1045 -52.69 -66.15 -6.62
CA THR C 1045 -53.80 -66.99 -7.07
C THR C 1045 -53.57 -68.48 -6.85
N THR C 1046 -52.33 -68.90 -6.59
CA THR C 1046 -52.10 -70.30 -6.24
C THR C 1046 -52.46 -70.60 -4.80
N LEU C 1047 -52.61 -69.57 -3.96
CA LEU C 1047 -53.20 -69.75 -2.64
C LEU C 1047 -54.70 -69.47 -2.64
N ASN C 1048 -55.25 -68.96 -3.75
CA ASN C 1048 -56.69 -68.85 -3.88
C ASN C 1048 -57.32 -70.23 -4.04
N SER C 1049 -56.62 -71.15 -4.71
CA SER C 1049 -57.05 -72.54 -4.78
C SER C 1049 -56.77 -73.29 -3.48
N TYR C 1050 -55.92 -72.75 -2.61
CA TYR C 1050 -55.66 -73.31 -1.29
C TYR C 1050 -56.83 -73.12 -0.33
N THR C 1051 -57.75 -72.20 -0.64
CA THR C 1051 -58.94 -71.99 0.19
C THR C 1051 -59.86 -73.21 0.20
N LYS C 1052 -59.95 -73.92 -0.92
CA LYS C 1052 -60.82 -75.08 -1.02
C LYS C 1052 -60.11 -76.34 -0.57
N ASN D 1 64.00 20.52 -49.66
CA ASN D 1 63.14 21.43 -50.40
C ASN D 1 62.29 22.29 -49.46
N SER D 2 62.39 23.60 -49.62
CA SER D 2 61.54 24.50 -48.86
C SER D 2 60.13 24.48 -49.45
N ILE D 3 59.30 23.58 -48.94
CA ILE D 3 57.96 23.35 -49.47
C ILE D 3 57.02 24.35 -48.81
N GLN D 4 56.46 25.25 -49.63
CA GLN D 4 55.51 26.23 -49.12
C GLN D 4 54.19 25.56 -48.78
N ILE D 5 53.76 25.71 -47.53
CA ILE D 5 52.49 25.19 -47.07
C ILE D 5 51.68 26.35 -46.50
N GLY D 6 50.46 26.03 -46.07
CA GLY D 6 49.60 27.05 -45.50
C GLY D 6 49.79 27.21 -44.00
N GLY D 7 49.41 28.37 -43.49
CA GLY D 7 49.54 28.68 -42.09
C GLY D 7 48.37 29.44 -41.51
N LEU D 8 47.17 29.19 -42.03
CA LEU D 8 45.97 29.78 -41.46
C LEU D 8 45.70 29.21 -40.08
N PHE D 9 45.34 30.07 -39.13
CA PHE D 9 44.98 29.65 -37.79
C PHE D 9 43.97 30.67 -37.28
N PRO D 10 42.87 30.24 -36.67
CA PRO D 10 42.02 31.18 -35.94
C PRO D 10 42.74 31.73 -34.73
N ARG D 11 42.40 32.95 -34.37
CA ARG D 11 43.07 33.63 -33.27
C ARG D 11 42.57 33.09 -31.94
N GLY D 12 43.51 32.78 -31.05
CA GLY D 12 43.22 32.09 -29.82
C GLY D 12 43.50 30.60 -29.85
N ALA D 13 43.94 30.07 -30.99
CA ALA D 13 44.26 28.65 -31.14
C ALA D 13 45.76 28.41 -31.07
N ASP D 14 46.46 29.14 -30.21
CA ASP D 14 47.92 29.08 -30.16
C ASP D 14 48.46 27.80 -29.54
N GLN D 15 47.66 27.11 -28.72
CA GLN D 15 48.07 25.79 -28.24
C GLN D 15 48.10 24.79 -29.38
N GLU D 16 47.15 24.89 -30.30
CA GLU D 16 47.21 24.13 -31.55
C GLU D 16 48.38 24.60 -32.41
N TYR D 17 48.66 25.91 -32.39
CA TYR D 17 49.84 26.43 -33.07
C TYR D 17 51.12 26.00 -32.36
N SER D 18 51.05 25.77 -31.05
CA SER D 18 52.20 25.24 -30.33
C SER D 18 52.51 23.82 -30.75
N ALA D 19 51.49 22.95 -30.80
CA ALA D 19 51.69 21.59 -31.28
C ALA D 19 51.93 21.54 -32.78
N PHE D 20 51.54 22.59 -33.50
CA PHE D 20 51.94 22.73 -34.90
C PHE D 20 53.44 22.90 -35.02
N ARG D 21 54.04 23.67 -34.11
CA ARG D 21 55.49 23.89 -34.16
C ARG D 21 56.25 22.67 -33.65
N VAL D 22 55.64 21.88 -32.75
CA VAL D 22 56.26 20.65 -32.30
C VAL D 22 56.36 19.65 -33.47
N GLY D 23 55.32 19.61 -34.30
CA GLY D 23 55.41 18.87 -35.55
C GLY D 23 56.42 19.45 -36.51
N MET D 24 56.60 20.78 -36.48
CA MET D 24 57.65 21.40 -37.29
C MET D 24 59.04 21.15 -36.72
N VAL D 25 59.13 20.73 -35.46
CA VAL D 25 60.41 20.31 -34.91
C VAL D 25 60.65 18.83 -35.19
N GLN D 26 59.64 18.00 -34.90
CA GLN D 26 59.83 16.56 -34.98
C GLN D 26 59.82 16.05 -36.42
N PHE D 27 58.89 16.54 -37.24
CA PHE D 27 58.67 16.00 -38.57
C PHE D 27 59.28 16.85 -39.68
N SER D 28 60.25 17.69 -39.37
CA SER D 28 61.00 18.39 -40.40
C SER D 28 62.24 17.56 -40.73
N THR D 29 62.14 16.75 -41.78
CA THR D 29 63.20 15.84 -42.17
C THR D 29 64.30 16.58 -42.94
N SER D 30 65.39 15.86 -43.21
CA SER D 30 66.49 16.40 -43.98
C SER D 30 66.16 16.50 -45.47
N GLU D 31 65.16 15.75 -45.93
CA GLU D 31 64.79 15.79 -47.34
C GLU D 31 64.11 17.11 -47.70
N PHE D 32 63.31 17.65 -46.78
CA PHE D 32 62.54 18.85 -47.03
C PHE D 32 62.15 19.47 -45.70
N ARG D 33 62.14 20.81 -45.67
CA ARG D 33 61.67 21.56 -44.52
C ARG D 33 60.50 22.41 -44.97
N LEU D 34 59.38 22.31 -44.26
CA LEU D 34 58.15 22.92 -44.71
C LEU D 34 58.17 24.42 -44.43
N THR D 35 57.50 25.18 -45.29
CA THR D 35 57.52 26.64 -45.22
C THR D 35 56.10 27.16 -44.97
N PRO D 36 55.74 27.43 -43.73
CA PRO D 36 54.38 27.91 -43.44
C PRO D 36 54.24 29.40 -43.66
N HIS D 37 53.22 29.77 -44.45
CA HIS D 37 52.80 31.16 -44.61
C HIS D 37 51.76 31.42 -43.54
N ILE D 38 52.23 31.77 -42.35
CA ILE D 38 51.39 31.85 -41.15
C ILE D 38 50.42 33.02 -41.27
N ASP D 39 49.12 32.72 -41.19
CA ASP D 39 48.06 33.72 -41.27
C ASP D 39 47.16 33.53 -40.04
N ASN D 40 47.52 34.18 -38.93
CA ASN D 40 46.74 34.10 -37.70
C ASN D 40 45.61 35.12 -37.79
N LEU D 41 44.60 34.79 -38.59
CA LEU D 41 43.49 35.71 -38.86
C LEU D 41 42.19 35.13 -38.33
N GLU D 42 41.10 35.82 -38.63
CA GLU D 42 39.78 35.41 -38.17
C GLU D 42 39.27 34.20 -38.96
N VAL D 43 38.19 33.61 -38.46
CA VAL D 43 37.62 32.42 -39.08
C VAL D 43 36.15 32.62 -39.47
N ALA D 44 35.45 33.55 -38.82
CA ALA D 44 34.04 33.76 -39.15
C ALA D 44 33.86 34.57 -40.43
N ASN D 45 34.67 35.60 -40.63
CA ASN D 45 34.58 36.44 -41.83
C ASN D 45 35.28 35.71 -42.97
N SER D 46 34.53 35.39 -44.02
CA SER D 46 35.13 34.75 -45.20
C SER D 46 36.01 35.72 -45.98
N PHE D 47 35.78 37.03 -45.81
CA PHE D 47 36.70 38.03 -46.36
C PHE D 47 38.08 37.90 -45.73
N ALA D 48 38.14 37.67 -44.41
CA ALA D 48 39.41 37.40 -43.76
C ALA D 48 39.97 36.05 -44.15
N VAL D 49 39.10 35.11 -44.50
CA VAL D 49 39.57 33.80 -44.97
C VAL D 49 40.15 33.91 -46.38
N THR D 50 39.46 34.65 -47.26
CA THR D 50 39.81 34.70 -48.67
C THR D 50 41.13 35.41 -48.92
N ASN D 51 41.38 36.50 -48.18
CA ASN D 51 42.62 37.24 -48.35
C ASN D 51 43.82 36.45 -47.84
N ALA D 52 43.64 35.67 -46.77
CA ALA D 52 44.69 34.75 -46.35
C ALA D 52 44.79 33.57 -47.30
N PHE D 53 43.68 33.18 -47.92
CA PHE D 53 43.70 32.09 -48.90
C PHE D 53 44.36 32.53 -50.19
N CYS D 54 43.93 33.66 -50.76
CA CYS D 54 44.42 34.07 -52.07
C CYS D 54 45.83 34.67 -52.01
N SER D 55 46.31 35.03 -50.82
CA SER D 55 47.72 35.36 -50.69
C SER D 55 48.58 34.11 -50.81
N GLN D 56 48.19 33.03 -50.12
CA GLN D 56 48.90 31.76 -50.24
C GLN D 56 48.64 31.12 -51.59
N PHE D 57 47.50 31.39 -52.20
CA PHE D 57 47.27 30.99 -53.58
C PHE D 57 48.16 31.79 -54.53
N SER D 58 48.52 33.03 -54.15
CA SER D 58 49.52 33.77 -54.90
C SER D 58 50.93 33.27 -54.60
N ARG D 59 51.13 32.63 -53.44
CA ARG D 59 52.42 32.01 -53.15
C ARG D 59 52.63 30.75 -53.96
N GLY D 60 51.57 30.01 -54.25
CA GLY D 60 51.71 28.70 -54.85
C GLY D 60 51.98 27.61 -53.83
N VAL D 61 51.33 27.70 -52.66
CA VAL D 61 51.54 26.72 -51.61
C VAL D 61 50.89 25.38 -52.00
N TYR D 62 51.29 24.33 -51.29
CA TYR D 62 50.90 22.98 -51.67
C TYR D 62 49.94 22.30 -50.71
N ALA D 63 49.87 22.74 -49.46
CA ALA D 63 48.98 22.13 -48.48
C ALA D 63 48.63 23.15 -47.42
N ILE D 64 47.40 23.64 -47.46
CA ILE D 64 46.95 24.70 -46.56
C ILE D 64 46.35 24.05 -45.33
N PHE D 65 46.70 24.58 -44.16
CA PHE D 65 46.26 24.02 -42.88
C PHE D 65 45.51 25.07 -42.07
N GLY D 66 44.54 24.63 -41.28
CA GLY D 66 43.83 25.55 -40.40
C GLY D 66 42.57 24.92 -39.87
N PHE D 67 41.66 25.78 -39.44
CA PHE D 67 40.30 25.39 -39.08
C PHE D 67 39.35 26.01 -40.09
N TYR D 68 38.05 25.80 -39.88
CA TYR D 68 37.04 26.57 -40.57
C TYR D 68 35.76 26.64 -39.74
N ASP D 69 35.07 27.77 -39.86
CA ASP D 69 33.78 28.01 -39.25
C ASP D 69 32.70 27.30 -40.07
N LYS D 70 31.48 27.26 -39.52
CA LYS D 70 30.32 26.87 -40.31
C LYS D 70 29.93 27.95 -41.31
N LYS D 71 30.47 29.15 -41.18
CA LYS D 71 30.38 30.13 -42.25
C LYS D 71 31.40 29.83 -43.34
N SER D 72 32.63 29.52 -42.94
CA SER D 72 33.71 29.28 -43.88
C SER D 72 33.81 27.82 -44.31
N VAL D 73 32.82 26.99 -44.03
CA VAL D 73 32.81 25.64 -44.58
C VAL D 73 32.56 25.68 -46.09
N ASN D 74 31.75 26.64 -46.54
CA ASN D 74 31.43 26.73 -47.95
C ASN D 74 32.36 27.69 -48.69
N THR D 75 33.27 28.34 -47.97
CA THR D 75 34.36 29.05 -48.62
C THR D 75 35.49 28.09 -48.96
N ILE D 76 35.83 27.18 -48.04
CA ILE D 76 36.93 26.27 -48.27
C ILE D 76 36.54 25.20 -49.29
N THR D 77 35.36 24.61 -49.14
CA THR D 77 34.94 23.54 -50.04
C THR D 77 34.65 24.02 -51.45
N SER D 78 34.40 25.32 -51.63
CA SER D 78 34.18 25.87 -52.97
C SER D 78 35.51 26.16 -53.67
N PHE D 79 36.40 26.88 -53.01
CA PHE D 79 37.62 27.33 -53.68
C PHE D 79 38.65 26.22 -53.80
N CYS D 80 38.87 25.45 -52.73
CA CYS D 80 39.89 24.40 -52.75
C CYS D 80 39.53 23.27 -53.70
N GLY D 81 38.24 22.93 -53.78
CA GLY D 81 37.78 21.99 -54.79
C GLY D 81 37.90 22.52 -56.20
N THR D 82 37.82 23.83 -56.38
CA THR D 82 38.01 24.45 -57.68
C THR D 82 39.48 24.74 -57.98
N LEU D 83 40.18 25.40 -57.05
CA LEU D 83 41.54 25.83 -57.33
C LEU D 83 42.58 24.74 -57.13
N HIS D 84 42.15 23.49 -56.87
CA HIS D 84 42.98 22.29 -56.93
C HIS D 84 44.14 22.33 -55.93
N VAL D 85 43.90 22.92 -54.76
CA VAL D 85 44.87 22.96 -53.67
C VAL D 85 44.24 22.25 -52.49
N SER D 86 44.93 21.23 -51.98
CA SER D 86 44.40 20.43 -50.88
C SER D 86 44.45 21.21 -49.57
N PHE D 87 43.44 21.00 -48.73
CA PHE D 87 43.32 21.67 -47.45
C PHE D 87 43.22 20.63 -46.34
N ILE D 88 43.92 20.87 -45.23
CA ILE D 88 43.98 19.95 -44.10
C ILE D 88 43.44 20.68 -42.87
N THR D 89 42.58 20.00 -42.11
CA THR D 89 41.96 20.65 -40.97
C THR D 89 41.65 19.62 -39.89
N PRO D 90 41.66 20.03 -38.62
CA PRO D 90 41.02 19.23 -37.56
C PRO D 90 39.55 19.54 -37.33
N SER D 91 38.92 20.36 -38.16
CA SER D 91 37.53 20.75 -37.95
C SER D 91 36.59 19.60 -38.31
N PHE D 92 35.29 19.85 -38.09
CA PHE D 92 34.26 18.84 -38.30
C PHE D 92 34.12 18.52 -39.78
N PRO D 93 33.78 17.28 -40.14
CA PRO D 93 33.72 16.91 -41.57
C PRO D 93 32.54 17.54 -42.28
N THR D 94 32.66 17.59 -43.60
CA THR D 94 31.59 18.08 -44.45
C THR D 94 30.71 16.92 -44.90
N ASP D 95 29.41 17.21 -45.01
CA ASP D 95 28.48 16.21 -45.50
C ASP D 95 28.68 15.96 -46.99
N GLY D 96 28.97 17.02 -47.75
CA GLY D 96 29.30 16.86 -49.15
C GLY D 96 30.76 16.43 -49.32
N THR D 97 30.95 15.37 -50.11
CA THR D 97 32.28 14.82 -50.36
C THR D 97 33.01 15.75 -51.33
N HIS D 98 33.68 16.75 -50.76
CA HIS D 98 34.28 17.75 -51.63
C HIS D 98 35.72 17.40 -51.96
N PRO D 99 36.17 17.71 -53.18
CA PRO D 99 37.57 17.47 -53.53
C PRO D 99 38.50 18.42 -52.80
N PHE D 100 39.73 17.94 -52.60
CA PHE D 100 40.85 18.69 -52.02
C PHE D 100 40.57 19.12 -50.59
N VAL D 101 39.76 18.34 -49.88
CA VAL D 101 39.41 18.61 -48.49
C VAL D 101 39.85 17.41 -47.68
N ILE D 102 40.93 17.58 -46.93
CA ILE D 102 41.42 16.57 -46.00
C ILE D 102 41.10 17.05 -44.59
N GLN D 103 40.65 16.14 -43.73
CA GLN D 103 40.08 16.55 -42.46
C GLN D 103 40.37 15.52 -41.37
N MET D 104 40.81 16.01 -40.21
CA MET D 104 41.36 15.17 -39.15
C MET D 104 40.34 14.72 -38.12
N ARG D 105 39.06 15.04 -38.27
CA ARG D 105 38.11 14.71 -37.22
C ARG D 105 37.32 13.47 -37.65
N PRO D 106 37.44 12.36 -36.94
CA PRO D 106 36.66 11.17 -37.31
C PRO D 106 35.21 11.31 -36.90
N ASP D 107 34.35 10.56 -37.58
CA ASP D 107 32.92 10.74 -37.37
C ASP D 107 32.49 10.13 -36.04
N LEU D 108 31.82 10.93 -35.22
CA LEU D 108 31.44 10.56 -33.87
C LEU D 108 30.01 10.08 -33.75
N LYS D 109 29.15 10.40 -34.73
CA LYS D 109 27.74 10.06 -34.65
C LYS D 109 27.49 8.56 -34.75
N GLY D 110 28.43 7.80 -35.31
CA GLY D 110 28.28 6.36 -35.36
C GLY D 110 28.41 5.72 -33.99
N ALA D 111 29.40 6.18 -33.21
CA ALA D 111 29.51 5.75 -31.82
C ALA D 111 28.42 6.36 -30.96
N LEU D 112 27.98 7.57 -31.31
CA LEU D 112 27.01 8.29 -30.48
C LEU D 112 25.63 7.64 -30.55
N LEU D 113 25.17 7.31 -31.75
CA LEU D 113 23.90 6.62 -31.90
C LEU D 113 23.97 5.19 -31.37
N SER D 114 25.17 4.59 -31.40
CA SER D 114 25.35 3.28 -30.79
C SER D 114 25.39 3.37 -29.27
N LEU D 115 25.79 4.52 -28.73
CA LEU D 115 25.88 4.68 -27.28
C LEU D 115 24.49 4.78 -26.66
N ILE D 116 23.56 5.45 -27.34
CA ILE D 116 22.21 5.60 -26.84
C ILE D 116 21.49 4.25 -26.87
N GLU D 117 21.81 3.42 -27.86
CA GLU D 117 21.27 2.07 -27.91
C GLU D 117 21.86 1.18 -26.81
N TYR D 118 23.09 1.50 -26.37
CA TYR D 118 23.68 0.78 -25.25
C TYR D 118 22.97 1.12 -23.94
N TYR D 119 22.73 2.42 -23.70
CA TYR D 119 21.99 2.83 -22.51
C TYR D 119 20.49 2.65 -22.67
N GLN D 120 20.02 2.32 -23.88
CA GLN D 120 18.64 1.91 -24.16
C GLN D 120 17.64 3.02 -23.83
N TRP D 121 17.88 4.21 -24.36
CA TRP D 121 17.03 5.35 -24.06
C TRP D 121 15.86 5.43 -25.03
N ASP D 122 14.85 6.18 -24.62
CA ASP D 122 13.65 6.42 -25.42
C ASP D 122 13.23 7.87 -25.47
N LYS D 123 13.66 8.69 -24.51
CA LYS D 123 13.36 10.11 -24.48
C LYS D 123 14.48 10.82 -23.75
N PHE D 124 15.11 11.78 -24.42
CA PHE D 124 16.27 12.45 -23.84
C PHE D 124 16.34 13.89 -24.34
N ALA D 125 17.00 14.72 -23.55
CA ALA D 125 17.26 16.09 -23.94
C ALA D 125 18.56 16.20 -24.71
N TYR D 126 18.55 17.02 -25.76
CA TYR D 126 19.71 17.19 -26.63
C TYR D 126 19.96 18.68 -26.82
N LEU D 127 20.75 19.25 -25.93
CA LEU D 127 21.25 20.60 -26.11
C LEU D 127 22.49 20.55 -27.00
N TYR D 128 22.63 21.53 -27.87
CA TYR D 128 23.66 21.46 -28.90
C TYR D 128 24.10 22.86 -29.32
N ASP D 129 25.38 23.00 -29.65
CA ASP D 129 25.88 24.17 -30.33
C ASP D 129 25.79 23.92 -31.83
N SER D 130 25.14 24.85 -32.54
CA SER D 130 24.98 24.73 -33.98
C SER D 130 26.21 25.14 -34.76
N ASP D 131 27.30 25.52 -34.08
CA ASP D 131 28.46 26.07 -34.78
C ASP D 131 29.26 24.99 -35.50
N ARG D 132 29.15 23.73 -35.08
CA ARG D 132 29.76 22.62 -35.79
C ARG D 132 28.82 21.97 -36.79
N GLY D 133 27.83 22.71 -37.29
CA GLY D 133 26.83 22.15 -38.16
C GLY D 133 25.73 21.45 -37.39
N LEU D 134 24.71 21.04 -38.13
CA LEU D 134 23.55 20.36 -37.56
C LEU D 134 23.47 18.91 -38.03
N SER D 135 24.60 18.38 -38.52
CA SER D 135 24.61 17.03 -39.05
C SER D 135 24.49 16.00 -37.93
N THR D 136 25.04 16.31 -36.76
CA THR D 136 24.82 15.47 -35.59
C THR D 136 23.37 15.55 -35.12
N LEU D 137 22.73 16.70 -35.30
CA LEU D 137 21.29 16.81 -35.03
C LEU D 137 20.48 16.02 -36.05
N GLN D 138 20.93 16.02 -37.31
CA GLN D 138 20.27 15.21 -38.32
C GLN D 138 20.46 13.72 -38.07
N ALA D 139 21.56 13.35 -37.41
CA ALA D 139 21.79 11.94 -37.09
C ALA D 139 20.85 11.46 -35.99
N VAL D 140 20.68 12.26 -34.96
CA VAL D 140 19.87 11.81 -33.82
C VAL D 140 18.38 11.89 -34.14
N LEU D 141 17.99 12.72 -35.10
CA LEU D 141 16.58 12.79 -35.48
C LEU D 141 16.20 11.70 -36.47
N ASP D 142 17.13 11.27 -37.33
CA ASP D 142 16.85 10.16 -38.22
C ASP D 142 16.83 8.84 -37.46
N SER D 143 17.51 8.77 -36.32
CA SER D 143 17.39 7.62 -35.43
C SER D 143 16.29 7.80 -34.40
N ALA D 144 15.73 9.01 -34.30
CA ALA D 144 14.60 9.22 -33.40
C ALA D 144 13.36 8.51 -33.90
N ALA D 145 12.97 8.75 -35.15
CA ALA D 145 11.83 8.07 -35.74
C ALA D 145 12.16 6.60 -36.05
N GLU D 146 13.44 6.28 -36.18
CA GLU D 146 13.84 4.90 -36.46
C GLU D 146 13.65 4.02 -35.24
N LYS D 147 14.25 4.40 -34.11
CA LYS D 147 14.19 3.61 -32.90
C LYS D 147 13.10 4.08 -31.94
N LYS D 148 12.15 4.88 -32.43
CA LYS D 148 10.99 5.39 -31.68
C LYS D 148 11.42 6.18 -30.45
N TRP D 149 12.31 7.14 -30.69
CA TRP D 149 12.88 7.97 -29.65
C TRP D 149 12.25 9.35 -29.65
N GLN D 150 12.24 10.00 -28.49
CA GLN D 150 11.66 11.33 -28.35
C GLN D 150 12.74 12.32 -27.91
N VAL D 151 13.38 12.91 -28.92
CA VAL D 151 14.49 13.84 -28.69
C VAL D 151 13.93 15.19 -28.27
N THR D 152 14.45 15.73 -27.18
CA THR D 152 14.16 17.12 -26.79
C THR D 152 15.36 17.94 -27.26
N ALA D 153 15.30 18.41 -28.50
CA ALA D 153 16.41 19.08 -29.16
C ALA D 153 16.19 20.59 -29.10
N ILE D 154 16.98 21.26 -28.27
CA ILE D 154 16.90 22.71 -28.12
C ILE D 154 18.29 23.28 -28.39
N ASN D 155 18.36 24.22 -29.33
CA ASN D 155 19.62 24.90 -29.62
C ASN D 155 20.01 25.81 -28.45
N VAL D 156 21.31 25.90 -28.21
CA VAL D 156 21.85 26.74 -27.16
C VAL D 156 22.78 27.83 -27.70
N GLY D 157 23.23 27.71 -28.95
CA GLY D 157 24.09 28.72 -29.54
C GLY D 157 23.41 30.05 -29.84
N ASN D 158 22.08 30.08 -29.83
CA ASN D 158 21.35 31.32 -30.05
C ASN D 158 21.41 32.25 -28.84
N ILE D 159 21.79 31.73 -27.67
CA ILE D 159 21.86 32.52 -26.45
C ILE D 159 23.10 33.41 -26.50
N ASN D 160 22.89 34.71 -26.36
CA ASN D 160 23.99 35.66 -26.31
C ASN D 160 24.77 35.53 -25.00
N ASN D 161 25.99 36.08 -25.01
CA ASN D 161 26.87 35.99 -23.85
C ASN D 161 26.53 36.99 -22.75
N ASP D 162 25.62 37.92 -23.02
CA ASP D 162 25.30 38.95 -22.03
C ASP D 162 24.45 38.41 -20.89
N LYS D 163 23.47 37.56 -21.20
CA LYS D 163 22.51 37.07 -20.22
C LYS D 163 22.45 35.55 -20.20
N LYS D 164 23.59 34.88 -20.38
CA LYS D 164 23.62 33.41 -20.37
C LYS D 164 23.74 32.84 -18.96
N ASP D 165 22.91 33.33 -18.07
CA ASP D 165 22.71 32.74 -16.75
C ASP D 165 21.23 32.63 -16.39
N GLU D 166 20.43 33.63 -16.77
CA GLU D 166 18.99 33.60 -16.55
C GLU D 166 18.26 32.85 -17.65
N THR D 167 18.83 32.84 -18.86
CA THR D 167 18.25 32.06 -19.95
C THR D 167 18.32 30.57 -19.67
N TYR D 168 19.39 30.12 -18.99
CA TYR D 168 19.50 28.72 -18.61
C TYR D 168 18.49 28.36 -17.53
N ARG D 169 18.27 29.28 -16.58
CA ARG D 169 17.20 29.06 -15.60
C ARG D 169 15.84 29.05 -16.26
N SER D 170 15.67 29.82 -17.33
CA SER D 170 14.48 29.67 -18.16
C SER D 170 14.52 28.33 -18.90
N LEU D 171 15.72 27.86 -19.28
CA LEU D 171 15.81 26.65 -20.09
C LEU D 171 15.73 25.40 -19.22
N PHE D 172 16.52 25.34 -18.15
CA PHE D 172 16.57 24.13 -17.33
C PHE D 172 15.27 23.89 -16.57
N GLN D 173 14.56 24.95 -16.18
CA GLN D 173 13.25 24.75 -15.58
C GLN D 173 12.22 24.31 -16.61
N ASP D 174 12.43 24.68 -17.89
CA ASP D 174 11.62 24.09 -18.94
C ASP D 174 12.07 22.67 -19.25
N LEU D 175 13.35 22.35 -19.02
CA LEU D 175 13.78 20.96 -19.08
C LEU D 175 13.23 20.15 -17.92
N GLU D 176 12.99 20.80 -16.78
CA GLU D 176 12.33 20.15 -15.66
C GLU D 176 10.81 20.19 -15.75
N LEU D 177 10.25 20.65 -16.87
CA LEU D 177 8.84 20.42 -17.12
C LEU D 177 8.60 18.97 -17.54
N LYS D 178 9.54 18.40 -18.29
CA LYS D 178 9.54 16.98 -18.60
C LYS D 178 10.50 16.20 -17.72
N LYS D 179 11.37 16.90 -16.98
CA LYS D 179 12.32 16.33 -16.02
C LYS D 179 13.26 15.32 -16.66
N GLU D 180 14.06 15.81 -17.59
CA GLU D 180 14.98 14.95 -18.33
C GLU D 180 16.18 14.60 -17.47
N ARG D 181 16.30 13.31 -17.15
CA ARG D 181 17.49 12.77 -16.50
C ARG D 181 18.53 12.32 -17.52
N ARG D 182 18.33 12.64 -18.80
CA ARG D 182 19.13 12.11 -19.90
C ARG D 182 19.45 13.29 -20.81
N VAL D 183 20.63 13.87 -20.64
CA VAL D 183 21.02 15.08 -21.35
C VAL D 183 22.26 14.78 -22.19
N ILE D 184 22.21 15.14 -23.46
CA ILE D 184 23.36 15.01 -24.36
C ILE D 184 23.76 16.42 -24.79
N LEU D 185 24.99 16.80 -24.46
CA LEU D 185 25.50 18.13 -24.76
C LEU D 185 26.46 18.09 -25.94
N ASP D 186 26.24 18.99 -26.90
CA ASP D 186 27.05 19.02 -28.12
C ASP D 186 27.59 20.45 -28.27
N CYS D 187 28.70 20.73 -27.60
CA CYS D 187 29.29 22.06 -27.61
C CYS D 187 30.81 21.93 -27.54
N GLU D 188 31.49 23.06 -27.73
CA GLU D 188 32.91 23.12 -27.47
C GLU D 188 33.17 23.13 -25.97
N ARG D 189 34.42 22.79 -25.61
CA ARG D 189 34.80 22.60 -24.21
C ARG D 189 34.68 23.87 -23.37
N ASP D 190 34.72 25.06 -24.00
CA ASP D 190 34.35 26.27 -23.28
C ASP D 190 32.84 26.35 -23.11
N LYS D 191 32.09 26.13 -24.19
CA LYS D 191 30.64 26.18 -24.13
C LYS D 191 30.03 25.00 -23.38
N VAL D 192 30.71 23.84 -23.35
CA VAL D 192 30.30 22.76 -22.47
C VAL D 192 30.41 23.19 -21.02
N ASN D 193 31.58 23.69 -20.63
CA ASN D 193 31.81 24.08 -19.24
C ASN D 193 31.02 25.31 -18.84
N ASP D 194 30.53 26.10 -19.80
CA ASP D 194 29.52 27.10 -19.49
C ASP D 194 28.22 26.44 -19.05
N ILE D 195 27.76 25.45 -19.81
CA ILE D 195 26.49 24.80 -19.52
C ILE D 195 26.62 23.86 -18.33
N VAL D 196 27.80 23.23 -18.17
CA VAL D 196 28.08 22.38 -17.00
C VAL D 196 27.99 23.19 -15.71
N ASP D 197 28.52 24.40 -15.72
CA ASP D 197 28.41 25.27 -14.55
C ASP D 197 26.98 25.75 -14.34
N GLN D 198 26.17 25.81 -15.39
CA GLN D 198 24.75 26.12 -15.23
C GLN D 198 23.99 24.96 -14.60
N VAL D 199 24.45 23.72 -14.83
CA VAL D 199 23.90 22.57 -14.13
C VAL D 199 24.29 22.62 -12.66
N ILE D 200 25.52 23.07 -12.37
CA ILE D 200 25.96 23.22 -11.00
C ILE D 200 25.32 24.46 -10.38
N THR D 201 24.92 25.44 -11.21
CA THR D 201 24.15 26.58 -10.73
C THR D 201 22.79 26.15 -10.21
N ILE D 202 22.03 25.41 -11.02
CA ILE D 202 20.77 24.86 -10.55
C ILE D 202 20.96 23.67 -9.62
N GLY D 203 22.16 23.10 -9.58
CA GLY D 203 22.47 22.02 -8.65
C GLY D 203 21.90 20.68 -9.02
N LYS D 204 21.35 20.51 -10.22
CA LYS D 204 20.71 19.26 -10.61
C LYS D 204 21.69 18.31 -11.29
N HIS D 205 22.82 18.07 -10.63
CA HIS D 205 23.82 17.10 -11.05
C HIS D 205 23.91 15.93 -10.07
N VAL D 206 22.82 15.66 -9.36
CA VAL D 206 22.75 14.57 -8.39
C VAL D 206 22.52 13.25 -9.11
N LYS D 207 22.59 12.16 -8.35
CA LYS D 207 22.37 10.81 -8.90
C LYS D 207 20.94 10.67 -9.43
N GLY D 208 20.82 10.01 -10.57
CA GLY D 208 19.57 9.91 -11.29
C GLY D 208 19.70 10.53 -12.66
N TYR D 209 20.39 11.66 -12.73
CA TYR D 209 20.70 12.32 -13.99
C TYR D 209 21.77 11.55 -14.75
N HIS D 210 21.79 11.74 -16.06
CA HIS D 210 22.85 11.20 -16.91
C HIS D 210 23.23 12.24 -17.95
N TYR D 211 24.53 12.42 -18.16
CA TYR D 211 25.03 13.45 -19.04
C TYR D 211 25.97 12.85 -20.06
N ILE D 212 25.90 13.35 -21.29
CA ILE D 212 26.76 12.89 -22.39
C ILE D 212 27.35 14.11 -23.07
N ILE D 213 28.67 14.16 -23.15
CA ILE D 213 29.39 15.21 -23.87
C ILE D 213 29.76 14.66 -25.23
N ALA D 214 29.46 15.42 -26.28
CA ALA D 214 29.49 14.91 -27.65
C ALA D 214 30.61 15.52 -28.48
N ASN D 215 31.80 15.63 -27.91
CA ASN D 215 33.00 15.97 -28.66
C ASN D 215 34.10 14.98 -28.31
N LEU D 216 35.24 15.12 -28.98
CA LEU D 216 36.39 14.27 -28.68
C LEU D 216 37.16 14.73 -27.46
N GLY D 217 36.83 15.90 -26.92
CA GLY D 217 37.50 16.38 -25.72
C GLY D 217 36.77 16.07 -24.44
N PHE D 218 36.64 14.78 -24.11
CA PHE D 218 35.97 14.40 -22.88
C PHE D 218 36.82 14.73 -21.66
N THR D 219 38.13 14.46 -21.74
CA THR D 219 39.02 14.86 -20.65
C THR D 219 39.33 16.35 -20.66
N ASP D 220 38.96 17.06 -21.72
CA ASP D 220 39.20 18.49 -21.84
C ASP D 220 38.15 19.33 -21.12
N GLY D 221 37.15 18.70 -20.50
CA GLY D 221 36.13 19.42 -19.77
C GLY D 221 36.51 19.62 -18.31
N ASP D 222 35.53 20.04 -17.53
CA ASP D 222 35.68 20.22 -16.09
C ASP D 222 35.18 18.96 -15.41
N LEU D 223 36.08 18.00 -15.22
CA LEU D 223 35.69 16.69 -14.72
C LEU D 223 35.63 16.65 -13.20
N LEU D 224 36.52 17.41 -12.53
CA LEU D 224 36.66 17.33 -11.09
C LEU D 224 35.46 17.95 -10.36
N LYS D 225 34.83 18.94 -10.97
CA LYS D 225 33.77 19.70 -10.30
C LYS D 225 32.49 18.89 -10.16
N ILE D 226 32.23 17.97 -11.07
CA ILE D 226 31.12 17.02 -10.94
C ILE D 226 31.60 15.58 -10.99
N GLN D 227 32.84 15.33 -10.56
CA GLN D 227 33.28 13.96 -10.34
C GLN D 227 32.54 13.33 -9.17
N PHE D 228 32.24 14.13 -8.16
CA PHE D 228 31.59 13.67 -6.94
C PHE D 228 30.19 14.27 -6.79
N GLY D 229 29.65 14.87 -7.85
CA GLY D 229 28.34 15.50 -7.75
C GLY D 229 27.20 14.51 -7.64
N GLY D 230 27.34 13.34 -8.27
CA GLY D 230 26.33 12.31 -8.15
C GLY D 230 25.87 11.72 -9.47
N ALA D 231 25.77 12.54 -10.50
CA ALA D 231 25.25 12.07 -11.78
C ALA D 231 26.29 11.26 -12.52
N GLU D 232 25.85 10.64 -13.62
CA GLU D 232 26.70 9.79 -14.44
C GLU D 232 27.04 10.49 -15.74
N VAL D 233 28.33 10.62 -16.04
CA VAL D 233 28.82 11.33 -17.20
C VAL D 233 29.55 10.33 -18.09
N SER D 234 29.18 10.29 -19.36
CA SER D 234 29.74 9.33 -20.30
C SER D 234 30.05 10.04 -21.61
N GLY D 235 31.29 9.91 -22.07
CA GLY D 235 31.70 10.63 -23.27
C GLY D 235 32.71 9.94 -24.14
N PHE D 236 33.44 10.71 -24.94
CA PHE D 236 34.37 10.18 -25.93
C PHE D 236 35.65 10.98 -25.88
N GLN D 237 36.76 10.30 -25.58
CA GLN D 237 38.08 10.92 -25.64
C GLN D 237 38.95 10.14 -26.61
N ILE D 238 39.34 10.78 -27.71
CA ILE D 238 40.18 10.13 -28.70
C ILE D 238 41.64 10.11 -28.26
N VAL D 239 42.06 11.04 -27.40
CA VAL D 239 43.44 11.09 -26.92
C VAL D 239 43.53 10.10 -25.77
N ASP D 240 43.93 8.88 -26.10
CA ASP D 240 44.11 7.83 -25.11
C ASP D 240 45.44 8.04 -24.41
N TYR D 241 45.39 8.59 -23.19
CA TYR D 241 46.61 8.91 -22.45
C TYR D 241 47.35 7.69 -21.93
N ASP D 242 46.72 6.51 -21.96
CA ASP D 242 47.39 5.29 -21.56
C ASP D 242 48.41 4.81 -22.58
N ASP D 243 48.32 5.27 -23.82
CA ASP D 243 49.25 4.86 -24.85
C ASP D 243 50.62 5.49 -24.63
N SER D 244 51.66 4.68 -24.79
CA SER D 244 53.03 5.16 -24.62
C SER D 244 53.43 6.16 -25.69
N LEU D 245 52.90 6.00 -26.91
CA LEU D 245 53.15 6.98 -27.96
C LEU D 245 52.48 8.31 -27.63
N VAL D 246 51.34 8.26 -26.94
CA VAL D 246 50.71 9.48 -26.46
C VAL D 246 51.45 10.00 -25.23
N SER D 247 51.85 9.11 -24.33
CA SER D 247 52.47 9.53 -23.08
C SER D 247 53.86 10.13 -23.29
N LYS D 248 54.66 9.53 -24.18
CA LYS D 248 55.97 10.09 -24.50
C LYS D 248 55.85 11.41 -25.24
N PHE D 249 54.73 11.63 -25.93
CA PHE D 249 54.46 12.96 -26.48
C PHE D 249 54.17 13.95 -25.35
N ILE D 250 53.37 13.54 -24.37
CA ILE D 250 53.09 14.36 -23.19
C ILE D 250 54.36 14.59 -22.38
N GLU D 251 55.26 13.60 -22.33
CA GLU D 251 56.56 13.80 -21.70
C GLU D 251 57.41 14.82 -22.44
N ARG D 252 57.16 15.02 -23.73
CA ARG D 252 57.73 16.15 -24.44
C ARG D 252 56.83 17.38 -24.38
N TRP D 253 55.51 17.17 -24.34
CA TRP D 253 54.57 18.31 -24.34
C TRP D 253 54.56 19.03 -23.01
N SER D 254 54.34 18.31 -21.91
CA SER D 254 54.21 18.94 -20.60
C SER D 254 55.51 19.51 -20.07
N THR D 255 56.65 19.14 -20.66
CA THR D 255 57.94 19.74 -20.31
C THR D 255 58.29 20.93 -21.18
N LEU D 256 57.41 21.37 -22.06
CA LEU D 256 57.68 22.58 -22.84
C LEU D 256 57.49 23.82 -21.98
N GLU D 257 58.04 24.92 -22.47
CA GLU D 257 57.86 26.20 -21.79
C GLU D 257 56.46 26.72 -22.03
N GLU D 258 55.76 27.06 -20.93
CA GLU D 258 54.42 27.59 -21.06
C GLU D 258 54.44 29.03 -21.57
N LYS D 259 55.50 29.78 -21.26
CA LYS D 259 55.61 31.15 -21.76
C LYS D 259 55.90 31.16 -23.26
N GLU D 260 56.78 30.28 -23.72
CA GLU D 260 57.07 30.19 -25.15
C GLU D 260 55.90 29.58 -25.91
N TYR D 261 55.53 28.35 -25.57
CA TYR D 261 54.39 27.67 -26.16
C TYR D 261 53.23 27.74 -25.18
N PRO D 262 52.21 28.57 -25.45
CA PRO D 262 51.12 28.74 -24.48
C PRO D 262 50.22 27.50 -24.42
N GLY D 263 49.90 27.08 -23.20
CA GLY D 263 49.11 25.89 -23.00
C GLY D 263 49.84 24.59 -23.25
N ALA D 264 51.17 24.57 -23.11
CA ALA D 264 51.94 23.37 -23.40
C ALA D 264 52.38 22.64 -22.14
N HIS D 265 52.79 23.38 -21.10
CA HIS D 265 53.37 22.77 -19.91
C HIS D 265 52.37 21.94 -19.11
N THR D 266 51.07 22.16 -19.31
CA THR D 266 50.06 21.31 -18.72
C THR D 266 50.12 19.91 -19.31
N ALA D 267 49.88 18.91 -18.46
CA ALA D 267 49.94 17.53 -18.92
C ALA D 267 48.77 17.17 -19.82
N THR D 268 47.61 17.78 -19.59
CA THR D 268 46.48 17.59 -20.49
C THR D 268 46.71 18.38 -21.79
N ILE D 269 46.03 17.94 -22.84
CA ILE D 269 46.16 18.57 -24.15
C ILE D 269 44.80 18.51 -24.84
N LYS D 270 44.47 19.57 -25.57
CA LYS D 270 43.29 19.56 -26.42
C LYS D 270 43.48 18.56 -27.55
N TYR D 271 42.37 17.92 -27.95
CA TYR D 271 42.43 16.97 -29.06
C TYR D 271 42.70 17.66 -30.38
N THR D 272 42.26 18.92 -30.51
CA THR D 272 42.58 19.72 -31.69
C THR D 272 44.08 20.00 -31.78
N SER D 273 44.74 20.16 -30.63
CA SER D 273 46.19 20.22 -30.63
C SER D 273 46.81 18.87 -30.95
N ALA D 274 46.15 17.78 -30.54
CA ALA D 274 46.65 16.45 -30.87
C ALA D 274 46.44 16.12 -32.34
N LEU D 275 45.30 16.53 -32.90
CA LEU D 275 45.06 16.32 -34.33
C LEU D 275 45.93 17.24 -35.18
N THR D 276 46.37 18.37 -34.63
CA THR D 276 47.31 19.23 -35.33
C THR D 276 48.67 18.55 -35.47
N TYR D 277 49.17 17.94 -34.39
CA TYR D 277 50.43 17.22 -34.43
C TYR D 277 50.30 15.96 -35.27
N ASP D 278 49.12 15.35 -35.30
CA ASP D 278 48.89 14.20 -36.17
C ASP D 278 48.83 14.62 -37.64
N ALA D 279 48.42 15.86 -37.91
CA ALA D 279 48.32 16.32 -39.29
C ALA D 279 49.70 16.57 -39.90
N VAL D 280 50.68 16.94 -39.08
CA VAL D 280 52.03 17.16 -39.57
C VAL D 280 52.68 15.83 -39.95
N GLN D 281 52.32 14.77 -39.22
CA GLN D 281 52.80 13.42 -39.55
C GLN D 281 52.25 12.96 -40.90
N VAL D 282 51.01 13.34 -41.22
CA VAL D 282 50.43 12.98 -42.50
C VAL D 282 51.03 13.84 -43.62
N MET D 283 51.25 15.13 -43.34
CA MET D 283 51.82 16.03 -44.34
C MET D 283 53.27 15.70 -44.65
N THR D 284 54.04 15.25 -43.65
CA THR D 284 55.42 14.86 -43.90
C THR D 284 55.49 13.56 -44.68
N GLU D 285 54.65 12.59 -44.31
CA GLU D 285 54.60 11.31 -45.01
C GLU D 285 54.10 11.47 -46.44
N ALA D 286 53.29 12.51 -46.71
CA ALA D 286 52.93 12.84 -48.07
C ALA D 286 54.13 13.28 -48.89
N PHE D 287 54.82 14.34 -48.45
CA PHE D 287 55.94 14.85 -49.24
C PHE D 287 57.19 13.98 -49.15
N ARG D 288 57.28 13.08 -48.16
CA ARG D 288 58.27 12.01 -48.28
C ARG D 288 57.93 11.06 -49.42
N ASN D 289 56.65 10.74 -49.59
CA ASN D 289 56.21 9.91 -50.71
C ASN D 289 56.24 10.65 -52.04
N LEU D 290 56.04 11.97 -52.04
CA LEU D 290 56.31 12.76 -53.24
C LEU D 290 57.80 12.80 -53.55
N ARG D 291 58.65 12.69 -52.53
CA ARG D 291 60.07 12.53 -52.79
C ARG D 291 60.39 11.10 -53.23
N LYS D 292 59.62 10.12 -52.77
CA LYS D 292 59.80 8.75 -53.23
C LYS D 292 59.25 8.56 -54.64
N GLN D 293 58.11 9.16 -54.95
CA GLN D 293 57.57 9.09 -56.30
C GLN D 293 58.25 10.06 -57.25
N ARG D 294 58.97 11.05 -56.71
CA ARG D 294 59.77 12.02 -57.47
C ARG D 294 58.94 12.84 -58.45
N ILE D 295 57.69 13.13 -58.08
CA ILE D 295 56.82 13.97 -58.89
C ILE D 295 57.18 15.42 -58.55
N GLU D 296 57.94 16.07 -59.44
CA GLU D 296 58.41 17.41 -59.18
C GLU D 296 57.29 18.41 -59.41
N ILE D 297 56.96 19.16 -58.35
CA ILE D 297 55.80 20.04 -58.33
C ILE D 297 56.23 21.49 -58.18
N SER D 298 57.38 21.84 -58.76
CA SER D 298 58.03 23.13 -58.50
C SER D 298 57.21 24.25 -59.12
N ARG D 299 56.35 24.86 -58.30
CA ARG D 299 55.46 25.93 -58.72
C ARG D 299 55.84 27.24 -58.03
N ARG D 300 56.03 28.28 -58.82
CA ARG D 300 56.10 29.65 -58.34
C ARG D 300 54.68 30.20 -58.24
N GLY D 301 54.53 31.51 -58.13
CA GLY D 301 53.21 32.11 -58.17
C GLY D 301 52.54 32.11 -59.54
N ASN D 302 52.41 30.93 -60.14
CA ASN D 302 51.67 30.77 -61.39
C ASN D 302 50.18 30.66 -61.16
N ALA D 303 49.78 30.11 -60.01
CA ALA D 303 48.39 30.17 -59.59
C ALA D 303 47.95 31.61 -59.41
N GLY D 304 48.65 32.36 -58.55
CA GLY D 304 48.54 33.81 -58.49
C GLY D 304 47.21 34.37 -58.05
N ASP D 305 46.52 35.01 -58.99
CA ASP D 305 45.23 35.61 -58.71
C ASP D 305 44.16 34.54 -58.62
N CYS D 306 43.38 34.56 -57.54
CA CYS D 306 42.22 33.68 -57.43
C CYS D 306 40.99 34.26 -58.10
N LEU D 307 41.07 35.48 -58.62
CA LEU D 307 39.98 36.10 -59.37
C LEU D 307 40.14 35.94 -60.87
N ALA D 308 41.01 35.04 -61.32
CA ALA D 308 41.15 34.78 -62.75
C ALA D 308 39.90 34.09 -63.26
N ASN D 309 39.42 34.53 -64.42
CA ASN D 309 38.11 34.12 -64.93
C ASN D 309 38.28 33.53 -66.33
N PRO D 310 38.29 32.19 -66.47
CA PRO D 310 38.31 31.19 -65.38
C PRO D 310 39.71 30.93 -64.85
N ALA D 311 39.84 30.65 -63.56
CA ALA D 311 41.13 30.29 -62.98
C ALA D 311 41.35 28.78 -63.14
N VAL D 312 42.13 28.40 -64.14
CA VAL D 312 42.48 26.99 -64.38
C VAL D 312 43.80 26.71 -63.66
N PRO D 313 43.84 25.75 -62.73
CA PRO D 313 45.04 25.52 -61.94
C PRO D 313 45.94 24.45 -62.53
N TRP D 314 47.10 24.30 -61.90
CA TRP D 314 48.01 23.21 -62.21
C TRP D 314 47.44 21.91 -61.64
N GLY D 315 47.38 20.87 -62.47
CA GLY D 315 46.70 19.63 -62.15
C GLY D 315 47.53 18.59 -61.43
N GLN D 316 48.75 18.91 -61.00
CA GLN D 316 49.54 17.95 -60.25
C GLN D 316 49.12 17.86 -58.80
N GLY D 317 48.28 18.78 -58.33
CA GLY D 317 47.76 18.71 -56.98
C GLY D 317 46.71 17.65 -56.78
N VAL D 318 46.16 17.12 -57.87
CA VAL D 318 45.21 16.01 -57.79
C VAL D 318 45.90 14.77 -57.24
N GLU D 319 47.12 14.48 -57.71
CA GLU D 319 47.90 13.39 -57.15
C GLU D 319 48.37 13.71 -55.73
N ILE D 320 48.64 14.98 -55.44
CA ILE D 320 48.96 15.41 -54.08
C ILE D 320 47.74 15.20 -53.17
N GLU D 321 46.54 15.42 -53.71
CA GLU D 321 45.33 15.04 -53.00
C GLU D 321 45.24 13.54 -52.83
N ARG D 322 45.64 12.78 -53.86
CA ARG D 322 45.63 11.32 -53.77
C ARG D 322 46.69 10.83 -52.79
N ALA D 323 47.90 11.39 -52.86
CA ALA D 323 49.00 10.95 -52.01
C ALA D 323 48.77 11.27 -50.55
N LEU D 324 47.99 12.31 -50.23
CA LEU D 324 47.53 12.50 -48.86
C LEU D 324 46.60 11.37 -48.44
N LYS D 325 45.67 10.99 -49.33
CA LYS D 325 44.71 9.93 -49.04
C LYS D 325 45.35 8.54 -49.04
N GLN D 326 46.55 8.40 -49.61
CA GLN D 326 47.31 7.16 -49.55
C GLN D 326 48.12 7.01 -48.26
N VAL D 327 48.25 8.08 -47.48
CA VAL D 327 49.02 8.01 -46.24
C VAL D 327 48.22 7.23 -45.20
N GLN D 328 48.82 6.14 -44.71
CA GLN D 328 48.26 5.36 -43.60
C GLN D 328 49.31 5.35 -42.49
N VAL D 329 49.18 6.25 -41.52
CA VAL D 329 50.10 6.35 -40.40
C VAL D 329 49.32 6.23 -39.10
N GLU D 330 50.05 5.97 -38.03
CA GLU D 330 49.50 6.00 -36.68
C GLU D 330 49.66 7.40 -36.11
N GLY D 331 49.41 7.53 -34.81
CA GLY D 331 49.61 8.79 -34.16
C GLY D 331 48.90 8.88 -32.83
N LEU D 332 48.57 10.11 -32.45
CA LEU D 332 47.89 10.35 -31.19
C LEU D 332 46.42 9.92 -31.25
N SER D 333 45.85 9.86 -32.44
CA SER D 333 44.46 9.47 -32.65
C SER D 333 44.32 8.09 -33.28
N GLY D 334 45.26 7.19 -33.00
CA GLY D 334 45.19 5.85 -33.56
C GLY D 334 45.63 5.82 -35.02
N ASN D 335 45.10 4.84 -35.75
CA ASN D 335 45.44 4.70 -37.16
C ASN D 335 44.72 5.77 -37.98
N ILE D 336 45.46 6.38 -38.89
CA ILE D 336 44.95 7.48 -39.71
C ILE D 336 44.92 6.98 -41.14
N LYS D 337 43.79 6.44 -41.57
CA LYS D 337 43.56 6.02 -42.94
C LYS D 337 42.48 6.92 -43.53
N PHE D 338 42.59 7.21 -44.83
CA PHE D 338 41.67 8.10 -45.50
C PHE D 338 40.88 7.35 -46.56
N ASP D 339 39.69 7.86 -46.85
CA ASP D 339 38.89 7.39 -47.98
C ASP D 339 39.31 8.15 -49.23
N GLN D 340 38.49 8.06 -50.28
CA GLN D 340 38.69 8.84 -51.49
C GLN D 340 38.19 10.27 -51.38
N ASN D 341 37.78 10.71 -50.19
CA ASN D 341 37.17 12.02 -50.00
C ASN D 341 37.78 12.81 -48.86
N GLY D 342 38.82 12.28 -48.20
CA GLY D 342 39.45 12.96 -47.09
C GLY D 342 38.90 12.62 -45.73
N LYS D 343 37.79 11.90 -45.65
CA LYS D 343 37.24 11.49 -44.37
C LYS D 343 38.10 10.38 -43.78
N ARG D 344 38.37 10.49 -42.48
CA ARG D 344 39.19 9.50 -41.79
C ARG D 344 38.45 8.18 -41.67
N ILE D 345 39.17 7.10 -41.93
CA ILE D 345 38.65 5.74 -41.81
C ILE D 345 39.68 4.90 -41.06
N ASN D 346 39.25 3.70 -40.65
CA ASN D 346 40.05 2.73 -39.88
C ASN D 346 40.60 3.36 -38.59
N TYR D 347 39.75 4.12 -37.92
CA TYR D 347 40.05 4.72 -36.63
C TYR D 347 39.34 3.94 -35.52
N THR D 348 39.57 4.35 -34.28
CA THR D 348 38.92 3.73 -33.14
C THR D 348 38.67 4.78 -32.07
N ILE D 349 37.40 5.06 -31.78
CA ILE D 349 37.01 6.05 -30.79
C ILE D 349 36.83 5.35 -29.44
N ASN D 350 37.49 5.89 -28.41
CA ASN D 350 37.45 5.30 -27.08
C ASN D 350 36.29 5.89 -26.29
N ILE D 351 35.36 5.02 -25.89
CA ILE D 351 34.25 5.44 -25.05
C ILE D 351 34.77 5.63 -23.62
N MET D 352 34.63 6.84 -23.11
CA MET D 352 35.17 7.21 -21.80
C MET D 352 34.06 7.67 -20.87
N GLU D 353 34.06 7.12 -19.65
CA GLU D 353 33.06 7.47 -18.65
C GLU D 353 33.74 8.11 -17.45
N LEU D 354 33.24 9.28 -17.05
CA LEU D 354 33.64 9.89 -15.79
C LEU D 354 33.03 9.11 -14.63
N LYS D 355 33.87 8.61 -13.76
CA LYS D 355 33.46 7.83 -12.60
C LYS D 355 33.89 8.57 -11.33
N THR D 356 33.76 7.88 -10.20
CA THR D 356 34.24 8.43 -8.93
C THR D 356 35.76 8.58 -8.93
N ASN D 357 36.48 7.60 -9.47
CA ASN D 357 37.93 7.67 -9.58
C ASN D 357 38.40 8.54 -10.75
N GLY D 358 37.50 9.00 -11.61
CA GLY D 358 37.85 9.83 -12.73
C GLY D 358 37.36 9.25 -14.04
N PRO D 359 38.01 9.63 -15.15
CA PRO D 359 37.61 9.07 -16.45
C PRO D 359 38.00 7.61 -16.57
N ARG D 360 37.15 6.86 -17.26
CA ARG D 360 37.32 5.41 -17.33
C ARG D 360 36.77 4.90 -18.66
N LYS D 361 37.55 4.04 -19.31
CA LYS D 361 37.13 3.42 -20.56
C LYS D 361 36.28 2.20 -20.28
N ILE D 362 35.13 2.11 -20.94
CA ILE D 362 34.30 0.90 -20.90
C ILE D 362 34.26 0.18 -22.24
N GLY D 363 34.71 0.80 -23.31
CA GLY D 363 34.62 0.19 -24.63
C GLY D 363 35.30 1.05 -25.68
N TYR D 364 35.36 0.47 -26.89
CA TYR D 364 35.97 1.13 -28.02
C TYR D 364 35.05 0.97 -29.23
N TRP D 365 35.09 1.96 -30.11
CA TRP D 365 34.28 1.97 -31.32
C TRP D 365 35.13 2.27 -32.54
N SER D 366 35.23 1.30 -33.44
CA SER D 366 35.78 1.52 -34.77
C SER D 366 34.61 1.65 -35.74
N GLU D 367 34.93 1.99 -36.99
CA GLU D 367 33.90 2.35 -37.96
C GLU D 367 33.10 1.14 -38.41
N VAL D 368 33.73 -0.03 -38.55
CA VAL D 368 33.06 -1.23 -38.98
C VAL D 368 33.10 -2.25 -37.85
N ASP D 369 34.10 -2.10 -36.97
CA ASP D 369 34.17 -2.88 -35.74
C ASP D 369 33.51 -2.04 -34.66
N LYS D 370 32.22 -2.26 -34.47
CA LYS D 370 31.39 -1.34 -33.69
C LYS D 370 31.63 -1.55 -32.19
N MET D 371 30.73 -1.00 -31.37
CA MET D 371 31.02 -0.76 -29.95
C MET D 371 31.17 -2.05 -29.16
N VAL D 372 32.42 -2.45 -28.97
CA VAL D 372 32.79 -3.64 -28.21
C VAL D 372 33.27 -3.17 -26.86
N LEU D 373 32.70 -3.75 -25.79
CA LEU D 373 33.02 -3.31 -24.45
C LEU D 373 34.43 -3.71 -24.05
N THR D 374 35.07 -2.87 -23.26
CA THR D 374 36.43 -3.09 -22.76
C THR D 374 36.36 -3.22 -21.24
N GLU D 375 37.17 -4.19 -20.74
CA GLU D 375 37.15 -4.83 -19.42
C GLU D 375 36.83 -3.91 -18.25
N ASP D 376 36.08 -4.45 -17.28
CA ASP D 376 35.33 -3.69 -16.30
C ASP D 376 35.70 -4.08 -14.87
N ASP D 377 36.98 -4.05 -14.53
CA ASP D 377 37.42 -4.32 -13.16
C ASP D 377 36.95 -3.17 -12.27
N THR D 378 35.78 -3.34 -11.67
CA THR D 378 35.15 -2.30 -10.86
C THR D 378 35.70 -2.37 -9.43
N SER D 379 36.95 -1.92 -9.28
CA SER D 379 37.52 -1.80 -7.95
C SER D 379 36.92 -0.61 -7.21
N GLY D 380 36.97 0.57 -7.82
CA GLY D 380 36.22 1.70 -7.29
C GLY D 380 34.73 1.50 -7.50
N LEU D 381 33.94 2.01 -6.54
CA LEU D 381 32.50 1.76 -6.40
C LEU D 381 32.22 0.25 -6.39
N GLU D 382 32.77 -0.39 -5.37
CA GLU D 382 32.81 -1.85 -5.28
C GLU D 382 31.42 -2.37 -4.92
N GLN D 383 30.64 -2.63 -5.96
CA GLN D 383 29.30 -3.21 -5.84
C GLN D 383 29.21 -4.59 -6.46
N LYS D 384 29.75 -4.75 -7.67
CA LYS D 384 30.01 -6.01 -8.39
C LYS D 384 28.84 -7.01 -8.38
N THR D 385 27.63 -6.47 -8.62
CA THR D 385 26.39 -7.14 -9.06
C THR D 385 26.13 -8.53 -8.48
N VAL D 386 25.87 -8.57 -7.16
CA VAL D 386 25.95 -9.76 -6.30
C VAL D 386 25.15 -10.93 -6.87
N VAL D 387 25.88 -11.99 -7.22
CA VAL D 387 25.28 -13.15 -7.86
C VAL D 387 24.41 -13.89 -6.85
N VAL D 388 23.12 -13.97 -7.14
CA VAL D 388 22.17 -14.66 -6.28
C VAL D 388 21.86 -16.00 -6.95
N THR D 389 22.46 -17.08 -6.44
CA THR D 389 22.15 -18.39 -6.98
C THR D 389 20.86 -18.92 -6.37
N THR D 390 20.17 -19.74 -7.15
CA THR D 390 18.88 -20.31 -6.75
C THR D 390 18.60 -21.53 -7.63
N ILE D 391 17.39 -22.06 -7.49
CA ILE D 391 16.96 -23.26 -8.19
C ILE D 391 15.48 -23.09 -8.54
N LEU D 392 15.06 -23.64 -9.68
CA LEU D 392 13.68 -23.52 -10.15
C LEU D 392 12.75 -24.30 -9.23
N GLU D 393 12.02 -23.58 -8.37
CA GLU D 393 11.10 -24.19 -7.44
C GLU D 393 9.78 -23.44 -7.47
N SER D 394 8.69 -24.18 -7.57
CA SER D 394 7.40 -23.52 -7.44
C SER D 394 6.96 -23.52 -5.97
N PRO D 395 6.50 -22.38 -5.44
CA PRO D 395 6.39 -21.06 -6.08
C PRO D 395 7.55 -20.14 -5.76
N TYR D 396 8.73 -20.70 -5.57
CA TYR D 396 9.86 -19.92 -5.07
C TYR D 396 10.63 -19.24 -6.19
N VAL D 397 11.04 -20.01 -7.20
CA VAL D 397 11.56 -19.47 -8.46
C VAL D 397 10.91 -20.22 -9.60
N MET D 398 10.10 -19.53 -10.39
CA MET D 398 9.43 -20.09 -11.54
C MET D 398 9.81 -19.29 -12.78
N MET D 399 9.56 -19.88 -13.94
CA MET D 399 9.82 -19.22 -15.20
C MET D 399 8.62 -18.39 -15.63
N LYS D 400 8.88 -17.32 -16.37
CA LYS D 400 7.82 -16.50 -16.90
C LYS D 400 7.14 -17.19 -18.09
N LYS D 401 5.98 -16.66 -18.47
CA LYS D 401 5.38 -17.08 -19.74
C LYS D 401 6.00 -16.32 -20.90
N ASN D 402 6.58 -15.16 -20.63
CA ASN D 402 7.35 -14.41 -21.62
C ASN D 402 8.80 -14.29 -21.17
N HIS D 403 9.37 -15.40 -20.69
CA HIS D 403 10.76 -15.40 -20.24
C HIS D 403 11.73 -15.22 -21.40
N GLU D 404 11.34 -15.63 -22.60
CA GLU D 404 12.13 -15.32 -23.78
C GLU D 404 12.11 -13.83 -24.09
N MET D 405 11.00 -13.15 -23.78
CA MET D 405 10.88 -11.72 -24.00
C MET D 405 11.56 -10.90 -22.92
N LEU D 406 11.65 -11.41 -21.70
CA LEU D 406 12.26 -10.70 -20.58
C LEU D 406 13.74 -11.02 -20.51
N GLU D 407 14.44 -10.28 -19.64
CA GLU D 407 15.89 -10.32 -19.59
C GLU D 407 16.38 -10.48 -18.16
N GLY D 408 17.25 -11.46 -17.94
CA GLY D 408 17.97 -11.61 -16.69
C GLY D 408 17.13 -11.93 -15.47
N ASN D 409 17.07 -10.97 -14.54
CA ASN D 409 16.29 -11.16 -13.32
C ASN D 409 14.79 -11.12 -13.59
N GLU D 410 14.36 -10.44 -14.66
CA GLU D 410 12.94 -10.39 -15.00
C GLU D 410 12.43 -11.71 -15.55
N ARG D 411 13.32 -12.56 -16.06
CA ARG D 411 12.92 -13.88 -16.55
C ARG D 411 12.47 -14.82 -15.44
N TYR D 412 12.81 -14.52 -14.20
CA TYR D 412 12.55 -15.41 -13.07
C TYR D 412 11.50 -14.78 -12.16
N GLU D 413 10.43 -15.53 -11.93
CA GLU D 413 9.37 -15.10 -11.02
C GLU D 413 9.29 -16.07 -9.87
N GLY D 414 8.69 -15.63 -8.77
CA GLY D 414 8.46 -16.53 -7.67
C GLY D 414 8.67 -15.84 -6.34
N TYR D 415 8.65 -16.65 -5.28
CA TYR D 415 8.71 -16.13 -3.92
C TYR D 415 10.09 -15.57 -3.60
N CYS D 416 11.15 -16.24 -4.06
CA CYS D 416 12.50 -15.77 -3.80
C CYS D 416 12.84 -14.53 -4.61
N VAL D 417 12.12 -14.27 -5.70
CA VAL D 417 12.37 -13.08 -6.50
C VAL D 417 11.88 -11.84 -5.77
N ASP D 418 10.73 -11.94 -5.10
CA ASP D 418 10.21 -10.81 -4.33
C ASP D 418 11.05 -10.54 -3.10
N LEU D 419 11.67 -11.58 -2.53
CA LEU D 419 12.58 -11.37 -1.41
C LEU D 419 13.88 -10.72 -1.85
N ALA D 420 14.42 -11.13 -3.00
CA ALA D 420 15.71 -10.63 -3.48
C ALA D 420 15.65 -9.15 -3.84
N ALA D 421 14.47 -8.65 -4.22
CA ALA D 421 14.30 -7.21 -4.36
C ALA D 421 14.35 -6.53 -2.99
N GLU D 422 13.72 -7.13 -1.98
CA GLU D 422 13.70 -6.55 -0.65
C GLU D 422 15.06 -6.62 0.05
N ILE D 423 15.85 -7.66 -0.23
CA ILE D 423 17.22 -7.71 0.25
C ILE D 423 18.05 -6.63 -0.44
N ALA D 424 17.78 -6.41 -1.73
CA ALA D 424 18.40 -5.28 -2.43
C ALA D 424 17.87 -3.94 -1.91
N LYS D 425 16.64 -3.92 -1.38
CA LYS D 425 16.14 -2.72 -0.74
C LYS D 425 16.76 -2.53 0.64
N HIS D 426 17.22 -3.61 1.27
CA HIS D 426 17.81 -3.51 2.60
C HIS D 426 19.32 -3.34 2.55
N CYS D 427 20.00 -4.11 1.71
CA CYS D 427 21.46 -4.09 1.66
C CYS D 427 22.03 -3.22 0.54
N GLY D 428 21.21 -2.80 -0.43
CA GLY D 428 21.63 -1.87 -1.45
C GLY D 428 22.63 -2.42 -2.46
N PHE D 429 22.18 -3.35 -3.30
CA PHE D 429 23.07 -3.98 -4.26
C PHE D 429 22.29 -4.39 -5.50
N LYS D 430 23.01 -4.48 -6.61
CA LYS D 430 22.47 -5.13 -7.80
C LYS D 430 22.57 -6.65 -7.66
N TYR D 431 21.50 -7.32 -8.03
CA TYR D 431 21.42 -8.76 -7.85
C TYR D 431 21.28 -9.45 -9.19
N LYS D 432 21.83 -10.66 -9.29
CA LYS D 432 21.72 -11.48 -10.49
C LYS D 432 21.17 -12.84 -10.08
N LEU D 433 19.90 -13.08 -10.38
CA LEU D 433 19.27 -14.37 -10.11
C LEU D 433 19.78 -15.39 -11.12
N THR D 434 20.38 -16.47 -10.63
CA THR D 434 20.97 -17.51 -11.46
C THR D 434 20.47 -18.88 -11.00
N ILE D 435 19.99 -19.67 -11.94
CA ILE D 435 19.57 -21.04 -11.65
C ILE D 435 20.82 -21.92 -11.56
N VAL D 436 20.84 -22.80 -10.56
CA VAL D 436 21.91 -23.77 -10.43
C VAL D 436 21.83 -24.77 -11.57
N GLY D 437 22.99 -25.26 -12.02
CA GLY D 437 23.02 -26.07 -13.23
C GLY D 437 22.60 -27.51 -13.00
N ASP D 438 23.17 -28.16 -11.98
CA ASP D 438 22.94 -29.58 -11.77
C ASP D 438 21.56 -29.91 -11.20
N GLY D 439 20.80 -28.91 -10.77
CA GLY D 439 19.53 -29.17 -10.14
C GLY D 439 19.61 -29.66 -8.72
N LYS D 440 20.79 -29.61 -8.10
CA LYS D 440 20.97 -30.03 -6.72
C LYS D 440 20.83 -28.83 -5.79
N TYR D 441 20.44 -29.12 -4.55
CA TYR D 441 20.25 -28.05 -3.58
C TYR D 441 21.53 -27.69 -2.83
N GLY D 442 22.64 -28.36 -3.13
CA GLY D 442 23.83 -28.15 -2.36
C GLY D 442 24.10 -29.29 -1.40
N ALA D 443 23.95 -30.52 -1.86
CA ALA D 443 24.29 -31.68 -1.07
C ALA D 443 25.81 -31.86 -1.02
N ARG D 444 26.25 -32.79 -0.19
CA ARG D 444 27.66 -33.15 -0.12
C ARG D 444 27.86 -34.55 -0.65
N ASP D 445 28.84 -34.70 -1.54
CA ASP D 445 29.23 -36.01 -2.01
C ASP D 445 29.92 -36.78 -0.88
N ALA D 446 29.77 -38.10 -0.92
CA ALA D 446 30.41 -38.98 0.05
C ALA D 446 31.76 -39.50 -0.41
N ASP D 447 32.00 -39.54 -1.71
CA ASP D 447 33.25 -40.06 -2.25
C ASP D 447 34.27 -38.94 -2.48
N THR D 448 33.90 -37.95 -3.30
CA THR D 448 34.80 -36.84 -3.57
C THR D 448 34.81 -35.81 -2.44
N LYS D 449 33.79 -35.84 -1.57
CA LYS D 449 33.56 -34.85 -0.52
C LYS D 449 33.49 -33.44 -1.09
N ILE D 450 32.92 -33.32 -2.28
CA ILE D 450 32.76 -32.04 -2.97
C ILE D 450 31.29 -31.67 -2.97
N TRP D 451 31.00 -30.48 -2.44
CA TRP D 451 29.64 -29.97 -2.45
C TRP D 451 29.21 -29.65 -3.88
N ASN D 452 28.16 -30.29 -4.34
CA ASN D 452 27.54 -29.91 -5.60
C ASN D 452 26.50 -28.82 -5.32
N GLY D 453 25.65 -28.53 -6.31
CA GLY D 453 24.50 -27.67 -6.11
C GLY D 453 24.87 -26.22 -5.82
N MET D 454 24.06 -25.61 -4.96
CA MET D 454 24.21 -24.19 -4.67
C MET D 454 25.25 -23.93 -3.60
N VAL D 455 25.46 -24.89 -2.70
CA VAL D 455 26.45 -24.73 -1.65
C VAL D 455 27.86 -24.75 -2.22
N GLY D 456 28.13 -25.67 -3.16
CA GLY D 456 29.42 -25.71 -3.80
C GLY D 456 29.70 -24.51 -4.68
N GLU D 457 28.64 -23.86 -5.18
CA GLU D 457 28.82 -22.58 -5.84
C GLU D 457 29.17 -21.47 -4.85
N LEU D 458 28.82 -21.64 -3.58
CA LEU D 458 29.20 -20.65 -2.58
C LEU D 458 30.55 -20.96 -1.96
N VAL D 459 30.90 -22.26 -1.85
CA VAL D 459 32.19 -22.64 -1.30
C VAL D 459 33.31 -22.32 -2.27
N TYR D 460 33.14 -22.67 -3.55
CA TYR D 460 34.19 -22.54 -4.55
C TYR D 460 34.21 -21.16 -5.20
N GLY D 461 33.48 -20.20 -4.66
CA GLY D 461 33.48 -18.85 -5.17
C GLY D 461 32.72 -18.65 -6.46
N LYS D 462 31.92 -19.62 -6.89
CA LYS D 462 31.16 -19.48 -8.13
C LYS D 462 30.00 -18.51 -7.95
N ALA D 463 29.31 -18.56 -6.81
CA ALA D 463 28.17 -17.71 -6.53
C ALA D 463 28.44 -16.85 -5.31
N ASP D 464 27.72 -15.73 -5.23
CA ASP D 464 27.97 -14.75 -4.17
C ASP D 464 27.01 -14.91 -2.99
N ILE D 465 25.76 -15.31 -3.23
CA ILE D 465 24.79 -15.52 -2.16
C ILE D 465 23.72 -16.45 -2.71
N ALA D 466 22.96 -17.10 -1.80
CA ALA D 466 21.93 -18.04 -2.18
C ALA D 466 20.60 -17.65 -1.52
N ILE D 467 19.59 -17.40 -2.35
CA ILE D 467 18.23 -17.17 -1.89
C ILE D 467 17.39 -18.26 -2.54
N ALA D 468 17.02 -19.27 -1.77
CA ALA D 468 16.49 -20.52 -2.31
C ALA D 468 15.81 -21.29 -1.19
N PRO D 469 14.96 -22.28 -1.53
CA PRO D 469 14.41 -23.17 -0.48
C PRO D 469 15.47 -24.11 0.07
N LEU D 470 16.30 -23.62 0.97
CA LEU D 470 17.46 -24.37 1.46
C LEU D 470 17.25 -24.68 2.93
N THR D 471 16.94 -25.94 3.23
CA THR D 471 16.71 -26.37 4.60
C THR D 471 18.04 -26.40 5.37
N ILE D 472 18.06 -25.77 6.53
CA ILE D 472 19.30 -25.61 7.29
C ILE D 472 19.62 -26.93 8.00
N THR D 473 20.76 -27.51 7.66
CA THR D 473 21.33 -28.63 8.39
C THR D 473 22.63 -28.18 9.05
N LEU D 474 23.27 -29.11 9.76
CA LEU D 474 24.54 -28.78 10.42
C LEU D 474 25.68 -28.72 9.41
N VAL D 475 25.76 -29.73 8.53
CA VAL D 475 26.88 -29.84 7.62
C VAL D 475 26.88 -28.76 6.55
N ARG D 476 25.72 -28.19 6.24
CA ARG D 476 25.68 -27.03 5.36
C ARG D 476 26.23 -25.79 6.05
N GLU D 477 25.96 -25.62 7.34
CA GLU D 477 26.54 -24.52 8.10
C GLU D 477 28.04 -24.71 8.34
N GLU D 478 28.54 -25.94 8.22
CA GLU D 478 29.96 -26.20 8.42
C GLU D 478 30.84 -25.61 7.31
N VAL D 479 30.27 -25.22 6.18
CA VAL D 479 31.07 -24.67 5.08
C VAL D 479 30.67 -23.24 4.72
N ILE D 480 29.39 -22.90 4.91
CA ILE D 480 28.87 -21.57 4.57
C ILE D 480 28.01 -21.08 5.74
N ASP D 481 27.51 -19.86 5.62
CA ASP D 481 26.75 -19.22 6.69
C ASP D 481 25.31 -19.00 6.27
N PHE D 482 24.38 -19.51 7.07
CA PHE D 482 22.97 -19.19 6.88
C PHE D 482 22.59 -17.90 7.60
N SER D 483 21.42 -17.38 7.26
CA SER D 483 20.77 -16.35 8.06
C SER D 483 19.80 -17.04 9.03
N LYS D 484 18.92 -16.28 9.66
CA LYS D 484 17.90 -16.87 10.51
C LYS D 484 16.86 -17.58 9.63
N PRO D 485 16.23 -18.64 10.15
CA PRO D 485 15.16 -19.29 9.40
C PRO D 485 13.93 -18.42 9.27
N PHE D 486 13.72 -17.89 8.07
CA PHE D 486 12.55 -17.08 7.76
C PHE D 486 11.29 -17.90 7.56
N MET D 487 11.43 -19.18 7.21
CA MET D 487 10.28 -20.02 6.91
C MET D 487 10.48 -21.34 7.64
N SER D 488 9.87 -21.47 8.81
CA SER D 488 9.93 -22.71 9.55
C SER D 488 8.87 -23.69 9.05
N LEU D 489 9.26 -24.95 8.95
CA LEU D 489 8.43 -25.98 8.34
C LEU D 489 8.87 -27.33 8.89
N GLY D 490 8.37 -28.39 8.25
CA GLY D 490 8.72 -29.74 8.66
C GLY D 490 8.00 -30.73 7.78
N ILE D 491 8.09 -32.01 8.18
CA ILE D 491 7.43 -33.06 7.42
C ILE D 491 5.93 -33.01 7.68
N SER D 492 5.17 -32.72 6.64
CA SER D 492 3.72 -32.68 6.71
C SER D 492 3.15 -33.95 6.12
N ILE D 493 1.85 -34.13 6.30
CA ILE D 493 1.17 -35.35 5.86
C ILE D 493 0.22 -34.97 4.74
N MET D 494 0.66 -35.15 3.49
CA MET D 494 -0.19 -34.97 2.33
C MET D 494 -1.00 -36.23 2.08
N ILE D 495 -2.30 -36.16 2.31
CA ILE D 495 -3.21 -37.23 1.95
C ILE D 495 -4.26 -36.67 0.99
N LYS D 496 -5.18 -37.54 0.59
CA LYS D 496 -6.32 -37.12 -0.22
C LYS D 496 -7.24 -36.27 0.64
N LYS D 497 -8.02 -35.39 0.05
CA LYS D 497 -9.13 -34.81 0.79
C LYS D 497 -10.26 -35.83 0.85
N PRO D 498 -10.83 -36.11 2.01
CA PRO D 498 -11.88 -37.12 2.10
C PRO D 498 -13.19 -36.63 1.53
N GLN D 499 -13.82 -37.51 0.74
CA GLN D 499 -15.05 -37.12 0.04
C GLN D 499 -16.01 -38.32 0.00
N LYS D 500 -16.88 -38.37 1.01
CA LYS D 500 -18.09 -39.20 1.04
C LYS D 500 -17.77 -40.69 0.89
N SER D 501 -17.09 -41.22 1.93
CA SER D 501 -16.74 -42.63 1.98
C SER D 501 -17.99 -43.50 1.99
N LYS D 502 -17.82 -44.73 1.52
CA LYS D 502 -18.95 -45.60 1.17
C LYS D 502 -19.70 -46.08 2.42
N PRO D 503 -20.96 -45.73 2.57
CA PRO D 503 -21.73 -46.18 3.74
C PRO D 503 -22.31 -47.57 3.53
N GLY D 504 -23.05 -48.20 4.55
CA GLY D 504 -23.73 -49.48 4.52
C GLY D 504 -24.36 -49.98 5.80
N VAL D 505 -23.98 -51.20 6.21
CA VAL D 505 -24.75 -51.95 7.21
C VAL D 505 -24.53 -51.38 8.61
N PHE D 506 -23.29 -51.40 9.08
CA PHE D 506 -23.00 -50.94 10.44
C PHE D 506 -23.09 -49.43 10.58
N SER D 507 -23.07 -48.70 9.47
CA SER D 507 -23.18 -47.25 9.47
C SER D 507 -24.63 -46.77 9.35
N PHE D 508 -25.60 -47.68 9.28
CA PHE D 508 -27.00 -47.28 9.45
C PHE D 508 -27.29 -46.91 10.90
N LEU D 509 -26.51 -47.44 11.83
CA LEU D 509 -26.74 -47.28 13.26
C LEU D 509 -26.06 -46.02 13.82
N ASP D 510 -25.88 -44.98 13.01
CA ASP D 510 -25.12 -43.81 13.46
C ASP D 510 -25.91 -42.81 14.33
N PRO D 511 -27.14 -42.36 13.98
CA PRO D 511 -27.75 -41.28 14.80
C PRO D 511 -28.21 -41.71 16.19
N LEU D 512 -28.18 -43.00 16.51
CA LEU D 512 -28.45 -43.49 17.84
C LEU D 512 -27.26 -44.33 18.27
N ALA D 513 -26.74 -44.07 19.47
CA ALA D 513 -25.46 -44.64 19.87
C ALA D 513 -25.56 -46.13 20.18
N TYR D 514 -24.41 -46.80 20.09
CA TYR D 514 -24.34 -48.26 20.22
C TYR D 514 -24.71 -48.75 21.61
N GLU D 515 -24.38 -47.97 22.65
CA GLU D 515 -24.85 -48.31 23.98
C GLU D 515 -26.36 -48.09 24.12
N ILE D 516 -26.91 -47.19 23.32
CA ILE D 516 -28.35 -46.92 23.37
C ILE D 516 -29.11 -47.94 22.52
N TRP D 517 -28.47 -48.52 21.49
CA TRP D 517 -29.09 -49.62 20.74
C TRP D 517 -29.30 -50.85 21.60
N MET D 518 -28.45 -51.05 22.61
CA MET D 518 -28.66 -52.17 23.53
C MET D 518 -29.71 -51.80 24.58
N CYS D 519 -29.69 -50.56 25.06
CA CYS D 519 -30.60 -50.14 26.12
C CYS D 519 -32.01 -49.84 25.61
N ILE D 520 -32.19 -49.66 24.29
CA ILE D 520 -33.54 -49.54 23.75
C ILE D 520 -34.18 -50.93 23.65
N VAL D 521 -33.36 -51.98 23.64
CA VAL D 521 -33.88 -53.34 23.68
C VAL D 521 -33.95 -53.85 25.12
N PHE D 522 -33.02 -53.43 25.98
CA PHE D 522 -33.00 -53.87 27.36
C PHE D 522 -34.19 -53.31 28.15
N ALA D 523 -34.44 -52.00 28.03
CA ALA D 523 -35.58 -51.39 28.72
C ALA D 523 -36.92 -51.76 28.09
N TYR D 524 -36.91 -52.33 26.88
CA TYR D 524 -38.15 -52.73 26.22
C TYR D 524 -38.77 -53.96 26.87
N ILE D 525 -37.95 -54.97 27.14
CA ILE D 525 -38.48 -56.24 27.64
C ILE D 525 -38.87 -56.18 29.11
N GLY D 526 -38.53 -55.10 29.82
CA GLY D 526 -39.02 -54.94 31.18
C GLY D 526 -40.43 -54.41 31.26
N VAL D 527 -41.01 -53.98 30.14
CA VAL D 527 -42.34 -53.38 30.16
C VAL D 527 -43.42 -54.45 30.10
N SER D 528 -43.19 -55.51 29.32
CA SER D 528 -44.24 -56.50 29.05
C SER D 528 -44.48 -57.46 30.21
N VAL D 529 -43.66 -57.41 31.27
CA VAL D 529 -43.84 -58.32 32.38
C VAL D 529 -44.98 -57.87 33.31
N VAL D 530 -45.36 -56.60 33.27
CA VAL D 530 -46.38 -56.09 34.18
C VAL D 530 -47.77 -56.37 33.63
N LEU D 531 -47.96 -56.20 32.32
CA LEU D 531 -49.26 -56.39 31.68
C LEU D 531 -49.69 -57.85 31.62
N PHE D 532 -48.80 -58.79 31.90
CA PHE D 532 -49.19 -60.19 32.01
C PHE D 532 -50.06 -60.45 33.22
N LEU D 533 -49.90 -59.66 34.29
CA LEU D 533 -50.71 -59.78 35.48
C LEU D 533 -52.12 -59.21 35.31
N VAL D 534 -52.38 -58.50 34.21
CA VAL D 534 -53.70 -57.95 33.97
C VAL D 534 -54.67 -59.06 33.58
N SER D 535 -54.33 -59.82 32.54
CA SER D 535 -55.16 -60.92 32.08
C SER D 535 -54.71 -62.24 32.69
N ILE D 564 -45.62 -61.79 29.65
CA ILE D 564 -44.65 -62.86 29.88
C ILE D 564 -44.65 -63.84 28.73
N PHE D 565 -45.84 -64.15 28.21
CA PHE D 565 -46.00 -65.07 27.08
C PHE D 565 -46.67 -64.42 25.88
N ASN D 566 -47.69 -63.59 26.11
CA ASN D 566 -48.37 -62.89 25.03
C ASN D 566 -48.07 -61.40 25.01
N SER D 567 -47.83 -60.79 26.17
CA SER D 567 -47.71 -59.34 26.31
C SER D 567 -46.45 -58.75 25.67
N LEU D 568 -45.49 -59.58 25.26
CA LEU D 568 -44.36 -59.06 24.50
C LEU D 568 -44.79 -58.61 23.12
N TRP D 569 -45.71 -59.35 22.49
CA TRP D 569 -46.34 -58.88 21.26
C TRP D 569 -47.33 -57.76 21.52
N PHE D 570 -47.93 -57.72 22.70
CA PHE D 570 -48.76 -56.57 23.06
C PHE D 570 -47.93 -55.40 23.57
N SER D 571 -46.63 -55.62 23.83
CA SER D 571 -45.73 -54.50 23.98
C SER D 571 -45.21 -54.02 22.62
N LEU D 572 -45.40 -54.84 21.57
CA LEU D 572 -45.13 -54.39 20.21
C LEU D 572 -46.22 -53.45 19.71
N GLY D 573 -47.42 -53.52 20.29
CA GLY D 573 -48.42 -52.50 20.05
C GLY D 573 -48.06 -51.18 20.71
N ALA D 574 -47.22 -51.23 21.75
CA ALA D 574 -46.64 -50.04 22.36
C ALA D 574 -45.16 -49.90 22.06
N PHE D 575 -44.68 -50.60 21.02
CA PHE D 575 -43.29 -50.45 20.60
C PHE D 575 -43.06 -49.08 20.00
N MET D 576 -43.72 -48.79 18.88
CA MET D 576 -43.92 -47.41 18.44
C MET D 576 -45.39 -47.08 18.26
N GLN D 577 -46.11 -47.91 17.49
CA GLN D 577 -47.48 -47.64 17.04
C GLN D 577 -48.21 -48.97 16.89
N GLN D 578 -49.28 -48.99 16.08
CA GLN D 578 -50.06 -50.19 15.74
C GLN D 578 -50.70 -50.80 16.99
N GLY D 579 -51.65 -50.02 17.54
CA GLY D 579 -52.36 -50.27 18.79
C GLY D 579 -52.84 -51.68 19.10
N CYS D 580 -52.48 -52.16 20.28
CA CYS D 580 -52.70 -53.54 20.68
C CYS D 580 -54.16 -53.78 21.06
N ASP D 581 -54.48 -55.03 21.41
CA ASP D 581 -55.85 -55.43 21.69
C ASP D 581 -56.14 -55.59 23.18
N ILE D 582 -55.14 -55.97 23.99
CA ILE D 582 -55.32 -55.99 25.43
C ILE D 582 -55.40 -54.55 25.92
N SER D 583 -56.49 -54.22 26.61
CA SER D 583 -56.79 -52.84 26.99
C SER D 583 -56.80 -52.69 28.51
N PRO D 584 -55.71 -52.20 29.11
CA PRO D 584 -55.74 -51.88 30.55
C PRO D 584 -56.50 -50.58 30.82
N ARG D 585 -57.82 -50.71 31.00
CA ARG D 585 -58.74 -49.57 31.02
C ARG D 585 -58.49 -48.59 32.16
N SER D 586 -58.70 -49.02 33.40
CA SER D 586 -58.61 -48.08 34.52
C SER D 586 -57.68 -48.56 35.64
N LEU D 587 -57.01 -49.69 35.47
CA LEU D 587 -56.09 -50.19 36.48
C LEU D 587 -54.68 -49.66 36.17
N SER D 588 -53.67 -50.19 36.88
CA SER D 588 -52.32 -49.64 36.82
C SER D 588 -51.61 -49.90 35.50
N GLY D 589 -52.13 -50.81 34.67
CA GLY D 589 -51.51 -51.07 33.38
C GLY D 589 -51.65 -49.94 32.38
N ARG D 590 -52.59 -49.01 32.61
CA ARG D 590 -52.70 -47.82 31.77
C ARG D 590 -51.49 -46.92 31.91
N ILE D 591 -50.93 -46.84 33.12
CA ILE D 591 -49.67 -46.11 33.31
C ILE D 591 -48.52 -46.89 32.70
N VAL D 592 -48.56 -48.22 32.78
CA VAL D 592 -47.49 -49.05 32.24
C VAL D 592 -47.49 -49.02 30.72
N GLY D 593 -48.67 -49.15 30.11
CA GLY D 593 -48.77 -49.06 28.66
C GLY D 593 -48.72 -47.67 28.10
N GLY D 594 -48.76 -46.65 28.94
CA GLY D 594 -48.76 -45.27 28.48
C GLY D 594 -47.41 -44.58 28.55
N VAL D 595 -46.68 -44.79 29.65
CA VAL D 595 -45.43 -44.06 29.88
C VAL D 595 -44.34 -44.56 28.96
N TRP D 596 -44.26 -45.89 28.76
CA TRP D 596 -43.32 -46.45 27.79
C TRP D 596 -43.67 -46.04 26.36
N TRP D 597 -44.97 -45.98 26.06
CA TRP D 597 -45.40 -45.42 24.79
C TRP D 597 -45.10 -43.93 24.70
N PHE D 598 -45.21 -43.22 25.82
CA PHE D 598 -44.75 -41.83 25.86
C PHE D 598 -43.24 -41.73 25.72
N PHE D 599 -42.51 -42.75 26.19
CA PHE D 599 -41.06 -42.75 26.08
C PHE D 599 -40.60 -42.95 24.65
N THR D 600 -41.25 -43.86 23.91
CA THR D 600 -40.77 -44.23 22.58
C THR D 600 -41.06 -43.18 21.52
N LEU D 601 -41.97 -42.24 21.79
CA LEU D 601 -42.20 -41.14 20.87
C LEU D 601 -41.13 -40.07 20.96
N ILE D 602 -40.41 -40.04 22.09
CA ILE D 602 -39.33 -39.06 22.27
C ILE D 602 -38.15 -39.41 21.38
N ILE D 603 -37.89 -40.70 21.21
CA ILE D 603 -36.67 -41.14 20.53
C ILE D 603 -36.78 -40.91 19.04
N ILE D 604 -37.97 -41.36 18.38
CA ILE D 604 -38.20 -41.32 16.92
C ILE D 604 -38.32 -39.88 16.39
N SER D 605 -38.71 -38.92 17.22
CA SER D 605 -38.58 -37.52 16.83
C SER D 605 -37.14 -37.05 16.91
N SER D 606 -36.42 -37.49 17.95
CA SER D 606 -35.02 -37.10 18.13
C SER D 606 -34.12 -37.83 17.14
N TYR D 607 -34.45 -39.07 16.81
CA TYR D 607 -33.67 -39.83 15.83
C TYR D 607 -33.80 -39.23 14.44
N THR D 608 -34.98 -38.70 14.11
CA THR D 608 -35.15 -38.01 12.84
C THR D 608 -34.46 -36.66 12.85
N ALA D 609 -34.51 -35.96 14.00
CA ALA D 609 -33.87 -34.66 14.10
C ALA D 609 -32.35 -34.77 14.10
N ASN D 610 -31.82 -35.91 14.57
CA ASN D 610 -30.39 -36.13 14.47
C ASN D 610 -30.01 -36.60 13.07
N LEU D 611 -30.88 -37.40 12.43
CA LEU D 611 -30.63 -37.83 11.06
C LEU D 611 -30.65 -36.66 10.10
N ALA D 612 -31.53 -35.69 10.34
CA ALA D 612 -31.50 -34.46 9.56
C ALA D 612 -30.24 -33.64 9.82
N ALA D 613 -29.64 -33.79 11.02
CA ALA D 613 -28.39 -33.10 11.28
C ALA D 613 -27.22 -33.75 10.53
N PHE D 614 -27.29 -35.07 10.31
CA PHE D 614 -26.26 -35.71 9.51
C PHE D 614 -26.50 -35.52 8.00
N LEU D 615 -27.76 -35.49 7.57
CA LEU D 615 -28.08 -35.34 6.16
C LEU D 615 -28.03 -33.90 5.67
N THR D 616 -27.69 -32.94 6.53
CA THR D 616 -27.57 -31.55 6.12
C THR D 616 -26.15 -31.02 6.33
N VAL D 617 -25.56 -31.23 7.50
CA VAL D 617 -24.26 -30.65 7.81
C VAL D 617 -23.15 -31.36 7.05
N GLU D 618 -23.02 -32.67 7.26
CA GLU D 618 -22.16 -33.59 6.51
C GLU D 618 -20.67 -33.17 6.60
N ARG D 619 -20.17 -33.28 7.83
CA ARG D 619 -18.75 -33.01 8.10
C ARG D 619 -17.96 -34.27 7.79
N MET D 620 -17.50 -34.38 6.55
CA MET D 620 -16.66 -35.50 6.12
C MET D 620 -15.28 -35.33 6.75
N VAL D 621 -15.05 -36.02 7.86
CA VAL D 621 -13.86 -35.80 8.66
C VAL D 621 -12.68 -36.54 8.05
N SER D 622 -11.50 -35.95 8.18
CA SER D 622 -10.28 -36.68 7.89
C SER D 622 -10.05 -37.72 8.98
N PRO D 623 -9.62 -38.92 8.62
CA PRO D 623 -9.48 -39.97 9.65
C PRO D 623 -8.28 -39.76 10.55
N ILE D 624 -7.18 -39.19 10.04
CA ILE D 624 -5.96 -39.07 10.79
C ILE D 624 -5.51 -37.62 10.81
N GLU D 625 -4.84 -37.23 11.90
CA GLU D 625 -4.09 -35.98 11.97
C GLU D 625 -2.61 -36.25 12.14
N SER D 626 -2.37 -37.05 13.19
CA SER D 626 -1.00 -37.34 13.58
C SER D 626 -0.46 -38.54 12.80
N ALA D 627 0.87 -38.59 12.69
CA ALA D 627 1.55 -39.75 12.14
C ALA D 627 1.64 -40.90 13.13
N GLU D 628 1.25 -40.68 14.39
CA GLU D 628 1.13 -41.77 15.34
C GLU D 628 -0.04 -42.69 14.99
N ASP D 629 -1.03 -42.16 14.26
CA ASP D 629 -2.12 -43.00 13.77
C ASP D 629 -1.64 -43.93 12.66
N LEU D 630 -0.64 -43.49 11.89
CA LEU D 630 -0.07 -44.38 10.88
C LEU D 630 0.77 -45.47 11.51
N SER D 631 1.32 -45.24 12.71
CA SER D 631 1.89 -46.31 13.49
C SER D 631 0.83 -47.06 14.29
N LYS D 632 -0.43 -46.63 14.21
CA LYS D 632 -1.55 -47.27 14.87
C LYS D 632 -2.43 -48.05 13.90
N GLN D 633 -2.73 -47.50 12.73
CA GLN D 633 -3.46 -48.23 11.70
C GLN D 633 -2.50 -48.74 10.65
N THR D 634 -3.01 -49.61 9.78
CA THR D 634 -2.21 -50.14 8.68
C THR D 634 -2.98 -50.25 7.37
N GLU D 635 -4.20 -49.72 7.29
CA GLU D 635 -4.97 -49.81 6.05
C GLU D 635 -4.46 -48.83 5.00
N ILE D 636 -4.09 -47.63 5.42
CA ILE D 636 -3.58 -46.62 4.50
C ILE D 636 -2.06 -46.70 4.48
N ALA D 637 -1.52 -47.00 3.30
CA ALA D 637 -0.07 -47.06 3.13
C ALA D 637 0.51 -45.65 3.20
N TYR D 638 1.80 -45.59 3.50
CA TYR D 638 2.48 -44.31 3.63
C TYR D 638 3.96 -44.48 3.35
N GLY D 639 4.53 -43.51 2.63
CA GLY D 639 5.94 -43.51 2.30
C GLY D 639 6.40 -42.12 1.98
N THR D 640 7.70 -41.99 1.76
CA THR D 640 8.34 -40.73 1.42
C THR D 640 8.97 -40.85 0.03
N LEU D 641 9.77 -39.86 -0.33
CA LEU D 641 10.58 -39.97 -1.54
C LEU D 641 11.67 -41.02 -1.31
N ASP D 642 12.04 -41.71 -2.40
CA ASP D 642 13.03 -42.79 -2.28
C ASP D 642 14.44 -42.30 -2.02
N SER D 643 14.68 -40.98 -2.03
CA SER D 643 15.93 -40.40 -1.58
C SER D 643 15.62 -39.06 -0.94
N GLY D 644 16.44 -38.66 0.04
CA GLY D 644 16.27 -37.38 0.67
C GLY D 644 16.31 -37.50 2.18
N SER D 645 16.32 -36.33 2.83
CA SER D 645 16.37 -36.29 4.29
C SER D 645 15.03 -36.67 4.92
N THR D 646 13.94 -36.56 4.16
CA THR D 646 12.63 -36.96 4.67
C THR D 646 12.56 -38.47 4.86
N LYS D 647 13.08 -39.23 3.90
CA LYS D 647 13.28 -40.66 4.08
C LYS D 647 14.29 -40.92 5.19
N GLU D 648 15.35 -40.10 5.24
CA GLU D 648 16.44 -40.32 6.20
C GLU D 648 16.01 -39.96 7.62
N PHE D 649 14.96 -39.15 7.76
CA PHE D 649 14.51 -38.73 9.09
C PHE D 649 13.96 -39.91 9.88
N PHE D 650 13.07 -40.71 9.28
CA PHE D 650 12.53 -41.88 9.93
C PHE D 650 13.61 -42.94 10.13
N ARG D 651 14.60 -42.98 9.24
CA ARG D 651 15.78 -43.80 9.43
C ARG D 651 16.60 -43.34 10.63
N ARG D 652 16.58 -42.03 10.93
CA ARG D 652 17.39 -41.46 12.00
C ARG D 652 16.64 -41.29 13.31
N SER D 653 15.34 -41.00 13.26
CA SER D 653 14.60 -40.66 14.48
C SER D 653 14.42 -41.88 15.37
N LYS D 654 14.94 -41.77 16.60
CA LYS D 654 14.91 -42.84 17.57
C LYS D 654 13.62 -42.90 18.38
N ILE D 655 12.67 -41.99 18.10
CA ILE D 655 11.36 -42.06 18.73
C ILE D 655 10.63 -43.29 18.19
N ALA D 656 9.96 -44.02 19.10
CA ALA D 656 9.43 -45.34 18.78
C ALA D 656 8.30 -45.30 17.76
N VAL D 657 7.59 -44.17 17.66
CA VAL D 657 6.59 -44.01 16.61
C VAL D 657 7.26 -43.86 15.25
N PHE D 658 8.25 -42.96 15.18
CA PHE D 658 8.93 -42.67 13.91
C PHE D 658 9.81 -43.84 13.47
N ASP D 659 10.22 -44.70 14.41
CA ASP D 659 10.96 -45.90 14.04
C ASP D 659 10.00 -47.00 13.57
N LYS D 660 8.80 -47.06 14.16
CA LYS D 660 7.80 -48.05 13.75
C LYS D 660 7.25 -47.73 12.37
N MET D 661 7.12 -46.45 12.05
CA MET D 661 6.80 -46.04 10.68
C MET D 661 7.91 -46.45 9.72
N TRP D 662 9.16 -46.25 10.14
CA TRP D 662 10.29 -46.74 9.35
C TRP D 662 10.35 -48.26 9.35
N THR D 663 9.88 -48.90 10.42
CA THR D 663 9.76 -50.36 10.42
C THR D 663 8.68 -50.82 9.47
N TYR D 664 7.61 -50.03 9.32
CA TYR D 664 6.55 -50.40 8.40
C TYR D 664 6.96 -50.11 6.95
N MET D 665 7.62 -48.97 6.71
CA MET D 665 7.94 -48.58 5.34
C MET D 665 9.01 -49.48 4.71
N ARG D 666 9.91 -50.04 5.53
CA ARG D 666 10.83 -51.04 5.00
C ARG D 666 10.14 -52.37 4.77
N SER D 667 8.98 -52.59 5.38
CA SER D 667 8.18 -53.78 5.16
C SER D 667 6.94 -53.52 4.31
N ALA D 668 6.71 -52.26 3.93
CA ALA D 668 5.57 -51.92 3.07
C ALA D 668 5.83 -52.41 1.65
N GLU D 669 5.09 -53.43 1.23
CA GLU D 669 5.21 -53.99 -0.11
C GLU D 669 3.87 -53.84 -0.82
N PRO D 670 3.82 -53.22 -2.01
CA PRO D 670 4.90 -52.70 -2.86
C PRO D 670 5.53 -51.39 -2.37
N SER D 671 6.46 -50.85 -3.15
CA SER D 671 7.32 -49.75 -2.70
C SER D 671 6.52 -48.47 -2.51
N VAL D 672 6.34 -48.09 -1.24
CA VAL D 672 5.77 -46.79 -0.93
C VAL D 672 6.75 -45.66 -1.18
N PHE D 673 8.04 -45.96 -1.27
CA PHE D 673 9.05 -44.97 -1.61
C PHE D 673 9.01 -44.71 -3.11
N VAL D 674 8.37 -43.62 -3.50
CA VAL D 674 8.19 -43.27 -4.90
C VAL D 674 9.44 -42.56 -5.39
N ARG D 675 9.57 -42.49 -6.72
CA ARG D 675 10.79 -41.97 -7.34
C ARG D 675 10.81 -40.46 -7.45
N THR D 676 9.68 -39.84 -7.80
CA THR D 676 9.58 -38.39 -7.87
C THR D 676 8.48 -37.91 -6.92
N THR D 677 8.46 -36.59 -6.70
CA THR D 677 7.49 -36.01 -5.80
C THR D 677 6.07 -36.11 -6.35
N ALA D 678 5.92 -35.85 -7.66
CA ALA D 678 4.61 -35.94 -8.30
C ALA D 678 4.14 -37.39 -8.43
N GLU D 679 5.05 -38.35 -8.36
CA GLU D 679 4.65 -39.75 -8.31
C GLU D 679 3.95 -40.06 -6.99
N GLY D 680 4.45 -39.51 -5.88
CA GLY D 680 3.77 -39.65 -4.61
C GLY D 680 2.47 -38.87 -4.54
N VAL D 681 2.39 -37.76 -5.26
CA VAL D 681 1.12 -37.05 -5.39
C VAL D 681 0.13 -37.89 -6.18
N ALA D 682 0.61 -38.54 -7.25
CA ALA D 682 -0.25 -39.40 -8.05
C ALA D 682 -0.65 -40.66 -7.30
N ARG D 683 0.28 -41.25 -6.54
CA ARG D 683 -0.02 -42.49 -5.82
C ARG D 683 -1.02 -42.27 -4.70
N VAL D 684 -1.06 -41.07 -4.13
CA VAL D 684 -2.20 -40.69 -3.29
C VAL D 684 -3.48 -40.64 -4.11
N ARG D 685 -3.41 -40.03 -5.29
CA ARG D 685 -4.60 -39.87 -6.12
C ARG D 685 -5.02 -41.18 -6.78
N LYS D 686 -4.06 -42.04 -7.10
CA LYS D 686 -4.40 -43.31 -7.72
C LYS D 686 -4.93 -44.33 -6.73
N SER D 687 -4.35 -44.40 -5.53
CA SER D 687 -4.84 -45.31 -4.51
C SER D 687 -6.07 -44.77 -3.79
N LYS D 688 -6.39 -43.49 -3.99
CA LYS D 688 -7.63 -42.84 -3.53
C LYS D 688 -7.77 -42.90 -2.01
N GLY D 689 -6.85 -42.23 -1.33
CA GLY D 689 -6.88 -42.13 0.12
C GLY D 689 -6.19 -43.26 0.87
N LYS D 690 -6.00 -44.41 0.24
CA LYS D 690 -5.33 -45.53 0.88
C LYS D 690 -3.81 -45.45 0.77
N TYR D 691 -3.28 -44.38 0.20
CA TYR D 691 -1.86 -44.10 0.22
C TYR D 691 -1.65 -42.71 0.79
N ALA D 692 -0.81 -42.61 1.81
CA ALA D 692 -0.40 -41.32 2.35
C ALA D 692 1.00 -40.97 1.85
N TYR D 693 1.29 -39.68 1.80
CA TYR D 693 2.61 -39.25 1.37
C TYR D 693 3.09 -38.11 2.25
N LEU D 694 4.40 -38.02 2.42
CA LEU D 694 5.02 -37.11 3.36
C LEU D 694 5.93 -36.15 2.60
N LEU D 695 5.57 -34.86 2.61
CA LEU D 695 6.40 -33.83 2.02
C LEU D 695 6.28 -32.57 2.87
N GLU D 696 7.03 -31.54 2.49
CA GLU D 696 7.16 -30.33 3.30
C GLU D 696 5.87 -29.53 3.28
N SER D 697 5.58 -28.85 4.40
CA SER D 697 4.28 -28.21 4.59
C SER D 697 4.05 -27.06 3.62
N THR D 698 5.09 -26.28 3.32
CA THR D 698 4.93 -25.16 2.40
C THR D 698 4.70 -25.65 0.98
N MET D 699 5.26 -26.80 0.62
CA MET D 699 4.91 -27.41 -0.65
C MET D 699 3.55 -28.08 -0.58
N ASN D 700 3.19 -28.59 0.60
CA ASN D 700 1.87 -29.14 0.83
C ASN D 700 0.81 -28.03 0.87
N GLU D 701 1.22 -26.81 1.24
CA GLU D 701 0.37 -25.65 1.00
C GLU D 701 0.14 -25.44 -0.48
N TYR D 702 1.22 -25.54 -1.27
CA TYR D 702 1.16 -25.12 -2.67
C TYR D 702 0.42 -26.12 -3.55
N ILE D 703 0.68 -27.42 -3.36
CA ILE D 703 0.06 -28.45 -4.20
C ILE D 703 -1.42 -28.59 -3.87
N GLU D 704 -1.81 -28.31 -2.62
CA GLU D 704 -3.22 -28.23 -2.26
C GLU D 704 -3.90 -27.08 -2.98
N GLN D 705 -3.15 -26.03 -3.33
CA GLN D 705 -3.70 -24.97 -4.18
C GLN D 705 -3.67 -25.36 -5.65
N ARG D 706 -2.78 -26.26 -6.04
CA ARG D 706 -2.67 -26.67 -7.44
C ARG D 706 -3.78 -27.64 -7.82
N LYS D 707 -4.45 -27.34 -8.94
CA LYS D 707 -5.59 -28.12 -9.38
C LYS D 707 -5.13 -29.50 -9.89
N PRO D 708 -6.00 -30.53 -9.81
CA PRO D 708 -7.42 -30.69 -9.42
C PRO D 708 -7.76 -30.50 -7.94
N CYS D 709 -6.76 -30.27 -7.09
CA CYS D 709 -6.91 -29.96 -5.66
C CYS D 709 -7.62 -31.06 -4.88
N ASP D 710 -7.44 -32.31 -5.29
CA ASP D 710 -8.02 -33.43 -4.57
C ASP D 710 -7.15 -33.93 -3.42
N THR D 711 -6.06 -33.23 -3.11
CA THR D 711 -5.21 -33.54 -1.97
C THR D 711 -5.25 -32.39 -0.97
N MET D 712 -4.80 -32.68 0.26
CA MET D 712 -4.81 -31.68 1.31
C MET D 712 -3.67 -31.94 2.28
N LYS D 713 -3.55 -31.04 3.26
CA LYS D 713 -2.60 -31.18 4.35
C LYS D 713 -3.35 -31.45 5.66
N VAL D 714 -2.98 -32.53 6.34
CA VAL D 714 -3.57 -32.86 7.63
C VAL D 714 -2.47 -32.85 8.69
N GLY D 715 -2.87 -32.51 9.91
CA GLY D 715 -1.95 -32.50 11.03
C GLY D 715 -0.89 -31.42 10.99
N GLY D 716 0.06 -31.47 11.92
CA GLY D 716 1.17 -30.54 11.96
C GLY D 716 2.45 -31.13 11.40
N ASN D 717 3.52 -30.35 11.53
CA ASN D 717 4.83 -30.81 11.10
C ASN D 717 5.38 -31.85 12.06
N LEU D 718 6.07 -32.85 11.51
CA LEU D 718 6.67 -33.88 12.33
C LEU D 718 8.00 -33.45 12.94
N ASP D 719 8.61 -32.39 12.41
CA ASP D 719 9.84 -31.85 12.95
C ASP D 719 9.90 -30.36 12.59
N SER D 720 11.01 -29.73 12.98
CA SER D 720 11.22 -28.30 12.74
C SER D 720 12.34 -28.13 11.73
N LYS D 721 11.99 -27.77 10.51
CA LYS D 721 12.96 -27.48 9.46
C LYS D 721 12.78 -26.04 9.02
N GLY D 722 13.90 -25.39 8.70
CA GLY D 722 13.84 -23.98 8.36
C GLY D 722 14.61 -23.63 7.11
N TYR D 723 13.95 -22.89 6.21
CA TYR D 723 14.64 -22.30 5.07
C TYR D 723 15.47 -21.11 5.53
N GLY D 724 16.73 -21.07 5.14
CA GLY D 724 17.61 -19.99 5.53
C GLY D 724 18.37 -19.45 4.34
N ILE D 725 18.52 -18.13 4.31
CA ILE D 725 19.30 -17.50 3.25
C ILE D 725 20.78 -17.74 3.52
N ALA D 726 21.46 -18.33 2.55
CA ALA D 726 22.83 -18.80 2.71
C ALA D 726 23.81 -17.84 2.03
N THR D 727 24.88 -17.52 2.74
CA THR D 727 26.01 -16.76 2.23
C THR D 727 27.28 -17.56 2.52
N PRO D 728 28.35 -17.37 1.74
CA PRO D 728 29.62 -18.02 2.08
C PRO D 728 30.17 -17.52 3.40
N LYS D 729 30.95 -18.39 4.05
CA LYS D 729 31.43 -18.10 5.39
C LYS D 729 32.52 -17.05 5.36
N GLY D 730 32.30 -15.95 6.09
CA GLY D 730 33.21 -14.83 6.08
C GLY D 730 32.81 -13.69 5.17
N SER D 731 31.61 -13.74 4.59
CA SER D 731 31.17 -12.68 3.70
C SER D 731 30.72 -11.45 4.49
N SER D 732 31.01 -10.27 3.93
CA SER D 732 30.59 -9.03 4.57
C SER D 732 29.09 -8.80 4.42
N LEU D 733 28.48 -9.37 3.39
CA LEU D 733 27.06 -9.21 3.16
C LEU D 733 26.21 -10.05 4.10
N GLY D 734 26.82 -10.99 4.83
CA GLY D 734 26.03 -12.01 5.52
C GLY D 734 25.25 -11.49 6.71
N THR D 735 25.80 -10.51 7.41
CA THR D 735 25.12 -9.95 8.58
C THR D 735 23.95 -9.02 8.21
N PRO D 736 24.05 -8.06 7.26
CA PRO D 736 22.85 -7.26 6.95
C PRO D 736 21.77 -8.05 6.23
N VAL D 737 22.13 -9.11 5.51
CA VAL D 737 21.13 -10.04 4.99
C VAL D 737 20.44 -10.76 6.15
N ASN D 738 21.21 -11.14 7.17
CA ASN D 738 20.65 -11.83 8.32
C ASN D 738 19.75 -10.90 9.15
N LEU D 739 20.12 -9.62 9.25
CA LEU D 739 19.26 -8.67 9.94
C LEU D 739 18.02 -8.34 9.12
N ALA D 740 18.10 -8.45 7.79
CA ALA D 740 16.93 -8.24 6.95
C ALA D 740 15.92 -9.37 7.10
N VAL D 741 16.38 -10.58 7.41
CA VAL D 741 15.48 -11.68 7.74
C VAL D 741 14.74 -11.38 9.03
N LEU D 742 15.44 -10.85 10.03
CA LEU D 742 14.83 -10.48 11.29
C LEU D 742 14.01 -9.21 11.21
N LYS D 743 14.05 -8.49 10.09
CA LYS D 743 13.26 -7.28 9.94
C LYS D 743 12.01 -7.54 9.10
N LEU D 744 12.16 -8.23 7.98
CA LEU D 744 11.03 -8.48 7.08
C LEU D 744 10.04 -9.49 7.66
N SER D 745 10.53 -10.51 8.36
CA SER D 745 9.63 -11.45 9.01
C SER D 745 8.97 -10.84 10.24
N GLU D 746 9.60 -9.82 10.82
CA GLU D 746 9.05 -9.17 12.00
C GLU D 746 7.85 -8.30 11.62
N GLN D 747 7.93 -7.61 10.49
CA GLN D 747 6.89 -6.70 10.04
C GLN D 747 5.70 -7.42 9.41
N GLY D 748 5.80 -8.73 9.19
CA GLY D 748 4.77 -9.43 8.46
C GLY D 748 4.83 -9.25 6.96
N VAL D 749 5.95 -8.73 6.44
CA VAL D 749 6.12 -8.59 5.00
C VAL D 749 6.28 -9.96 4.35
N LEU D 750 7.03 -10.86 4.99
CA LEU D 750 7.16 -12.21 4.47
C LEU D 750 5.86 -13.00 4.63
N ASP D 751 5.05 -12.64 5.64
CA ASP D 751 3.71 -13.20 5.75
C ASP D 751 2.80 -12.69 4.65
N LYS D 752 2.98 -11.42 4.25
CA LYS D 752 2.21 -10.89 3.12
C LYS D 752 2.64 -11.53 1.81
N LEU D 753 3.94 -11.79 1.66
CA LEU D 753 4.42 -12.51 0.49
C LEU D 753 4.06 -13.99 0.55
N LYS D 754 3.83 -14.52 1.76
CA LYS D 754 3.28 -15.86 1.88
C LYS D 754 1.84 -15.92 1.41
N ASN D 755 1.11 -14.82 1.57
CA ASN D 755 -0.23 -14.71 1.00
C ASN D 755 -0.17 -14.54 -0.51
N LYS D 756 0.97 -14.10 -1.05
CA LYS D 756 1.08 -13.87 -2.48
C LYS D 756 1.24 -15.18 -3.24
N TRP D 757 2.34 -15.90 -2.98
CA TRP D 757 2.71 -17.04 -3.81
C TRP D 757 2.04 -18.34 -3.39
N TRP D 758 1.17 -18.31 -2.38
CA TRP D 758 0.36 -19.47 -2.04
C TRP D 758 -1.13 -19.19 -2.02
N TYR D 759 -1.56 -17.92 -1.99
CA TYR D 759 -2.98 -17.66 -1.92
C TYR D 759 -3.42 -16.67 -2.99
N ASP D 760 -2.60 -15.65 -3.28
CA ASP D 760 -2.85 -14.83 -4.45
C ASP D 760 -2.44 -15.54 -5.73
N LYS D 761 -1.44 -16.40 -5.66
CA LYS D 761 -1.08 -17.31 -6.74
C LYS D 761 -1.68 -18.70 -6.56
N GLY D 762 -2.33 -18.95 -5.43
CA GLY D 762 -2.99 -20.23 -5.22
C GLY D 762 -4.26 -20.32 -6.05
N GLU D 763 -4.36 -21.40 -6.83
CA GLU D 763 -5.49 -21.54 -7.75
C GLU D 763 -6.77 -21.89 -7.02
N CYS D 764 -6.69 -22.80 -6.05
CA CYS D 764 -7.87 -23.20 -5.28
C CYS D 764 -7.94 -22.43 -3.98
N GLY D 765 -8.50 -21.25 -4.08
CA GLY D 765 -8.73 -20.40 -2.90
C GLY D 765 -9.50 -21.11 -1.80
N ALA D 766 -8.86 -21.19 -0.61
CA ALA D 766 -9.22 -22.21 0.38
C ALA D 766 -10.61 -21.97 0.96
N LYS D 767 -10.93 -20.72 1.29
CA LYS D 767 -12.29 -20.39 1.68
C LYS D 767 -13.21 -20.28 0.47
N ASP D 768 -12.65 -20.16 -0.73
CA ASP D 768 -13.48 -20.10 -1.94
C ASP D 768 -13.78 -21.49 -2.47
N SER D 769 -12.88 -22.45 -2.24
CA SER D 769 -13.09 -23.82 -2.69
C SER D 769 -13.55 -24.74 -1.57
N GLY D 770 -13.30 -24.39 -0.30
CA GLY D 770 -13.78 -25.21 0.79
C GLY D 770 -15.24 -24.97 1.13
N SER D 771 -15.83 -23.91 0.57
CA SER D 771 -17.24 -23.59 0.76
C SER D 771 -18.09 -24.02 -0.43
N LYS D 772 -17.75 -25.15 -1.05
CA LYS D 772 -18.40 -25.62 -2.27
C LYS D 772 -18.97 -27.01 -2.01
N GLU D 773 -20.17 -27.06 -1.45
CA GLU D 773 -20.93 -28.31 -1.33
C GLU D 773 -22.41 -27.94 -1.16
N LYS D 774 -23.22 -28.19 -2.19
CA LYS D 774 -24.64 -27.91 -2.19
C LYS D 774 -25.39 -29.11 -2.77
N THR D 775 -25.11 -30.30 -2.22
CA THR D 775 -25.51 -31.58 -2.77
C THR D 775 -27.00 -31.86 -2.54
N SER D 776 -27.39 -33.13 -2.70
CA SER D 776 -28.76 -33.48 -3.04
C SER D 776 -29.21 -34.77 -2.37
N ALA D 777 -30.23 -35.41 -2.96
CA ALA D 777 -31.10 -36.43 -2.37
C ALA D 777 -30.42 -37.68 -1.80
N LEU D 778 -31.24 -38.50 -1.14
CA LEU D 778 -30.80 -39.61 -0.29
C LEU D 778 -30.00 -40.65 -1.07
N SER D 779 -29.06 -41.29 -0.39
CA SER D 779 -28.32 -42.41 -0.93
C SER D 779 -29.15 -43.70 -0.78
N LEU D 780 -28.50 -44.83 -0.99
CA LEU D 780 -29.19 -46.12 -0.92
C LEU D 780 -28.42 -47.18 -0.13
N SER D 781 -27.10 -47.05 0.02
CA SER D 781 -26.35 -47.95 0.90
C SER D 781 -26.77 -47.77 2.35
N ASN D 782 -27.24 -46.57 2.71
CA ASN D 782 -27.85 -46.35 4.02
C ASN D 782 -29.15 -47.16 4.16
N VAL D 783 -29.89 -47.32 3.06
CA VAL D 783 -31.09 -48.15 3.09
C VAL D 783 -30.71 -49.62 2.96
N ALA D 784 -29.63 -49.92 2.16
CA ALA D 784 -29.24 -51.29 1.88
C ALA D 784 -28.75 -52.06 3.10
N GLY D 785 -28.35 -51.36 4.17
CA GLY D 785 -27.94 -52.06 5.38
C GLY D 785 -29.10 -52.62 6.16
N VAL D 786 -30.33 -52.13 5.90
CA VAL D 786 -31.51 -52.63 6.57
C VAL D 786 -32.11 -53.82 5.82
N PHE D 787 -31.57 -54.14 4.65
CA PHE D 787 -32.10 -55.25 3.86
C PHE D 787 -31.74 -56.60 4.46
N TYR D 788 -30.54 -56.71 5.05
CA TYR D 788 -30.09 -57.98 5.60
C TYR D 788 -30.80 -58.34 6.90
N ILE D 789 -31.33 -57.34 7.60
CA ILE D 789 -32.21 -57.62 8.74
C ILE D 789 -33.66 -57.73 8.27
N LEU D 790 -33.95 -57.30 7.04
CA LEU D 790 -35.27 -57.52 6.46
C LEU D 790 -35.37 -58.93 5.88
N VAL D 791 -34.43 -59.29 5.01
CA VAL D 791 -34.45 -60.62 4.39
C VAL D 791 -34.05 -61.68 5.42
N GLY D 792 -33.07 -61.38 6.25
CA GLY D 792 -32.69 -62.30 7.32
C GLY D 792 -33.75 -62.45 8.38
N GLY D 793 -34.59 -61.42 8.58
CA GLY D 793 -35.73 -61.56 9.45
C GLY D 793 -36.82 -62.44 8.85
N LEU D 794 -36.92 -62.45 7.52
CA LEU D 794 -37.87 -63.33 6.86
C LEU D 794 -37.38 -64.77 6.85
N GLY D 795 -36.08 -64.97 6.59
CA GLY D 795 -35.53 -66.31 6.57
C GLY D 795 -35.47 -66.97 7.93
N LEU D 796 -35.32 -66.17 8.99
CA LEU D 796 -35.42 -66.72 10.33
C LEU D 796 -36.86 -67.04 10.69
N ALA D 797 -37.82 -66.31 10.11
CA ALA D 797 -39.23 -66.59 10.33
C ALA D 797 -39.69 -67.84 9.60
N MET D 798 -38.99 -68.24 8.54
CA MET D 798 -39.34 -69.46 7.84
C MET D 798 -38.96 -70.71 8.62
N LEU D 799 -38.00 -70.60 9.55
CA LEU D 799 -37.63 -71.74 10.38
C LEU D 799 -38.67 -71.97 11.47
N VAL D 800 -39.28 -70.89 11.97
CA VAL D 800 -40.24 -71.00 13.06
C VAL D 800 -41.55 -71.60 12.56
N ALA D 801 -41.97 -71.23 11.34
CA ALA D 801 -43.23 -71.71 10.80
C ALA D 801 -43.14 -73.19 10.42
N LEU D 802 -41.94 -73.68 10.13
CA LEU D 802 -41.77 -75.10 9.80
C LEU D 802 -41.69 -75.98 11.04
N ILE D 803 -41.12 -75.47 12.14
CA ILE D 803 -41.01 -76.32 13.32
C ILE D 803 -42.32 -76.34 14.12
N GLU D 804 -43.09 -75.25 14.09
CA GLU D 804 -44.34 -75.19 14.84
C GLU D 804 -45.43 -76.05 14.20
N PHE D 805 -45.31 -76.39 12.92
CA PHE D 805 -46.17 -77.40 12.33
C PHE D 805 -45.85 -78.78 12.87
N CYS D 806 -44.63 -79.01 13.35
CA CYS D 806 -44.28 -80.24 14.04
C CYS D 806 -44.57 -80.20 15.53
N TYR D 807 -44.55 -79.02 16.16
CA TYR D 807 -44.96 -78.93 17.56
C TYR D 807 -46.46 -79.08 17.74
N LYS D 808 -47.25 -78.97 16.67
CA LYS D 808 -48.68 -79.26 16.72
C LYS D 808 -48.96 -80.73 16.47
#